data_8A8V
#
_entry.id   8A8V
#
_cell.length_a   1.00
_cell.length_b   1.00
_cell.length_c   1.00
_cell.angle_alpha   90.00
_cell.angle_beta   90.00
_cell.angle_gamma   90.00
#
_symmetry.space_group_name_H-M   'P 1'
#
loop_
_entity.id
_entity.type
_entity.pdbx_description
1 polymer 'ATP-dependent Clp protease ATP-binding subunit ClpC1'
2 polymer 'Bound polypeptide'
3 non-polymer "ADENOSINE-5'-DIPHOSPHATE"
#
loop_
_entity_poly.entity_id
_entity_poly.type
_entity_poly.pdbx_seq_one_letter_code
_entity_poly.pdbx_strand_id
1 'polypeptide(L)'
;MFERFTDRARRVVVLAQEEARMLNHNYIGTEHILLGLIHEGEGVAAKSLESLGISLEGVRSQVEEIIGQGQQAPSGHIPF
TPRAKKVLELSLREALQLGHNYIGTEHILLGLIREGEGVAAQVLVKLGAELTRVRQQVIQLLSGYQGKEAAEAGTGGRGG
ESGSPSTSLVLDQFGRNLTAAAMEGKLDPVIGREKEIERVMQVLSRRTKNNPVLIGEPGVGKTAVVEGLAQAIVHGEVPE
TLKDKQLYTLDLGSLVAGSRYRGDFEERLKKVLKEINTRGDIILFIDELHTLVGAGAAEGAIDAASILKPKLARGELQTI
GATTLDEYRKYIEKDAALERRFQPVQVGEPTVEHTIEILKGLRDRYEAHHRVSITDAAMVAAATLADRYINDRFLPDKAI
DLIDEAGARMRIRRMTAPPDLREFDEKIAEARREKESAIDAQDFEKAASLRDREKTLVAQRAEREKQWRSGDLDVVAEVD
DEQIAEVLGNWTGIPVFKLTEAETTRLLRMEEELHKRIIGQEDAVKAVSKAIRRTRAGLKDPKRPSGSFIFAGPSGVGKT
ELSKALANFLFGDDDALIQIDMGEFHDRFTASRLFGAPPGYVGYEEGGQLTEKVRRKPFSVVLFDEIEKAHQEIYNSLLQ
VLEDGRLTDGQGRTVDFKNTVLIFTSNLGTSDISKPVGLGFSKGGGENDYERMKQKVNDELKKHFRPEFLNRIDDIIVFH
QLTREEIIRMVDLMISRVAGQLKSKDMALVLTDAAKALLAKRGFDPVLGARPLRRTIQREIEDQLSEKILFEEVGPGQVV
TVDVDNWDGEGPGEDAVFTFTGTRKPPAEPDLAKAGAHSAGGPEPAARLEHHHHHH
;
A,B,C,D,E,F
2 'polypeptide(L)'
;(UNK)(UNK)(UNK)(UNK)(UNK)(UNK)(UNK)(UNK)(UNK)(UNK)(UNK)(UNK)(UNK)(UNK)(UNK)(UNK)
(UNK)(UNK)(UNK)(UNK)(UNK)(UNK)(UNK)
;
G
#
loop_
_chem_comp.id
_chem_comp.type
_chem_comp.name
_chem_comp.formula
ADP non-polymer ADENOSINE-5'-DIPHOSPHATE 'C10 H15 N5 O10 P2'
#
# COMPACT_ATOMS: atom_id res chain seq x y z
N SER A 168 18.55 14.71 -36.47
CA SER A 168 18.57 15.89 -37.34
C SER A 168 18.26 17.15 -36.58
N LEU A 169 17.30 17.93 -37.08
CA LEU A 169 16.93 19.21 -36.48
C LEU A 169 16.06 19.05 -35.25
N VAL A 170 15.49 17.87 -35.02
CA VAL A 170 14.69 17.63 -33.82
C VAL A 170 15.43 16.78 -32.80
N LEU A 171 16.44 16.01 -33.21
CA LEU A 171 17.24 15.26 -32.24
C LEU A 171 18.19 16.17 -31.48
N ASP A 172 18.49 17.34 -32.05
CA ASP A 172 19.44 18.25 -31.41
C ASP A 172 18.87 18.86 -30.14
N GLN A 173 17.56 19.15 -30.10
CA GLN A 173 16.97 19.67 -28.88
C GLN A 173 16.72 18.60 -27.83
N PHE A 174 16.97 17.33 -28.15
CA PHE A 174 16.76 16.26 -27.20
C PHE A 174 18.02 15.43 -26.94
N GLY A 175 19.04 15.54 -27.77
CA GLY A 175 20.24 14.74 -27.58
C GLY A 175 21.44 15.36 -28.25
N ARG A 176 22.56 14.68 -28.11
CA ARG A 176 23.86 15.13 -28.62
C ARG A 176 24.42 14.08 -29.55
N ASN A 177 24.83 14.50 -30.74
CA ASN A 177 25.37 13.58 -31.75
C ASN A 177 26.74 13.09 -31.30
N LEU A 178 26.78 11.84 -30.83
CA LEU A 178 28.04 11.29 -30.33
C LEU A 178 29.02 11.00 -31.46
N THR A 179 28.53 10.59 -32.63
CA THR A 179 29.43 10.29 -33.75
C THR A 179 30.08 11.56 -34.28
N ALA A 180 29.30 12.63 -34.46
CA ALA A 180 29.87 13.88 -34.94
C ALA A 180 30.80 14.50 -33.89
N ALA A 181 30.47 14.34 -32.62
CA ALA A 181 31.32 14.87 -31.56
C ALA A 181 32.63 14.10 -31.47
N ALA A 182 32.59 12.79 -31.72
CA ALA A 182 33.83 12.02 -31.78
C ALA A 182 34.63 12.36 -33.04
N MET A 183 33.93 12.69 -34.12
CA MET A 183 34.61 13.17 -35.33
C MET A 183 35.34 14.48 -35.07
N GLU A 184 34.70 15.39 -34.31
CA GLU A 184 35.35 16.64 -33.95
C GLU A 184 36.57 16.40 -33.07
N GLY A 185 36.50 15.43 -32.17
CA GLY A 185 37.61 15.13 -31.28
C GLY A 185 37.37 15.63 -29.88
N LYS A 186 36.14 15.49 -29.39
CA LYS A 186 35.73 15.99 -28.09
C LYS A 186 35.75 14.89 -27.03
N LEU A 187 35.72 13.62 -27.44
CA LEU A 187 35.44 12.51 -26.54
C LEU A 187 36.73 11.98 -25.93
N ASP A 188 36.68 11.67 -24.65
CA ASP A 188 37.82 11.03 -24.00
C ASP A 188 38.01 9.61 -24.52
N PRO A 189 39.23 9.17 -24.75
CA PRO A 189 39.45 7.80 -25.20
C PRO A 189 39.22 6.81 -24.07
N VAL A 190 38.86 5.58 -24.45
CA VAL A 190 38.53 4.53 -23.50
C VAL A 190 39.63 3.48 -23.53
N ILE A 191 39.98 2.97 -22.34
CA ILE A 191 41.08 2.02 -22.18
C ILE A 191 40.51 0.71 -21.65
N GLY A 192 40.83 -0.38 -22.34
CA GLY A 192 40.52 -1.72 -21.85
C GLY A 192 39.09 -2.16 -22.00
N ARG A 193 38.24 -1.40 -22.70
CA ARG A 193 36.85 -1.77 -22.92
C ARG A 193 36.65 -2.42 -24.28
N GLU A 194 37.65 -3.16 -24.77
CA GLU A 194 37.54 -3.75 -26.11
C GLU A 194 36.50 -4.85 -26.15
N LYS A 195 36.43 -5.68 -25.10
CA LYS A 195 35.48 -6.79 -25.09
C LYS A 195 34.04 -6.29 -25.05
N GLU A 196 33.77 -5.29 -24.20
CA GLU A 196 32.41 -4.79 -24.07
C GLU A 196 31.95 -4.09 -25.33
N ILE A 197 32.83 -3.30 -25.95
CA ILE A 197 32.47 -2.61 -27.19
C ILE A 197 32.29 -3.61 -28.32
N GLU A 198 33.10 -4.69 -28.33
CA GLU A 198 32.91 -5.75 -29.31
C GLU A 198 31.58 -6.45 -29.12
N ARG A 199 31.18 -6.70 -27.87
CA ARG A 199 29.88 -7.29 -27.59
C ARG A 199 28.75 -6.36 -28.01
N VAL A 200 28.96 -5.04 -27.86
CA VAL A 200 27.97 -4.08 -28.30
C VAL A 200 27.82 -4.13 -29.82
N MET A 201 28.95 -4.25 -30.55
CA MET A 201 28.83 -4.45 -32.00
C MET A 201 28.14 -5.77 -32.33
N GLN A 202 28.39 -6.80 -31.52
CA GLN A 202 27.77 -8.10 -31.77
C GLN A 202 26.27 -8.02 -31.66
N VAL A 203 25.77 -7.37 -30.62
CA VAL A 203 24.32 -7.24 -30.46
C VAL A 203 23.75 -6.27 -31.49
N LEU A 204 24.46 -5.18 -31.76
CA LEU A 204 23.97 -4.18 -32.71
C LEU A 204 23.99 -4.66 -34.15
N SER A 205 24.66 -5.77 -34.44
CA SER A 205 24.72 -6.28 -35.81
C SER A 205 23.60 -7.26 -36.14
N ARG A 206 22.74 -7.57 -35.18
CA ARG A 206 21.70 -8.57 -35.37
C ARG A 206 20.60 -8.04 -36.28
N ARG A 207 19.81 -8.97 -36.83
CA ARG A 207 18.71 -8.58 -37.71
C ARG A 207 17.50 -8.10 -36.91
N THR A 208 16.95 -8.98 -36.08
CA THR A 208 15.84 -8.64 -35.21
C THR A 208 16.30 -8.62 -33.76
N LYS A 209 15.77 -7.65 -33.01
CA LYS A 209 16.13 -7.43 -31.61
C LYS A 209 17.63 -7.19 -31.46
N ASN A 210 18.08 -6.10 -32.06
CA ASN A 210 19.49 -5.70 -32.04
C ASN A 210 19.74 -4.58 -31.04
N ASN A 211 19.09 -4.67 -29.87
CA ASN A 211 19.12 -3.60 -28.87
C ASN A 211 19.90 -4.07 -27.65
N PRO A 212 21.13 -3.59 -27.44
CA PRO A 212 21.87 -3.95 -26.23
C PRO A 212 21.62 -2.98 -25.08
N VAL A 213 21.53 -3.52 -23.88
CA VAL A 213 21.41 -2.72 -22.66
C VAL A 213 22.64 -2.97 -21.79
N LEU A 214 23.36 -1.90 -21.47
CA LEU A 214 24.58 -1.98 -20.67
C LEU A 214 24.19 -1.95 -19.20
N ILE A 215 24.47 -3.05 -18.50
CA ILE A 215 24.14 -3.19 -17.09
C ILE A 215 25.42 -3.03 -16.29
N GLY A 216 25.45 -2.06 -15.39
CA GLY A 216 26.61 -1.84 -14.56
C GLY A 216 26.29 -0.88 -13.44
N GLU A 217 27.13 -0.94 -12.40
CA GLU A 217 26.98 -0.05 -11.27
C GLU A 217 27.27 1.39 -11.69
N PRO A 218 26.68 2.38 -11.02
CA PRO A 218 26.90 3.77 -11.43
C PRO A 218 28.33 4.21 -11.19
N GLY A 219 29.05 4.44 -12.28
CA GLY A 219 30.44 4.86 -12.20
C GLY A 219 31.43 3.84 -12.72
N VAL A 220 31.03 3.03 -13.70
CA VAL A 220 31.92 2.00 -14.23
C VAL A 220 32.29 2.30 -15.67
N GLY A 221 31.48 3.09 -16.37
CA GLY A 221 31.83 3.51 -17.70
C GLY A 221 30.93 3.01 -18.82
N LYS A 222 29.63 2.84 -18.54
CA LYS A 222 28.69 2.42 -19.57
C LYS A 222 28.59 3.47 -20.68
N THR A 223 28.42 4.74 -20.29
CA THR A 223 28.48 5.82 -21.26
C THR A 223 29.85 5.89 -21.92
N ALA A 224 30.91 5.54 -21.18
CA ALA A 224 32.22 5.46 -21.79
C ALA A 224 32.30 4.35 -22.83
N VAL A 225 31.63 3.22 -22.57
CA VAL A 225 31.58 2.14 -23.56
C VAL A 225 30.86 2.62 -24.83
N VAL A 226 29.75 3.34 -24.66
CA VAL A 226 29.01 3.86 -25.81
C VAL A 226 29.84 4.89 -26.58
N GLU A 227 30.56 5.75 -25.86
CA GLU A 227 31.40 6.74 -26.52
C GLU A 227 32.58 6.09 -27.24
N GLY A 228 33.12 5.01 -26.68
CA GLY A 228 34.14 4.25 -27.40
C GLY A 228 33.58 3.58 -28.64
N LEU A 229 32.33 3.14 -28.58
CA LEU A 229 31.67 2.63 -29.79
C LEU A 229 31.55 3.70 -30.85
N ALA A 230 31.19 4.92 -30.45
CA ALA A 230 31.13 6.03 -31.40
C ALA A 230 32.51 6.34 -31.98
N GLN A 231 33.54 6.27 -31.13
CA GLN A 231 34.92 6.47 -31.59
C GLN A 231 35.33 5.42 -32.60
N ALA A 232 34.91 4.17 -32.38
CA ALA A 232 35.22 3.11 -33.34
C ALA A 232 34.43 3.29 -34.64
N ILE A 233 33.18 3.76 -34.53
CA ILE A 233 32.35 3.96 -35.71
C ILE A 233 32.93 5.05 -36.61
N VAL A 234 33.36 6.18 -36.01
CA VAL A 234 33.81 7.30 -36.83
C VAL A 234 35.12 6.96 -37.54
N HIS A 235 36.01 6.21 -36.88
CA HIS A 235 37.28 5.86 -37.51
C HIS A 235 37.08 4.78 -38.58
N GLY A 236 36.28 3.76 -38.28
CA GLY A 236 35.98 2.75 -39.28
C GLY A 236 36.40 1.33 -38.93
N GLU A 237 36.40 0.98 -37.65
CA GLU A 237 36.71 -0.39 -37.21
C GLU A 237 35.45 -1.19 -36.90
N VAL A 238 34.38 -0.96 -37.66
CA VAL A 238 33.08 -1.60 -37.41
C VAL A 238 32.67 -2.34 -38.67
N PRO A 239 31.78 -3.32 -38.55
CA PRO A 239 31.23 -3.97 -39.74
C PRO A 239 30.38 -3.02 -40.57
N GLU A 240 29.92 -3.53 -41.72
CA GLU A 240 29.17 -2.69 -42.65
C GLU A 240 27.80 -2.32 -42.11
N THR A 241 27.27 -3.12 -41.18
CA THR A 241 25.96 -2.81 -40.62
C THR A 241 26.01 -1.68 -39.60
N LEU A 242 27.20 -1.31 -39.12
CA LEU A 242 27.37 -0.19 -38.19
C LEU A 242 28.21 0.92 -38.78
N LYS A 243 28.43 0.92 -40.10
CA LYS A 243 29.24 1.94 -40.73
C LYS A 243 28.41 3.19 -41.01
N ASP A 244 28.98 4.35 -40.68
CA ASP A 244 28.37 5.66 -40.91
C ASP A 244 27.01 5.80 -40.24
N LYS A 245 26.85 5.20 -39.08
CA LYS A 245 25.61 5.30 -38.30
C LYS A 245 25.79 6.39 -37.25
N GLN A 246 24.98 7.44 -37.34
CA GLN A 246 25.06 8.55 -36.40
C GLN A 246 24.53 8.09 -35.05
N LEU A 247 25.42 7.96 -34.08
CA LEU A 247 25.03 7.58 -32.72
C LEU A 247 24.52 8.82 -32.00
N TYR A 248 23.24 8.82 -31.64
CA TYR A 248 22.60 9.93 -30.95
C TYR A 248 22.22 9.49 -29.55
N THR A 249 22.64 10.26 -28.55
CA THR A 249 22.14 9.99 -27.21
C THR A 249 20.75 10.58 -27.07
N LEU A 250 20.02 10.10 -26.08
CA LEU A 250 18.66 10.56 -25.84
C LEU A 250 18.34 10.41 -24.37
N ASP A 251 17.78 11.45 -23.77
CA ASP A 251 17.40 11.42 -22.37
C ASP A 251 15.88 11.52 -22.22
N LEU A 252 15.34 10.72 -21.32
CA LEU A 252 13.88 10.67 -21.15
C LEU A 252 13.39 11.88 -20.38
N GLY A 253 14.23 12.48 -19.55
CA GLY A 253 13.85 13.63 -18.76
C GLY A 253 13.48 14.86 -19.58
N SER A 254 14.03 14.97 -20.79
CA SER A 254 13.64 16.06 -21.68
C SER A 254 12.31 15.79 -22.37
N LEU A 255 11.75 14.59 -22.25
CA LEU A 255 10.43 14.29 -22.78
C LEU A 255 9.37 14.14 -21.70
N VAL A 256 9.73 13.58 -20.55
CA VAL A 256 8.78 13.47 -19.44
C VAL A 256 8.40 14.86 -18.93
N ALA A 257 9.39 15.73 -18.74
CA ALA A 257 9.12 17.07 -18.24
C ALA A 257 8.37 17.89 -19.28
N GLY A 258 7.42 18.69 -18.82
CA GLY A 258 6.56 19.46 -19.70
C GLY A 258 5.32 18.74 -20.16
N SER A 259 5.05 17.55 -19.66
CA SER A 259 3.85 16.79 -20.03
C SER A 259 2.70 17.08 -19.06
N ARG A 260 2.31 18.34 -18.97
CA ARG A 260 1.18 18.74 -18.14
C ARG A 260 -0.14 18.70 -18.89
N TYR A 261 -0.13 18.26 -20.14
CA TYR A 261 -1.33 18.11 -20.97
C TYR A 261 -1.50 16.64 -21.32
N ARG A 262 -2.44 16.38 -22.24
CA ARG A 262 -2.79 15.00 -22.57
C ARG A 262 -1.67 14.29 -23.32
N GLY A 263 -1.12 14.94 -24.33
CA GLY A 263 -0.22 14.21 -25.22
C GLY A 263 1.08 14.87 -25.63
N ASP A 264 1.69 15.67 -24.77
CA ASP A 264 2.98 16.27 -25.12
C ASP A 264 4.05 15.19 -25.28
N PHE A 265 4.10 14.23 -24.35
CA PHE A 265 5.12 13.20 -24.39
C PHE A 265 5.01 12.36 -25.65
N GLU A 266 3.80 11.91 -25.99
CA GLU A 266 3.62 11.09 -27.18
C GLU A 266 3.93 11.87 -28.45
N GLU A 267 3.61 13.18 -28.46
CA GLU A 267 3.92 13.99 -29.63
C GLU A 267 5.42 14.11 -29.84
N ARG A 268 6.17 14.43 -28.78
CA ARG A 268 7.63 14.56 -28.91
C ARG A 268 8.27 13.23 -29.29
N LEU A 269 7.85 12.14 -28.65
CA LEU A 269 8.44 10.84 -28.95
C LEU A 269 8.09 10.38 -30.35
N LYS A 270 6.87 10.65 -30.83
CA LYS A 270 6.50 10.30 -32.20
C LYS A 270 7.30 11.12 -33.21
N LYS A 271 7.55 12.39 -32.91
CA LYS A 271 8.40 13.19 -33.80
C LYS A 271 9.81 12.65 -33.86
N VAL A 272 10.36 12.25 -32.69
CA VAL A 272 11.70 11.68 -32.66
C VAL A 272 11.76 10.39 -33.46
N LEU A 273 10.77 9.51 -33.28
CA LEU A 273 10.75 8.24 -34.00
C LEU A 273 10.58 8.45 -35.50
N LYS A 274 9.76 9.43 -35.90
CA LYS A 274 9.60 9.72 -37.31
C LYS A 274 10.90 10.23 -37.93
N GLU A 275 11.61 11.09 -37.21
CA GLU A 275 12.90 11.57 -37.72
C GLU A 275 13.91 10.44 -37.81
N ILE A 276 13.92 9.53 -36.84
CA ILE A 276 14.81 8.37 -36.89
C ILE A 276 14.49 7.50 -38.09
N ASN A 277 13.20 7.25 -38.33
CA ASN A 277 12.81 6.37 -39.43
C ASN A 277 13.12 7.01 -40.78
N THR A 278 12.97 8.33 -40.88
CA THR A 278 13.30 9.01 -42.14
C THR A 278 14.82 9.03 -42.36
N ARG A 279 15.60 9.24 -41.31
CA ARG A 279 17.05 9.26 -41.48
C ARG A 279 17.60 7.87 -41.80
N GLY A 280 17.20 6.87 -41.03
CA GLY A 280 17.62 5.51 -41.28
C GLY A 280 19.02 5.16 -40.86
N ASP A 281 19.75 6.08 -40.24
CA ASP A 281 21.11 5.82 -39.78
C ASP A 281 21.32 6.41 -38.40
N ILE A 282 20.34 6.25 -37.52
CA ILE A 282 20.38 6.80 -36.18
C ILE A 282 20.27 5.65 -35.19
N ILE A 283 21.19 5.61 -34.23
CA ILE A 283 21.11 4.68 -33.10
C ILE A 283 20.93 5.51 -31.84
N LEU A 284 19.94 5.15 -31.05
CA LEU A 284 19.62 5.86 -29.81
C LEU A 284 20.45 5.29 -28.68
N PHE A 285 21.10 6.16 -27.92
CA PHE A 285 21.66 5.80 -26.63
C PHE A 285 20.76 6.41 -25.57
N ILE A 286 19.70 5.69 -25.23
CA ILE A 286 18.76 6.15 -24.21
C ILE A 286 19.29 5.68 -22.86
N ASP A 287 19.88 6.62 -22.12
CA ASP A 287 20.38 6.32 -20.79
C ASP A 287 19.21 6.19 -19.82
N GLU A 288 19.47 5.54 -18.69
CA GLU A 288 18.47 5.28 -17.65
C GLU A 288 17.25 4.58 -18.25
N LEU A 289 17.49 3.35 -18.73
CA LEU A 289 16.47 2.56 -19.40
C LEU A 289 15.31 2.21 -18.48
N HIS A 290 15.55 2.08 -17.18
CA HIS A 290 14.52 1.64 -16.25
C HIS A 290 13.38 2.63 -16.11
N THR A 291 13.58 3.89 -16.52
CA THR A 291 12.50 4.87 -16.53
C THR A 291 11.65 4.80 -17.79
N LEU A 292 11.96 3.88 -18.71
CA LEU A 292 11.15 3.72 -19.92
C LEU A 292 9.74 3.26 -19.57
N VAL A 293 9.61 2.34 -18.61
CA VAL A 293 8.29 1.88 -18.21
C VAL A 293 7.53 2.96 -17.45
N GLY A 294 8.23 3.74 -16.62
CA GLY A 294 7.58 4.76 -15.82
C GLY A 294 7.36 6.09 -16.51
N ALA A 295 7.88 6.27 -17.73
CA ALA A 295 7.73 7.53 -18.42
C ALA A 295 6.31 7.69 -18.96
N GLY A 296 5.96 8.92 -19.32
CA GLY A 296 4.65 9.19 -19.87
C GLY A 296 3.55 8.93 -18.85
N ALA A 297 2.63 8.05 -19.19
CA ALA A 297 1.55 7.66 -18.29
C ALA A 297 2.04 6.51 -17.41
N ALA A 298 1.10 5.85 -16.73
CA ALA A 298 1.45 4.74 -15.84
C ALA A 298 1.85 3.52 -16.67
N GLU A 299 2.21 2.45 -15.98
CA GLU A 299 2.70 1.24 -16.65
C GLU A 299 1.62 0.48 -17.39
N GLY A 300 0.34 0.77 -17.13
CA GLY A 300 -0.73 0.10 -17.82
C GLY A 300 -1.20 0.82 -19.07
N ALA A 301 -1.22 2.15 -19.02
CA ALA A 301 -1.67 2.96 -20.13
C ALA A 301 -0.53 3.12 -21.15
N ILE A 302 -0.70 4.05 -22.09
CA ILE A 302 0.31 4.27 -23.11
C ILE A 302 1.49 5.01 -22.49
N ASP A 303 2.66 4.38 -22.54
CA ASP A 303 3.89 5.02 -22.07
C ASP A 303 4.96 4.93 -23.15
N ALA A 304 6.21 5.28 -22.81
CA ALA A 304 7.29 5.16 -23.78
C ALA A 304 7.52 3.70 -24.17
N ALA A 305 7.38 2.78 -23.23
CA ALA A 305 7.51 1.36 -23.56
C ALA A 305 6.43 0.91 -24.54
N SER A 306 5.20 1.40 -24.37
CA SER A 306 4.11 0.97 -25.23
C SER A 306 4.28 1.45 -26.66
N ILE A 307 5.00 2.57 -26.85
CA ILE A 307 5.17 3.08 -28.20
C ILE A 307 6.48 2.58 -28.81
N LEU A 308 7.43 2.15 -27.98
CA LEU A 308 8.66 1.60 -28.53
C LEU A 308 8.57 0.10 -28.80
N LYS A 309 7.74 -0.63 -28.04
CA LYS A 309 7.69 -2.09 -28.16
C LYS A 309 7.26 -2.60 -29.53
N PRO A 310 6.24 -2.06 -30.21
CA PRO A 310 5.94 -2.57 -31.56
C PRO A 310 7.04 -2.36 -32.57
N LYS A 311 7.97 -1.43 -32.32
CA LYS A 311 9.07 -1.18 -33.24
C LYS A 311 10.38 -1.80 -32.78
N LEU A 312 10.57 -2.00 -31.48
CA LEU A 312 11.81 -2.60 -31.00
C LEU A 312 11.91 -4.07 -31.37
N ALA A 313 10.77 -4.78 -31.37
CA ALA A 313 10.77 -6.23 -31.55
C ALA A 313 11.17 -6.65 -32.96
N ARG A 314 10.96 -5.80 -33.96
CA ARG A 314 11.31 -6.13 -35.33
C ARG A 314 12.68 -5.60 -35.72
N GLY A 315 13.39 -4.98 -34.78
CA GLY A 315 14.78 -4.61 -35.01
C GLY A 315 14.97 -3.48 -36.00
N GLU A 316 13.95 -2.67 -36.22
CA GLU A 316 14.08 -1.51 -37.10
C GLU A 316 14.55 -0.26 -36.36
N LEU A 317 14.22 -0.13 -35.08
CA LEU A 317 14.70 0.97 -34.25
C LEU A 317 15.89 0.45 -33.45
N GLN A 318 17.10 0.82 -33.87
CA GLN A 318 18.32 0.43 -33.17
C GLN A 318 18.51 1.34 -31.98
N THR A 319 18.44 0.79 -30.77
CA THR A 319 18.63 1.57 -29.56
C THR A 319 19.66 0.92 -28.66
N ILE A 320 20.31 1.73 -27.85
CA ILE A 320 21.30 1.28 -26.87
C ILE A 320 20.85 1.79 -25.52
N GLY A 321 20.54 0.88 -24.61
CA GLY A 321 20.12 1.29 -23.29
C GLY A 321 21.24 1.20 -22.28
N ALA A 322 21.13 1.91 -21.17
CA ALA A 322 22.09 1.80 -20.07
C ALA A 322 21.33 1.88 -18.77
N THR A 323 21.67 1.01 -17.83
CA THR A 323 20.92 0.96 -16.57
C THR A 323 21.81 0.36 -15.48
N THR A 324 21.24 0.26 -14.28
CA THR A 324 21.92 -0.30 -13.12
C THR A 324 21.38 -1.70 -12.89
N LEU A 325 22.17 -2.54 -12.20
CA LEU A 325 21.86 -3.96 -12.09
C LEU A 325 20.56 -4.20 -11.32
N ASP A 326 20.44 -3.64 -10.11
CA ASP A 326 19.23 -3.83 -9.32
C ASP A 326 18.02 -3.19 -9.98
N GLU A 327 18.21 -2.02 -10.58
CA GLU A 327 17.11 -1.37 -11.28
C GLU A 327 16.72 -2.13 -12.54
N TYR A 328 17.68 -2.79 -13.19
CA TYR A 328 17.34 -3.68 -14.30
C TYR A 328 16.52 -4.87 -13.81
N ARG A 329 16.93 -5.50 -12.71
CA ARG A 329 16.18 -6.64 -12.21
C ARG A 329 14.79 -6.25 -11.72
N LYS A 330 14.62 -5.04 -11.20
CA LYS A 330 13.35 -4.66 -10.61
C LYS A 330 12.39 -4.01 -11.59
N TYR A 331 12.89 -3.28 -12.59
CA TYR A 331 12.02 -2.62 -13.56
C TYR A 331 11.87 -3.42 -14.86
N ILE A 332 13.00 -3.78 -15.49
CA ILE A 332 12.94 -4.40 -16.81
C ILE A 332 12.47 -5.85 -16.71
N GLU A 333 13.00 -6.60 -15.75
CA GLU A 333 12.71 -8.03 -15.70
C GLU A 333 11.28 -8.33 -15.28
N LYS A 334 10.61 -7.37 -14.64
CA LYS A 334 9.19 -7.56 -14.33
C LYS A 334 8.35 -7.54 -15.60
N ASP A 335 8.69 -6.67 -16.54
CA ASP A 335 8.00 -6.60 -17.83
C ASP A 335 8.68 -7.58 -18.78
N ALA A 336 8.08 -8.76 -18.94
CA ALA A 336 8.70 -9.81 -19.76
C ALA A 336 8.78 -9.42 -21.23
N ALA A 337 7.76 -8.70 -21.72
CA ALA A 337 7.77 -8.27 -23.12
C ALA A 337 8.91 -7.30 -23.39
N LEU A 338 9.20 -6.42 -22.44
CA LEU A 338 10.33 -5.51 -22.59
C LEU A 338 11.64 -6.22 -22.29
N GLU A 339 11.63 -7.18 -21.37
CA GLU A 339 12.85 -7.90 -21.00
C GLU A 339 13.36 -8.75 -22.15
N ARG A 340 12.44 -9.32 -22.93
CA ARG A 340 12.82 -10.14 -24.08
C ARG A 340 13.23 -9.32 -25.29
N ARG A 341 13.29 -8.00 -25.17
CA ARG A 341 13.66 -7.13 -26.28
C ARG A 341 15.03 -6.48 -26.13
N PHE A 342 15.63 -6.54 -24.95
CA PHE A 342 16.93 -5.92 -24.70
C PHE A 342 17.93 -7.00 -24.29
N GLN A 343 19.05 -7.07 -24.99
CA GLN A 343 20.08 -8.05 -24.68
C GLN A 343 21.02 -7.50 -23.62
N PRO A 344 21.20 -8.17 -22.49
CA PRO A 344 22.07 -7.63 -21.44
C PRO A 344 23.54 -7.75 -21.82
N VAL A 345 24.27 -6.67 -21.56
CA VAL A 345 25.73 -6.62 -21.71
C VAL A 345 26.29 -6.13 -20.38
N GLN A 346 27.05 -6.97 -19.71
CA GLN A 346 27.55 -6.66 -18.39
C GLN A 346 28.82 -5.84 -18.48
N VAL A 347 28.83 -4.69 -17.81
CA VAL A 347 30.00 -3.83 -17.71
C VAL A 347 30.38 -3.77 -16.23
N GLY A 348 31.29 -4.64 -15.81
CA GLY A 348 31.66 -4.70 -14.41
C GLY A 348 32.61 -3.60 -13.99
N GLU A 349 32.77 -3.48 -12.68
CA GLU A 349 33.66 -2.46 -12.12
C GLU A 349 35.11 -2.83 -12.41
N PRO A 350 35.89 -1.91 -12.97
CA PRO A 350 37.30 -2.23 -13.27
C PRO A 350 38.13 -2.40 -12.00
N THR A 351 39.24 -3.12 -12.16
CA THR A 351 40.15 -3.37 -11.07
C THR A 351 41.11 -2.19 -10.88
N VAL A 352 42.12 -2.38 -10.04
CA VAL A 352 43.07 -1.30 -9.77
C VAL A 352 43.95 -1.04 -11.00
N GLU A 353 44.45 -2.11 -11.63
CA GLU A 353 45.38 -1.95 -12.75
C GLU A 353 44.68 -1.35 -13.97
N HIS A 354 43.45 -1.78 -14.25
CA HIS A 354 42.67 -1.16 -15.32
C HIS A 354 42.40 0.30 -15.02
N THR A 355 42.15 0.65 -13.77
CA THR A 355 42.00 2.06 -13.39
C THR A 355 43.30 2.83 -13.61
N ILE A 356 44.44 2.21 -13.32
CA ILE A 356 45.73 2.84 -13.59
C ILE A 356 45.88 3.12 -15.08
N GLU A 357 45.51 2.15 -15.91
CA GLU A 357 45.59 2.33 -17.36
C GLU A 357 44.64 3.42 -17.84
N ILE A 358 43.44 3.49 -17.26
CA ILE A 358 42.49 4.53 -17.62
C ILE A 358 43.04 5.91 -17.26
N LEU A 359 43.60 6.04 -16.07
CA LEU A 359 44.18 7.31 -15.65
C LEU A 359 45.37 7.70 -16.51
N LYS A 360 46.18 6.71 -16.91
CA LYS A 360 47.30 6.97 -17.82
C LYS A 360 46.80 7.43 -19.18
N GLY A 361 45.67 6.89 -19.63
CA GLY A 361 45.09 7.35 -20.89
C GLY A 361 44.55 8.76 -20.81
N LEU A 362 43.92 9.11 -19.68
CA LEU A 362 43.27 10.41 -19.54
C LEU A 362 44.19 11.49 -18.98
N ARG A 363 45.42 11.13 -18.62
CA ARG A 363 46.37 12.12 -18.11
C ARG A 363 46.67 13.20 -19.14
N ASP A 364 46.70 12.82 -20.42
CA ASP A 364 46.95 13.82 -21.48
C ASP A 364 45.88 14.90 -21.49
N ARG A 365 44.61 14.49 -21.51
CA ARG A 365 43.51 15.44 -21.51
C ARG A 365 43.49 16.28 -20.23
N TYR A 366 43.75 15.65 -19.09
CA TYR A 366 43.64 16.40 -17.83
C TYR A 366 44.83 17.35 -17.64
N GLU A 367 46.01 16.98 -18.13
CA GLU A 367 47.15 17.89 -18.04
C GLU A 367 47.03 19.01 -19.07
N ALA A 368 46.32 18.75 -20.17
CA ALA A 368 46.06 19.84 -21.11
C ALA A 368 45.05 20.82 -20.54
N HIS A 369 44.00 20.31 -19.88
CA HIS A 369 42.96 21.19 -19.36
C HIS A 369 43.43 21.97 -18.14
N HIS A 370 44.07 21.30 -17.19
CA HIS A 370 44.38 21.92 -15.90
C HIS A 370 45.65 22.76 -15.92
N ARG A 371 46.50 22.62 -16.94
CA ARG A 371 47.84 23.21 -16.97
C ARG A 371 48.60 22.80 -15.71
N VAL A 372 48.90 21.49 -15.64
CA VAL A 372 49.63 20.91 -14.53
C VAL A 372 50.26 19.62 -15.03
N SER A 373 51.37 19.24 -14.44
CA SER A 373 52.06 18.00 -14.80
C SER A 373 51.71 16.91 -13.80
N ILE A 374 51.15 15.81 -14.30
CA ILE A 374 50.74 14.69 -13.46
C ILE A 374 51.80 13.59 -13.57
N THR A 375 52.32 13.17 -12.42
CA THR A 375 53.34 12.13 -12.36
C THR A 375 52.68 10.76 -12.29
N ASP A 376 53.48 9.72 -12.53
CA ASP A 376 52.98 8.35 -12.44
C ASP A 376 52.53 8.03 -11.03
N ALA A 377 53.30 8.49 -10.03
CA ALA A 377 52.91 8.31 -8.64
C ALA A 377 51.59 9.01 -8.34
N ALA A 378 51.27 10.09 -9.06
CA ALA A 378 50.01 10.78 -8.83
C ALA A 378 48.82 9.90 -9.18
N MET A 379 48.81 9.31 -10.37
CA MET A 379 47.68 8.44 -10.72
C MET A 379 47.68 7.16 -9.91
N VAL A 380 48.87 6.63 -9.60
CA VAL A 380 48.94 5.42 -8.77
C VAL A 380 48.34 5.67 -7.40
N ALA A 381 48.73 6.79 -6.77
CA ALA A 381 48.19 7.15 -5.46
C ALA A 381 46.70 7.44 -5.54
N ALA A 382 46.25 8.12 -6.60
CA ALA A 382 44.83 8.44 -6.72
C ALA A 382 43.99 7.17 -6.77
N ALA A 383 44.39 6.22 -7.61
CA ALA A 383 43.63 4.97 -7.70
C ALA A 383 43.71 4.18 -6.40
N THR A 384 44.93 4.02 -5.86
CA THR A 384 45.07 3.16 -4.68
C THR A 384 44.51 3.78 -3.41
N LEU A 385 44.19 5.08 -3.41
CA LEU A 385 43.50 5.68 -2.28
C LEU A 385 41.99 5.73 -2.49
N ALA A 386 41.55 6.04 -3.71
CA ALA A 386 40.12 6.09 -3.99
C ALA A 386 39.48 4.71 -3.85
N ASP A 387 40.20 3.66 -4.25
CA ASP A 387 39.60 2.33 -4.20
C ASP A 387 39.35 1.85 -2.78
N ARG A 388 40.25 2.12 -1.84
CA ARG A 388 40.11 1.57 -0.50
C ARG A 388 39.55 2.55 0.52
N TYR A 389 39.48 3.85 0.22
CA TYR A 389 38.89 4.78 1.18
C TYR A 389 37.48 5.21 0.83
N ILE A 390 37.20 5.46 -0.45
CA ILE A 390 35.85 5.80 -0.89
C ILE A 390 35.13 4.52 -1.29
N ASN A 391 34.00 4.23 -0.64
CA ASN A 391 33.19 3.07 -0.98
C ASN A 391 31.79 3.45 -1.45
N ASP A 392 31.43 4.73 -1.45
CA ASP A 392 30.10 5.13 -1.89
C ASP A 392 29.93 5.03 -3.40
N ARG A 393 31.03 5.07 -4.16
CA ARG A 393 30.96 4.96 -5.60
C ARG A 393 31.86 3.85 -6.11
N PHE A 394 32.09 3.79 -7.42
CA PHE A 394 32.88 2.73 -8.02
C PHE A 394 33.91 3.32 -8.98
N LEU A 395 35.02 2.61 -9.14
CA LEU A 395 36.09 3.05 -10.01
C LEU A 395 35.66 2.97 -11.47
N PRO A 396 36.24 3.80 -12.35
CA PRO A 396 37.26 4.83 -12.15
C PRO A 396 36.71 6.23 -12.02
N ASP A 397 35.42 6.38 -11.67
CA ASP A 397 34.86 7.71 -11.48
C ASP A 397 35.52 8.41 -10.29
N LYS A 398 35.77 7.67 -9.21
CA LYS A 398 36.33 8.27 -8.00
C LYS A 398 37.79 8.68 -8.20
N ALA A 399 38.59 7.86 -8.87
CA ALA A 399 39.99 8.22 -9.09
C ALA A 399 40.10 9.44 -10.01
N ILE A 400 39.27 9.48 -11.04
CA ILE A 400 39.23 10.64 -11.94
C ILE A 400 38.79 11.88 -11.16
N ASP A 401 37.81 11.72 -10.27
CA ASP A 401 37.37 12.84 -9.46
C ASP A 401 38.49 13.35 -8.55
N LEU A 402 39.25 12.43 -7.95
CA LEU A 402 40.39 12.82 -7.11
C LEU A 402 41.43 13.60 -7.91
N ILE A 403 41.81 13.08 -9.08
CA ILE A 403 42.82 13.75 -9.90
C ILE A 403 42.33 15.12 -10.33
N ASP A 404 41.08 15.20 -10.76
CA ASP A 404 40.51 16.44 -11.27
C ASP A 404 40.37 17.50 -10.17
N GLU A 405 39.93 17.08 -8.98
CA GLU A 405 39.82 18.01 -7.86
C GLU A 405 41.20 18.48 -7.40
N ALA A 406 42.20 17.59 -7.40
CA ALA A 406 43.54 18.01 -7.04
C ALA A 406 44.09 19.01 -8.06
N GLY A 407 43.81 18.80 -9.34
CA GLY A 407 44.23 19.75 -10.35
C GLY A 407 43.58 21.11 -10.19
N ALA A 408 42.27 21.13 -9.89
CA ALA A 408 41.59 22.40 -9.64
C ALA A 408 42.14 23.10 -8.39
N ARG A 409 42.45 22.33 -7.35
CA ARG A 409 43.03 22.90 -6.14
C ARG A 409 44.39 23.54 -6.43
N MET A 410 45.22 22.84 -7.20
CA MET A 410 46.51 23.41 -7.61
C MET A 410 46.29 24.67 -8.42
N ARG A 411 45.28 24.67 -9.30
CA ARG A 411 45.07 25.81 -10.18
C ARG A 411 44.62 27.03 -9.39
N ILE A 412 43.82 26.86 -8.34
CA ILE A 412 43.47 28.04 -7.55
C ILE A 412 44.61 28.44 -6.62
N ARG A 413 45.46 27.49 -6.20
CA ARG A 413 46.54 27.84 -5.29
C ARG A 413 47.67 28.57 -6.01
N ARG A 414 47.83 28.32 -7.31
CA ARG A 414 48.88 28.98 -8.06
C ARG A 414 48.63 30.47 -8.19
N MET A 415 47.37 30.89 -8.15
CA MET A 415 47.04 32.31 -8.20
C MET A 415 46.56 32.81 -6.84
N ALA A 477 52.20 24.16 -11.69
CA ALA A 477 53.02 23.28 -10.87
C ALA A 477 52.86 21.83 -11.29
N GLU A 478 52.87 20.92 -10.32
CA GLU A 478 52.74 19.49 -10.57
C GLU A 478 51.87 18.85 -9.50
N VAL A 479 51.25 17.72 -9.86
CA VAL A 479 50.40 16.96 -8.96
C VAL A 479 51.17 15.72 -8.51
N ASP A 480 51.22 15.49 -7.21
CA ASP A 480 51.95 14.35 -6.64
C ASP A 480 51.05 13.70 -5.61
N ASP A 481 51.65 12.83 -4.77
CA ASP A 481 50.88 12.16 -3.73
C ASP A 481 50.36 13.15 -2.69
N GLU A 482 51.07 14.28 -2.50
CA GLU A 482 50.64 15.28 -1.54
C GLU A 482 49.29 15.89 -1.92
N GLN A 483 49.11 16.22 -3.20
CA GLN A 483 47.88 16.85 -3.65
C GLN A 483 46.69 15.89 -3.50
N ILE A 484 46.88 14.64 -3.91
CA ILE A 484 45.81 13.65 -3.80
C ILE A 484 45.49 13.36 -2.34
N ALA A 485 46.52 13.29 -1.51
CA ALA A 485 46.31 13.08 -0.07
C ALA A 485 45.52 14.24 0.54
N GLU A 486 45.85 15.48 0.18
CA GLU A 486 45.15 16.60 0.79
C GLU A 486 43.72 16.72 0.28
N VAL A 487 43.47 16.39 -0.99
CA VAL A 487 42.09 16.47 -1.48
C VAL A 487 41.24 15.36 -0.89
N LEU A 488 41.80 14.15 -0.71
CA LEU A 488 40.99 13.10 -0.10
C LEU A 488 40.80 13.36 1.39
N GLY A 489 41.78 14.02 2.02
CA GLY A 489 41.61 14.42 3.41
C GLY A 489 40.53 15.49 3.56
N ASN A 490 40.44 16.39 2.60
CA ASN A 490 39.34 17.35 2.59
C ASN A 490 38.01 16.63 2.40
N TRP A 491 37.98 15.62 1.53
CA TRP A 491 36.75 14.90 1.25
C TRP A 491 36.26 14.12 2.47
N THR A 492 37.19 13.46 3.18
CA THR A 492 36.80 12.52 4.21
C THR A 492 37.03 13.01 5.63
N GLY A 493 37.91 13.99 5.82
CA GLY A 493 38.23 14.45 7.16
C GLY A 493 39.38 13.74 7.83
N ILE A 494 39.87 12.66 7.24
CA ILE A 494 41.04 11.95 7.79
C ILE A 494 42.29 12.80 7.55
N PRO A 495 43.21 12.91 8.52
CA PRO A 495 44.38 13.76 8.32
C PRO A 495 45.28 13.29 7.18
N VAL A 496 45.99 14.26 6.59
CA VAL A 496 46.74 14.03 5.36
C VAL A 496 47.89 13.06 5.59
N PHE A 497 48.59 13.20 6.73
CA PHE A 497 49.77 12.36 6.97
C PHE A 497 49.40 10.89 7.10
N LYS A 498 48.16 10.61 7.52
CA LYS A 498 47.65 9.24 7.47
C LYS A 498 47.53 8.76 6.03
N LEU A 499 47.03 9.60 5.14
CA LEU A 499 46.77 9.17 3.77
C LEU A 499 48.04 8.98 2.97
N THR A 500 49.13 9.64 3.38
CA THR A 500 50.43 9.31 2.83
C THR A 500 50.78 7.87 3.18
N GLU A 501 51.25 7.11 2.20
CA GLU A 501 51.40 5.67 2.35
C GLU A 501 52.68 5.30 3.10
N ALA A 502 52.84 5.92 4.26
CA ALA A 502 53.93 5.59 5.19
C ALA A 502 53.43 4.64 6.27
N GLU A 503 52.89 3.51 5.81
CA GLU A 503 52.21 2.57 6.71
C GLU A 503 53.19 1.93 7.69
N THR A 504 54.36 1.53 7.20
CA THR A 504 55.36 0.89 8.06
C THR A 504 55.86 1.85 9.13
N THR A 505 56.14 3.09 8.75
CA THR A 505 56.65 4.05 9.73
C THR A 505 55.56 4.47 10.71
N ARG A 506 54.30 4.50 10.26
CA ARG A 506 53.19 4.71 11.18
C ARG A 506 53.07 3.55 12.16
N LEU A 507 53.26 2.32 11.68
CA LEU A 507 53.28 1.14 12.52
C LEU A 507 54.47 1.12 13.47
N LEU A 508 55.52 1.88 13.17
CA LEU A 508 56.69 1.91 14.04
C LEU A 508 56.42 2.68 15.33
N ARG A 509 55.61 3.74 15.26
CA ARG A 509 55.44 4.65 16.40
C ARG A 509 54.07 4.54 17.07
N MET A 510 53.37 3.42 16.91
CA MET A 510 51.99 3.39 17.39
C MET A 510 51.92 3.11 18.88
N GLU A 511 53.06 2.76 19.50
CA GLU A 511 53.06 2.53 20.95
C GLU A 511 52.70 3.80 21.70
N GLU A 512 53.35 4.91 21.37
CA GLU A 512 53.02 6.19 21.98
C GLU A 512 51.75 6.81 21.41
N GLU A 513 51.38 6.46 20.18
CA GLU A 513 50.11 6.93 19.63
C GLU A 513 48.93 6.26 20.32
N LEU A 514 49.13 5.05 20.84
CA LEU A 514 48.12 4.39 21.66
C LEU A 514 48.21 4.78 23.12
N HIS A 515 49.43 5.01 23.61
CA HIS A 515 49.63 5.39 25.01
C HIS A 515 49.32 6.86 25.27
N LYS A 516 49.10 7.66 24.22
CA LYS A 516 48.81 9.08 24.41
C LYS A 516 47.42 9.32 24.99
N ARG A 517 46.55 8.31 24.98
CA ARG A 517 45.22 8.43 25.54
C ARG A 517 44.91 7.35 26.56
N ILE A 518 45.75 6.30 26.64
CA ILE A 518 45.53 5.20 27.58
C ILE A 518 46.47 5.36 28.75
N ILE A 519 46.12 4.72 29.86
CA ILE A 519 46.92 4.73 31.09
C ILE A 519 47.33 3.30 31.42
N GLY A 520 48.59 3.13 31.77
CA GLY A 520 49.15 1.87 32.22
C GLY A 520 48.97 0.76 31.19
N GLN A 521 48.75 -0.45 31.70
CA GLN A 521 48.48 -1.64 30.89
C GLN A 521 49.59 -1.87 29.86
N GLU A 522 50.84 -1.73 30.31
CA GLU A 522 51.98 -1.77 29.40
C GLU A 522 52.09 -3.13 28.72
N ASP A 523 51.89 -4.22 29.47
CA ASP A 523 51.90 -5.55 28.87
C ASP A 523 50.79 -5.71 27.84
N ALA A 524 49.59 -5.19 28.15
CA ALA A 524 48.48 -5.24 27.21
C ALA A 524 48.77 -4.44 25.96
N VAL A 525 49.36 -3.24 26.13
CA VAL A 525 49.69 -2.41 24.97
C VAL A 525 50.74 -3.09 24.10
N LYS A 526 51.76 -3.69 24.73
CA LYS A 526 52.78 -4.40 23.97
C LYS A 526 52.19 -5.60 23.22
N ALA A 527 51.30 -6.36 23.88
CA ALA A 527 50.68 -7.52 23.25
C ALA A 527 49.82 -7.10 22.05
N VAL A 528 49.00 -6.07 22.24
CA VAL A 528 48.13 -5.66 21.13
C VAL A 528 48.95 -5.04 20.00
N SER A 529 50.08 -4.39 20.35
CA SER A 529 50.92 -3.78 19.32
C SER A 529 51.61 -4.85 18.48
N LYS A 530 52.15 -5.89 19.12
CA LYS A 530 52.78 -6.95 18.34
C LYS A 530 51.74 -7.74 17.56
N ALA A 531 50.50 -7.81 18.08
CA ALA A 531 49.42 -8.43 17.30
C ALA A 531 49.09 -7.60 16.05
N ILE A 532 49.04 -6.27 16.19
CA ILE A 532 48.76 -5.41 15.05
C ILE A 532 49.88 -5.53 14.03
N ARG A 533 51.14 -5.58 14.47
CA ARG A 533 52.25 -5.72 13.55
C ARG A 533 52.22 -7.07 12.85
N ARG A 534 51.93 -8.14 13.58
CA ARG A 534 51.94 -9.46 12.96
C ARG A 534 50.78 -9.62 11.99
N THR A 535 49.66 -8.92 12.23
CA THR A 535 48.49 -9.07 11.37
C THR A 535 48.57 -8.16 10.14
N ARG A 536 49.05 -6.93 10.32
CA ARG A 536 49.06 -5.97 9.22
C ARG A 536 50.24 -6.17 8.28
N ALA A 537 51.16 -7.07 8.61
CA ALA A 537 52.30 -7.32 7.73
C ALA A 537 51.90 -7.96 6.41
N GLY A 538 50.73 -8.60 6.35
CA GLY A 538 50.30 -9.25 5.13
C GLY A 538 50.92 -10.60 4.87
N LEU A 539 51.65 -11.16 5.83
CA LEU A 539 52.32 -12.43 5.65
C LEU A 539 51.41 -13.64 5.87
N LYS A 540 50.23 -13.43 6.44
CA LYS A 540 49.30 -14.52 6.71
C LYS A 540 48.53 -14.91 5.45
N ASP A 541 47.69 -15.94 5.60
CA ASP A 541 46.81 -16.38 4.53
C ASP A 541 45.71 -15.33 4.34
N PRO A 542 45.56 -14.73 3.14
CA PRO A 542 44.52 -13.72 2.92
C PRO A 542 43.13 -14.30 2.69
N LYS A 543 42.75 -15.26 3.53
CA LYS A 543 41.39 -15.81 3.57
C LYS A 543 40.78 -15.65 4.96
N ARG A 544 41.37 -14.84 5.81
CA ARG A 544 40.97 -14.65 7.20
C ARG A 544 40.69 -13.18 7.45
N PRO A 545 39.95 -12.86 8.52
CA PRO A 545 39.88 -11.47 8.97
C PRO A 545 41.25 -10.98 9.42
N SER A 546 41.39 -9.65 9.44
CA SER A 546 42.68 -9.04 9.76
C SER A 546 43.14 -9.40 11.17
N GLY A 547 42.25 -9.26 12.15
CA GLY A 547 42.59 -9.60 13.52
C GLY A 547 41.35 -9.95 14.31
N SER A 548 41.55 -10.75 15.36
CA SER A 548 40.46 -11.18 16.22
C SER A 548 41.01 -11.38 17.61
N PHE A 549 40.72 -10.45 18.52
CA PHE A 549 41.34 -10.44 19.85
C PHE A 549 40.28 -10.45 20.93
N ILE A 550 40.53 -11.25 21.98
CA ILE A 550 39.70 -11.26 23.18
C ILE A 550 40.32 -10.32 24.20
N PHE A 551 39.48 -9.48 24.81
CA PHE A 551 39.91 -8.56 25.87
C PHE A 551 39.22 -9.01 27.14
N ALA A 552 40.01 -9.58 28.07
CA ALA A 552 39.50 -10.07 29.33
C ALA A 552 39.99 -9.19 30.48
N GLY A 553 39.27 -9.25 31.60
CA GLY A 553 39.63 -8.49 32.77
C GLY A 553 38.44 -7.79 33.39
N PRO A 554 38.63 -7.18 34.55
CA PRO A 554 37.54 -6.44 35.20
C PRO A 554 37.15 -5.20 34.40
N SER A 555 35.90 -4.79 34.55
CA SER A 555 35.39 -3.63 33.82
C SER A 555 36.00 -2.34 34.39
N GLY A 556 36.06 -1.32 33.55
CA GLY A 556 36.62 -0.05 33.93
C GLY A 556 38.09 0.12 33.60
N VAL A 557 38.75 -0.92 33.10
CA VAL A 557 40.17 -0.82 32.77
C VAL A 557 40.39 0.10 31.57
N GLY A 558 39.42 0.20 30.67
CA GLY A 558 39.57 1.05 29.51
C GLY A 558 39.60 0.30 28.20
N LYS A 559 38.87 -0.82 28.14
CA LYS A 559 38.84 -1.62 26.90
C LYS A 559 38.11 -0.89 25.78
N THR A 560 37.00 -0.21 26.11
CA THR A 560 36.24 0.50 25.08
C THR A 560 37.03 1.67 24.52
N GLU A 561 37.68 2.46 25.38
CA GLU A 561 38.49 3.57 24.90
C GLU A 561 39.72 3.06 24.16
N LEU A 562 40.24 1.88 24.54
CA LEU A 562 41.32 1.26 23.77
C LEU A 562 40.86 0.89 22.36
N SER A 563 39.66 0.33 22.23
CA SER A 563 39.12 0.02 20.92
C SER A 563 38.90 1.30 20.11
N LYS A 564 38.43 2.36 20.76
CA LYS A 564 38.27 3.64 20.09
C LYS A 564 39.60 4.22 19.62
N ALA A 565 40.65 4.08 20.44
CA ALA A 565 41.97 4.55 20.03
C ALA A 565 42.51 3.73 18.87
N LEU A 566 42.23 2.42 18.87
CA LEU A 566 42.62 1.58 17.74
C LEU A 566 41.90 2.01 16.47
N ALA A 567 40.61 2.34 16.58
CA ALA A 567 39.86 2.83 15.43
C ALA A 567 40.42 4.16 14.94
N ASN A 568 40.81 5.05 15.86
CA ASN A 568 41.41 6.32 15.49
C ASN A 568 42.75 6.13 14.79
N PHE A 569 43.58 5.19 15.26
CA PHE A 569 44.88 4.99 14.64
C PHE A 569 44.76 4.32 13.27
N LEU A 570 43.95 3.27 13.17
CA LEU A 570 43.98 2.44 11.97
C LEU A 570 43.36 3.14 10.78
N PHE A 571 42.32 3.94 11.00
CA PHE A 571 41.56 4.53 9.91
C PHE A 571 41.41 6.05 10.00
N GLY A 572 41.56 6.64 11.19
CA GLY A 572 41.49 8.09 11.32
C GLY A 572 40.14 8.64 11.73
N ASP A 573 39.16 7.79 12.03
CA ASP A 573 37.83 8.25 12.41
C ASP A 573 37.39 7.57 13.71
N ASP A 574 36.77 8.35 14.59
CA ASP A 574 36.24 7.77 15.82
C ASP A 574 34.96 7.00 15.56
N ASP A 575 34.19 7.41 14.55
CA ASP A 575 32.99 6.69 14.16
C ASP A 575 33.26 5.52 13.24
N ALA A 576 34.53 5.28 12.88
CA ALA A 576 34.88 4.12 12.07
C ALA A 576 34.66 2.81 12.82
N LEU A 577 34.59 2.86 14.15
CA LEU A 577 34.24 1.69 14.94
C LEU A 577 32.74 1.62 15.13
N ILE A 578 32.21 0.40 15.16
CA ILE A 578 30.80 0.15 15.41
C ILE A 578 30.66 -0.42 16.82
N GLN A 579 29.77 0.18 17.60
CA GLN A 579 29.52 -0.24 18.98
C GLN A 579 28.21 -1.01 19.02
N ILE A 580 28.30 -2.33 19.05
CA ILE A 580 27.13 -3.19 19.15
C ILE A 580 27.30 -4.09 20.36
N ASP A 581 26.26 -4.17 21.19
CA ASP A 581 26.26 -5.03 22.36
C ASP A 581 25.09 -6.00 22.22
N MET A 582 25.38 -7.28 22.19
CA MET A 582 24.37 -8.30 21.95
C MET A 582 23.70 -8.79 23.22
N GLY A 583 24.02 -8.21 24.38
CA GLY A 583 23.34 -8.59 25.61
C GLY A 583 21.86 -8.25 25.61
N GLU A 584 21.44 -7.31 24.74
CA GLU A 584 20.03 -6.99 24.64
C GLU A 584 19.36 -7.79 23.52
N PHE A 585 20.15 -8.34 22.60
CA PHE A 585 19.63 -9.12 21.47
C PHE A 585 19.89 -10.60 21.78
N HIS A 586 18.88 -11.28 22.29
CA HIS A 586 19.01 -12.67 22.73
C HIS A 586 18.44 -13.68 21.74
N ASP A 587 17.16 -13.55 21.37
CA ASP A 587 16.48 -14.56 20.59
C ASP A 587 16.80 -14.44 19.10
N ARG A 588 16.25 -15.37 18.33
CA ARG A 588 16.50 -15.39 16.88
C ARG A 588 15.82 -14.24 16.18
N PHE A 589 14.73 -13.71 16.73
CA PHE A 589 14.08 -12.55 16.16
C PHE A 589 15.00 -11.33 16.20
N THR A 590 15.72 -11.16 17.31
CA THR A 590 16.73 -10.11 17.39
C THR A 590 17.97 -10.46 16.60
N ALA A 591 18.26 -11.76 16.42
CA ALA A 591 19.34 -12.16 15.53
C ALA A 591 19.06 -11.79 14.09
N SER A 592 17.78 -11.73 13.70
CA SER A 592 17.43 -11.21 12.39
C SER A 592 17.85 -9.75 12.23
N ARG A 593 17.66 -8.96 13.29
CA ARG A 593 18.19 -7.60 13.31
C ARG A 593 19.72 -7.59 13.28
N LEU A 594 20.36 -8.52 14.00
CA LEU A 594 21.82 -8.57 14.06
C LEU A 594 22.41 -8.84 12.67
N PHE A 595 22.12 -10.00 12.09
CA PHE A 595 22.56 -10.31 10.74
C PHE A 595 21.40 -10.61 9.80
N GLY A 596 20.46 -11.46 10.21
CA GLY A 596 19.36 -11.85 9.35
C GLY A 596 18.79 -13.21 9.70
N GLY A 608 20.77 -5.76 8.53
CA GLY A 608 21.41 -5.45 9.79
C GLY A 608 22.30 -4.24 9.73
N GLN A 609 22.37 -3.50 10.85
CA GLN A 609 23.20 -2.30 10.90
C GLN A 609 24.68 -2.63 10.78
N LEU A 610 25.10 -3.77 11.32
CA LEU A 610 26.50 -4.20 11.17
C LEU A 610 26.82 -4.49 9.71
N THR A 611 25.93 -5.20 9.02
CA THR A 611 26.14 -5.51 7.61
C THR A 611 26.15 -4.26 6.76
N GLU A 612 25.23 -3.33 7.04
CA GLU A 612 25.18 -2.08 6.28
C GLU A 612 26.42 -1.23 6.53
N LYS A 613 26.94 -1.25 7.76
CA LYS A 613 28.12 -0.44 8.04
C LYS A 613 29.39 -1.05 7.47
N VAL A 614 29.49 -2.39 7.46
CA VAL A 614 30.65 -3.02 6.82
C VAL A 614 30.53 -3.05 5.30
N ARG A 615 29.34 -2.80 4.76
CA ARG A 615 29.22 -2.54 3.33
C ARG A 615 29.53 -1.08 2.99
N ARG A 616 29.19 -0.14 3.88
CA ARG A 616 29.58 1.24 3.68
C ARG A 616 31.08 1.43 3.80
N LYS A 617 31.72 0.66 4.68
CA LYS A 617 33.18 0.64 4.79
C LYS A 617 33.64 -0.70 5.37
N PRO A 618 34.32 -1.52 4.57
CA PRO A 618 34.78 -2.82 5.09
C PRO A 618 36.03 -2.75 5.94
N PHE A 619 36.70 -1.59 5.99
CA PHE A 619 37.86 -1.40 6.85
C PHE A 619 37.40 -0.72 8.13
N SER A 620 36.77 -1.51 8.99
CA SER A 620 36.19 -1.02 10.23
C SER A 620 36.46 -2.01 11.35
N VAL A 621 36.74 -1.50 12.53
CA VAL A 621 36.90 -2.33 13.71
C VAL A 621 35.55 -2.55 14.36
N VAL A 622 35.17 -3.80 14.56
CA VAL A 622 33.90 -4.15 15.19
C VAL A 622 34.15 -4.46 16.66
N LEU A 623 33.22 -4.06 17.52
CA LEU A 623 33.30 -4.28 18.95
C LEU A 623 32.14 -5.15 19.39
N PHE A 624 32.45 -6.30 19.98
CA PHE A 624 31.44 -7.26 20.43
C PHE A 624 31.54 -7.38 21.95
N ASP A 625 30.56 -6.84 22.65
CA ASP A 625 30.57 -6.80 24.10
C ASP A 625 29.74 -7.93 24.69
N GLU A 626 30.23 -8.47 25.81
CA GLU A 626 29.50 -9.44 26.64
C GLU A 626 29.11 -10.68 25.84
N ILE A 627 30.14 -11.45 25.45
CA ILE A 627 29.93 -12.67 24.67
C ILE A 627 29.60 -13.88 25.54
N GLU A 628 29.44 -13.69 26.86
CA GLU A 628 29.19 -14.82 27.74
C GLU A 628 27.76 -15.34 27.61
N LYS A 629 26.78 -14.44 27.51
CA LYS A 629 25.38 -14.79 27.52
C LYS A 629 24.82 -15.14 26.15
N ALA A 630 25.67 -15.58 25.23
CA ALA A 630 25.26 -15.74 23.83
C ALA A 630 24.36 -16.93 23.63
N HIS A 631 23.52 -16.84 22.58
CA HIS A 631 22.68 -17.93 22.13
C HIS A 631 23.45 -18.82 21.15
N GLN A 632 23.01 -20.07 21.03
CA GLN A 632 23.73 -21.04 20.21
C GLN A 632 23.76 -20.65 18.73
N GLU A 633 22.68 -20.00 18.26
CA GLU A 633 22.67 -19.48 16.89
C GLU A 633 23.73 -18.41 16.69
N ILE A 634 23.86 -17.50 17.66
CA ILE A 634 24.89 -16.48 17.60
C ILE A 634 26.28 -17.11 17.63
N TYR A 635 26.44 -18.16 18.46
CA TYR A 635 27.69 -18.90 18.51
C TYR A 635 28.04 -19.47 17.13
N ASN A 636 27.10 -20.17 16.49
CA ASN A 636 27.36 -20.80 15.21
C ASN A 636 27.67 -19.77 14.13
N SER A 637 26.93 -18.66 14.12
CA SER A 637 27.19 -17.61 13.14
C SER A 637 28.58 -17.02 13.34
N LEU A 638 28.99 -16.82 14.59
CA LEU A 638 30.34 -16.32 14.86
C LEU A 638 31.39 -17.31 14.40
N LEU A 639 31.16 -18.62 14.65
CA LEU A 639 32.07 -19.65 14.16
C LEU A 639 32.26 -19.57 12.66
N GLN A 640 31.17 -19.56 11.90
CA GLN A 640 31.32 -19.58 10.44
C GLN A 640 31.87 -18.26 9.91
N VAL A 641 31.50 -17.13 10.52
CA VAL A 641 32.00 -15.82 10.08
C VAL A 641 33.51 -15.74 10.26
N LEU A 642 34.01 -16.14 11.44
CA LEU A 642 35.45 -16.04 11.65
C LEU A 642 36.17 -17.15 10.89
N GLU A 643 35.45 -18.23 10.55
CA GLU A 643 36.02 -19.31 9.75
C GLU A 643 36.34 -18.86 8.34
N ASP A 644 35.33 -18.45 7.57
CA ASP A 644 35.55 -18.16 6.16
C ASP A 644 35.77 -16.68 5.88
N GLY A 645 35.78 -15.83 6.90
CA GLY A 645 35.88 -14.40 6.68
C GLY A 645 34.74 -13.81 5.90
N ARG A 646 33.54 -14.35 6.07
CA ARG A 646 32.41 -14.05 5.21
C ARG A 646 31.13 -14.24 6.00
N LEU A 647 30.17 -13.33 5.79
CA LEU A 647 28.88 -13.41 6.46
C LEU A 647 27.77 -13.45 5.42
N THR A 648 26.85 -14.40 5.57
CA THR A 648 25.68 -14.49 4.70
C THR A 648 24.46 -14.07 5.52
N ASP A 649 24.01 -12.84 5.30
CA ASP A 649 22.95 -12.25 6.09
C ASP A 649 21.59 -12.72 5.57
N GLY A 650 20.52 -12.17 6.16
CA GLY A 650 19.18 -12.40 5.67
C GLY A 650 18.76 -11.54 4.51
N GLN A 651 19.65 -10.66 4.06
CA GLN A 651 19.40 -9.79 2.92
C GLN A 651 19.86 -10.40 1.60
N GLY A 652 20.34 -11.64 1.62
CA GLY A 652 20.85 -12.28 0.42
C GLY A 652 22.12 -11.67 -0.11
N ARG A 653 23.04 -11.29 0.77
CA ARG A 653 24.32 -10.74 0.36
C ARG A 653 25.45 -11.42 1.11
N THR A 654 26.57 -11.61 0.43
CA THR A 654 27.76 -12.22 1.03
C THR A 654 28.74 -11.09 1.35
N VAL A 655 28.72 -10.64 2.60
CA VAL A 655 29.52 -9.49 3.00
C VAL A 655 30.86 -9.96 3.52
N ASP A 656 31.93 -9.30 3.06
CA ASP A 656 33.29 -9.76 3.30
C ASP A 656 33.88 -9.12 4.55
N PHE A 657 34.65 -9.91 5.31
CA PHE A 657 35.24 -9.49 6.58
C PHE A 657 36.75 -9.69 6.60
N LYS A 658 37.42 -9.55 5.45
CA LYS A 658 38.83 -9.94 5.39
C LYS A 658 39.74 -8.97 6.13
N ASN A 659 39.33 -7.71 6.27
CA ASN A 659 40.16 -6.72 6.93
C ASN A 659 39.49 -6.18 8.18
N THR A 660 38.32 -6.71 8.54
CA THR A 660 37.64 -6.29 9.76
C THR A 660 38.39 -6.76 10.99
N VAL A 661 38.54 -5.86 11.96
CA VAL A 661 39.21 -6.16 13.22
C VAL A 661 38.14 -6.48 14.25
N LEU A 662 38.13 -7.72 14.73
CA LEU A 662 37.14 -8.15 15.72
C LEU A 662 37.73 -8.04 17.12
N ILE A 663 37.01 -7.36 18.00
CA ILE A 663 37.40 -7.18 19.39
C ILE A 663 36.25 -7.70 20.25
N PHE A 664 36.54 -8.72 21.06
CA PHE A 664 35.54 -9.32 21.94
C PHE A 664 35.89 -8.93 23.37
N THR A 665 35.27 -7.84 23.84
CA THR A 665 35.49 -7.35 25.19
C THR A 665 34.61 -8.17 26.14
N SER A 666 35.20 -9.23 26.67
CA SER A 666 34.47 -10.18 27.52
C SER A 666 34.87 -9.95 28.97
N ASN A 667 33.88 -9.83 29.85
CA ASN A 667 34.09 -9.63 31.27
C ASN A 667 34.24 -10.94 32.04
N LEU A 668 34.29 -12.07 31.34
CA LEU A 668 34.42 -13.37 31.98
C LEU A 668 35.78 -13.50 32.64
N GLY A 669 35.80 -14.09 33.83
CA GLY A 669 37.04 -14.27 34.56
C GLY A 669 37.62 -12.96 35.09
N ASP A 689 50.56 -13.59 38.22
CA ASP A 689 49.13 -13.36 38.07
C ASP A 689 48.72 -13.37 36.60
N TYR A 690 49.54 -12.74 35.76
CA TYR A 690 49.22 -12.65 34.34
C TYR A 690 49.23 -14.03 33.68
N GLU A 691 50.19 -14.88 34.05
CA GLU A 691 50.18 -16.25 33.54
C GLU A 691 49.04 -17.06 34.15
N ARG A 692 48.70 -16.80 35.41
CA ARG A 692 47.63 -17.53 36.08
C ARG A 692 46.27 -17.23 35.43
N MET A 693 46.07 -16.00 34.97
CA MET A 693 44.82 -15.65 34.33
C MET A 693 44.63 -16.39 33.01
N LYS A 694 45.73 -16.78 32.37
CA LYS A 694 45.63 -17.59 31.15
C LYS A 694 45.04 -18.95 31.45
N GLN A 695 45.57 -19.64 32.47
CA GLN A 695 45.10 -20.99 32.79
C GLN A 695 43.69 -20.96 33.38
N LYS A 696 43.35 -19.90 34.10
CA LYS A 696 42.01 -19.79 34.67
C LYS A 696 40.95 -19.69 33.58
N VAL A 697 41.20 -18.88 32.54
CA VAL A 697 40.21 -18.72 31.49
C VAL A 697 40.29 -19.86 30.48
N ASN A 698 41.47 -20.46 30.32
CA ASN A 698 41.63 -21.52 29.32
C ASN A 698 40.74 -22.71 29.65
N ASP A 699 40.71 -23.10 30.92
CA ASP A 699 39.83 -24.18 31.34
C ASP A 699 38.38 -23.73 31.42
N GLU A 700 38.15 -22.42 31.63
CA GLU A 700 36.79 -21.95 31.88
C GLU A 700 36.06 -21.59 30.58
N LEU A 701 36.76 -21.08 29.57
CA LEU A 701 36.10 -20.85 28.29
C LEU A 701 35.84 -22.15 27.54
N LYS A 702 36.69 -23.17 27.72
CA LYS A 702 36.48 -24.42 27.01
C LYS A 702 35.30 -25.21 27.55
N LYS A 703 34.88 -24.95 28.79
CA LYS A 703 33.69 -25.59 29.34
C LYS A 703 32.44 -24.74 29.18
N HIS A 704 32.60 -23.44 28.94
CA HIS A 704 31.48 -22.55 28.68
C HIS A 704 31.22 -22.40 27.18
N PHE A 705 32.27 -22.20 26.40
CA PHE A 705 32.21 -22.20 24.95
C PHE A 705 32.78 -23.52 24.43
N ARG A 706 32.91 -23.62 23.12
CA ARG A 706 33.68 -24.71 22.55
C ARG A 706 35.16 -24.31 22.44
N PRO A 707 36.10 -25.26 22.52
CA PRO A 707 37.51 -24.87 22.38
C PRO A 707 37.92 -24.53 20.97
N GLU A 708 37.04 -24.74 19.98
CA GLU A 708 37.31 -24.23 18.63
C GLU A 708 37.36 -22.71 18.63
N PHE A 709 36.61 -22.07 19.54
CA PHE A 709 36.76 -20.64 19.78
C PHE A 709 38.20 -20.27 20.11
N LEU A 710 38.79 -20.97 21.09
CA LEU A 710 40.13 -20.63 21.53
C LEU A 710 41.17 -21.00 20.49
N ASN A 711 40.87 -22.01 19.67
CA ASN A 711 41.78 -22.36 18.58
C ASN A 711 41.77 -21.29 17.50
N ARG A 712 40.58 -20.87 17.05
CA ARG A 712 40.49 -19.98 15.90
C ARG A 712 40.86 -18.54 16.23
N ILE A 713 40.80 -18.16 17.51
CA ILE A 713 41.07 -16.77 17.88
C ILE A 713 42.57 -16.50 17.79
N ASP A 714 42.94 -15.22 17.71
CA ASP A 714 44.33 -14.84 17.53
C ASP A 714 45.04 -14.61 18.87
N ASP A 715 44.53 -13.68 19.68
CA ASP A 715 45.22 -13.30 20.90
C ASP A 715 44.22 -13.10 22.03
N ILE A 716 44.66 -13.45 23.24
CA ILE A 716 43.93 -13.20 24.48
C ILE A 716 44.73 -12.16 25.25
N ILE A 717 44.15 -10.99 25.49
CA ILE A 717 44.81 -9.90 26.19
C ILE A 717 44.06 -9.65 27.49
N VAL A 718 44.77 -9.73 28.61
CA VAL A 718 44.19 -9.62 29.94
C VAL A 718 44.61 -8.30 30.55
N PHE A 719 43.64 -7.54 31.04
CA PHE A 719 43.86 -6.25 31.67
C PHE A 719 43.82 -6.41 33.19
N HIS A 720 44.85 -5.88 33.86
CA HIS A 720 44.88 -5.86 35.31
C HIS A 720 44.18 -4.60 35.83
N GLN A 721 44.00 -4.54 37.15
CA GLN A 721 43.30 -3.42 37.76
C GLN A 721 44.12 -2.15 37.67
N LEU A 722 43.45 -1.01 37.67
CA LEU A 722 44.13 0.28 37.58
C LEU A 722 44.75 0.65 38.91
N THR A 723 46.07 0.85 38.91
CA THR A 723 46.78 1.21 40.12
C THR A 723 46.47 2.67 40.45
N ARG A 724 46.67 3.05 41.72
CA ARG A 724 46.19 4.33 42.24
C ARG A 724 46.79 5.52 41.48
N GLU A 725 48.07 5.44 41.12
CA GLU A 725 48.67 6.55 40.37
C GLU A 725 48.11 6.62 38.95
N GLU A 726 47.78 5.47 38.36
CA GLU A 726 47.08 5.50 37.07
C GLU A 726 45.69 6.10 37.20
N ILE A 727 45.00 5.84 38.31
CA ILE A 727 43.72 6.50 38.60
C ILE A 727 43.94 8.01 38.72
N ILE A 728 45.06 8.42 39.32
CA ILE A 728 45.40 9.84 39.44
C ILE A 728 45.59 10.46 38.06
N ARG A 729 46.30 9.78 37.17
CA ARG A 729 46.47 10.31 35.81
C ARG A 729 45.15 10.32 35.05
N MET A 730 44.25 9.37 35.33
CA MET A 730 42.92 9.42 34.73
C MET A 730 42.12 10.62 35.23
N VAL A 731 42.26 10.95 36.51
CA VAL A 731 41.65 12.16 37.04
C VAL A 731 42.23 13.39 36.34
N ASP A 732 43.54 13.39 36.11
CA ASP A 732 44.17 14.47 35.35
C ASP A 732 43.61 14.57 33.94
N LEU A 733 43.42 13.42 33.27
CA LEU A 733 42.90 13.42 31.91
C LEU A 733 41.47 13.95 31.84
N MET A 734 40.63 13.56 32.82
CA MET A 734 39.24 14.02 32.78
C MET A 734 39.14 15.50 33.15
N ILE A 735 39.96 15.96 34.11
CA ILE A 735 39.99 17.38 34.42
C ILE A 735 40.56 18.18 33.25
N SER A 736 41.41 17.56 32.42
CA SER A 736 41.92 18.25 31.24
C SER A 736 40.79 18.60 30.26
N ARG A 737 39.89 17.66 29.98
CA ARG A 737 38.80 17.97 29.06
C ARG A 737 37.72 18.82 29.74
N VAL A 738 37.55 18.68 31.06
CA VAL A 738 36.65 19.58 31.79
C VAL A 738 37.13 21.01 31.68
N ALA A 739 38.43 21.23 31.87
CA ALA A 739 39.00 22.56 31.68
C ALA A 739 38.93 23.00 30.23
N GLY A 740 39.11 22.07 29.29
CA GLY A 740 38.98 22.42 27.88
C GLY A 740 37.59 22.92 27.53
N GLN A 741 36.56 22.35 28.15
CA GLN A 741 35.21 22.83 27.87
C GLN A 741 34.80 24.03 28.73
N LEU A 742 35.50 24.32 29.83
CA LEU A 742 35.12 25.49 30.62
C LEU A 742 36.09 26.66 30.52
N LYS A 743 37.13 26.58 29.68
CA LYS A 743 38.05 27.71 29.52
C LYS A 743 37.41 28.90 28.81
N SER A 744 36.21 28.75 28.25
CA SER A 744 35.55 29.88 27.59
C SER A 744 35.23 31.00 28.57
N LYS A 745 34.99 30.68 29.83
CA LYS A 745 34.67 31.68 30.85
C LYS A 745 35.88 32.05 31.71
N ASP A 746 37.10 31.76 31.23
CA ASP A 746 38.35 32.11 31.91
C ASP A 746 38.40 31.57 33.35
N MET A 747 37.94 30.34 33.52
CA MET A 747 37.95 29.68 34.81
C MET A 747 39.14 28.73 34.88
N ALA A 748 39.98 28.91 35.89
CA ALA A 748 41.21 28.12 36.05
C ALA A 748 41.05 27.22 37.27
N LEU A 749 41.26 25.92 37.07
CA LEU A 749 41.09 24.91 38.11
C LEU A 749 42.45 24.39 38.55
N VAL A 750 42.69 24.38 39.86
CA VAL A 750 43.86 23.76 40.45
C VAL A 750 43.38 22.66 41.40
N LEU A 751 43.94 21.47 41.25
CA LEU A 751 43.48 20.27 41.94
C LEU A 751 44.60 19.79 42.85
N THR A 752 44.47 20.05 44.15
CA THR A 752 45.48 19.66 45.11
C THR A 752 45.47 18.15 45.34
N ASP A 753 46.56 17.66 45.93
CA ASP A 753 46.77 16.22 46.06
C ASP A 753 45.69 15.57 46.93
N ALA A 754 45.28 16.26 48.00
CA ALA A 754 44.18 15.75 48.81
C ALA A 754 42.88 15.74 48.03
N ALA A 755 42.63 16.78 47.23
CA ALA A 755 41.44 16.79 46.38
C ALA A 755 41.50 15.66 45.35
N LYS A 756 42.70 15.38 44.84
CA LYS A 756 42.86 14.26 43.91
C LYS A 756 42.57 12.92 44.60
N ALA A 757 43.00 12.79 45.85
CA ALA A 757 42.72 11.56 46.59
C ALA A 757 41.23 11.39 46.84
N LEU A 758 40.53 12.47 47.19
CA LEU A 758 39.07 12.39 47.32
C LEU A 758 38.39 12.06 46.00
N LEU A 759 38.86 12.66 44.90
CA LEU A 759 38.28 12.33 43.60
C LEU A 759 38.49 10.85 43.25
N ALA A 760 39.68 10.33 43.57
CA ALA A 760 39.96 8.93 43.32
C ALA A 760 39.09 8.01 44.17
N LYS A 761 38.92 8.34 45.45
CA LYS A 761 38.19 7.43 46.34
C LYS A 761 36.68 7.49 46.07
N ARG A 762 36.15 8.68 45.76
CA ARG A 762 34.73 8.76 45.41
C ARG A 762 34.47 8.34 43.97
N GLY A 763 35.53 8.18 43.18
CA GLY A 763 35.36 7.76 41.80
C GLY A 763 35.57 6.28 41.57
N PHE A 764 36.55 5.70 42.25
CA PHE A 764 36.92 4.30 42.03
C PHE A 764 36.07 3.41 42.93
N ASP A 765 35.25 2.59 42.31
CA ASP A 765 34.52 1.54 43.01
C ASP A 765 35.16 0.21 42.67
N PRO A 766 35.90 -0.42 43.60
CA PRO A 766 36.59 -1.68 43.27
C PRO A 766 35.66 -2.80 42.86
N VAL A 767 34.43 -2.82 43.41
CA VAL A 767 33.47 -3.85 43.04
C VAL A 767 32.97 -3.64 41.63
N LEU A 768 32.91 -2.38 41.17
CA LEU A 768 32.32 -2.05 39.88
C LEU A 768 33.35 -1.53 38.87
N GLY A 769 34.55 -1.19 39.31
CA GLY A 769 35.58 -0.72 38.40
C GLY A 769 35.59 0.79 38.23
N ALA A 770 36.19 1.23 37.13
CA ALA A 770 36.35 2.65 36.85
C ALA A 770 35.34 3.18 35.85
N ARG A 771 34.24 2.47 35.62
CA ARG A 771 33.11 3.07 34.92
C ARG A 771 32.48 4.27 35.62
N PRO A 772 32.21 4.27 36.96
CA PRO A 772 31.42 5.37 37.55
C PRO A 772 32.11 6.72 37.69
N LEU A 773 33.30 6.90 37.10
CA LEU A 773 33.96 8.21 37.19
C LEU A 773 33.13 9.30 36.52
N ARG A 774 32.60 9.01 35.32
CA ARG A 774 31.91 10.04 34.55
C ARG A 774 30.69 10.57 35.27
N ARG A 775 30.03 9.73 36.07
CA ARG A 775 28.96 10.23 36.93
C ARG A 775 29.50 11.12 38.05
N THR A 776 30.53 10.66 38.76
CA THR A 776 30.88 11.34 40.00
C THR A 776 31.61 12.66 39.76
N ILE A 777 32.44 12.73 38.71
CA ILE A 777 33.19 13.95 38.42
C ILE A 777 32.24 15.07 38.00
N GLN A 778 31.04 14.74 37.53
CA GLN A 778 30.04 15.74 37.25
C GLN A 778 29.23 16.10 38.49
N ARG A 779 29.09 15.18 39.44
CA ARG A 779 28.37 15.47 40.68
C ARG A 779 29.23 16.24 41.68
N GLU A 780 30.41 15.72 41.99
CA GLU A 780 31.21 16.25 43.09
C GLU A 780 32.10 17.42 42.68
N ILE A 781 32.21 17.72 41.39
CA ILE A 781 33.05 18.84 40.95
C ILE A 781 32.22 19.80 40.09
N GLU A 782 31.60 19.27 39.03
CA GLU A 782 30.93 20.14 38.07
C GLU A 782 29.67 20.77 38.66
N ASP A 783 28.90 20.02 39.45
CA ASP A 783 27.68 20.58 40.03
C ASP A 783 28.00 21.62 41.11
N GLN A 784 29.01 21.34 41.94
CA GLN A 784 29.40 22.30 42.97
C GLN A 784 29.95 23.57 42.34
N LEU A 785 30.80 23.43 41.31
CA LEU A 785 31.29 24.58 40.57
C LEU A 785 30.16 25.35 39.91
N SER A 786 29.16 24.64 39.39
CA SER A 786 28.01 25.28 38.75
C SER A 786 27.22 26.11 39.75
N GLU A 787 26.91 25.53 40.92
CA GLU A 787 26.13 26.28 41.90
C GLU A 787 26.95 27.39 42.55
N LYS A 788 28.28 27.27 42.54
CA LYS A 788 29.10 28.37 43.05
C LYS A 788 29.18 29.52 42.06
N ILE A 789 29.21 29.24 40.76
CA ILE A 789 29.15 30.32 39.78
C ILE A 789 27.76 30.97 39.77
N LEU A 790 26.70 30.15 39.87
CA LEU A 790 25.35 30.70 39.83
C LEU A 790 25.08 31.62 41.01
N PHE A 791 25.53 31.23 42.21
CA PHE A 791 25.29 32.03 43.40
C PHE A 791 26.37 33.08 43.63
N GLU A 792 27.26 33.29 42.65
CA GLU A 792 28.23 34.38 42.62
C GLU A 792 29.24 34.34 43.75
N GLU A 793 29.60 33.16 44.25
CA GLU A 793 30.75 33.08 45.16
C GLU A 793 32.07 33.27 44.41
N VAL A 794 32.14 32.77 43.18
CA VAL A 794 33.32 32.96 42.33
C VAL A 794 32.85 33.35 40.94
N GLY A 795 33.69 34.10 40.24
CA GLY A 795 33.37 34.58 38.91
C GLY A 795 34.46 34.27 37.91
N PRO A 796 34.38 34.89 36.73
CA PRO A 796 35.39 34.64 35.70
C PRO A 796 36.72 35.31 36.03
N GLY A 797 37.79 34.65 35.64
CA GLY A 797 39.12 35.23 35.78
C GLY A 797 39.79 35.05 37.12
N GLN A 798 39.22 34.25 38.01
CA GLN A 798 39.85 33.93 39.28
C GLN A 798 40.16 32.44 39.34
N VAL A 799 41.35 32.12 39.83
CA VAL A 799 41.80 30.73 39.94
C VAL A 799 41.13 30.11 41.17
N VAL A 800 40.67 28.87 41.05
CA VAL A 800 40.13 28.14 42.18
C VAL A 800 41.03 26.93 42.43
N THR A 801 41.75 26.97 43.55
CA THR A 801 42.57 25.85 44.00
C THR A 801 41.74 25.07 45.01
N VAL A 802 41.04 24.04 44.53
CA VAL A 802 40.07 23.34 45.35
C VAL A 802 40.80 22.46 46.36
N ASP A 803 40.30 22.46 47.59
CA ASP A 803 40.91 21.76 48.70
C ASP A 803 39.79 21.03 49.46
N VAL A 804 40.18 20.17 50.40
CA VAL A 804 39.24 19.32 51.12
C VAL A 804 39.72 19.15 52.55
N ASP A 805 38.77 19.09 53.48
CA ASP A 805 39.03 18.83 54.88
C ASP A 805 38.53 17.45 55.27
N ASN A 806 38.64 17.13 56.56
CA ASN A 806 38.12 15.94 57.24
C ASN A 806 38.84 14.64 56.86
N TRP A 807 39.75 14.65 55.89
CA TRP A 807 40.56 13.47 55.61
C TRP A 807 41.80 13.92 54.88
N ASP A 808 42.97 13.69 55.48
CA ASP A 808 44.25 14.09 54.88
C ASP A 808 45.15 12.89 54.60
N GLY A 809 44.66 11.66 54.74
CA GLY A 809 45.46 10.48 54.50
C GLY A 809 45.03 9.28 55.33
N ASP A 815 31.55 12.57 54.10
CA ASP A 815 31.51 13.66 55.06
C ASP A 815 32.52 14.75 54.72
N ALA A 816 33.44 14.42 53.82
CA ALA A 816 34.44 15.39 53.38
C ALA A 816 33.79 16.46 52.51
N VAL A 817 34.09 17.72 52.80
CA VAL A 817 33.50 18.86 52.10
C VAL A 817 34.58 19.46 51.20
N PHE A 818 34.17 19.88 50.01
CA PHE A 818 35.07 20.48 49.03
C PHE A 818 34.98 22.00 49.11
N THR A 819 36.11 22.64 49.38
CA THR A 819 36.18 24.09 49.44
C THR A 819 36.87 24.61 48.18
N PHE A 820 36.19 25.49 47.45
CA PHE A 820 36.68 26.01 46.18
C PHE A 820 37.45 27.31 46.44
N THR A 821 38.59 27.17 47.10
CA THR A 821 39.43 28.31 47.45
C THR A 821 40.09 28.91 46.20
N SER B 168 -7.85 6.82 -47.31
CA SER B 168 -6.62 6.38 -46.65
C SER B 168 -5.78 7.57 -46.21
N LEU B 169 -6.26 8.78 -46.54
CA LEU B 169 -5.51 9.99 -46.24
C LEU B 169 -5.39 10.23 -44.73
N VAL B 170 -6.38 9.78 -43.96
CA VAL B 170 -6.38 10.02 -42.53
C VAL B 170 -5.84 8.83 -41.74
N LEU B 171 -6.09 7.61 -42.21
CA LEU B 171 -5.68 6.44 -41.44
C LEU B 171 -4.18 6.16 -41.59
N ASP B 172 -3.57 6.65 -42.68
CA ASP B 172 -2.13 6.52 -42.83
C ASP B 172 -1.37 7.32 -41.79
N GLN B 173 -1.92 8.48 -41.38
CA GLN B 173 -1.27 9.32 -40.38
C GLN B 173 -1.30 8.72 -38.98
N PHE B 174 -2.11 7.69 -38.75
CA PHE B 174 -2.23 7.10 -37.43
C PHE B 174 -1.95 5.61 -37.38
N GLY B 175 -1.68 4.97 -38.52
CA GLY B 175 -1.46 3.54 -38.54
C GLY B 175 -0.54 3.15 -39.68
N ARG B 176 -0.30 1.86 -39.79
CA ARG B 176 0.58 1.29 -40.80
C ARG B 176 -0.10 0.13 -41.51
N ASN B 177 0.00 0.11 -42.84
CA ASN B 177 -0.63 -0.95 -43.62
C ASN B 177 0.25 -2.19 -43.61
N LEU B 178 -0.35 -3.33 -43.25
CA LEU B 178 0.38 -4.60 -43.33
C LEU B 178 0.14 -5.35 -44.63
N THR B 179 -1.01 -5.13 -45.28
CA THR B 179 -1.20 -5.71 -46.60
C THR B 179 -0.24 -5.09 -47.61
N ALA B 180 -0.08 -3.76 -47.55
CA ALA B 180 0.91 -3.11 -48.41
C ALA B 180 2.32 -3.46 -47.99
N ALA B 181 2.53 -3.77 -46.70
CA ALA B 181 3.84 -4.24 -46.26
C ALA B 181 4.13 -5.63 -46.83
N ALA B 182 3.12 -6.49 -46.91
CA ALA B 182 3.32 -7.81 -47.49
C ALA B 182 3.36 -7.77 -49.01
N MET B 183 2.92 -6.66 -49.61
CA MET B 183 3.09 -6.48 -51.05
C MET B 183 4.56 -6.48 -51.44
N GLU B 184 5.40 -5.75 -50.70
CA GLU B 184 6.83 -5.75 -50.94
C GLU B 184 7.58 -6.73 -50.06
N GLY B 185 6.89 -7.54 -49.27
CA GLY B 185 7.52 -8.59 -48.50
C GLY B 185 8.47 -8.13 -47.41
N LYS B 186 8.11 -7.09 -46.68
CA LYS B 186 8.88 -6.65 -45.53
C LYS B 186 8.55 -7.43 -44.27
N LEU B 187 7.60 -8.34 -44.34
CA LEU B 187 7.19 -9.17 -43.21
C LEU B 187 7.82 -10.54 -43.32
N ASP B 188 8.25 -11.09 -42.18
CA ASP B 188 8.88 -12.39 -42.19
C ASP B 188 7.86 -13.48 -42.52
N PRO B 189 8.26 -14.50 -43.29
CA PRO B 189 7.35 -15.63 -43.55
C PRO B 189 6.95 -16.34 -42.26
N VAL B 190 5.72 -16.84 -42.24
CA VAL B 190 5.14 -17.47 -41.07
C VAL B 190 4.93 -18.95 -41.38
N ILE B 191 5.48 -19.81 -40.53
CA ILE B 191 5.53 -21.25 -40.76
C ILE B 191 4.73 -21.94 -39.68
N GLY B 192 3.81 -22.81 -40.08
CA GLY B 192 3.12 -23.69 -39.15
C GLY B 192 2.01 -23.07 -38.35
N ARG B 193 1.58 -21.86 -38.67
CA ARG B 193 0.49 -21.18 -37.97
C ARG B 193 -0.80 -21.19 -38.79
N GLU B 194 -1.07 -22.29 -39.48
CA GLU B 194 -2.29 -22.38 -40.27
C GLU B 194 -3.52 -22.45 -39.37
N LYS B 195 -3.41 -23.11 -38.22
CA LYS B 195 -4.56 -23.25 -37.33
C LYS B 195 -4.93 -21.91 -36.70
N GLU B 196 -3.94 -21.15 -36.24
CA GLU B 196 -4.23 -19.86 -35.61
C GLU B 196 -4.77 -18.86 -36.62
N ILE B 197 -4.20 -18.85 -37.83
CA ILE B 197 -4.70 -17.96 -38.88
C ILE B 197 -6.11 -18.37 -39.30
N GLU B 198 -6.37 -19.67 -39.35
CA GLU B 198 -7.71 -20.15 -39.65
C GLU B 198 -8.72 -19.72 -38.58
N ARG B 199 -8.32 -19.79 -37.32
CA ARG B 199 -9.20 -19.34 -36.24
C ARG B 199 -9.43 -17.84 -36.29
N VAL B 200 -8.41 -17.07 -36.66
CA VAL B 200 -8.57 -15.62 -36.80
C VAL B 200 -9.53 -15.30 -37.94
N MET B 201 -9.39 -15.99 -39.08
CA MET B 201 -10.32 -15.78 -40.18
C MET B 201 -11.71 -16.29 -39.84
N GLN B 202 -11.78 -17.26 -38.93
CA GLN B 202 -13.06 -17.75 -38.43
C GLN B 202 -13.79 -16.68 -37.62
N VAL B 203 -13.08 -16.05 -36.69
CA VAL B 203 -13.69 -15.04 -35.84
C VAL B 203 -14.02 -13.78 -36.63
N LEU B 204 -13.13 -13.38 -37.54
CA LEU B 204 -13.38 -12.18 -38.35
C LEU B 204 -14.51 -12.36 -39.36
N SER B 205 -15.00 -13.57 -39.57
CA SER B 205 -16.07 -13.82 -40.52
C SER B 205 -17.45 -13.82 -39.88
N ARG B 206 -17.55 -13.55 -38.59
CA ARG B 206 -18.82 -13.62 -37.89
C ARG B 206 -19.67 -12.37 -38.17
N ARG B 207 -20.91 -12.39 -37.66
CA ARG B 207 -21.82 -11.27 -37.86
C ARG B 207 -21.72 -10.27 -36.73
N THR B 208 -21.82 -10.74 -35.48
CA THR B 208 -21.69 -9.90 -34.31
C THR B 208 -20.50 -10.38 -33.49
N LYS B 209 -19.77 -9.42 -32.92
CA LYS B 209 -18.56 -9.69 -32.13
C LYS B 209 -17.53 -10.48 -32.96
N ASN B 210 -17.16 -9.88 -34.09
CA ASN B 210 -16.16 -10.47 -34.99
C ASN B 210 -14.76 -9.96 -34.70
N ASN B 211 -14.44 -9.69 -33.43
CA ASN B 211 -13.15 -9.14 -33.03
C ASN B 211 -12.34 -10.20 -32.29
N PRO B 212 -11.33 -10.79 -32.90
CA PRO B 212 -10.46 -11.73 -32.18
C PRO B 212 -9.30 -11.04 -31.49
N VAL B 213 -8.91 -11.58 -30.35
CA VAL B 213 -7.74 -11.12 -29.62
C VAL B 213 -6.78 -12.30 -29.47
N LEU B 214 -5.56 -12.14 -30.00
CA LEU B 214 -4.54 -13.17 -29.91
C LEU B 214 -3.93 -13.11 -28.52
N ILE B 215 -4.27 -14.08 -27.69
CA ILE B 215 -3.82 -14.13 -26.30
C ILE B 215 -2.65 -15.09 -26.23
N GLY B 216 -1.52 -14.63 -25.71
CA GLY B 216 -0.37 -15.53 -25.68
C GLY B 216 0.68 -15.07 -24.70
N GLU B 217 1.72 -15.90 -24.59
CA GLU B 217 2.90 -15.54 -23.82
C GLU B 217 3.76 -14.58 -24.64
N PRO B 218 4.59 -13.77 -23.99
CA PRO B 218 5.40 -12.80 -24.75
C PRO B 218 6.48 -13.52 -25.56
N GLY B 219 6.47 -13.28 -26.87
CA GLY B 219 7.46 -13.84 -27.75
C GLY B 219 7.05 -15.08 -28.51
N VAL B 220 5.77 -15.49 -28.45
CA VAL B 220 5.33 -16.70 -29.13
C VAL B 220 4.79 -16.44 -30.52
N GLY B 221 4.73 -15.19 -30.96
CA GLY B 221 4.33 -14.88 -32.31
C GLY B 221 2.95 -14.29 -32.49
N LYS B 222 2.52 -13.39 -31.61
CA LYS B 222 1.21 -12.75 -31.77
C LYS B 222 1.18 -11.87 -33.01
N THR B 223 2.17 -10.99 -33.15
CA THR B 223 2.26 -10.15 -34.33
C THR B 223 2.62 -10.98 -35.55
N ALA B 224 3.32 -12.10 -35.34
CA ALA B 224 3.65 -13.00 -36.43
C ALA B 224 2.40 -13.60 -37.06
N VAL B 225 1.41 -13.95 -36.23
CA VAL B 225 0.15 -14.49 -36.75
C VAL B 225 -0.55 -13.48 -37.64
N VAL B 226 -0.57 -12.22 -37.21
CA VAL B 226 -1.23 -11.17 -37.99
C VAL B 226 -0.47 -10.88 -39.28
N GLU B 227 0.87 -10.91 -39.23
CA GLU B 227 1.64 -10.76 -40.46
C GLU B 227 1.39 -11.91 -41.42
N GLY B 228 1.24 -13.13 -40.89
CA GLY B 228 0.87 -14.25 -41.73
C GLY B 228 -0.52 -14.10 -42.32
N LEU B 229 -1.44 -13.52 -41.55
CA LEU B 229 -2.77 -13.23 -42.08
C LEU B 229 -2.71 -12.21 -43.21
N ALA B 230 -1.87 -11.18 -43.06
CA ALA B 230 -1.71 -10.20 -44.13
C ALA B 230 -1.08 -10.83 -45.37
N GLN B 231 -0.12 -11.72 -45.18
CA GLN B 231 0.46 -12.45 -46.31
C GLN B 231 -0.57 -13.34 -46.99
N ALA B 232 -1.42 -13.98 -46.20
CA ALA B 232 -2.50 -14.79 -46.76
C ALA B 232 -3.48 -13.93 -47.55
N ILE B 233 -3.80 -12.74 -47.02
CA ILE B 233 -4.74 -11.85 -47.69
C ILE B 233 -4.18 -11.39 -49.03
N VAL B 234 -2.90 -10.99 -49.03
CA VAL B 234 -2.30 -10.51 -50.28
C VAL B 234 -2.06 -11.66 -51.25
N HIS B 235 -1.87 -12.89 -50.75
CA HIS B 235 -1.78 -14.06 -51.61
C HIS B 235 -3.15 -14.59 -52.03
N GLY B 236 -4.21 -14.15 -51.38
CA GLY B 236 -5.55 -14.47 -51.82
C GLY B 236 -6.03 -15.87 -51.50
N GLU B 237 -5.47 -16.53 -50.48
CA GLU B 237 -5.98 -17.82 -50.06
C GLU B 237 -7.05 -17.70 -48.99
N VAL B 238 -7.35 -16.47 -48.55
CA VAL B 238 -8.37 -16.21 -47.54
C VAL B 238 -9.74 -16.40 -48.16
N PRO B 239 -10.81 -16.59 -47.37
CA PRO B 239 -12.15 -16.73 -47.97
C PRO B 239 -12.67 -15.45 -48.60
N GLU B 240 -13.90 -15.51 -49.12
CA GLU B 240 -14.46 -14.36 -49.83
C GLU B 240 -14.80 -13.22 -48.87
N THR B 241 -14.97 -13.53 -47.59
CA THR B 241 -15.30 -12.48 -46.62
C THR B 241 -14.10 -11.61 -46.29
N LEU B 242 -12.88 -12.13 -46.46
CA LEU B 242 -11.66 -11.39 -46.18
C LEU B 242 -10.82 -11.15 -47.42
N LYS B 243 -11.37 -11.37 -48.60
CA LYS B 243 -10.64 -11.11 -49.84
C LYS B 243 -10.57 -9.63 -50.13
N ASP B 244 -9.38 -9.14 -50.42
CA ASP B 244 -9.09 -7.74 -50.74
C ASP B 244 -9.56 -6.81 -49.61
N LYS B 245 -9.00 -7.06 -48.44
CA LYS B 245 -9.20 -6.21 -47.28
C LYS B 245 -7.85 -5.82 -46.70
N GLN B 246 -7.65 -4.52 -46.51
CA GLN B 246 -6.37 -3.98 -46.06
C GLN B 246 -6.30 -4.09 -44.54
N LEU B 247 -5.22 -4.68 -44.05
CA LEU B 247 -5.03 -4.88 -42.62
C LEU B 247 -4.14 -3.76 -42.09
N TYR B 248 -4.75 -2.82 -41.36
CA TYR B 248 -4.05 -1.65 -40.84
C TYR B 248 -3.82 -1.83 -39.36
N THR B 249 -2.57 -1.69 -38.92
CA THR B 249 -2.28 -1.61 -37.50
C THR B 249 -2.46 -0.17 -37.04
N LEU B 250 -3.08 0.00 -35.88
CA LEU B 250 -3.41 1.30 -35.34
C LEU B 250 -2.38 1.67 -34.28
N ASP B 251 -1.70 2.78 -34.50
CA ASP B 251 -0.68 3.28 -33.58
C ASP B 251 -1.41 4.20 -32.60
N LEU B 252 -1.79 3.65 -31.45
CA LEU B 252 -2.54 4.41 -30.46
C LEU B 252 -1.74 5.55 -29.87
N GLY B 253 -0.41 5.46 -29.90
CA GLY B 253 0.41 6.60 -29.48
C GLY B 253 0.26 7.78 -30.41
N SER B 254 0.16 7.51 -31.71
CA SER B 254 0.02 8.59 -32.68
C SER B 254 -1.38 9.19 -32.69
N LEU B 255 -2.38 8.42 -32.24
CA LEU B 255 -3.73 8.98 -32.10
C LEU B 255 -3.77 10.05 -31.03
N VAL B 256 -3.12 9.81 -29.90
CA VAL B 256 -3.12 10.71 -28.76
C VAL B 256 -1.92 11.64 -28.79
N ALA B 257 -1.15 11.63 -29.89
CA ALA B 257 0.09 12.37 -29.91
C ALA B 257 -0.13 13.88 -30.00
N GLY B 258 -0.68 14.37 -31.11
CA GLY B 258 -0.93 15.79 -31.13
C GLY B 258 -2.35 16.15 -30.74
N SER B 259 -2.59 16.39 -29.46
CA SER B 259 -3.89 16.87 -29.02
C SER B 259 -3.80 18.19 -28.28
N ARG B 260 -3.03 18.25 -27.19
CA ARG B 260 -2.83 19.44 -26.36
C ARG B 260 -4.13 19.97 -25.76
N TYR B 261 -5.23 19.27 -25.99
CA TYR B 261 -6.57 19.77 -25.71
C TYR B 261 -7.42 18.56 -25.32
N ARG B 262 -8.74 18.71 -25.37
CA ARG B 262 -9.65 17.67 -24.92
C ARG B 262 -10.45 17.03 -26.04
N GLY B 263 -10.91 17.80 -27.02
CA GLY B 263 -11.72 17.26 -28.08
C GLY B 263 -10.96 16.75 -29.28
N ASP B 264 -9.62 16.84 -29.29
CA ASP B 264 -8.86 16.47 -30.47
C ASP B 264 -8.76 14.96 -30.63
N PHE B 265 -8.54 14.24 -29.52
CA PHE B 265 -8.38 12.78 -29.62
C PHE B 265 -9.68 12.11 -30.04
N GLU B 266 -10.81 12.54 -29.45
CA GLU B 266 -12.09 12.00 -29.85
C GLU B 266 -12.41 12.33 -31.29
N GLU B 267 -12.02 13.53 -31.74
CA GLU B 267 -12.21 13.90 -33.14
C GLU B 267 -11.40 12.99 -34.06
N ARG B 268 -10.14 12.72 -33.71
CA ARG B 268 -9.32 11.84 -34.53
C ARG B 268 -9.88 10.42 -34.56
N LEU B 269 -10.32 9.90 -33.42
CA LEU B 269 -10.88 8.55 -33.38
C LEU B 269 -12.17 8.46 -34.18
N LYS B 270 -13.04 9.47 -34.06
CA LYS B 270 -14.28 9.48 -34.83
C LYS B 270 -14.00 9.59 -36.32
N LYS B 271 -13.00 10.38 -36.71
CA LYS B 271 -12.64 10.51 -38.12
C LYS B 271 -12.08 9.20 -38.66
N VAL B 272 -11.27 8.49 -37.86
CA VAL B 272 -10.74 7.20 -38.27
C VAL B 272 -11.87 6.19 -38.46
N LEU B 273 -12.80 6.15 -37.50
CA LEU B 273 -13.93 5.24 -37.62
C LEU B 273 -14.83 5.59 -38.81
N LYS B 274 -15.00 6.89 -39.08
CA LYS B 274 -15.77 7.31 -40.24
C LYS B 274 -15.11 6.86 -41.53
N GLU B 275 -13.77 6.99 -41.61
CA GLU B 275 -13.06 6.52 -42.80
C GLU B 275 -13.18 5.01 -42.96
N ILE B 276 -13.11 4.27 -41.86
CA ILE B 276 -13.23 2.81 -41.92
C ILE B 276 -14.62 2.41 -42.41
N ASN B 277 -15.67 3.05 -41.87
CA ASN B 277 -17.03 2.71 -42.28
C ASN B 277 -17.31 3.15 -43.72
N THR B 278 -16.74 4.27 -44.16
CA THR B 278 -16.98 4.69 -45.54
C THR B 278 -16.12 3.95 -46.54
N ARG B 279 -15.09 3.24 -46.08
CA ARG B 279 -14.33 2.36 -46.95
C ARG B 279 -14.79 0.90 -46.86
N GLY B 280 -14.82 0.35 -45.64
CA GLY B 280 -15.37 -0.98 -45.44
C GLY B 280 -14.46 -2.13 -45.78
N ASP B 281 -13.23 -1.87 -46.21
CA ASP B 281 -12.28 -2.92 -46.53
C ASP B 281 -11.03 -2.79 -45.69
N ILE B 282 -11.19 -2.39 -44.43
CA ILE B 282 -10.07 -2.16 -43.52
C ILE B 282 -10.31 -2.96 -42.24
N ILE B 283 -9.30 -3.71 -41.82
CA ILE B 283 -9.33 -4.44 -40.57
C ILE B 283 -8.29 -3.83 -39.65
N LEU B 284 -8.74 -3.37 -38.48
CA LEU B 284 -7.82 -2.78 -37.52
C LEU B 284 -7.02 -3.86 -36.80
N PHE B 285 -5.83 -3.50 -36.34
CA PHE B 285 -4.97 -4.39 -35.58
C PHE B 285 -4.31 -3.58 -34.48
N ILE B 286 -4.46 -4.03 -33.23
CA ILE B 286 -3.99 -3.28 -32.07
C ILE B 286 -3.00 -4.15 -31.30
N ASP B 287 -1.72 -3.79 -31.38
CA ASP B 287 -0.74 -4.32 -30.44
C ASP B 287 -1.01 -3.77 -29.05
N GLU B 288 -0.86 -4.63 -28.05
CA GLU B 288 -1.17 -4.30 -26.66
C GLU B 288 -2.60 -3.75 -26.55
N LEU B 289 -3.56 -4.66 -26.79
CA LEU B 289 -4.98 -4.31 -26.77
C LEU B 289 -5.40 -3.67 -25.45
N HIS B 290 -4.75 -4.06 -24.35
CA HIS B 290 -5.06 -3.53 -23.02
C HIS B 290 -4.84 -2.02 -22.94
N THR B 291 -4.12 -1.44 -23.89
CA THR B 291 -3.94 0.00 -23.90
C THR B 291 -5.20 0.77 -24.32
N LEU B 292 -6.27 0.10 -24.78
CA LEU B 292 -7.49 0.85 -25.08
C LEU B 292 -8.11 1.46 -23.84
N VAL B 293 -8.12 0.73 -22.73
CA VAL B 293 -8.65 1.32 -21.50
C VAL B 293 -7.67 2.37 -21.01
N GLY B 294 -8.18 3.59 -20.80
CA GLY B 294 -7.32 4.72 -20.52
C GLY B 294 -6.44 5.12 -21.68
N ALA B 295 -6.95 5.02 -22.92
CA ALA B 295 -6.19 5.47 -24.10
C ALA B 295 -6.41 6.96 -24.31
N GLY B 296 -5.96 7.72 -23.32
CA GLY B 296 -6.20 9.15 -23.28
C GLY B 296 -7.34 9.43 -22.32
N ALA B 297 -7.00 9.79 -21.10
CA ALA B 297 -7.98 9.97 -20.03
C ALA B 297 -7.60 11.20 -19.23
N ALA B 298 -8.17 12.34 -19.60
CA ALA B 298 -7.99 13.58 -18.87
C ALA B 298 -9.14 13.74 -17.88
N GLU B 299 -9.24 14.93 -17.28
CA GLU B 299 -10.37 15.20 -16.41
C GLU B 299 -11.67 15.27 -17.21
N GLY B 300 -11.61 15.75 -18.44
CA GLY B 300 -12.78 15.88 -19.28
C GLY B 300 -12.74 15.08 -20.57
N ALA B 301 -12.23 13.85 -20.50
CA ALA B 301 -12.07 13.05 -21.71
C ALA B 301 -12.69 11.67 -21.52
N ILE B 302 -13.14 11.10 -22.62
CA ILE B 302 -13.67 9.73 -22.65
C ILE B 302 -12.70 8.88 -23.46
N ASP B 303 -12.25 7.78 -22.88
CA ASP B 303 -11.18 6.99 -23.47
C ASP B 303 -11.66 6.27 -24.74
N ALA B 304 -10.71 5.65 -25.44
CA ALA B 304 -11.00 5.00 -26.71
C ALA B 304 -11.90 3.79 -26.55
N ALA B 305 -11.87 3.15 -25.38
CA ALA B 305 -12.69 1.97 -25.18
C ALA B 305 -14.17 2.28 -25.27
N SER B 306 -14.60 3.40 -24.68
CA SER B 306 -16.02 3.74 -24.68
C SER B 306 -16.49 4.18 -26.06
N ILE B 307 -15.58 4.76 -26.86
CA ILE B 307 -15.93 5.08 -28.24
C ILE B 307 -16.06 3.82 -29.07
N LEU B 308 -15.13 2.88 -28.90
CA LEU B 308 -15.12 1.69 -29.74
C LEU B 308 -16.20 0.68 -29.37
N LYS B 309 -16.62 0.64 -28.10
CA LYS B 309 -17.52 -0.41 -27.63
C LYS B 309 -18.88 -0.48 -28.35
N PRO B 310 -19.58 0.64 -28.63
CA PRO B 310 -20.82 0.49 -29.43
C PRO B 310 -20.58 -0.08 -30.81
N LYS B 311 -19.44 0.23 -31.44
CA LYS B 311 -19.12 -0.36 -32.72
C LYS B 311 -18.67 -1.81 -32.59
N LEU B 312 -17.91 -2.12 -31.53
CA LEU B 312 -17.38 -3.47 -31.37
C LEU B 312 -18.48 -4.46 -31.01
N ALA B 313 -19.50 -4.01 -30.27
CA ALA B 313 -20.55 -4.92 -29.82
C ALA B 313 -21.40 -5.41 -30.99
N ARG B 314 -21.86 -4.50 -31.84
CA ARG B 314 -22.73 -4.87 -32.95
C ARG B 314 -21.95 -5.61 -34.04
N GLY B 315 -20.67 -5.28 -34.20
CA GLY B 315 -19.85 -5.89 -35.22
C GLY B 315 -19.56 -5.03 -36.43
N GLU B 316 -19.85 -3.73 -36.38
CA GLU B 316 -19.60 -2.84 -37.49
C GLU B 316 -18.12 -2.50 -37.65
N LEU B 317 -17.28 -2.86 -36.68
CA LEU B 317 -15.85 -2.60 -36.74
C LEU B 317 -15.12 -3.92 -36.46
N GLN B 318 -14.19 -4.29 -37.34
CA GLN B 318 -13.42 -5.52 -37.20
C GLN B 318 -12.03 -5.18 -36.70
N THR B 319 -11.71 -5.59 -35.47
CA THR B 319 -10.42 -5.33 -34.87
C THR B 319 -9.79 -6.64 -34.41
N ILE B 320 -8.49 -6.77 -34.63
CA ILE B 320 -7.71 -7.89 -34.11
C ILE B 320 -6.77 -7.34 -33.05
N GLY B 321 -6.93 -7.80 -31.82
CA GLY B 321 -6.05 -7.39 -30.73
C GLY B 321 -4.93 -8.38 -30.52
N ALA B 322 -3.87 -7.92 -29.86
CA ALA B 322 -2.79 -8.80 -29.44
C ALA B 322 -2.49 -8.53 -27.98
N THR B 323 -2.52 -9.57 -27.14
CA THR B 323 -2.40 -9.36 -25.70
C THR B 323 -1.62 -10.49 -25.05
N THR B 324 -0.73 -10.11 -24.14
CA THR B 324 -0.09 -11.04 -23.23
C THR B 324 -1.12 -11.59 -22.25
N LEU B 325 -0.86 -12.80 -21.76
CA LEU B 325 -1.76 -13.40 -20.77
C LEU B 325 -1.82 -12.57 -19.49
N ASP B 326 -0.66 -12.09 -19.02
CA ASP B 326 -0.64 -11.25 -17.82
C ASP B 326 -1.35 -9.93 -18.07
N GLU B 327 -1.13 -9.34 -19.25
CA GLU B 327 -1.80 -8.08 -19.59
C GLU B 327 -3.30 -8.29 -19.80
N TYR B 328 -3.70 -9.46 -20.31
CA TYR B 328 -5.11 -9.79 -20.42
C TYR B 328 -5.75 -9.93 -19.04
N ARG B 329 -5.07 -10.59 -18.12
CA ARG B 329 -5.62 -10.82 -16.79
C ARG B 329 -5.69 -9.51 -16.00
N LYS B 330 -4.65 -8.69 -16.07
CA LYS B 330 -4.58 -7.52 -15.20
C LYS B 330 -5.53 -6.41 -15.65
N TYR B 331 -5.68 -6.19 -16.96
CA TYR B 331 -6.36 -5.02 -17.46
C TYR B 331 -7.68 -5.32 -18.15
N ILE B 332 -7.68 -6.23 -19.13
CA ILE B 332 -8.91 -6.49 -19.88
C ILE B 332 -9.93 -7.23 -19.01
N GLU B 333 -9.46 -8.17 -18.19
CA GLU B 333 -10.37 -8.87 -17.28
C GLU B 333 -10.96 -7.94 -16.23
N LYS B 334 -10.31 -6.82 -15.93
CA LYS B 334 -10.87 -5.84 -15.01
C LYS B 334 -11.97 -5.01 -15.66
N ASP B 335 -12.09 -5.04 -16.98
CA ASP B 335 -13.16 -4.36 -17.72
C ASP B 335 -13.91 -5.43 -18.51
N ALA B 336 -14.90 -6.04 -17.85
CA ALA B 336 -15.64 -7.14 -18.48
C ALA B 336 -16.43 -6.68 -19.69
N ALA B 337 -16.82 -5.41 -19.75
CA ALA B 337 -17.54 -4.89 -20.91
C ALA B 337 -16.66 -4.96 -22.16
N LEU B 338 -15.38 -4.60 -22.03
CA LEU B 338 -14.45 -4.73 -23.15
C LEU B 338 -14.05 -6.18 -23.38
N GLU B 339 -13.99 -6.98 -22.32
CA GLU B 339 -13.59 -8.37 -22.46
C GLU B 339 -14.65 -9.18 -23.19
N ARG B 340 -15.91 -8.75 -23.10
CA ARG B 340 -16.98 -9.43 -23.82
C ARG B 340 -16.83 -9.29 -25.33
N ARG B 341 -16.42 -8.11 -25.81
CA ARG B 341 -16.41 -7.84 -27.24
C ARG B 341 -15.33 -8.61 -27.99
N PHE B 342 -14.40 -9.25 -27.30
CA PHE B 342 -13.23 -9.86 -27.92
C PHE B 342 -13.24 -11.36 -27.69
N GLN B 343 -13.08 -12.12 -28.78
CA GLN B 343 -13.01 -13.57 -28.72
C GLN B 343 -11.56 -13.99 -28.54
N PRO B 344 -11.22 -14.73 -27.48
CA PRO B 344 -9.82 -15.14 -27.29
C PRO B 344 -9.40 -16.18 -28.31
N VAL B 345 -8.20 -16.00 -28.85
CA VAL B 345 -7.54 -16.96 -29.72
C VAL B 345 -6.18 -17.25 -29.10
N GLN B 346 -6.02 -18.45 -28.54
CA GLN B 346 -4.83 -18.75 -27.75
C GLN B 346 -3.70 -19.20 -28.68
N VAL B 347 -2.67 -18.37 -28.77
CA VAL B 347 -1.48 -18.68 -29.54
C VAL B 347 -0.49 -19.29 -28.56
N GLY B 348 -0.36 -20.61 -28.59
CA GLY B 348 0.53 -21.29 -27.67
C GLY B 348 1.96 -21.29 -28.15
N GLU B 349 2.85 -21.62 -27.22
CA GLU B 349 4.28 -21.71 -27.54
C GLU B 349 4.52 -22.88 -28.49
N PRO B 350 5.24 -22.66 -29.59
CA PRO B 350 5.51 -23.76 -30.53
C PRO B 350 6.32 -24.87 -29.88
N THR B 351 6.10 -26.10 -30.35
CA THR B 351 6.89 -27.22 -29.90
C THR B 351 8.28 -27.18 -30.54
N VAL B 352 9.08 -28.22 -30.26
CA VAL B 352 10.45 -28.25 -30.76
C VAL B 352 10.45 -28.41 -32.28
N GLU B 353 9.63 -29.33 -32.79
CA GLU B 353 9.55 -29.53 -34.25
C GLU B 353 8.99 -28.30 -34.94
N HIS B 354 8.00 -27.65 -34.33
CA HIS B 354 7.47 -26.40 -34.88
C HIS B 354 8.55 -25.33 -34.91
N THR B 355 9.38 -25.27 -33.86
CA THR B 355 10.47 -24.30 -33.83
C THR B 355 11.50 -24.60 -34.92
N ILE B 356 11.80 -25.88 -35.17
CA ILE B 356 12.73 -26.24 -36.23
C ILE B 356 12.17 -25.85 -37.59
N GLU B 357 10.85 -26.05 -37.78
CA GLU B 357 10.22 -25.64 -39.04
C GLU B 357 10.29 -24.12 -39.22
N ILE B 358 10.04 -23.38 -38.14
CA ILE B 358 10.13 -21.91 -38.21
C ILE B 358 11.56 -21.49 -38.54
N LEU B 359 12.55 -22.16 -37.95
CA LEU B 359 13.94 -21.84 -38.23
C LEU B 359 14.30 -22.13 -39.68
N LYS B 360 13.80 -23.25 -40.22
CA LYS B 360 14.04 -23.54 -41.63
C LYS B 360 13.37 -22.51 -42.53
N GLY B 361 12.22 -21.99 -42.09
CA GLY B 361 11.58 -20.93 -42.85
C GLY B 361 12.39 -19.64 -42.86
N LEU B 362 12.91 -19.24 -41.71
CA LEU B 362 13.64 -17.98 -41.58
C LEU B 362 15.11 -18.09 -41.95
N ARG B 363 15.58 -19.30 -42.27
CA ARG B 363 16.98 -19.51 -42.60
C ARG B 363 17.42 -18.68 -43.80
N ASP B 364 16.57 -18.59 -44.83
CA ASP B 364 16.92 -17.83 -46.02
C ASP B 364 17.14 -16.36 -45.69
N ARG B 365 16.24 -15.78 -44.91
CA ARG B 365 16.38 -14.38 -44.51
C ARG B 365 17.63 -14.16 -43.68
N TYR B 366 17.94 -15.08 -42.76
CA TYR B 366 19.07 -14.83 -41.88
C TYR B 366 20.41 -15.04 -42.60
N GLU B 367 20.47 -15.98 -43.56
CA GLU B 367 21.66 -16.04 -44.40
C GLU B 367 21.80 -14.79 -45.27
N ALA B 368 20.68 -14.29 -45.80
CA ALA B 368 20.75 -13.08 -46.61
C ALA B 368 21.20 -11.88 -45.79
N HIS B 369 20.89 -11.86 -44.50
CA HIS B 369 21.29 -10.75 -43.65
C HIS B 369 22.75 -10.87 -43.22
N HIS B 370 23.13 -12.01 -42.66
CA HIS B 370 24.45 -12.15 -42.05
C HIS B 370 25.51 -12.70 -43.00
N ARG B 371 25.16 -12.97 -44.25
CA ARG B 371 26.08 -13.50 -45.26
C ARG B 371 26.75 -14.79 -44.78
N VAL B 372 25.96 -15.66 -44.17
CA VAL B 372 26.48 -16.93 -43.66
C VAL B 372 25.71 -18.07 -44.30
N SER B 373 26.04 -19.30 -43.92
CA SER B 373 25.31 -20.49 -44.37
C SER B 373 24.97 -21.31 -43.13
N ILE B 374 23.69 -21.43 -42.82
CA ILE B 374 23.25 -22.14 -41.62
C ILE B 374 22.91 -23.57 -42.00
N THR B 375 23.55 -24.53 -41.33
CA THR B 375 23.31 -25.93 -41.61
C THR B 375 22.02 -26.39 -40.94
N ASP B 376 21.52 -27.56 -41.36
CA ASP B 376 20.32 -28.12 -40.75
C ASP B 376 20.57 -28.48 -39.30
N ALA B 377 21.73 -29.09 -39.02
CA ALA B 377 22.08 -29.42 -37.64
C ALA B 377 22.21 -28.17 -36.79
N ALA B 378 22.54 -27.04 -37.40
CA ALA B 378 22.65 -25.79 -36.65
C ALA B 378 21.30 -25.37 -36.07
N MET B 379 20.24 -25.35 -36.89
CA MET B 379 18.95 -24.94 -36.34
C MET B 379 18.32 -26.03 -35.49
N VAL B 380 18.59 -27.31 -35.80
CA VAL B 380 18.09 -28.38 -34.93
C VAL B 380 18.71 -28.26 -33.54
N ALA B 381 20.03 -28.03 -33.48
CA ALA B 381 20.69 -27.83 -32.21
C ALA B 381 20.21 -26.56 -31.52
N ALA B 382 19.98 -25.49 -32.30
CA ALA B 382 19.49 -24.25 -31.72
C ALA B 382 18.15 -24.44 -31.03
N ALA B 383 17.20 -25.08 -31.71
CA ALA B 383 15.89 -25.31 -31.12
C ALA B 383 15.97 -26.22 -29.90
N THR B 384 16.70 -27.34 -30.02
CA THR B 384 16.75 -28.30 -28.92
C THR B 384 17.44 -27.71 -27.69
N LEU B 385 18.60 -27.09 -27.88
CA LEU B 385 19.34 -26.51 -26.76
C LEU B 385 18.62 -25.31 -26.16
N ALA B 386 17.95 -24.49 -26.99
CA ALA B 386 17.18 -23.37 -26.47
C ALA B 386 16.02 -23.84 -25.62
N ASP B 387 15.33 -24.90 -26.06
CA ASP B 387 14.27 -25.48 -25.22
C ASP B 387 14.84 -26.07 -23.94
N ARG B 388 15.97 -26.76 -24.02
CA ARG B 388 16.49 -27.51 -22.89
C ARG B 388 17.09 -26.61 -21.81
N TYR B 389 17.90 -25.62 -22.20
CA TYR B 389 18.69 -24.90 -21.21
C TYR B 389 18.10 -23.55 -20.83
N ILE B 390 17.65 -22.77 -21.81
CA ILE B 390 17.06 -21.47 -21.49
C ILE B 390 15.66 -21.68 -20.94
N ASN B 391 15.41 -21.20 -19.72
CA ASN B 391 14.10 -21.25 -19.09
C ASN B 391 13.79 -19.85 -18.57
N ASP B 392 13.74 -18.89 -19.50
CA ASP B 392 13.42 -17.51 -19.18
C ASP B 392 12.46 -16.92 -20.21
N ARG B 393 12.56 -17.31 -21.48
CA ARG B 393 11.78 -16.72 -22.55
C ARG B 393 11.03 -17.85 -23.26
N PHE B 394 10.44 -17.56 -24.42
CA PHE B 394 9.56 -18.51 -25.08
C PHE B 394 9.96 -18.71 -26.53
N LEU B 395 9.74 -19.95 -27.00
CA LEU B 395 10.00 -20.30 -28.40
C LEU B 395 9.00 -19.59 -29.31
N PRO B 396 9.35 -19.35 -30.58
CA PRO B 396 10.62 -19.62 -31.25
C PRO B 396 11.59 -18.47 -31.12
N ASP B 397 11.31 -17.53 -30.22
CA ASP B 397 12.12 -16.33 -30.12
C ASP B 397 13.53 -16.63 -29.63
N LYS B 398 13.67 -17.57 -28.70
CA LYS B 398 15.00 -17.90 -28.19
C LYS B 398 15.87 -18.60 -29.24
N ALA B 399 15.28 -19.48 -30.04
CA ALA B 399 16.07 -20.19 -31.06
C ALA B 399 16.49 -19.24 -32.17
N ILE B 400 15.57 -18.37 -32.59
CA ILE B 400 15.89 -17.34 -33.57
C ILE B 400 16.95 -16.40 -33.02
N ASP B 401 16.89 -16.12 -31.71
CA ASP B 401 17.92 -15.30 -31.07
C ASP B 401 19.28 -15.98 -31.13
N LEU B 402 19.32 -17.29 -30.88
CA LEU B 402 20.59 -18.02 -30.95
C LEU B 402 21.15 -18.00 -32.37
N ILE B 403 20.30 -18.22 -33.37
CA ILE B 403 20.75 -18.18 -34.76
C ILE B 403 21.29 -16.80 -35.12
N ASP B 404 20.55 -15.75 -34.76
CA ASP B 404 20.97 -14.39 -35.08
C ASP B 404 22.26 -14.03 -34.36
N GLU B 405 22.39 -14.44 -33.11
CA GLU B 405 23.61 -14.13 -32.36
C GLU B 405 24.82 -14.85 -32.94
N ALA B 406 24.65 -16.12 -33.35
CA ALA B 406 25.76 -16.83 -33.97
C ALA B 406 26.16 -16.19 -35.29
N GLY B 407 25.19 -15.79 -36.10
CA GLY B 407 25.51 -15.08 -37.34
C GLY B 407 26.22 -13.76 -37.10
N ALA B 408 25.77 -13.02 -36.08
CA ALA B 408 26.41 -11.75 -35.74
C ALA B 408 27.84 -11.96 -35.26
N ARG B 409 28.07 -13.02 -34.47
CA ARG B 409 29.42 -13.31 -34.02
C ARG B 409 30.32 -13.70 -35.18
N MET B 410 29.79 -14.46 -36.15
CA MET B 410 30.57 -14.75 -37.35
C MET B 410 30.91 -13.48 -38.11
N ARG B 411 29.96 -12.56 -38.24
CA ARG B 411 30.23 -11.31 -38.94
C ARG B 411 31.28 -10.47 -38.21
N ILE B 412 31.21 -10.45 -36.88
CA ILE B 412 32.16 -9.67 -36.10
C ILE B 412 33.56 -10.27 -36.19
N ARG B 413 33.66 -11.60 -36.09
CA ARG B 413 34.96 -12.26 -36.23
C ARG B 413 35.54 -12.05 -37.62
N ARG B 414 34.71 -12.11 -38.65
CA ARG B 414 35.17 -11.96 -40.02
C ARG B 414 35.61 -10.54 -40.34
N MET B 415 34.97 -9.53 -39.75
CA MET B 415 35.31 -8.14 -40.03
C MET B 415 35.97 -7.46 -38.83
N VAL B 476 34.39 -19.13 -46.81
CA VAL B 476 33.03 -18.73 -46.50
C VAL B 476 32.81 -18.79 -44.99
N ALA B 477 31.58 -18.46 -44.57
CA ALA B 477 31.20 -18.50 -43.17
C ALA B 477 30.12 -19.54 -42.98
N GLU B 478 30.32 -20.45 -42.03
CA GLU B 478 29.38 -21.54 -41.78
C GLU B 478 28.96 -21.49 -40.33
N VAL B 479 27.66 -21.43 -40.08
CA VAL B 479 27.11 -21.49 -38.73
C VAL B 479 26.65 -22.93 -38.50
N ASP B 480 27.29 -23.60 -37.55
CA ASP B 480 27.01 -24.99 -37.25
C ASP B 480 26.61 -25.12 -35.78
N ASP B 481 26.49 -26.37 -35.31
CA ASP B 481 26.06 -26.59 -33.94
C ASP B 481 27.14 -26.22 -32.94
N GLU B 482 28.41 -26.19 -33.37
CA GLU B 482 29.48 -25.74 -32.50
C GLU B 482 29.33 -24.27 -32.13
N GLN B 483 29.03 -23.42 -33.12
CA GLN B 483 28.85 -22.00 -32.85
C GLN B 483 27.59 -21.74 -32.02
N ILE B 484 26.52 -22.49 -32.29
CA ILE B 484 25.30 -22.36 -31.48
C ILE B 484 25.57 -22.75 -30.04
N ALA B 485 26.32 -23.84 -29.85
CA ALA B 485 26.70 -24.26 -28.51
C ALA B 485 27.55 -23.20 -27.82
N GLU B 486 28.48 -22.58 -28.56
CA GLU B 486 29.32 -21.53 -27.97
C GLU B 486 28.48 -20.32 -27.57
N VAL B 487 27.53 -19.92 -28.42
CA VAL B 487 26.67 -18.79 -28.10
C VAL B 487 25.82 -19.08 -26.87
N LEU B 488 25.26 -20.28 -26.78
CA LEU B 488 24.45 -20.63 -25.62
C LEU B 488 25.28 -20.67 -24.35
N GLY B 489 26.49 -21.24 -24.43
CA GLY B 489 27.37 -21.27 -23.26
C GLY B 489 27.80 -19.87 -22.82
N ASN B 490 27.96 -18.96 -23.78
CA ASN B 490 28.22 -17.57 -23.44
C ASN B 490 27.01 -16.95 -22.75
N TRP B 491 25.81 -17.22 -23.26
CA TRP B 491 24.61 -16.57 -22.71
C TRP B 491 24.26 -17.10 -21.32
N THR B 492 23.87 -18.37 -21.24
CA THR B 492 23.23 -18.89 -20.03
C THR B 492 24.20 -19.51 -19.04
N GLY B 493 25.47 -19.68 -19.40
CA GLY B 493 26.47 -20.11 -18.46
C GLY B 493 26.62 -21.60 -18.29
N ILE B 494 25.66 -22.41 -18.73
CA ILE B 494 25.81 -23.86 -18.69
C ILE B 494 26.85 -24.25 -19.73
N PRO B 495 27.90 -24.98 -19.35
CA PRO B 495 28.90 -25.39 -20.33
C PRO B 495 28.35 -26.44 -21.28
N VAL B 496 28.02 -26.01 -22.49
CA VAL B 496 27.52 -26.90 -23.55
C VAL B 496 28.46 -26.68 -24.74
N PHE B 497 29.44 -27.56 -24.89
CA PHE B 497 30.45 -27.42 -25.92
C PHE B 497 30.74 -28.79 -26.52
N LYS B 498 31.13 -28.80 -27.80
CA LYS B 498 31.66 -30.02 -28.38
C LYS B 498 33.05 -30.26 -27.84
N LEU B 499 33.25 -31.45 -27.26
CA LEU B 499 34.41 -31.69 -26.43
C LEU B 499 35.64 -31.91 -27.31
N THR B 500 36.61 -31.01 -27.21
CA THR B 500 37.89 -31.18 -27.88
C THR B 500 38.76 -32.15 -27.09
N GLU B 501 39.97 -32.41 -27.62
CA GLU B 501 40.88 -33.33 -26.95
C GLU B 501 41.37 -32.74 -25.62
N ALA B 502 41.60 -31.43 -25.58
CA ALA B 502 42.07 -30.79 -24.35
C ALA B 502 41.04 -30.89 -23.25
N GLU B 503 39.77 -30.64 -23.58
CA GLU B 503 38.72 -30.67 -22.57
C GLU B 503 38.45 -32.09 -22.08
N THR B 504 38.50 -33.08 -22.98
CA THR B 504 38.25 -34.45 -22.53
C THR B 504 39.43 -35.00 -21.74
N THR B 505 40.65 -34.57 -22.05
CA THR B 505 41.79 -34.94 -21.21
C THR B 505 41.68 -34.29 -19.83
N ARG B 506 41.24 -33.02 -19.80
CA ARG B 506 41.02 -32.36 -18.52
C ARG B 506 39.94 -33.06 -17.71
N LEU B 507 38.87 -33.50 -18.38
CA LEU B 507 37.79 -34.18 -17.66
C LEU B 507 38.23 -35.54 -17.15
N LEU B 508 39.05 -36.26 -17.92
CA LEU B 508 39.51 -37.58 -17.48
C LEU B 508 40.53 -37.47 -16.36
N ARG B 509 41.37 -36.42 -16.38
CA ARG B 509 42.36 -36.19 -15.34
C ARG B 509 41.83 -35.31 -14.21
N MET B 510 40.55 -34.94 -14.25
CA MET B 510 40.02 -34.06 -13.22
C MET B 510 39.95 -34.76 -11.86
N GLU B 511 40.04 -36.10 -11.83
CA GLU B 511 40.25 -36.80 -10.58
C GLU B 511 41.54 -36.34 -9.91
N GLU B 512 42.65 -36.36 -10.67
CA GLU B 512 43.91 -35.85 -10.15
C GLU B 512 43.85 -34.35 -9.90
N GLU B 513 43.12 -33.63 -10.75
CA GLU B 513 42.99 -32.18 -10.56
C GLU B 513 42.31 -31.84 -9.25
N LEU B 514 41.26 -32.58 -8.89
CA LEU B 514 40.64 -32.42 -7.58
C LEU B 514 41.58 -32.89 -6.47
N HIS B 515 42.37 -33.93 -6.74
CA HIS B 515 43.33 -34.40 -5.74
C HIS B 515 44.47 -33.41 -5.53
N LYS B 516 44.63 -32.43 -6.42
CA LYS B 516 45.60 -31.37 -6.17
C LYS B 516 45.25 -30.53 -4.95
N ARG B 517 43.96 -30.43 -4.62
CA ARG B 517 43.51 -29.70 -3.43
C ARG B 517 42.91 -30.60 -2.36
N ILE B 518 42.75 -31.89 -2.63
CA ILE B 518 42.14 -32.82 -1.70
C ILE B 518 43.11 -33.96 -1.43
N ILE B 519 43.34 -34.26 -0.16
CA ILE B 519 44.17 -35.39 0.22
C ILE B 519 43.26 -36.54 0.66
N GLY B 520 43.58 -37.74 0.19
CA GLY B 520 42.78 -38.91 0.53
C GLY B 520 41.40 -38.83 -0.07
N GLN B 521 40.46 -39.55 0.55
CA GLN B 521 39.04 -39.55 0.18
C GLN B 521 38.86 -39.98 -1.29
N GLU B 522 39.27 -41.21 -1.57
CA GLU B 522 39.23 -41.71 -2.94
C GLU B 522 37.80 -41.84 -3.44
N ASP B 523 36.91 -42.39 -2.61
CA ASP B 523 35.55 -42.71 -3.05
C ASP B 523 34.77 -41.44 -3.38
N ALA B 524 34.92 -40.39 -2.57
CA ALA B 524 34.18 -39.16 -2.81
C ALA B 524 34.61 -38.49 -4.11
N VAL B 525 35.92 -38.38 -4.33
CA VAL B 525 36.43 -37.77 -5.56
C VAL B 525 36.02 -38.60 -6.77
N LYS B 526 36.09 -39.93 -6.66
CA LYS B 526 35.71 -40.78 -7.77
C LYS B 526 34.22 -40.65 -8.09
N ALA B 527 33.36 -40.59 -7.07
CA ALA B 527 31.92 -40.49 -7.32
C ALA B 527 31.56 -39.14 -7.93
N VAL B 528 32.17 -38.06 -7.42
CA VAL B 528 31.95 -36.73 -8.00
C VAL B 528 32.44 -36.71 -9.44
N SER B 529 33.61 -37.29 -9.71
CA SER B 529 34.14 -37.32 -11.06
C SER B 529 33.22 -38.11 -11.99
N LYS B 530 32.68 -39.23 -11.50
CA LYS B 530 31.76 -40.02 -12.30
C LYS B 530 30.51 -39.23 -12.65
N ALA B 531 29.94 -38.50 -11.69
CA ALA B 531 28.74 -37.73 -11.98
C ALA B 531 29.01 -36.58 -12.95
N ILE B 532 30.12 -35.87 -12.77
CA ILE B 532 30.45 -34.78 -13.69
C ILE B 532 30.75 -35.31 -15.08
N ARG B 533 31.39 -36.47 -15.17
CA ARG B 533 31.66 -37.06 -16.48
C ARG B 533 30.37 -37.49 -17.16
N ARG B 534 29.41 -38.04 -16.40
CA ARG B 534 28.11 -38.39 -16.96
C ARG B 534 27.37 -37.16 -17.46
N THR B 535 27.44 -36.06 -16.70
CA THR B 535 26.70 -34.86 -17.07
C THR B 535 27.22 -34.27 -18.38
N ARG B 536 28.55 -34.16 -18.53
CA ARG B 536 29.13 -33.51 -19.69
C ARG B 536 29.06 -34.38 -20.94
N ALA B 537 29.17 -35.71 -20.79
CA ALA B 537 29.19 -36.58 -21.97
C ALA B 537 27.86 -36.58 -22.69
N GLY B 538 26.77 -36.28 -21.99
CA GLY B 538 25.44 -36.29 -22.57
C GLY B 538 24.51 -37.34 -22.02
N LEU B 539 25.02 -38.33 -21.31
CA LEU B 539 24.18 -39.33 -20.66
C LEU B 539 23.68 -38.79 -19.33
N LYS B 540 22.66 -37.95 -19.41
CA LYS B 540 22.04 -37.35 -18.23
C LYS B 540 20.53 -37.37 -18.41
N ASP B 541 19.82 -37.69 -17.35
CA ASP B 541 18.37 -37.57 -17.36
C ASP B 541 18.02 -36.09 -17.39
N PRO B 542 17.25 -35.62 -18.39
CA PRO B 542 16.92 -34.18 -18.45
C PRO B 542 16.16 -33.68 -17.23
N LYS B 543 15.37 -34.54 -16.58
CA LYS B 543 14.63 -34.10 -15.41
C LYS B 543 15.54 -33.88 -14.22
N ARG B 544 16.23 -34.93 -13.78
CA ARG B 544 16.99 -34.91 -12.54
C ARG B 544 18.18 -33.96 -12.64
N PRO B 545 18.67 -33.45 -11.49
CA PRO B 545 19.87 -32.59 -11.49
C PRO B 545 21.11 -33.26 -12.07
N SER B 546 22.16 -32.47 -12.28
CA SER B 546 23.42 -33.03 -12.75
C SER B 546 23.99 -34.02 -11.76
N GLY B 547 23.93 -33.70 -10.47
CA GLY B 547 24.37 -34.60 -9.44
C GLY B 547 23.73 -34.29 -8.10
N SER B 548 23.43 -35.31 -7.31
CA SER B 548 22.86 -35.15 -5.98
C SER B 548 23.67 -36.02 -5.03
N PHE B 549 24.47 -35.39 -4.19
CA PHE B 549 25.33 -36.10 -3.26
C PHE B 549 24.98 -35.73 -1.83
N ILE B 550 25.14 -36.68 -0.93
CA ILE B 550 25.10 -36.42 0.50
C ILE B 550 26.37 -36.97 1.13
N PHE B 551 27.14 -36.08 1.75
CA PHE B 551 28.40 -36.42 2.39
C PHE B 551 28.19 -36.64 3.88
N ALA B 552 28.77 -37.70 4.41
CA ALA B 552 28.70 -38.01 5.83
C ALA B 552 30.08 -38.41 6.33
N GLY B 553 30.30 -38.20 7.62
CA GLY B 553 31.55 -38.56 8.24
C GLY B 553 31.96 -37.62 9.35
N PRO B 554 33.09 -37.91 10.01
CA PRO B 554 33.60 -37.02 11.06
C PRO B 554 33.91 -35.61 10.58
N SER B 555 34.05 -34.68 11.52
CA SER B 555 34.28 -33.28 11.19
C SER B 555 35.71 -33.05 10.74
N GLY B 556 35.89 -31.98 9.96
CA GLY B 556 37.22 -31.56 9.53
C GLY B 556 37.92 -32.56 8.62
N VAL B 557 37.20 -33.11 7.65
CA VAL B 557 37.73 -34.15 6.78
C VAL B 557 37.87 -33.68 5.34
N GLY B 558 37.01 -32.76 4.90
CA GLY B 558 37.08 -32.31 3.53
C GLY B 558 35.74 -32.24 2.83
N LYS B 559 34.65 -32.30 3.60
CA LYS B 559 33.31 -32.27 3.02
C LYS B 559 33.05 -30.96 2.28
N THR B 560 33.47 -29.84 2.84
CA THR B 560 33.32 -28.55 2.16
C THR B 560 34.47 -28.28 1.20
N GLU B 561 35.67 -28.76 1.51
CA GLU B 561 36.84 -28.47 0.67
C GLU B 561 36.74 -29.17 -0.67
N LEU B 562 36.19 -30.39 -0.70
CA LEU B 562 35.95 -31.08 -1.96
C LEU B 562 34.97 -30.34 -2.85
N SER B 563 33.88 -29.84 -2.30
CA SER B 563 32.94 -29.04 -3.07
C SER B 563 33.54 -27.72 -3.53
N LYS B 564 34.38 -27.11 -2.69
CA LYS B 564 35.07 -25.89 -3.11
C LYS B 564 36.01 -26.18 -4.28
N ALA B 565 36.70 -27.33 -4.24
CA ALA B 565 37.53 -27.73 -5.37
C ALA B 565 36.68 -27.98 -6.62
N LEU B 566 35.49 -28.56 -6.42
CA LEU B 566 34.56 -28.77 -7.54
C LEU B 566 34.17 -27.44 -8.17
N ALA B 567 33.79 -26.46 -7.34
CA ALA B 567 33.36 -25.16 -7.85
C ALA B 567 34.52 -24.43 -8.51
N ASN B 568 35.72 -24.55 -7.95
CA ASN B 568 36.89 -23.91 -8.55
C ASN B 568 37.23 -24.54 -9.90
N PHE B 569 37.08 -25.86 -10.02
CA PHE B 569 37.29 -26.51 -11.30
C PHE B 569 36.26 -26.05 -12.33
N LEU B 570 34.98 -26.08 -11.96
CA LEU B 570 33.92 -25.82 -12.93
C LEU B 570 33.84 -24.34 -13.31
N PHE B 571 34.14 -23.44 -12.37
CA PHE B 571 33.83 -22.03 -12.52
C PHE B 571 35.06 -21.13 -12.49
N GLY B 572 36.12 -21.55 -11.82
CA GLY B 572 37.28 -20.71 -11.63
C GLY B 572 37.21 -19.80 -10.43
N ASP B 573 36.10 -19.82 -9.69
CA ASP B 573 35.93 -18.99 -8.50
C ASP B 573 35.46 -19.88 -7.36
N ASP B 574 36.17 -19.83 -6.23
CA ASP B 574 35.79 -20.64 -5.08
C ASP B 574 34.48 -20.16 -4.47
N ASP B 575 34.22 -18.86 -4.52
CA ASP B 575 33.01 -18.29 -3.93
C ASP B 575 31.78 -18.47 -4.81
N ALA B 576 31.92 -19.05 -6.00
CA ALA B 576 30.77 -19.34 -6.85
C ALA B 576 29.91 -20.47 -6.30
N LEU B 577 30.39 -21.19 -5.29
CA LEU B 577 29.60 -22.22 -4.62
C LEU B 577 28.50 -21.56 -3.81
N ILE B 578 27.24 -21.84 -4.16
CA ILE B 578 26.10 -21.32 -3.43
C ILE B 578 26.00 -22.11 -2.13
N GLN B 579 26.48 -21.54 -1.04
CA GLN B 579 26.52 -22.24 0.24
C GLN B 579 25.36 -21.74 1.10
N ILE B 580 24.54 -22.67 1.58
CA ILE B 580 23.44 -22.34 2.48
C ILE B 580 23.77 -22.95 3.83
N ASP B 581 24.11 -22.10 4.80
CA ASP B 581 24.33 -22.55 6.16
C ASP B 581 22.96 -22.85 6.75
N MET B 582 22.56 -24.11 6.67
CA MET B 582 21.23 -24.55 7.07
C MET B 582 21.07 -24.62 8.61
N GLY B 583 22.04 -24.08 9.35
CA GLY B 583 21.85 -23.87 10.77
C GLY B 583 21.01 -22.65 11.12
N GLU B 584 20.67 -21.81 10.14
CA GLU B 584 19.83 -20.65 10.38
C GLU B 584 18.35 -20.94 10.24
N PHE B 585 17.98 -22.20 9.98
CA PHE B 585 16.59 -22.61 9.85
C PHE B 585 16.26 -23.60 10.96
N HIS B 586 15.37 -23.21 11.87
CA HIS B 586 14.99 -24.09 12.96
C HIS B 586 13.50 -24.04 13.28
N ASP B 587 12.66 -23.62 12.33
CA ASP B 587 11.23 -23.52 12.55
C ASP B 587 10.54 -23.47 11.19
N ARG B 588 9.21 -23.52 11.22
CA ARG B 588 8.42 -23.45 10.01
C ARG B 588 8.54 -22.10 9.32
N PHE B 589 8.86 -21.06 10.08
CA PHE B 589 8.75 -19.69 9.57
C PHE B 589 9.91 -19.32 8.66
N THR B 590 11.11 -19.80 8.96
CA THR B 590 12.30 -19.38 8.22
C THR B 590 12.48 -20.11 6.91
N ALA B 591 11.64 -21.10 6.59
CA ALA B 591 11.69 -21.71 5.26
C ALA B 591 11.27 -20.72 4.19
N SER B 592 10.45 -19.72 4.56
CA SER B 592 10.05 -18.70 3.60
C SER B 592 11.24 -17.83 3.20
N ARG B 593 12.16 -17.58 4.14
CA ARG B 593 13.35 -16.80 3.82
C ARG B 593 14.27 -17.53 2.85
N LEU B 594 14.19 -18.86 2.80
CA LEU B 594 14.98 -19.64 1.85
C LEU B 594 14.27 -19.87 0.53
N PHE B 595 12.95 -20.05 0.54
CA PHE B 595 12.21 -20.49 -0.63
C PHE B 595 11.31 -19.41 -1.22
N GLY B 596 10.64 -18.62 -0.38
CA GLY B 596 9.74 -17.59 -0.83
C GLY B 596 8.51 -17.46 0.04
N ALA B 597 8.19 -16.22 0.43
CA ALA B 597 7.06 -15.97 1.30
C ALA B 597 5.75 -16.05 0.51
N PRO B 598 4.66 -16.42 1.17
CA PRO B 598 3.36 -16.52 0.48
C PRO B 598 2.83 -15.14 0.12
N PRO B 599 1.91 -15.04 -0.83
CA PRO B 599 1.26 -13.75 -1.10
C PRO B 599 0.53 -13.23 0.13
N GLY B 600 0.81 -11.96 0.47
CA GLY B 600 0.21 -11.31 1.62
C GLY B 600 1.19 -11.04 2.75
N TYR B 601 2.29 -11.78 2.79
CA TYR B 601 3.22 -11.71 3.90
C TYR B 601 4.47 -10.93 3.50
N VAL B 602 5.27 -10.57 4.52
CA VAL B 602 6.50 -9.84 4.27
C VAL B 602 7.53 -10.75 3.60
N GLY B 603 8.37 -10.16 2.78
CA GLY B 603 9.35 -10.92 2.03
C GLY B 603 8.81 -11.62 0.81
N TYR B 604 7.54 -11.39 0.46
CA TYR B 604 6.94 -12.07 -0.69
C TYR B 604 7.46 -11.48 -2.00
N GLU B 605 7.57 -10.15 -2.08
CA GLU B 605 7.91 -9.49 -3.33
C GLU B 605 9.37 -9.61 -3.70
N GLU B 606 10.24 -9.94 -2.75
CA GLU B 606 11.67 -10.02 -3.02
C GLU B 606 12.13 -11.46 -3.30
N GLY B 607 11.21 -12.43 -3.27
CA GLY B 607 11.54 -13.80 -3.62
C GLY B 607 12.27 -14.53 -2.50
N GLY B 608 12.71 -15.74 -2.83
CA GLY B 608 13.50 -16.53 -1.91
C GLY B 608 14.99 -16.25 -2.05
N GLN B 609 15.73 -16.62 -1.01
CA GLN B 609 17.18 -16.41 -1.05
C GLN B 609 17.84 -17.38 -2.03
N LEU B 610 17.50 -18.66 -1.93
CA LEU B 610 18.09 -19.67 -2.81
C LEU B 610 17.52 -19.59 -4.22
N THR B 611 16.21 -19.41 -4.33
CA THR B 611 15.52 -19.47 -5.61
C THR B 611 15.98 -18.37 -6.55
N GLU B 612 16.11 -17.15 -6.03
CA GLU B 612 16.49 -16.02 -6.87
C GLU B 612 17.90 -16.19 -7.41
N LYS B 613 18.84 -16.60 -6.56
CA LYS B 613 20.22 -16.71 -7.02
C LYS B 613 20.43 -17.92 -7.90
N VAL B 614 19.66 -19.00 -7.72
CA VAL B 614 19.72 -20.09 -8.68
C VAL B 614 19.11 -19.67 -10.01
N ARG B 615 18.05 -18.86 -10.00
CA ARG B 615 17.50 -18.32 -11.24
C ARG B 615 18.50 -17.41 -11.93
N ARG B 616 19.33 -16.72 -11.16
CA ARG B 616 20.36 -15.85 -11.76
C ARG B 616 21.43 -16.67 -12.46
N LYS B 617 21.95 -17.70 -11.79
CA LYS B 617 22.96 -18.59 -12.37
C LYS B 617 22.40 -20.00 -12.45
N PRO B 618 21.86 -20.40 -13.60
CA PRO B 618 21.23 -21.74 -13.69
C PRO B 618 22.22 -22.88 -13.58
N PHE B 619 23.51 -22.66 -13.82
CA PHE B 619 24.55 -23.67 -13.62
C PHE B 619 25.37 -23.26 -12.41
N SER B 620 25.25 -24.00 -11.32
CA SER B 620 25.93 -23.66 -10.08
C SER B 620 26.12 -24.92 -9.26
N VAL B 621 26.84 -24.79 -8.16
CA VAL B 621 27.05 -25.86 -7.20
C VAL B 621 26.42 -25.41 -5.90
N VAL B 622 25.29 -26.01 -5.54
CA VAL B 622 24.52 -25.59 -4.37
C VAL B 622 24.78 -26.60 -3.25
N LEU B 623 25.34 -26.12 -2.15
CA LEU B 623 25.68 -26.95 -1.01
C LEU B 623 24.86 -26.50 0.19
N PHE B 624 24.48 -27.48 1.02
CA PHE B 624 23.73 -27.25 2.24
C PHE B 624 24.57 -27.72 3.42
N ASP B 625 25.03 -26.78 4.24
CA ASP B 625 25.81 -27.07 5.45
C ASP B 625 24.95 -27.75 6.51
N GLU B 626 25.49 -28.83 7.06
CA GLU B 626 24.96 -29.50 8.25
C GLU B 626 23.48 -29.84 8.10
N ILE B 627 23.19 -30.76 7.19
CA ILE B 627 21.79 -31.07 6.86
C ILE B 627 21.08 -31.73 8.03
N GLU B 628 21.81 -32.20 9.03
CA GLU B 628 21.22 -33.00 10.10
C GLU B 628 20.40 -32.17 11.09
N LYS B 629 20.85 -30.95 11.42
CA LYS B 629 20.33 -30.28 12.60
C LYS B 629 19.29 -29.20 12.29
N ALA B 630 18.77 -29.17 11.07
CA ALA B 630 17.76 -28.18 10.71
C ALA B 630 16.36 -28.70 11.03
N HIS B 631 15.36 -27.95 10.56
CA HIS B 631 13.98 -28.35 10.77
C HIS B 631 13.64 -29.54 9.87
N GLN B 632 12.64 -30.32 10.26
CA GLN B 632 12.32 -31.55 9.55
C GLN B 632 11.67 -31.27 8.20
N GLU B 633 10.94 -30.17 8.07
CA GLU B 633 10.16 -29.94 6.86
C GLU B 633 11.00 -29.42 5.70
N ILE B 634 12.26 -29.05 5.94
CA ILE B 634 13.11 -28.59 4.86
C ILE B 634 13.43 -29.74 3.90
N TYR B 635 13.62 -30.95 4.44
CA TYR B 635 13.82 -32.11 3.59
C TYR B 635 12.60 -32.38 2.73
N ASN B 636 11.41 -32.22 3.32
CA ASN B 636 10.17 -32.38 2.56
C ASN B 636 10.06 -31.34 1.45
N SER B 637 10.51 -30.11 1.72
CA SER B 637 10.51 -29.08 0.69
C SER B 637 11.51 -29.40 -0.42
N LEU B 638 12.63 -30.04 -0.09
CA LEU B 638 13.65 -30.36 -1.08
C LEU B 638 13.39 -31.68 -1.82
N LEU B 639 12.42 -32.48 -1.36
CA LEU B 639 12.09 -33.72 -2.05
C LEU B 639 11.71 -33.47 -3.50
N GLN B 640 10.84 -32.50 -3.75
CA GLN B 640 10.33 -32.28 -5.10
C GLN B 640 11.41 -31.74 -6.02
N VAL B 641 12.32 -30.91 -5.50
CA VAL B 641 13.39 -30.41 -6.34
C VAL B 641 14.43 -31.50 -6.58
N LEU B 642 14.48 -32.51 -5.70
CA LEU B 642 15.30 -33.68 -6.03
C LEU B 642 14.63 -34.60 -7.05
N GLU B 643 13.28 -34.62 -7.10
CA GLU B 643 12.62 -35.46 -8.09
C GLU B 643 12.78 -34.93 -9.51
N ASP B 644 12.26 -33.73 -9.77
CA ASP B 644 12.11 -33.23 -11.12
C ASP B 644 13.10 -32.10 -11.41
N GLY B 645 13.73 -31.55 -10.38
CA GLY B 645 14.68 -30.48 -10.59
C GLY B 645 14.05 -29.14 -10.87
N ARG B 646 12.78 -28.97 -10.54
CA ARG B 646 12.13 -27.66 -10.65
C ARG B 646 11.72 -27.22 -9.26
N LEU B 647 11.67 -25.90 -9.06
CA LEU B 647 11.32 -25.33 -7.77
C LEU B 647 10.39 -24.15 -7.98
N THR B 648 9.33 -24.09 -7.19
CA THR B 648 8.37 -23.00 -7.23
C THR B 648 8.52 -22.16 -5.98
N ASP B 649 8.82 -20.87 -6.16
CA ASP B 649 8.99 -19.96 -5.02
C ASP B 649 7.63 -19.47 -4.56
N GLY B 650 7.63 -18.47 -3.68
CA GLY B 650 6.39 -17.92 -3.18
C GLY B 650 5.56 -17.24 -4.26
N GLN B 651 6.21 -16.54 -5.18
CA GLN B 651 5.50 -15.84 -6.24
C GLN B 651 4.93 -16.78 -7.30
N GLY B 652 5.35 -18.04 -7.31
CA GLY B 652 4.87 -19.01 -8.28
C GLY B 652 5.79 -19.24 -9.46
N ARG B 653 6.93 -18.55 -9.52
CA ARG B 653 7.87 -18.75 -10.61
C ARG B 653 8.56 -20.10 -10.48
N THR B 654 8.76 -20.77 -11.61
CA THR B 654 9.40 -22.08 -11.67
C THR B 654 10.83 -21.91 -12.14
N VAL B 655 11.78 -22.24 -11.27
CA VAL B 655 13.19 -22.21 -11.60
C VAL B 655 13.68 -23.65 -11.77
N ASP B 656 14.78 -23.81 -12.50
CA ASP B 656 15.27 -25.13 -12.88
C ASP B 656 16.54 -25.43 -12.10
N PHE B 657 16.52 -26.52 -11.33
CA PHE B 657 17.67 -27.04 -10.62
C PHE B 657 18.32 -28.21 -11.34
N LYS B 658 17.86 -28.53 -12.56
CA LYS B 658 18.36 -29.69 -13.27
C LYS B 658 19.79 -29.51 -13.75
N ASN B 659 20.27 -28.26 -13.86
CA ASN B 659 21.63 -28.00 -14.27
C ASN B 659 22.58 -27.80 -13.10
N THR B 660 22.07 -27.69 -11.88
CA THR B 660 22.91 -27.48 -10.72
C THR B 660 23.38 -28.82 -10.15
N VAL B 661 24.34 -28.73 -9.24
CA VAL B 661 24.86 -29.89 -8.52
C VAL B 661 24.56 -29.69 -7.05
N LEU B 662 23.70 -30.54 -6.48
CA LEU B 662 23.26 -30.39 -5.10
C LEU B 662 24.10 -31.28 -4.21
N ILE B 663 24.67 -30.68 -3.16
CA ILE B 663 25.51 -31.39 -2.21
C ILE B 663 25.00 -31.08 -0.80
N PHE B 664 24.57 -32.11 -0.09
CA PHE B 664 24.12 -31.97 1.29
C PHE B 664 25.22 -32.53 2.17
N THR B 665 25.84 -31.70 3.02
CA THR B 665 26.88 -32.20 3.89
C THR B 665 26.34 -32.37 5.31
N SER B 666 26.81 -33.40 6.01
CA SER B 666 26.35 -33.67 7.36
C SER B 666 27.50 -34.16 8.21
N ASN B 667 27.44 -33.87 9.50
CA ASN B 667 28.42 -34.32 10.47
C ASN B 667 28.03 -35.65 11.11
N LEU B 668 26.92 -36.25 10.67
CA LEU B 668 26.37 -37.45 11.29
C LEU B 668 27.28 -38.66 11.09
N TYR B 690 36.88 -49.12 8.65
CA TYR B 690 36.07 -48.38 7.69
C TYR B 690 34.70 -49.01 7.49
N GLU B 691 34.68 -50.33 7.32
CA GLU B 691 33.42 -51.02 7.04
C GLU B 691 32.46 -50.94 8.23
N ARG B 692 32.98 -51.01 9.45
CA ARG B 692 32.14 -50.79 10.62
C ARG B 692 31.63 -49.35 10.66
N MET B 693 32.49 -48.39 10.32
CA MET B 693 32.08 -46.99 10.26
C MET B 693 31.03 -46.79 9.18
N LYS B 694 31.21 -47.41 8.01
CA LYS B 694 30.23 -47.31 6.94
C LYS B 694 28.89 -47.88 7.38
N GLN B 695 28.90 -49.06 8.01
CA GLN B 695 27.66 -49.69 8.44
C GLN B 695 26.94 -48.84 9.49
N LYS B 696 27.69 -48.33 10.48
CA LYS B 696 27.04 -47.56 11.54
C LYS B 696 26.53 -46.22 11.02
N VAL B 697 27.28 -45.58 10.12
CA VAL B 697 26.82 -44.29 9.60
C VAL B 697 25.60 -44.47 8.70
N ASN B 698 25.56 -45.56 7.93
CA ASN B 698 24.38 -45.84 7.10
C ASN B 698 23.17 -46.14 7.97
N ASP B 699 23.36 -46.91 9.05
CA ASP B 699 22.24 -47.23 9.93
C ASP B 699 21.71 -45.98 10.64
N GLU B 700 22.60 -45.12 11.13
CA GLU B 700 22.14 -43.94 11.85
C GLU B 700 21.55 -42.91 10.89
N LEU B 701 22.01 -42.90 9.63
CA LEU B 701 21.39 -42.03 8.64
C LEU B 701 20.00 -42.52 8.27
N LYS B 702 19.83 -43.85 8.15
CA LYS B 702 18.50 -44.40 7.89
C LYS B 702 17.57 -44.17 9.07
N LYS B 703 18.12 -44.14 10.28
CA LYS B 703 17.31 -43.86 11.46
C LYS B 703 16.90 -42.39 11.50
N HIS B 704 17.85 -41.48 11.20
CA HIS B 704 17.58 -40.06 11.33
C HIS B 704 16.72 -39.52 10.19
N PHE B 705 16.94 -40.00 8.98
CA PHE B 705 16.24 -39.50 7.80
C PHE B 705 15.26 -40.56 7.29
N ARG B 706 14.17 -40.09 6.68
CA ARG B 706 13.19 -40.99 6.13
C ARG B 706 13.76 -41.73 4.92
N PRO B 707 13.31 -42.97 4.68
CA PRO B 707 13.79 -43.70 3.49
C PRO B 707 13.45 -43.01 2.18
N GLU B 708 12.38 -42.21 2.14
CA GLU B 708 12.00 -41.55 0.90
C GLU B 708 13.02 -40.50 0.48
N PHE B 709 13.58 -39.76 1.44
CA PHE B 709 14.59 -38.76 1.12
C PHE B 709 15.91 -39.41 0.72
N LEU B 710 16.37 -40.39 1.49
CA LEU B 710 17.63 -41.07 1.22
C LEU B 710 17.57 -41.96 -0.03
N ASN B 711 16.36 -42.31 -0.48
CA ASN B 711 16.21 -43.14 -1.67
C ASN B 711 16.29 -42.32 -2.95
N ARG B 712 16.24 -41.00 -2.84
CA ARG B 712 16.24 -40.10 -3.99
C ARG B 712 17.63 -39.54 -4.30
N ILE B 713 18.56 -39.62 -3.36
CA ILE B 713 19.91 -39.09 -3.55
C ILE B 713 20.66 -39.98 -4.54
N ASP B 714 21.36 -39.35 -5.48
CA ASP B 714 22.21 -40.10 -6.40
C ASP B 714 23.32 -40.83 -5.66
N ASP B 715 24.01 -40.14 -4.75
CA ASP B 715 25.19 -40.72 -4.10
C ASP B 715 25.17 -40.46 -2.60
N ILE B 716 24.98 -41.51 -1.82
CA ILE B 716 25.39 -41.56 -0.42
C ILE B 716 26.91 -41.78 -0.38
N ILE B 717 27.64 -40.80 0.16
CA ILE B 717 29.09 -40.90 0.27
C ILE B 717 29.48 -40.70 1.72
N VAL B 718 30.29 -41.62 2.24
CA VAL B 718 30.82 -41.53 3.60
C VAL B 718 32.26 -41.09 3.53
N PHE B 719 32.61 -40.08 4.33
CA PHE B 719 33.97 -39.58 4.35
C PHE B 719 34.78 -40.29 5.42
N HIS B 720 36.00 -40.68 5.07
CA HIS B 720 36.82 -41.53 5.92
C HIS B 720 37.52 -40.70 6.98
N GLN B 721 38.32 -41.37 7.81
CA GLN B 721 39.12 -40.72 8.84
C GLN B 721 40.54 -40.56 8.32
N LEU B 722 41.12 -39.39 8.55
CA LEU B 722 42.47 -39.10 8.07
C LEU B 722 43.49 -39.96 8.80
N THR B 723 44.43 -40.52 8.03
CA THR B 723 45.43 -41.43 8.56
C THR B 723 46.77 -40.68 8.59
N ARG B 724 47.83 -41.32 9.11
CA ARG B 724 49.12 -40.65 9.30
C ARG B 724 49.70 -40.17 7.97
N GLU B 725 49.66 -41.00 6.93
CA GLU B 725 50.21 -40.61 5.64
C GLU B 725 49.38 -39.49 5.01
N GLU B 726 48.06 -39.57 5.15
CA GLU B 726 47.19 -38.54 4.57
C GLU B 726 47.44 -37.18 5.23
N ILE B 727 47.53 -37.15 6.56
CA ILE B 727 47.77 -35.88 7.23
C ILE B 727 49.19 -35.39 7.01
N ILE B 728 50.16 -36.31 6.88
CA ILE B 728 51.54 -35.89 6.71
C ILE B 728 51.76 -35.38 5.29
N ARG B 729 50.91 -35.79 4.34
CA ARG B 729 51.00 -35.17 3.02
C ARG B 729 50.15 -33.91 2.94
N MET B 730 49.09 -33.83 3.76
CA MET B 730 48.37 -32.58 3.95
C MET B 730 49.30 -31.48 4.45
N VAL B 731 50.25 -31.84 5.32
CA VAL B 731 51.17 -30.84 5.88
C VAL B 731 51.98 -30.17 4.77
N ASP B 732 52.57 -30.97 3.87
CA ASP B 732 53.37 -30.36 2.81
C ASP B 732 52.49 -29.68 1.76
N LEU B 733 51.31 -30.25 1.49
CA LEU B 733 50.37 -29.60 0.57
C LEU B 733 49.92 -28.25 1.09
N MET B 734 49.92 -28.07 2.41
CA MET B 734 49.54 -26.80 3.02
C MET B 734 50.71 -25.84 3.18
N ILE B 735 51.91 -26.35 3.45
CA ILE B 735 53.10 -25.50 3.48
C ILE B 735 53.40 -24.96 2.09
N SER B 736 52.99 -25.69 1.04
CA SER B 736 53.12 -25.18 -0.32
C SER B 736 52.35 -23.87 -0.50
N ARG B 737 51.21 -23.74 0.17
CA ARG B 737 50.41 -22.53 0.05
C ARG B 737 51.12 -21.32 0.66
N VAL B 738 51.64 -21.48 1.88
CA VAL B 738 52.34 -20.36 2.52
C VAL B 738 53.66 -20.07 1.82
N ALA B 739 54.28 -21.09 1.22
CA ALA B 739 55.47 -20.85 0.41
C ALA B 739 55.15 -20.03 -0.82
N GLY B 740 54.02 -20.32 -1.47
CA GLY B 740 53.60 -19.51 -2.61
C GLY B 740 53.25 -18.08 -2.20
N GLN B 741 52.66 -17.92 -1.01
CA GLN B 741 52.38 -16.58 -0.50
C GLN B 741 53.66 -15.81 -0.21
N LEU B 742 54.66 -16.48 0.36
CA LEU B 742 55.88 -15.78 0.78
C LEU B 742 56.93 -15.69 -0.33
N LYS B 743 56.69 -16.35 -1.47
CA LYS B 743 57.63 -16.24 -2.59
C LYS B 743 57.65 -14.84 -3.17
N SER B 744 56.58 -14.06 -2.98
CA SER B 744 56.56 -12.68 -3.44
C SER B 744 57.59 -11.81 -2.73
N LYS B 745 58.04 -12.22 -1.55
CA LYS B 745 59.11 -11.54 -0.83
C LYS B 745 60.49 -12.09 -1.18
N ASP B 746 60.55 -12.98 -2.18
CA ASP B 746 61.79 -13.70 -2.55
C ASP B 746 62.34 -14.48 -1.35
N MET B 747 61.45 -15.10 -0.59
CA MET B 747 61.81 -15.87 0.59
C MET B 747 61.31 -17.29 0.40
N ALA B 748 62.20 -18.26 0.55
CA ALA B 748 61.85 -19.66 0.35
C ALA B 748 61.90 -20.42 1.68
N LEU B 749 61.10 -21.48 1.74
CA LEU B 749 60.93 -22.26 2.97
C LEU B 749 61.45 -23.68 2.77
N VAL B 750 62.15 -24.19 3.78
CA VAL B 750 62.60 -25.57 3.81
C VAL B 750 62.17 -26.18 5.14
N LEU B 751 61.51 -27.34 5.06
CA LEU B 751 61.02 -28.05 6.23
C LEU B 751 61.69 -29.40 6.31
N THR B 752 62.17 -29.75 7.51
CA THR B 752 62.87 -31.00 7.72
C THR B 752 61.90 -32.10 8.14
N ASP B 753 62.47 -33.29 8.35
CA ASP B 753 61.65 -34.45 8.73
C ASP B 753 61.05 -34.24 10.13
N ALA B 754 61.88 -33.82 11.09
CA ALA B 754 61.39 -33.63 12.45
C ALA B 754 60.38 -32.49 12.53
N ALA B 755 60.62 -31.41 11.79
CA ALA B 755 59.71 -30.27 11.80
C ALA B 755 58.34 -30.66 11.25
N LYS B 756 58.32 -31.33 10.11
CA LYS B 756 57.04 -31.76 9.53
C LYS B 756 56.36 -32.82 10.38
N ALA B 757 57.14 -33.70 11.00
CA ALA B 757 56.57 -34.71 11.88
C ALA B 757 55.90 -34.08 13.10
N LEU B 758 56.56 -33.11 13.72
CA LEU B 758 55.97 -32.44 14.87
C LEU B 758 54.78 -31.58 14.46
N LEU B 759 54.83 -30.99 13.27
CA LEU B 759 53.69 -30.23 12.76
C LEU B 759 52.48 -31.13 12.55
N ALA B 760 52.72 -32.34 12.01
CA ALA B 760 51.62 -33.29 11.81
C ALA B 760 51.08 -33.81 13.14
N LYS B 761 51.98 -34.09 14.09
CA LYS B 761 51.53 -34.66 15.36
C LYS B 761 50.79 -33.64 16.21
N ARG B 762 51.25 -32.38 16.21
CA ARG B 762 50.64 -31.37 17.05
C ARG B 762 49.26 -30.95 16.50
N GLY B 763 49.11 -30.98 15.19
CA GLY B 763 47.89 -30.54 14.54
C GLY B 763 46.82 -31.59 14.34
N PHE B 764 47.01 -32.79 14.88
CA PHE B 764 46.05 -33.88 14.71
C PHE B 764 45.21 -34.03 15.97
N ASP B 765 43.90 -34.11 15.79
CA ASP B 765 42.96 -34.39 16.87
C ASP B 765 41.72 -35.01 16.27
N PRO B 766 41.43 -36.30 16.54
CA PRO B 766 40.28 -36.94 15.89
C PRO B 766 38.95 -36.63 16.56
N VAL B 767 38.75 -35.35 16.91
CA VAL B 767 37.46 -34.86 17.40
C VAL B 767 37.09 -33.68 16.53
N LEU B 768 38.09 -33.02 15.96
CA LEU B 768 37.89 -31.85 15.11
C LEU B 768 38.40 -32.02 13.69
N GLY B 769 39.25 -33.01 13.43
CA GLY B 769 39.71 -33.25 12.08
C GLY B 769 40.97 -32.48 11.76
N ALA B 770 40.99 -31.85 10.59
CA ALA B 770 42.18 -31.12 10.13
C ALA B 770 42.21 -29.67 10.58
N ARG B 771 41.16 -29.18 11.23
CA ARG B 771 41.15 -27.82 11.73
C ARG B 771 42.23 -27.52 12.76
N PRO B 772 42.55 -28.39 13.73
CA PRO B 772 43.72 -28.12 14.58
C PRO B 772 45.02 -27.99 13.79
N LEU B 773 45.16 -28.73 12.68
CA LEU B 773 46.35 -28.55 11.85
C LEU B 773 46.34 -27.19 11.17
N ARG B 774 45.16 -26.75 10.72
CA ARG B 774 45.00 -25.38 10.21
C ARG B 774 45.49 -24.36 11.22
N ARG B 775 45.03 -24.50 12.47
CA ARG B 775 45.35 -23.48 13.48
C ARG B 775 46.81 -23.57 13.92
N THR B 776 47.39 -24.78 13.96
CA THR B 776 48.77 -24.90 14.38
C THR B 776 49.75 -24.49 13.28
N ILE B 777 49.31 -24.48 12.02
CA ILE B 777 50.18 -23.92 11.01
C ILE B 777 49.95 -22.42 10.88
N GLN B 778 48.77 -21.94 11.29
CA GLN B 778 48.56 -20.49 11.34
C GLN B 778 49.35 -19.84 12.47
N ARG B 779 49.42 -20.50 13.62
CA ARG B 779 50.04 -19.91 14.82
C ARG B 779 51.51 -20.27 14.95
N GLU B 780 51.80 -21.56 15.12
CA GLU B 780 53.12 -21.96 15.59
C GLU B 780 54.20 -21.82 14.51
N ILE B 781 53.81 -21.66 13.25
CA ILE B 781 54.74 -21.52 12.14
C ILE B 781 54.63 -20.16 11.47
N GLU B 782 53.42 -19.79 11.04
CA GLU B 782 53.24 -18.56 10.27
C GLU B 782 53.46 -17.32 11.13
N ASP B 783 52.93 -17.33 12.36
CA ASP B 783 53.00 -16.14 13.21
C ASP B 783 54.43 -15.86 13.68
N GLN B 784 55.16 -16.92 14.06
CA GLN B 784 56.54 -16.73 14.50
C GLN B 784 57.43 -16.33 13.32
N LEU B 785 57.16 -16.86 12.14
CA LEU B 785 57.86 -16.41 10.94
C LEU B 785 57.56 -14.95 10.65
N SER B 786 56.32 -14.51 10.89
CA SER B 786 55.99 -13.10 10.73
C SER B 786 56.76 -12.24 11.73
N GLU B 787 56.88 -12.71 12.98
CA GLU B 787 57.69 -11.99 13.95
C GLU B 787 59.14 -11.86 13.49
N LYS B 788 59.72 -12.96 13.01
CA LYS B 788 61.14 -12.93 12.66
C LYS B 788 61.40 -12.16 11.38
N ILE B 789 60.46 -12.19 10.43
CA ILE B 789 60.61 -11.39 9.22
C ILE B 789 60.44 -9.91 9.53
N LEU B 790 59.49 -9.57 10.41
CA LEU B 790 59.22 -8.16 10.71
C LEU B 790 60.39 -7.52 11.46
N PHE B 791 61.06 -8.28 12.34
CA PHE B 791 62.15 -7.71 13.11
C PHE B 791 63.47 -7.72 12.35
N GLU B 792 63.48 -8.23 11.11
CA GLU B 792 64.62 -8.16 10.19
C GLU B 792 65.83 -8.94 10.73
N GLU B 793 65.62 -10.23 11.03
CA GLU B 793 66.76 -11.14 11.17
C GLU B 793 67.18 -11.75 9.85
N VAL B 794 66.21 -12.16 9.02
CA VAL B 794 66.48 -12.78 7.73
C VAL B 794 65.80 -11.95 6.65
N GLY B 795 66.55 -11.60 5.61
CA GLY B 795 66.02 -10.79 4.53
C GLY B 795 65.86 -11.57 3.25
N PRO B 796 65.64 -10.85 2.14
CA PRO B 796 65.49 -11.53 0.85
C PRO B 796 66.81 -12.13 0.38
N GLY B 797 66.70 -13.12 -0.51
CA GLY B 797 67.86 -13.83 -1.01
C GLY B 797 68.31 -15.00 -0.17
N GLN B 798 67.63 -15.26 0.94
CA GLN B 798 67.95 -16.36 1.85
C GLN B 798 66.82 -17.37 1.83
N VAL B 799 67.12 -18.58 2.30
CA VAL B 799 66.15 -19.65 2.42
C VAL B 799 66.05 -20.03 3.89
N VAL B 800 64.86 -19.91 4.47
CA VAL B 800 64.65 -20.19 5.88
C VAL B 800 64.40 -21.68 6.05
N THR B 801 65.24 -22.33 6.84
CA THR B 801 65.10 -23.74 7.18
C THR B 801 64.54 -23.85 8.58
N VAL B 802 63.51 -24.68 8.75
CA VAL B 802 62.82 -24.82 10.02
C VAL B 802 63.28 -26.13 10.67
N ASP B 803 63.76 -26.03 11.91
CA ASP B 803 64.20 -27.18 12.68
C ASP B 803 63.35 -27.27 13.95
N VAL B 804 63.48 -28.39 14.66
CA VAL B 804 62.80 -28.59 15.93
C VAL B 804 63.84 -29.04 16.95
N ASP B 805 63.89 -28.34 18.08
CA ASP B 805 64.78 -28.74 19.17
C ASP B 805 63.98 -29.30 20.33
N ASN B 806 64.66 -30.16 21.11
CA ASN B 806 64.08 -30.90 22.22
C ASN B 806 62.88 -31.75 21.78
N TRP B 807 63.01 -32.37 20.61
CA TRP B 807 61.96 -33.21 20.06
C TRP B 807 61.95 -34.56 20.77
N ASP B 808 60.74 -35.11 20.93
CA ASP B 808 60.60 -36.42 21.56
C ASP B 808 61.03 -37.52 20.59
N GLU B 814 55.58 -31.11 24.49
CA GLU B 814 56.64 -30.75 25.42
C GLU B 814 57.37 -29.49 24.97
N ASP B 815 58.61 -29.33 25.41
CA ASP B 815 59.43 -28.15 25.11
C ASP B 815 60.06 -28.19 23.70
N ALA B 816 59.60 -29.06 22.80
CA ALA B 816 60.11 -29.08 21.43
C ALA B 816 59.67 -27.81 20.72
N VAL B 817 60.62 -27.02 20.24
CA VAL B 817 60.33 -25.72 19.67
C VAL B 817 60.78 -25.69 18.21
N PHE B 818 59.95 -25.09 17.36
CA PHE B 818 60.29 -24.81 15.96
C PHE B 818 61.19 -23.58 15.93
N THR B 819 62.42 -23.77 15.52
CA THR B 819 63.40 -22.70 15.38
C THR B 819 63.66 -22.45 13.89
N PHE B 820 63.67 -21.19 13.49
CA PHE B 820 63.88 -20.80 12.10
C PHE B 820 65.31 -20.28 11.94
N THR B 821 66.02 -20.80 10.95
CA THR B 821 67.39 -20.38 10.69
C THR B 821 67.48 -19.51 9.44
N SER C 168 -34.52 17.60 -35.79
CA SER C 168 -33.95 16.34 -36.29
C SER C 168 -32.60 16.59 -36.96
N LEU C 169 -32.34 17.85 -37.31
CA LEU C 169 -31.08 18.20 -37.95
C LEU C 169 -29.93 18.35 -36.96
N VAL C 170 -30.22 18.39 -35.66
CA VAL C 170 -29.20 18.52 -34.64
C VAL C 170 -28.90 17.17 -33.99
N LEU C 171 -29.93 16.42 -33.64
CA LEU C 171 -29.75 15.15 -32.94
C LEU C 171 -29.11 14.09 -33.81
N ASP C 172 -29.16 14.22 -35.15
CA ASP C 172 -28.54 13.22 -36.00
C ASP C 172 -27.02 13.29 -35.92
N GLN C 173 -26.47 14.49 -35.72
CA GLN C 173 -25.02 14.64 -35.64
C GLN C 173 -24.45 14.01 -34.37
N PHE C 174 -25.16 14.12 -33.25
CA PHE C 174 -24.65 13.65 -31.97
C PHE C 174 -25.33 12.37 -31.51
N GLY C 175 -26.21 11.80 -32.33
CA GLY C 175 -26.93 10.62 -31.90
C GLY C 175 -27.44 9.82 -33.09
N ARG C 176 -28.07 8.70 -32.77
CA ARG C 176 -28.58 7.78 -33.78
C ARG C 176 -30.03 7.44 -33.46
N ASN C 177 -30.89 7.47 -34.47
CA ASN C 177 -32.31 7.23 -34.28
C ASN C 177 -32.57 5.73 -34.24
N LEU C 178 -32.95 5.22 -33.06
CA LEU C 178 -33.21 3.79 -32.92
C LEU C 178 -34.56 3.40 -33.51
N THR C 179 -35.57 4.27 -33.40
CA THR C 179 -36.86 3.98 -34.01
C THR C 179 -36.75 3.98 -35.54
N ALA C 180 -36.04 4.95 -36.10
CA ALA C 180 -35.81 4.95 -37.54
C ALA C 180 -34.87 3.83 -37.95
N ALA C 181 -34.07 3.31 -37.02
CA ALA C 181 -33.31 2.09 -37.30
C ALA C 181 -34.24 0.90 -37.38
N ALA C 182 -35.26 0.85 -36.51
CA ALA C 182 -36.25 -0.22 -36.57
C ALA C 182 -37.24 -0.04 -37.72
N MET C 183 -37.21 1.12 -38.38
CA MET C 183 -38.04 1.32 -39.58
C MET C 183 -37.68 0.33 -40.67
N GLU C 184 -36.38 0.12 -40.90
CA GLU C 184 -35.91 -0.85 -41.87
C GLU C 184 -35.61 -2.21 -41.26
N GLY C 185 -35.89 -2.40 -39.97
CA GLY C 185 -35.62 -3.67 -39.35
C GLY C 185 -34.16 -3.96 -39.12
N LYS C 186 -33.31 -2.93 -39.08
CA LYS C 186 -31.89 -3.12 -38.86
C LYS C 186 -31.57 -3.63 -37.46
N LEU C 187 -32.51 -3.54 -36.52
CA LEU C 187 -32.32 -4.04 -35.17
C LEU C 187 -32.75 -5.49 -35.08
N ASP C 188 -31.98 -6.29 -34.35
CA ASP C 188 -32.30 -7.69 -34.21
C ASP C 188 -33.57 -7.88 -33.38
N PRO C 189 -34.39 -8.89 -33.70
CA PRO C 189 -35.59 -9.13 -32.90
C PRO C 189 -35.25 -9.49 -31.46
N VAL C 190 -36.10 -9.05 -30.54
CA VAL C 190 -35.89 -9.23 -29.11
C VAL C 190 -37.00 -10.14 -28.59
N ILE C 191 -36.60 -11.23 -27.95
CA ILE C 191 -37.51 -12.31 -27.60
C ILE C 191 -37.39 -12.58 -26.10
N GLY C 192 -38.53 -12.61 -25.41
CA GLY C 192 -38.57 -12.98 -24.01
C GLY C 192 -38.31 -11.86 -23.03
N ARG C 193 -38.25 -10.62 -23.49
CA ARG C 193 -38.01 -9.47 -22.63
C ARG C 193 -39.29 -8.67 -22.38
N GLU C 194 -40.41 -9.37 -22.22
CA GLU C 194 -41.67 -8.67 -22.00
C GLU C 194 -41.70 -7.98 -20.65
N LYS C 195 -41.23 -8.65 -19.59
CA LYS C 195 -41.28 -8.06 -18.26
C LYS C 195 -40.36 -6.84 -18.14
N GLU C 196 -39.13 -6.94 -18.64
CA GLU C 196 -38.19 -5.83 -18.51
C GLU C 196 -38.59 -4.65 -19.39
N ILE C 197 -39.04 -4.92 -20.61
CA ILE C 197 -39.50 -3.84 -21.47
C ILE C 197 -40.72 -3.16 -20.86
N GLU C 198 -41.66 -3.95 -20.32
CA GLU C 198 -42.82 -3.37 -19.66
C GLU C 198 -42.43 -2.54 -18.45
N ARG C 199 -41.41 -2.99 -17.71
CA ARG C 199 -40.90 -2.22 -16.58
C ARG C 199 -40.35 -0.87 -17.04
N VAL C 200 -39.61 -0.87 -18.16
CA VAL C 200 -39.11 0.40 -18.70
C VAL C 200 -40.27 1.29 -19.15
N MET C 201 -41.30 0.69 -19.75
CA MET C 201 -42.48 1.44 -20.17
C MET C 201 -43.15 2.12 -18.98
N GLN C 202 -43.28 1.38 -17.87
CA GLN C 202 -44.05 1.87 -16.73
C GLN C 202 -43.21 2.74 -15.82
N VAL C 203 -41.88 2.76 -16.02
CA VAL C 203 -41.06 3.77 -15.37
C VAL C 203 -41.04 5.06 -16.20
N LEU C 204 -40.97 4.94 -17.52
CA LEU C 204 -40.95 6.12 -18.37
C LEU C 204 -42.26 6.89 -18.37
N SER C 205 -43.32 6.31 -17.81
CA SER C 205 -44.62 6.96 -17.77
C SER C 205 -44.87 7.73 -16.48
N ARG C 206 -43.86 7.88 -15.62
CA ARG C 206 -44.02 8.60 -14.37
C ARG C 206 -44.21 10.10 -14.63
N ARG C 207 -44.43 10.84 -13.55
CA ARG C 207 -44.56 12.29 -13.65
C ARG C 207 -43.23 13.00 -13.47
N THR C 208 -42.56 12.77 -12.35
CA THR C 208 -41.24 13.31 -12.09
C THR C 208 -40.25 12.17 -11.92
N LYS C 209 -39.05 12.36 -12.45
CA LYS C 209 -37.97 11.38 -12.40
C LYS C 209 -38.40 10.06 -13.06
N ASN C 210 -38.69 10.15 -14.35
CA ASN C 210 -39.15 9.02 -15.14
C ASN C 210 -38.01 8.38 -15.91
N ASN C 211 -36.84 8.30 -15.29
CA ASN C 211 -35.63 7.82 -15.95
C ASN C 211 -35.27 6.42 -15.48
N PRO C 212 -35.41 5.40 -16.32
CA PRO C 212 -34.96 4.05 -15.94
C PRO C 212 -33.51 3.82 -16.32
N VAL C 213 -32.82 3.06 -15.47
CA VAL C 213 -31.48 2.58 -15.79
C VAL C 213 -31.52 1.06 -15.81
N LEU C 214 -31.03 0.48 -16.90
CA LEU C 214 -30.96 -0.96 -17.07
C LEU C 214 -29.64 -1.42 -16.47
N ILE C 215 -29.70 -1.85 -15.22
CA ILE C 215 -28.54 -2.37 -14.52
C ILE C 215 -28.45 -3.86 -14.83
N GLY C 216 -27.25 -4.32 -15.14
CA GLY C 216 -27.13 -5.72 -15.51
C GLY C 216 -25.70 -6.20 -15.56
N GLU C 217 -25.54 -7.42 -16.08
CA GLU C 217 -24.26 -8.05 -16.31
C GLU C 217 -23.84 -7.85 -17.76
N PRO C 218 -22.54 -8.01 -18.07
CA PRO C 218 -22.13 -7.89 -19.48
C PRO C 218 -22.66 -9.03 -20.34
N GLY C 219 -23.58 -8.72 -21.24
CA GLY C 219 -24.10 -9.71 -22.16
C GLY C 219 -25.37 -10.40 -21.70
N VAL C 220 -26.34 -9.62 -21.22
CA VAL C 220 -27.63 -10.17 -20.82
C VAL C 220 -28.73 -9.53 -21.66
N GLY C 221 -28.36 -8.56 -22.48
CA GLY C 221 -29.30 -7.90 -23.36
C GLY C 221 -29.81 -6.56 -22.89
N LYS C 222 -28.99 -5.77 -22.20
CA LYS C 222 -29.42 -4.45 -21.74
C LYS C 222 -29.72 -3.53 -22.91
N THR C 223 -28.84 -3.50 -23.91
CA THR C 223 -29.13 -2.72 -25.11
C THR C 223 -30.20 -3.41 -25.94
N ALA C 224 -30.31 -4.73 -25.82
CA ALA C 224 -31.38 -5.45 -26.51
C ALA C 224 -32.75 -5.06 -25.98
N VAL C 225 -32.86 -4.74 -24.69
CA VAL C 225 -34.12 -4.27 -24.14
C VAL C 225 -34.53 -2.95 -24.77
N VAL C 226 -33.58 -2.03 -24.93
CA VAL C 226 -33.86 -0.73 -25.54
C VAL C 226 -34.23 -0.90 -27.01
N GLU C 227 -33.54 -1.80 -27.72
CA GLU C 227 -33.89 -2.05 -29.11
C GLU C 227 -35.26 -2.71 -29.24
N GLY C 228 -35.63 -3.56 -28.28
CA GLY C 228 -36.97 -4.12 -28.27
C GLY C 228 -38.01 -3.07 -27.98
N LEU C 229 -37.69 -2.10 -27.13
CA LEU C 229 -38.60 -0.98 -26.89
C LEU C 229 -38.78 -0.14 -28.16
N ALA C 230 -37.71 0.07 -28.91
CA ALA C 230 -37.81 0.79 -30.17
C ALA C 230 -38.68 0.03 -31.18
N GLN C 231 -38.50 -1.30 -31.23
CA GLN C 231 -39.34 -2.11 -32.10
C GLN C 231 -40.80 -2.08 -31.67
N ALA C 232 -41.05 -2.08 -30.36
CA ALA C 232 -42.42 -1.93 -29.87
C ALA C 232 -43.01 -0.58 -30.23
N ILE C 233 -42.20 0.49 -30.16
CA ILE C 233 -42.68 1.82 -30.51
C ILE C 233 -43.06 1.88 -31.99
N VAL C 234 -42.20 1.35 -32.86
CA VAL C 234 -42.49 1.42 -34.29
C VAL C 234 -43.65 0.48 -34.66
N HIS C 235 -43.79 -0.64 -33.93
CA HIS C 235 -44.91 -1.55 -34.22
C HIS C 235 -46.25 -0.94 -33.82
N GLY C 236 -46.30 -0.30 -32.65
CA GLY C 236 -47.52 0.27 -32.14
C GLY C 236 -48.11 -0.40 -30.93
N GLU C 237 -47.36 -1.26 -30.24
CA GLU C 237 -47.85 -1.94 -29.04
C GLU C 237 -47.85 -1.02 -27.81
N VAL C 238 -47.11 0.08 -27.88
CA VAL C 238 -46.87 0.97 -26.74
C VAL C 238 -48.14 1.69 -26.30
N PRO C 239 -48.21 2.16 -25.05
CA PRO C 239 -49.35 2.99 -24.64
C PRO C 239 -49.29 4.40 -25.24
N GLU C 240 -50.22 5.27 -24.82
CA GLU C 240 -50.33 6.58 -25.45
C GLU C 240 -49.19 7.50 -25.04
N THR C 241 -48.59 7.28 -23.86
CA THR C 241 -47.53 8.15 -23.40
C THR C 241 -46.20 7.86 -24.10
N LEU C 242 -46.08 6.71 -24.75
CA LEU C 242 -44.86 6.33 -25.46
C LEU C 242 -45.15 6.08 -26.94
N LYS C 243 -46.29 6.56 -27.42
CA LYS C 243 -46.70 6.37 -28.80
C LYS C 243 -46.07 7.43 -29.68
N ASP C 244 -45.51 6.99 -30.81
CA ASP C 244 -44.87 7.88 -31.80
C ASP C 244 -43.75 8.70 -31.16
N LYS C 245 -43.00 8.08 -30.27
CA LYS C 245 -41.88 8.72 -29.59
C LYS C 245 -40.58 8.16 -30.18
N GLN C 246 -39.82 9.02 -30.84
CA GLN C 246 -38.55 8.59 -31.43
C GLN C 246 -37.52 8.39 -30.33
N LEU C 247 -36.84 7.25 -30.38
CA LEU C 247 -35.84 6.90 -29.38
C LEU C 247 -34.46 7.14 -29.98
N TYR C 248 -33.73 8.10 -29.41
CA TYR C 248 -32.43 8.52 -29.93
C TYR C 248 -31.35 8.09 -28.94
N THR C 249 -30.36 7.34 -29.41
CA THR C 249 -29.21 7.04 -28.58
C THR C 249 -28.17 8.14 -28.74
N LEU C 250 -27.64 8.61 -27.62
CA LEU C 250 -26.76 9.77 -27.59
C LEU C 250 -25.31 9.32 -27.53
N ASP C 251 -24.48 9.87 -28.43
CA ASP C 251 -23.05 9.56 -28.46
C ASP C 251 -22.30 10.68 -27.75
N LEU C 252 -21.90 10.43 -26.51
CA LEU C 252 -21.17 11.44 -25.74
C LEU C 252 -19.80 11.71 -26.34
N GLY C 253 -19.17 10.70 -26.95
CA GLY C 253 -17.92 10.91 -27.63
C GLY C 253 -18.05 11.86 -28.80
N SER C 254 -19.21 11.85 -29.46
CA SER C 254 -19.44 12.79 -30.55
C SER C 254 -19.70 14.20 -30.03
N LEU C 255 -20.27 14.31 -28.83
CA LEU C 255 -20.44 15.62 -28.21
C LEU C 255 -19.10 16.23 -27.80
N VAL C 256 -18.24 15.43 -27.18
CA VAL C 256 -16.95 15.92 -26.71
C VAL C 256 -16.04 16.26 -27.90
N ALA C 257 -16.12 15.48 -28.98
CA ALA C 257 -15.20 15.64 -30.09
C ALA C 257 -15.38 16.96 -30.81
N GLY C 258 -14.26 17.61 -31.12
CA GLY C 258 -14.27 18.86 -31.85
C GLY C 258 -14.52 20.09 -31.02
N SER C 259 -14.67 19.96 -29.70
CA SER C 259 -14.97 21.09 -28.82
C SER C 259 -13.66 21.58 -28.19
N ARG C 260 -12.98 22.46 -28.92
CA ARG C 260 -11.77 23.06 -28.38
C ARG C 260 -12.08 24.12 -27.33
N TYR C 261 -13.29 24.67 -27.36
CA TYR C 261 -13.67 25.79 -26.52
C TYR C 261 -14.89 25.40 -25.71
N ARG C 262 -14.92 25.81 -24.44
CA ARG C 262 -16.00 25.41 -23.53
C ARG C 262 -17.37 25.82 -24.03
N GLY C 263 -17.43 26.97 -24.71
CA GLY C 263 -18.66 27.36 -25.35
C GLY C 263 -19.16 26.32 -26.33
N ASP C 264 -18.25 25.71 -27.09
CA ASP C 264 -18.65 24.73 -28.08
C ASP C 264 -19.31 23.50 -27.44
N PHE C 265 -18.67 22.92 -26.41
CA PHE C 265 -19.23 21.69 -25.85
C PHE C 265 -20.53 21.95 -25.09
N GLU C 266 -20.53 22.96 -24.21
CA GLU C 266 -21.75 23.19 -23.45
C GLU C 266 -22.88 23.71 -24.34
N GLU C 267 -22.54 24.44 -25.41
CA GLU C 267 -23.55 24.93 -26.33
C GLU C 267 -24.10 23.78 -27.18
N ARG C 268 -23.27 22.79 -27.51
CA ARG C 268 -23.76 21.60 -28.19
C ARG C 268 -24.73 20.83 -27.31
N LEU C 269 -24.36 20.61 -26.06
CA LEU C 269 -25.25 19.85 -25.17
C LEU C 269 -26.56 20.59 -24.92
N LYS C 270 -26.50 21.91 -24.80
CA LYS C 270 -27.74 22.66 -24.59
C LYS C 270 -28.57 22.78 -25.87
N LYS C 271 -27.94 22.76 -27.05
CA LYS C 271 -28.73 22.63 -28.28
C LYS C 271 -29.44 21.29 -28.33
N VAL C 272 -28.77 20.23 -27.90
CA VAL C 272 -29.41 18.90 -27.86
C VAL C 272 -30.61 18.93 -26.92
N LEU C 273 -30.43 19.48 -25.72
CA LEU C 273 -31.53 19.56 -24.77
C LEU C 273 -32.66 20.45 -25.28
N LYS C 274 -32.32 21.55 -25.95
CA LYS C 274 -33.34 22.44 -26.48
C LYS C 274 -34.14 21.79 -27.59
N GLU C 275 -33.47 21.02 -28.46
CA GLU C 275 -34.19 20.29 -29.51
C GLU C 275 -35.11 19.24 -28.91
N ILE C 276 -34.64 18.52 -27.89
CA ILE C 276 -35.46 17.52 -27.23
C ILE C 276 -36.69 18.17 -26.60
N ASN C 277 -36.49 19.29 -25.90
CA ASN C 277 -37.61 19.98 -25.26
C ASN C 277 -38.53 20.67 -26.24
N THR C 278 -38.03 21.03 -27.43
CA THR C 278 -38.86 21.71 -28.42
C THR C 278 -39.73 20.72 -29.18
N ARG C 279 -39.12 19.67 -29.74
CA ARG C 279 -39.92 18.68 -30.46
C ARG C 279 -40.84 17.92 -29.52
N GLY C 280 -40.33 17.50 -28.37
CA GLY C 280 -41.14 16.88 -27.36
C GLY C 280 -41.42 15.40 -27.56
N ASP C 281 -40.93 14.80 -28.64
CA ASP C 281 -41.16 13.39 -28.91
C ASP C 281 -39.84 12.66 -29.15
N ILE C 282 -38.85 12.93 -28.31
CA ILE C 282 -37.60 12.19 -28.31
C ILE C 282 -37.35 11.65 -26.91
N ILE C 283 -37.37 10.34 -26.78
CA ILE C 283 -36.81 9.67 -25.62
C ILE C 283 -35.33 9.50 -25.87
N LEU C 284 -34.52 9.71 -24.84
CA LEU C 284 -33.08 9.72 -24.98
C LEU C 284 -32.51 8.47 -24.34
N PHE C 285 -31.48 7.89 -24.95
CA PHE C 285 -30.87 6.65 -24.49
C PHE C 285 -29.38 6.88 -24.31
N ILE C 286 -28.89 6.61 -23.10
CA ILE C 286 -27.48 6.74 -22.77
C ILE C 286 -26.97 5.33 -22.48
N ASP C 287 -26.39 4.69 -23.48
CA ASP C 287 -25.62 3.47 -23.24
C ASP C 287 -24.32 3.83 -22.55
N GLU C 288 -23.92 3.00 -21.58
CA GLU C 288 -22.76 3.27 -20.73
C GLU C 288 -22.93 4.61 -20.00
N LEU C 289 -23.92 4.63 -19.10
CA LEU C 289 -24.26 5.83 -18.34
C LEU C 289 -23.10 6.33 -17.47
N HIS C 290 -22.14 5.46 -17.16
CA HIS C 290 -20.98 5.88 -16.36
C HIS C 290 -20.08 6.87 -17.09
N THR C 291 -20.25 7.05 -18.40
CA THR C 291 -19.56 8.11 -19.11
C THR C 291 -20.17 9.48 -18.84
N LEU C 292 -21.32 9.54 -18.18
CA LEU C 292 -21.97 10.80 -17.86
C LEU C 292 -21.29 11.52 -16.70
N VAL C 293 -20.65 10.78 -15.78
CA VAL C 293 -19.98 11.43 -14.65
C VAL C 293 -18.60 11.89 -15.10
N GLY C 294 -18.55 13.08 -15.69
CA GLY C 294 -17.34 13.67 -16.21
C GLY C 294 -17.28 13.49 -17.71
N ALA C 295 -17.72 14.50 -18.46
CA ALA C 295 -17.64 14.50 -19.90
C ALA C 295 -16.89 15.71 -20.44
N GLY C 296 -17.26 16.91 -19.98
CA GLY C 296 -16.53 18.10 -20.40
C GLY C 296 -15.39 18.44 -19.45
N ALA C 297 -15.54 18.08 -18.18
CA ALA C 297 -14.54 18.37 -17.16
C ALA C 297 -14.64 17.30 -16.08
N ALA C 298 -14.01 17.55 -14.94
CA ALA C 298 -14.02 16.58 -13.85
C ALA C 298 -15.40 16.53 -13.20
N GLU C 299 -15.51 15.71 -12.15
CA GLU C 299 -16.78 15.57 -11.45
C GLU C 299 -17.16 16.83 -10.68
N GLY C 300 -16.21 17.71 -10.40
CA GLY C 300 -16.46 18.93 -9.67
C GLY C 300 -16.66 20.18 -10.49
N ALA C 301 -16.98 20.05 -11.77
CA ALA C 301 -17.18 21.21 -12.63
C ALA C 301 -18.36 20.99 -13.57
N ILE C 302 -18.57 21.92 -14.51
CA ILE C 302 -19.64 21.76 -15.49
C ILE C 302 -19.28 20.64 -16.45
N ASP C 303 -20.16 19.64 -16.51
CA ASP C 303 -20.01 18.51 -17.42
C ASP C 303 -21.41 18.06 -17.81
N ALA C 304 -21.51 16.87 -18.41
CA ALA C 304 -22.81 16.37 -18.84
C ALA C 304 -23.73 16.10 -17.65
N ALA C 305 -23.18 15.52 -16.58
CA ALA C 305 -24.00 15.20 -15.41
C ALA C 305 -24.53 16.46 -14.74
N SER C 306 -23.69 17.49 -14.62
CA SER C 306 -24.11 18.72 -13.94
C SER C 306 -25.15 19.49 -14.72
N ILE C 307 -25.20 19.33 -16.04
CA ILE C 307 -26.24 19.96 -16.84
C ILE C 307 -27.51 19.11 -16.84
N LEU C 308 -27.38 17.80 -16.89
CA LEU C 308 -28.55 16.93 -16.93
C LEU C 308 -29.27 16.80 -15.60
N LYS C 309 -28.56 16.97 -14.47
CA LYS C 309 -29.18 16.73 -13.15
C LYS C 309 -30.41 17.59 -12.88
N PRO C 310 -30.42 18.92 -13.11
CA PRO C 310 -31.67 19.67 -12.86
C PRO C 310 -32.84 19.23 -13.73
N LYS C 311 -32.57 18.80 -14.97
CA LYS C 311 -33.64 18.34 -15.84
C LYS C 311 -34.14 16.96 -15.41
N LEU C 312 -33.22 16.08 -15.00
CA LEU C 312 -33.64 14.75 -14.58
C LEU C 312 -34.39 14.78 -13.26
N ALA C 313 -34.02 15.69 -12.36
CA ALA C 313 -34.66 15.74 -11.05
C ALA C 313 -36.13 16.13 -11.12
N ARG C 314 -36.47 17.12 -11.94
CA ARG C 314 -37.85 17.57 -12.07
C ARG C 314 -38.62 16.78 -13.12
N GLY C 315 -37.96 15.87 -13.83
CA GLY C 315 -38.65 14.97 -14.75
C GLY C 315 -39.20 15.62 -16.00
N GLU C 316 -38.42 16.48 -16.66
CA GLU C 316 -38.78 16.96 -17.98
C GLU C 316 -38.06 16.20 -19.09
N LEU C 317 -37.05 15.41 -18.75
CA LEU C 317 -36.24 14.71 -19.75
C LEU C 317 -36.35 13.21 -19.48
N GLN C 318 -36.70 12.45 -20.52
CA GLN C 318 -36.84 11.01 -20.44
C GLN C 318 -35.56 10.37 -20.91
N THR C 319 -34.75 9.89 -19.98
CA THR C 319 -33.45 9.31 -20.28
C THR C 319 -33.39 7.88 -19.77
N ILE C 320 -33.01 6.95 -20.66
CA ILE C 320 -32.85 5.54 -20.33
C ILE C 320 -31.35 5.27 -20.28
N GLY C 321 -30.83 4.98 -19.10
CA GLY C 321 -29.44 4.62 -18.95
C GLY C 321 -29.25 3.13 -19.08
N ALA C 322 -28.05 2.72 -19.47
CA ALA C 322 -27.70 1.31 -19.50
C ALA C 322 -26.34 1.14 -18.82
N THR C 323 -26.27 0.26 -17.82
CA THR C 323 -25.07 0.20 -16.99
C THR C 323 -24.85 -1.22 -16.48
N THR C 324 -23.59 -1.65 -16.53
CA THR C 324 -23.14 -2.89 -15.91
C THR C 324 -23.25 -2.79 -14.40
N LEU C 325 -23.42 -3.93 -13.75
CA LEU C 325 -23.48 -3.98 -12.28
C LEU C 325 -22.20 -3.42 -11.66
N ASP C 326 -21.05 -3.85 -12.17
CA ASP C 326 -19.78 -3.37 -11.63
C ASP C 326 -19.55 -1.90 -11.96
N GLU C 327 -19.95 -1.47 -13.16
CA GLU C 327 -19.82 -0.05 -13.49
C GLU C 327 -20.80 0.80 -12.70
N TYR C 328 -21.97 0.25 -12.37
CA TYR C 328 -22.89 0.96 -11.50
C TYR C 328 -22.31 1.11 -10.09
N ARG C 329 -21.69 0.05 -9.56
CA ARG C 329 -21.08 0.14 -8.25
C ARG C 329 -19.91 1.10 -8.24
N LYS C 330 -19.09 1.08 -9.29
CA LYS C 330 -17.85 1.85 -9.28
C LYS C 330 -18.08 3.33 -9.55
N TYR C 331 -18.76 3.65 -10.66
CA TYR C 331 -18.77 5.02 -11.13
C TYR C 331 -20.05 5.77 -10.77
N ILE C 332 -21.21 5.18 -11.03
CA ILE C 332 -22.48 5.86 -10.77
C ILE C 332 -22.74 6.00 -9.27
N GLU C 333 -22.45 4.95 -8.50
CA GLU C 333 -22.88 4.92 -7.11
C GLU C 333 -22.08 5.90 -6.24
N LYS C 334 -20.86 6.24 -6.66
CA LYS C 334 -20.13 7.30 -5.95
C LYS C 334 -20.81 8.65 -6.10
N ASP C 335 -21.40 8.93 -7.26
CA ASP C 335 -22.15 10.17 -7.49
C ASP C 335 -23.61 9.88 -7.12
N ALA C 336 -23.93 10.11 -5.84
CA ALA C 336 -25.26 9.78 -5.33
C ALA C 336 -26.36 10.67 -5.90
N ALA C 337 -26.01 11.75 -6.59
CA ALA C 337 -27.03 12.58 -7.23
C ALA C 337 -27.62 11.88 -8.45
N LEU C 338 -26.78 11.28 -9.29
CA LEU C 338 -27.29 10.53 -10.44
C LEU C 338 -27.88 9.18 -10.05
N GLU C 339 -27.40 8.59 -8.95
CA GLU C 339 -28.04 7.39 -8.43
C GLU C 339 -29.49 7.67 -8.03
N ARG C 340 -29.74 8.86 -7.46
CA ARG C 340 -31.09 9.25 -7.10
C ARG C 340 -32.00 9.37 -8.31
N ARG C 341 -31.49 9.94 -9.41
CA ARG C 341 -32.33 10.29 -10.55
C ARG C 341 -32.57 9.14 -11.51
N PHE C 342 -32.11 7.93 -11.20
CA PHE C 342 -32.31 6.78 -12.07
C PHE C 342 -32.83 5.61 -11.23
N GLN C 343 -33.97 5.04 -11.63
CA GLN C 343 -34.47 3.84 -10.96
C GLN C 343 -33.87 2.59 -11.60
N PRO C 344 -33.29 1.69 -10.81
CA PRO C 344 -32.71 0.47 -11.37
C PRO C 344 -33.78 -0.44 -11.97
N VAL C 345 -33.46 -1.01 -13.13
CA VAL C 345 -34.28 -2.03 -13.78
C VAL C 345 -33.34 -3.20 -14.05
N GLN C 346 -33.42 -4.24 -13.22
CA GLN C 346 -32.48 -5.35 -13.31
C GLN C 346 -32.83 -6.23 -14.49
N VAL C 347 -31.92 -6.31 -15.45
CA VAL C 347 -32.07 -7.21 -16.59
C VAL C 347 -31.26 -8.46 -16.26
N GLY C 348 -31.94 -9.45 -15.68
CA GLY C 348 -31.27 -10.63 -15.19
C GLY C 348 -30.79 -11.55 -16.31
N GLU C 349 -29.92 -12.46 -15.92
CA GLU C 349 -29.36 -13.43 -16.86
C GLU C 349 -30.43 -14.44 -17.27
N PRO C 350 -30.75 -14.57 -18.56
CA PRO C 350 -31.78 -15.52 -18.97
C PRO C 350 -31.35 -16.96 -18.73
N THR C 351 -32.36 -17.81 -18.49
CA THR C 351 -32.12 -19.21 -18.21
C THR C 351 -31.82 -19.96 -19.51
N VAL C 352 -31.68 -21.29 -19.39
CA VAL C 352 -31.33 -22.11 -20.54
C VAL C 352 -32.50 -22.17 -21.53
N GLU C 353 -33.72 -22.37 -21.03
CA GLU C 353 -34.89 -22.41 -21.90
C GLU C 353 -35.13 -21.05 -22.55
N HIS C 354 -34.95 -19.98 -21.78
CA HIS C 354 -35.03 -18.63 -22.34
C HIS C 354 -33.98 -18.44 -23.44
N THR C 355 -32.77 -18.96 -23.23
CA THR C 355 -31.72 -18.83 -24.23
C THR C 355 -32.06 -19.63 -25.49
N ILE C 356 -32.69 -20.80 -25.32
CA ILE C 356 -33.12 -21.60 -26.47
C ILE C 356 -34.18 -20.83 -27.26
N GLU C 357 -35.12 -20.21 -26.56
CA GLU C 357 -36.15 -19.43 -27.25
C GLU C 357 -35.54 -18.22 -27.97
N ILE C 358 -34.57 -17.57 -27.34
CA ILE C 358 -33.88 -16.44 -27.97
C ILE C 358 -33.15 -16.89 -29.23
N LEU C 359 -32.45 -18.02 -29.15
CA LEU C 359 -31.73 -18.55 -30.30
C LEU C 359 -32.68 -18.94 -31.42
N LYS C 360 -33.84 -19.51 -31.07
CA LYS C 360 -34.85 -19.81 -32.07
C LYS C 360 -35.40 -18.53 -32.70
N GLY C 361 -35.39 -17.43 -31.94
CA GLY C 361 -35.78 -16.15 -32.52
C GLY C 361 -34.81 -15.63 -33.57
N LEU C 362 -33.51 -15.88 -33.39
CA LEU C 362 -32.47 -15.34 -34.25
C LEU C 362 -31.99 -16.34 -35.30
N ARG C 363 -32.82 -17.32 -35.65
CA ARG C 363 -32.43 -18.27 -36.70
C ARG C 363 -32.32 -17.59 -38.06
N ASP C 364 -33.25 -16.68 -38.37
CA ASP C 364 -33.37 -16.18 -39.73
C ASP C 364 -32.21 -15.28 -40.11
N ARG C 365 -31.80 -14.39 -39.21
CA ARG C 365 -30.73 -13.45 -39.53
C ARG C 365 -29.40 -14.18 -39.72
N TYR C 366 -29.09 -15.12 -38.84
CA TYR C 366 -27.83 -15.85 -38.94
C TYR C 366 -27.84 -16.80 -40.14
N GLU C 367 -29.00 -17.38 -40.43
CA GLU C 367 -29.14 -18.19 -41.64
C GLU C 367 -28.91 -17.37 -42.89
N ALA C 368 -29.46 -16.16 -42.93
CA ALA C 368 -29.31 -15.31 -44.11
C ALA C 368 -27.87 -14.83 -44.26
N HIS C 369 -27.22 -14.47 -43.15
CA HIS C 369 -25.86 -13.94 -43.25
C HIS C 369 -24.86 -15.04 -43.56
N HIS C 370 -24.98 -16.19 -42.91
CA HIS C 370 -24.04 -17.28 -43.08
C HIS C 370 -24.34 -18.18 -44.26
N ARG C 371 -25.53 -18.06 -44.86
CA ARG C 371 -26.00 -18.94 -45.93
C ARG C 371 -25.93 -20.41 -45.50
N VAL C 372 -26.32 -20.68 -44.26
CA VAL C 372 -26.31 -22.03 -43.72
C VAL C 372 -27.70 -22.39 -43.23
N SER C 373 -27.84 -23.58 -42.65
CA SER C 373 -29.08 -24.02 -42.03
C SER C 373 -28.78 -24.54 -40.63
N ILE C 374 -29.50 -24.01 -39.64
CA ILE C 374 -29.29 -24.35 -38.24
C ILE C 374 -30.51 -25.09 -37.73
N THR C 375 -30.28 -26.21 -37.04
CA THR C 375 -31.34 -27.06 -36.54
C THR C 375 -31.69 -26.71 -35.09
N ASP C 376 -32.86 -27.18 -34.66
CA ASP C 376 -33.30 -26.94 -33.28
C ASP C 376 -32.38 -27.62 -32.27
N ALA C 377 -31.93 -28.84 -32.59
CA ALA C 377 -31.00 -29.54 -31.71
C ALA C 377 -29.68 -28.81 -31.60
N ALA C 378 -29.26 -28.14 -32.67
CA ALA C 378 -28.04 -27.34 -32.63
C ALA C 378 -28.15 -26.22 -31.62
N MET C 379 -29.29 -25.52 -31.60
CA MET C 379 -29.45 -24.41 -30.67
C MET C 379 -29.66 -24.89 -29.24
N VAL C 380 -30.36 -26.01 -29.06
CA VAL C 380 -30.49 -26.59 -27.72
C VAL C 380 -29.12 -26.97 -27.18
N ALA C 381 -28.31 -27.62 -28.01
CA ALA C 381 -26.96 -27.98 -27.60
C ALA C 381 -26.10 -26.74 -27.34
N ALA C 382 -26.25 -25.70 -28.17
CA ALA C 382 -25.47 -24.48 -27.99
C ALA C 382 -25.79 -23.82 -26.66
N ALA C 383 -27.07 -23.68 -26.34
CA ALA C 383 -27.46 -23.07 -25.07
C ALA C 383 -27.01 -23.91 -23.88
N THR C 384 -27.22 -25.24 -23.96
CA THR C 384 -26.84 -26.11 -22.85
C THR C 384 -25.34 -26.10 -22.61
N LEU C 385 -24.55 -26.19 -23.68
CA LEU C 385 -23.10 -26.23 -23.54
C LEU C 385 -22.55 -24.88 -23.10
N ALA C 386 -23.13 -23.78 -23.59
CA ALA C 386 -22.69 -22.47 -23.14
C ALA C 386 -23.00 -22.26 -21.66
N ASP C 387 -24.16 -22.73 -21.20
CA ASP C 387 -24.48 -22.63 -19.79
C ASP C 387 -23.55 -23.52 -18.95
N ARG C 388 -23.19 -24.70 -19.46
CA ARG C 388 -22.51 -25.68 -18.64
C ARG C 388 -21.00 -25.43 -18.57
N TYR C 389 -20.36 -25.17 -19.70
CA TYR C 389 -18.90 -25.22 -19.78
C TYR C 389 -18.23 -23.86 -19.66
N ILE C 390 -18.66 -22.87 -20.44
CA ILE C 390 -18.04 -21.55 -20.37
C ILE C 390 -18.41 -20.88 -19.07
N ASN C 391 -17.39 -20.40 -18.33
CA ASN C 391 -17.59 -19.92 -16.97
C ASN C 391 -17.02 -18.52 -16.78
N ASP C 392 -16.96 -17.71 -17.84
CA ASP C 392 -16.54 -16.32 -17.72
C ASP C 392 -17.45 -15.37 -18.47
N ARG C 393 -18.53 -15.86 -19.07
CA ARG C 393 -19.48 -15.03 -19.80
C ARG C 393 -20.89 -15.35 -19.33
N PHE C 394 -21.85 -14.56 -19.82
CA PHE C 394 -23.23 -14.68 -19.40
C PHE C 394 -24.13 -14.93 -20.60
N LEU C 395 -25.16 -15.74 -20.38
CA LEU C 395 -26.16 -16.00 -21.39
C LEU C 395 -26.94 -14.72 -21.69
N PRO C 396 -27.43 -14.55 -22.93
CA PRO C 396 -27.39 -15.46 -24.07
C PRO C 396 -26.24 -15.16 -25.02
N ASP C 397 -25.19 -14.48 -24.55
CA ASP C 397 -24.15 -14.05 -25.48
C ASP C 397 -23.26 -15.20 -25.92
N LYS C 398 -22.93 -16.12 -25.01
CA LYS C 398 -22.02 -17.20 -25.37
C LYS C 398 -22.69 -18.22 -26.30
N ALA C 399 -23.98 -18.50 -26.11
CA ALA C 399 -24.68 -19.39 -27.03
C ALA C 399 -24.75 -18.80 -28.43
N ILE C 400 -25.03 -17.50 -28.52
CA ILE C 400 -25.02 -16.82 -29.81
C ILE C 400 -23.62 -16.82 -30.41
N ASP C 401 -22.58 -16.72 -29.57
CA ASP C 401 -21.22 -16.81 -30.05
C ASP C 401 -20.94 -18.18 -30.69
N LEU C 402 -21.36 -19.26 -30.02
CA LEU C 402 -21.18 -20.59 -30.57
C LEU C 402 -21.91 -20.75 -31.89
N ILE C 403 -23.16 -20.28 -31.95
CA ILE C 403 -23.95 -20.40 -33.18
C ILE C 403 -23.31 -19.62 -34.33
N ASP C 404 -22.89 -18.39 -34.04
CA ASP C 404 -22.31 -17.53 -35.08
C ASP C 404 -20.97 -18.09 -35.56
N GLU C 405 -20.15 -18.63 -34.65
CA GLU C 405 -18.86 -19.14 -35.05
C GLU C 405 -19.00 -20.45 -35.83
N ALA C 406 -20.00 -21.27 -35.49
CA ALA C 406 -20.26 -22.45 -36.30
C ALA C 406 -20.74 -22.07 -37.70
N GLY C 407 -21.58 -21.05 -37.80
CA GLY C 407 -21.99 -20.58 -39.12
C GLY C 407 -20.82 -20.05 -39.93
N ALA C 408 -19.91 -19.32 -39.28
CA ALA C 408 -18.71 -18.84 -39.96
C ALA C 408 -17.83 -20.00 -40.41
N ARG C 409 -17.72 -21.05 -39.58
CA ARG C 409 -16.98 -22.25 -39.96
C ARG C 409 -17.55 -22.87 -41.21
N MET C 410 -18.88 -23.01 -41.26
CA MET C 410 -19.50 -23.63 -42.44
C MET C 410 -19.32 -22.76 -43.69
N ARG C 411 -19.44 -21.43 -43.54
CA ARG C 411 -19.28 -20.57 -44.71
C ARG C 411 -17.86 -20.61 -45.23
N ILE C 412 -16.87 -20.63 -44.33
CA ILE C 412 -15.48 -20.76 -44.76
C ILE C 412 -15.25 -22.12 -45.43
N ARG C 413 -15.83 -23.18 -44.85
CA ARG C 413 -15.55 -24.53 -45.34
C ARG C 413 -16.13 -24.77 -46.72
N ARG C 414 -17.32 -24.23 -47.01
CA ARG C 414 -17.90 -24.50 -48.33
C ARG C 414 -17.09 -23.84 -49.44
N MET C 415 -16.61 -22.62 -49.23
CA MET C 415 -15.89 -21.91 -50.27
C MET C 415 -14.43 -21.71 -49.90
N VAL C 476 -26.33 -26.19 -49.82
CA VAL C 476 -26.81 -25.63 -48.56
C VAL C 476 -26.15 -26.36 -47.40
N ALA C 477 -25.55 -25.58 -46.49
CA ALA C 477 -24.86 -26.14 -45.34
C ALA C 477 -25.85 -26.66 -44.30
N GLU C 478 -25.32 -27.23 -43.21
CA GLU C 478 -26.17 -27.74 -42.14
C GLU C 478 -25.36 -27.69 -40.86
N VAL C 479 -25.84 -26.94 -39.87
CA VAL C 479 -25.17 -26.80 -38.58
C VAL C 479 -25.94 -27.65 -37.58
N ASP C 480 -25.27 -28.63 -37.00
CA ASP C 480 -25.87 -29.51 -36.01
C ASP C 480 -25.05 -29.39 -34.72
N ASP C 481 -25.34 -30.27 -33.74
CA ASP C 481 -24.67 -30.16 -32.45
C ASP C 481 -23.18 -30.46 -32.54
N GLU C 482 -22.73 -31.21 -33.55
CA GLU C 482 -21.32 -31.53 -33.67
C GLU C 482 -20.49 -30.28 -33.96
N GLN C 483 -20.98 -29.40 -34.83
CA GLN C 483 -20.25 -28.16 -35.10
C GLN C 483 -20.19 -27.27 -33.87
N ILE C 484 -21.27 -27.22 -33.09
CA ILE C 484 -21.28 -26.46 -31.85
C ILE C 484 -20.26 -27.02 -30.87
N ALA C 485 -20.22 -28.36 -30.75
CA ALA C 485 -19.27 -28.99 -29.85
C ALA C 485 -17.84 -28.73 -30.29
N GLU C 486 -17.59 -28.73 -31.61
CA GLU C 486 -16.25 -28.45 -32.11
C GLU C 486 -15.85 -26.99 -31.86
N VAL C 487 -16.79 -26.06 -32.01
CA VAL C 487 -16.51 -24.66 -31.70
C VAL C 487 -16.19 -24.49 -30.22
N LEU C 488 -16.95 -25.19 -29.36
CA LEU C 488 -16.67 -25.13 -27.93
C LEU C 488 -15.31 -25.74 -27.59
N GLY C 489 -14.95 -26.84 -28.26
CA GLY C 489 -13.64 -27.43 -28.04
C GLY C 489 -12.51 -26.51 -28.46
N ASN C 490 -12.69 -25.80 -29.58
CA ASN C 490 -11.70 -24.79 -29.97
C ASN C 490 -11.63 -23.65 -28.96
N TRP C 491 -12.78 -23.22 -28.46
CA TRP C 491 -12.82 -22.06 -27.57
C TRP C 491 -12.18 -22.36 -26.21
N THR C 492 -12.56 -23.47 -25.58
CA THR C 492 -12.20 -23.71 -24.19
C THR C 492 -11.16 -24.80 -24.00
N GLY C 493 -10.97 -25.69 -24.98
CA GLY C 493 -10.06 -26.81 -24.81
C GLY C 493 -10.67 -28.02 -24.16
N ILE C 494 -11.91 -27.93 -23.69
CA ILE C 494 -12.62 -29.08 -23.15
C ILE C 494 -13.04 -29.97 -24.32
N PRO C 495 -12.69 -31.26 -24.31
CA PRO C 495 -12.98 -32.12 -25.47
C PRO C 495 -14.42 -32.61 -25.49
N VAL C 496 -15.36 -31.68 -25.71
CA VAL C 496 -16.76 -32.05 -25.94
C VAL C 496 -16.92 -32.26 -27.45
N PHE C 497 -17.06 -33.53 -27.82
CA PHE C 497 -17.11 -33.93 -29.22
C PHE C 497 -18.00 -35.17 -29.34
N LYS C 498 -18.51 -35.39 -30.55
CA LYS C 498 -18.96 -36.73 -30.90
C LYS C 498 -17.73 -37.58 -31.16
N LEU C 499 -17.59 -38.67 -30.43
CA LEU C 499 -16.35 -39.42 -30.43
C LEU C 499 -16.11 -40.10 -31.78
N THR C 500 -14.90 -39.94 -32.30
CA THR C 500 -14.51 -40.60 -33.54
C THR C 500 -14.27 -42.08 -33.27
N GLU C 501 -14.23 -42.85 -34.36
CA GLU C 501 -14.00 -44.29 -34.25
C GLU C 501 -12.61 -44.58 -33.69
N ALA C 502 -11.60 -43.87 -34.20
CA ALA C 502 -10.23 -44.07 -33.72
C ALA C 502 -10.10 -43.71 -32.25
N GLU C 503 -10.69 -42.58 -31.85
CA GLU C 503 -10.63 -42.18 -30.46
C GLU C 503 -11.44 -43.10 -29.56
N THR C 504 -12.55 -43.64 -30.08
CA THR C 504 -13.33 -44.60 -29.30
C THR C 504 -12.54 -45.89 -29.05
N THR C 505 -11.91 -46.42 -30.10
CA THR C 505 -11.07 -47.60 -29.92
C THR C 505 -9.85 -47.30 -29.04
N ARG C 506 -9.38 -46.06 -29.06
CA ARG C 506 -8.33 -45.66 -28.13
C ARG C 506 -8.83 -45.69 -26.70
N LEU C 507 -10.04 -45.17 -26.46
CA LEU C 507 -10.54 -45.03 -25.09
C LEU C 507 -10.94 -46.39 -24.51
N LEU C 508 -11.44 -47.30 -25.34
CA LEU C 508 -11.78 -48.63 -24.83
C LEU C 508 -10.53 -49.40 -24.40
N ARG C 509 -9.42 -49.20 -25.11
CA ARG C 509 -8.19 -49.93 -24.82
C ARG C 509 -7.15 -49.08 -24.10
N MET C 510 -7.54 -47.91 -23.57
CA MET C 510 -6.54 -46.97 -23.07
C MET C 510 -5.87 -47.47 -21.80
N GLU C 511 -6.37 -48.54 -21.19
CA GLU C 511 -5.60 -49.22 -20.15
C GLU C 511 -4.28 -49.72 -20.72
N GLU C 512 -4.29 -50.24 -21.95
CA GLU C 512 -3.06 -50.70 -22.57
C GLU C 512 -2.14 -49.53 -22.93
N GLU C 513 -2.70 -48.44 -23.44
CA GLU C 513 -1.88 -47.27 -23.75
C GLU C 513 -1.30 -46.63 -22.49
N LEU C 514 -2.00 -46.76 -21.36
CA LEU C 514 -1.39 -46.40 -20.10
C LEU C 514 -0.29 -47.38 -19.72
N HIS C 515 -0.54 -48.67 -19.92
CA HIS C 515 0.41 -49.72 -19.57
C HIS C 515 1.64 -49.73 -20.45
N LYS C 516 1.65 -48.93 -21.53
CA LYS C 516 2.89 -48.70 -22.25
C LYS C 516 3.95 -48.09 -21.35
N ARG C 517 3.56 -47.12 -20.51
CA ARG C 517 4.49 -46.52 -19.56
C ARG C 517 4.35 -47.09 -18.15
N ILE C 518 3.18 -46.98 -17.53
CA ILE C 518 2.99 -47.43 -16.15
C ILE C 518 2.96 -48.95 -16.15
N ILE C 519 3.72 -49.56 -15.24
CA ILE C 519 3.87 -51.01 -15.19
C ILE C 519 3.17 -51.53 -13.95
N GLY C 520 2.27 -52.50 -14.14
CA GLY C 520 1.51 -53.02 -13.04
C GLY C 520 0.46 -52.02 -12.56
N GLN C 521 0.09 -52.17 -11.30
CA GLN C 521 -0.92 -51.33 -10.64
C GLN C 521 -2.22 -51.33 -11.43
N GLU C 522 -2.79 -52.52 -11.61
CA GLU C 522 -3.96 -52.69 -12.46
C GLU C 522 -5.18 -52.01 -11.86
N ASP C 523 -5.29 -52.00 -10.53
CA ASP C 523 -6.44 -51.36 -9.89
C ASP C 523 -6.46 -49.86 -10.13
N ALA C 524 -5.31 -49.19 -9.98
CA ALA C 524 -5.25 -47.75 -10.16
C ALA C 524 -5.47 -47.35 -11.61
N VAL C 525 -4.81 -48.06 -12.54
CA VAL C 525 -5.00 -47.79 -13.96
C VAL C 525 -6.44 -48.02 -14.35
N LYS C 526 -7.05 -49.09 -13.83
CA LYS C 526 -8.45 -49.38 -14.14
C LYS C 526 -9.38 -48.29 -13.61
N ALA C 527 -9.12 -47.80 -12.40
CA ALA C 527 -9.99 -46.77 -11.81
C ALA C 527 -9.89 -45.46 -12.59
N VAL C 528 -8.67 -45.05 -12.92
CA VAL C 528 -8.50 -43.83 -13.72
C VAL C 528 -9.11 -44.00 -15.10
N SER C 529 -9.01 -45.21 -15.66
CA SER C 529 -9.61 -45.50 -16.96
C SER C 529 -11.13 -45.37 -16.91
N LYS C 530 -11.75 -45.93 -15.87
CA LYS C 530 -13.20 -45.80 -15.73
C LYS C 530 -13.61 -44.35 -15.56
N ALA C 531 -12.83 -43.57 -14.81
CA ALA C 531 -13.18 -42.17 -14.60
C ALA C 531 -13.12 -41.38 -15.91
N ILE C 532 -12.04 -41.55 -16.67
CA ILE C 532 -11.93 -40.79 -17.92
C ILE C 532 -12.94 -41.29 -18.96
N ARG C 533 -13.27 -42.59 -18.93
CA ARG C 533 -14.25 -43.13 -19.84
C ARG C 533 -15.65 -42.62 -19.51
N ARG C 534 -15.97 -42.51 -18.23
CA ARG C 534 -17.22 -41.91 -17.79
C ARG C 534 -17.29 -40.44 -18.20
N THR C 535 -16.18 -39.72 -18.06
CA THR C 535 -16.18 -38.30 -18.43
C THR C 535 -16.39 -38.11 -19.93
N ARG C 536 -15.71 -38.91 -20.75
CA ARG C 536 -15.78 -38.68 -22.19
C ARG C 536 -17.07 -39.18 -22.83
N ALA C 537 -17.84 -40.01 -22.13
CA ALA C 537 -19.09 -40.53 -22.68
C ALA C 537 -20.32 -39.77 -22.21
N GLY C 538 -20.13 -38.63 -21.54
CA GLY C 538 -21.25 -37.84 -21.07
C GLY C 538 -22.10 -38.49 -20.00
N LEU C 539 -21.46 -39.13 -19.02
CA LEU C 539 -22.15 -39.73 -17.88
C LEU C 539 -21.58 -39.21 -16.56
N LYS C 540 -21.05 -37.99 -16.57
CA LYS C 540 -20.42 -37.38 -15.41
C LYS C 540 -21.37 -36.39 -14.77
N ASP C 541 -21.40 -36.39 -13.44
CA ASP C 541 -22.18 -35.41 -12.68
C ASP C 541 -21.68 -34.01 -13.01
N PRO C 542 -22.52 -33.12 -13.54
CA PRO C 542 -22.04 -31.79 -13.94
C PRO C 542 -21.56 -30.91 -12.79
N LYS C 543 -21.93 -31.22 -11.55
CA LYS C 543 -21.54 -30.40 -10.40
C LYS C 543 -20.26 -30.87 -9.73
N ARG C 544 -19.70 -31.99 -10.16
CA ARG C 544 -18.50 -32.57 -9.57
C ARG C 544 -17.38 -32.64 -10.59
N PRO C 545 -16.12 -32.71 -10.15
CA PRO C 545 -15.02 -32.88 -11.11
C PRO C 545 -15.08 -34.23 -11.82
N SER C 546 -14.20 -34.39 -12.80
CA SER C 546 -14.14 -35.63 -13.55
C SER C 546 -13.76 -36.81 -12.66
N GLY C 547 -12.81 -36.60 -11.75
CA GLY C 547 -12.46 -37.61 -10.77
C GLY C 547 -11.60 -37.02 -9.68
N SER C 548 -11.68 -37.62 -8.49
CA SER C 548 -10.85 -37.23 -7.36
C SER C 548 -10.25 -38.50 -6.77
N PHE C 549 -8.93 -38.55 -6.73
CA PHE C 549 -8.19 -39.77 -6.49
C PHE C 549 -7.20 -39.56 -5.35
N ILE C 550 -7.03 -40.58 -4.53
CA ILE C 550 -5.95 -40.63 -3.54
C ILE C 550 -5.09 -41.83 -3.88
N PHE C 551 -3.94 -41.58 -4.51
CA PHE C 551 -2.97 -42.63 -4.80
C PHE C 551 -2.08 -42.76 -3.58
N ALA C 552 -2.43 -43.67 -2.67
CA ALA C 552 -1.68 -43.84 -1.44
C ALA C 552 -0.88 -45.12 -1.49
N GLY C 553 0.40 -45.05 -1.14
CA GLY C 553 1.22 -46.24 -1.12
C GLY C 553 2.69 -45.97 -0.89
N PRO C 554 3.51 -47.01 -0.97
CA PRO C 554 4.95 -46.84 -0.74
C PRO C 554 5.61 -46.06 -1.86
N SER C 555 6.79 -45.54 -1.56
CA SER C 555 7.50 -44.67 -2.49
C SER C 555 8.14 -45.49 -3.61
N GLY C 556 8.06 -44.97 -4.83
CA GLY C 556 8.67 -45.58 -5.99
C GLY C 556 7.72 -46.44 -6.81
N VAL C 557 6.49 -46.63 -6.35
CA VAL C 557 5.58 -47.55 -7.03
C VAL C 557 5.08 -46.96 -8.35
N GLY C 558 4.97 -45.65 -8.43
CA GLY C 558 4.44 -45.04 -9.64
C GLY C 558 3.22 -44.18 -9.41
N LYS C 559 3.13 -43.59 -8.21
CA LYS C 559 2.02 -42.72 -7.89
C LYS C 559 2.01 -41.46 -8.75
N THR C 560 3.17 -40.83 -8.94
CA THR C 560 3.30 -39.72 -9.87
C THR C 560 3.30 -40.18 -11.31
N GLU C 561 3.80 -41.39 -11.59
CA GLU C 561 3.90 -41.89 -12.95
C GLU C 561 2.55 -42.16 -13.59
N LEU C 562 1.57 -42.66 -12.82
CA LEU C 562 0.24 -42.85 -13.39
C LEU C 562 -0.38 -41.53 -13.79
N SER C 563 -0.19 -40.50 -12.96
CA SER C 563 -0.72 -39.18 -13.30
C SER C 563 0.01 -38.59 -14.51
N LYS C 564 1.32 -38.79 -14.59
CA LYS C 564 2.07 -38.30 -15.74
C LYS C 564 1.67 -39.04 -17.01
N ALA C 565 1.43 -40.36 -16.91
CA ALA C 565 0.97 -41.12 -18.07
C ALA C 565 -0.44 -40.70 -18.47
N LEU C 566 -1.28 -40.36 -17.50
CA LEU C 566 -2.60 -39.84 -17.82
C LEU C 566 -2.52 -38.50 -18.53
N ALA C 567 -1.63 -37.62 -18.07
CA ALA C 567 -1.44 -36.34 -18.75
C ALA C 567 -0.90 -36.55 -20.16
N ASN C 568 0.01 -37.50 -20.33
CA ASN C 568 0.54 -37.83 -21.64
C ASN C 568 -0.54 -38.37 -22.56
N PHE C 569 -1.44 -39.19 -22.02
CA PHE C 569 -2.56 -39.68 -22.82
C PHE C 569 -3.51 -38.56 -23.21
N LEU C 570 -3.87 -37.70 -22.26
CA LEU C 570 -4.92 -36.74 -22.50
C LEU C 570 -4.46 -35.57 -23.36
N PHE C 571 -3.22 -35.13 -23.19
CA PHE C 571 -2.74 -33.93 -23.85
C PHE C 571 -1.58 -34.14 -24.81
N GLY C 572 -0.88 -35.26 -24.71
CA GLY C 572 0.26 -35.53 -25.56
C GLY C 572 1.60 -35.16 -24.97
N ASP C 573 1.61 -34.32 -23.93
CA ASP C 573 2.84 -33.88 -23.30
C ASP C 573 2.69 -33.98 -21.79
N ASP C 574 3.82 -34.08 -21.10
CA ASP C 574 3.80 -34.17 -19.64
C ASP C 574 3.89 -32.83 -18.95
N ASP C 575 4.04 -31.73 -19.70
CA ASP C 575 4.07 -30.41 -19.08
C ASP C 575 2.68 -29.82 -18.89
N ALA C 576 1.64 -30.45 -19.45
CA ALA C 576 0.27 -30.00 -19.23
C ALA C 576 -0.29 -30.45 -17.89
N LEU C 577 0.44 -31.28 -17.15
CA LEU C 577 0.02 -31.73 -15.84
C LEU C 577 0.28 -30.60 -14.85
N ILE C 578 -0.80 -30.03 -14.29
CA ILE C 578 -0.66 -28.93 -13.33
C ILE C 578 -0.22 -29.56 -12.01
N GLN C 579 1.07 -29.54 -11.73
CA GLN C 579 1.64 -30.19 -10.57
C GLN C 579 1.86 -29.18 -9.46
N ILE C 580 1.33 -29.46 -8.27
CA ILE C 580 1.51 -28.63 -7.10
C ILE C 580 2.13 -29.52 -6.03
N ASP C 581 3.32 -29.15 -5.57
CA ASP C 581 3.99 -29.90 -4.53
C ASP C 581 3.54 -29.41 -3.15
N MET C 582 3.10 -30.35 -2.31
CA MET C 582 2.60 -30.00 -0.99
C MET C 582 3.70 -29.95 0.06
N GLY C 583 4.94 -30.25 -0.30
CA GLY C 583 6.04 -30.05 0.62
C GLY C 583 6.27 -28.58 0.93
N GLU C 584 6.02 -27.71 -0.04
CA GLU C 584 6.20 -26.28 0.18
C GLU C 584 5.12 -25.71 1.10
N PHE C 585 3.96 -26.36 1.15
CA PHE C 585 2.86 -25.91 2.01
C PHE C 585 2.93 -26.57 3.39
N HIS C 586 4.10 -26.51 4.02
CA HIS C 586 4.30 -27.16 5.31
C HIS C 586 4.06 -26.23 6.48
N ASP C 587 3.71 -24.97 6.25
CA ASP C 587 3.38 -24.03 7.29
C ASP C 587 2.07 -23.32 6.95
N ARG C 588 1.43 -22.78 7.99
CA ARG C 588 0.07 -22.27 7.86
C ARG C 588 -0.06 -21.07 6.94
N PHE C 589 1.04 -20.38 6.64
CA PHE C 589 0.93 -19.14 5.88
C PHE C 589 0.78 -19.38 4.39
N THR C 590 1.22 -20.54 3.90
CA THR C 590 1.30 -20.79 2.46
C THR C 590 -0.05 -21.13 1.84
N ALA C 591 -1.11 -21.30 2.64
CA ALA C 591 -2.42 -21.60 2.08
C ALA C 591 -2.93 -20.50 1.15
N SER C 592 -2.44 -19.27 1.32
CA SER C 592 -2.81 -18.18 0.43
C SER C 592 -2.15 -18.27 -0.93
N ARG C 593 -1.23 -19.21 -1.13
CA ARG C 593 -0.64 -19.38 -2.45
C ARG C 593 -1.65 -19.89 -3.47
N LEU C 594 -2.53 -20.81 -3.04
CA LEU C 594 -3.44 -21.45 -3.98
C LEU C 594 -4.46 -20.47 -4.53
N PHE C 595 -5.12 -19.70 -3.67
CA PHE C 595 -6.19 -18.80 -4.08
C PHE C 595 -5.87 -17.32 -3.90
N GLY C 596 -4.60 -16.97 -3.71
CA GLY C 596 -4.21 -15.58 -3.68
C GLY C 596 -4.47 -14.90 -2.35
N ALA C 597 -4.07 -13.65 -2.29
CA ALA C 597 -4.15 -12.76 -1.14
C ALA C 597 -5.51 -12.08 -1.08
N PRO C 598 -5.99 -11.76 0.12
CA PRO C 598 -7.24 -11.01 0.25
C PRO C 598 -7.05 -9.57 -0.19
N PRO C 599 -8.14 -8.83 -0.42
CA PRO C 599 -7.99 -7.41 -0.79
C PRO C 599 -7.31 -6.61 0.32
N GLY C 600 -6.50 -5.65 -0.11
CA GLY C 600 -5.75 -4.81 0.81
C GLY C 600 -4.38 -5.33 1.16
N TYR C 601 -3.94 -6.43 0.59
CA TYR C 601 -2.64 -7.01 0.92
C TYR C 601 -1.78 -7.16 -0.33
N VAL C 602 -0.50 -7.43 -0.11
CA VAL C 602 0.43 -7.59 -1.22
C VAL C 602 0.18 -8.92 -1.92
N GLY C 603 0.37 -8.93 -3.24
CA GLY C 603 0.05 -10.09 -4.03
C GLY C 603 -1.42 -10.23 -4.36
N TYR C 604 -2.22 -9.20 -4.13
CA TYR C 604 -3.65 -9.26 -4.41
C TYR C 604 -3.92 -9.23 -5.91
N GLU C 605 -3.14 -8.43 -6.65
CA GLU C 605 -3.39 -8.26 -8.08
C GLU C 605 -3.03 -9.51 -8.87
N GLU C 606 -1.95 -10.21 -8.48
CA GLU C 606 -1.50 -11.37 -9.25
C GLU C 606 -2.45 -12.54 -9.10
N GLY C 607 -3.09 -12.66 -7.94
CA GLY C 607 -4.03 -13.75 -7.72
C GLY C 607 -3.36 -15.04 -7.33
N GLY C 608 -4.16 -16.09 -7.27
CA GLY C 608 -3.66 -17.38 -6.84
C GLY C 608 -2.79 -18.05 -7.90
N GLN C 609 -2.02 -19.03 -7.44
CA GLN C 609 -1.18 -19.82 -8.35
C GLN C 609 -1.97 -20.95 -8.99
N LEU C 610 -2.89 -21.56 -8.26
CA LEU C 610 -3.67 -22.69 -8.77
C LEU C 610 -4.90 -22.23 -9.55
N THR C 611 -5.60 -21.21 -9.04
CA THR C 611 -6.80 -20.72 -9.71
C THR C 611 -6.48 -20.17 -11.09
N GLU C 612 -5.39 -19.41 -11.20
CA GLU C 612 -5.00 -18.88 -12.50
C GLU C 612 -4.59 -19.98 -13.46
N LYS C 613 -3.85 -20.98 -12.96
CA LYS C 613 -3.42 -22.08 -13.82
C LYS C 613 -4.61 -22.88 -14.35
N VAL C 614 -5.61 -23.12 -13.50
CA VAL C 614 -6.80 -23.84 -13.97
C VAL C 614 -7.64 -22.96 -14.89
N ARG C 615 -7.71 -21.66 -14.62
CA ARG C 615 -8.43 -20.76 -15.52
C ARG C 615 -7.76 -20.66 -16.88
N ARG C 616 -6.45 -20.91 -16.95
CA ARG C 616 -5.77 -20.95 -18.25
C ARG C 616 -6.30 -22.09 -19.11
N LYS C 617 -6.49 -23.27 -18.53
CA LYS C 617 -7.05 -24.40 -19.26
C LYS C 617 -8.05 -25.16 -18.37
N PRO C 618 -9.34 -25.10 -18.70
CA PRO C 618 -10.34 -25.76 -17.85
C PRO C 618 -10.16 -27.26 -17.74
N PHE C 619 -9.70 -27.92 -18.81
CA PHE C 619 -9.46 -29.36 -18.81
C PHE C 619 -7.99 -29.61 -18.52
N SER C 620 -7.69 -30.15 -17.34
CA SER C 620 -6.32 -30.41 -16.95
C SER C 620 -6.31 -31.46 -15.85
N VAL C 621 -5.14 -32.04 -15.63
CA VAL C 621 -4.91 -32.98 -14.54
C VAL C 621 -4.15 -32.25 -13.46
N VAL C 622 -4.78 -32.07 -12.30
CA VAL C 622 -4.20 -31.32 -11.19
C VAL C 622 -3.68 -32.31 -10.17
N LEU C 623 -2.36 -32.31 -9.97
CA LEU C 623 -1.67 -33.25 -9.11
C LEU C 623 -1.26 -32.54 -7.82
N PHE C 624 -1.44 -33.21 -6.70
CA PHE C 624 -1.02 -32.72 -5.39
C PHE C 624 0.00 -33.72 -4.85
N ASP C 625 1.28 -33.34 -4.90
CA ASP C 625 2.38 -34.28 -4.73
C ASP C 625 2.76 -34.36 -3.26
N GLU C 626 2.90 -35.59 -2.76
CA GLU C 626 3.28 -35.87 -1.38
C GLU C 626 2.36 -35.14 -0.40
N ILE C 627 1.11 -35.58 -0.41
CA ILE C 627 0.04 -34.82 0.22
C ILE C 627 0.19 -34.77 1.73
N GLU C 628 0.94 -35.71 2.32
CA GLU C 628 1.07 -35.76 3.77
C GLU C 628 1.82 -34.55 4.33
N LYS C 629 2.73 -33.97 3.53
CA LYS C 629 3.61 -32.92 4.03
C LYS C 629 2.84 -31.64 4.36
N ALA C 630 1.75 -31.39 3.64
CA ALA C 630 0.97 -30.18 3.89
C ALA C 630 0.18 -30.29 5.19
N HIS C 631 -0.25 -29.14 5.70
CA HIS C 631 -1.05 -29.09 6.91
C HIS C 631 -2.54 -29.02 6.54
N GLN C 632 -3.41 -29.11 7.54
CA GLN C 632 -4.84 -29.33 7.31
C GLN C 632 -5.54 -28.16 6.62
N GLU C 633 -4.95 -26.95 6.67
CA GLU C 633 -5.63 -25.78 6.14
C GLU C 633 -5.84 -25.89 4.62
N ILE C 634 -4.88 -26.49 3.91
CA ILE C 634 -5.02 -26.64 2.46
C ILE C 634 -6.13 -27.62 2.14
N TYR C 635 -6.21 -28.69 2.93
CA TYR C 635 -7.29 -29.68 2.71
C TYR C 635 -8.62 -28.95 2.90
N ASN C 636 -8.80 -28.25 4.02
CA ASN C 636 -10.07 -27.62 4.34
C ASN C 636 -10.39 -26.52 3.34
N SER C 637 -9.37 -25.98 2.67
CA SER C 637 -9.63 -25.04 1.58
C SER C 637 -10.09 -25.77 0.31
N LEU C 638 -9.57 -26.98 0.08
CA LEU C 638 -9.87 -27.73 -1.14
C LEU C 638 -11.09 -28.63 -1.01
N LEU C 639 -11.73 -28.70 0.15
CA LEU C 639 -12.98 -29.44 0.28
C LEU C 639 -14.04 -28.94 -0.70
N GLN C 640 -14.15 -27.61 -0.84
CA GLN C 640 -15.13 -27.03 -1.77
C GLN C 640 -14.80 -27.40 -3.21
N VAL C 641 -13.51 -27.55 -3.53
CA VAL C 641 -13.12 -28.04 -4.84
C VAL C 641 -13.58 -29.48 -5.03
N LEU C 642 -13.35 -30.31 -4.00
CA LEU C 642 -13.63 -31.73 -4.12
C LEU C 642 -15.12 -32.02 -4.25
N GLU C 643 -15.97 -31.27 -3.55
CA GLU C 643 -17.41 -31.55 -3.59
C GLU C 643 -18.12 -30.74 -4.68
N ASP C 644 -18.09 -29.42 -4.58
CA ASP C 644 -18.87 -28.57 -5.46
C ASP C 644 -18.16 -28.24 -6.77
N GLY C 645 -16.88 -28.56 -6.89
CA GLY C 645 -16.15 -28.25 -8.11
C GLY C 645 -15.97 -26.77 -8.37
N ARG C 646 -15.66 -26.00 -7.33
CA ARG C 646 -15.44 -24.57 -7.46
C ARG C 646 -14.34 -24.13 -6.52
N LEU C 647 -13.66 -23.05 -6.89
CA LEU C 647 -12.66 -22.41 -6.04
C LEU C 647 -12.79 -20.91 -6.21
N THR C 648 -12.76 -20.17 -5.11
CA THR C 648 -12.85 -18.72 -5.16
C THR C 648 -11.51 -18.13 -4.76
N ASP C 649 -10.97 -17.27 -5.62
CA ASP C 649 -9.73 -16.59 -5.28
C ASP C 649 -10.01 -15.32 -4.48
N GLY C 650 -8.94 -14.71 -3.97
CA GLY C 650 -9.09 -13.48 -3.21
C GLY C 650 -9.58 -12.32 -4.05
N GLN C 651 -9.40 -12.41 -5.37
CA GLN C 651 -9.88 -11.39 -6.30
C GLN C 651 -11.40 -11.36 -6.37
N GLY C 652 -12.08 -12.41 -5.91
CA GLY C 652 -13.53 -12.49 -5.95
C GLY C 652 -14.07 -13.36 -7.08
N ARG C 653 -13.24 -13.72 -8.04
CA ARG C 653 -13.68 -14.56 -9.14
C ARG C 653 -13.91 -15.99 -8.67
N THR C 654 -14.72 -16.73 -9.41
CA THR C 654 -14.92 -18.15 -9.18
C THR C 654 -14.37 -18.93 -10.36
N VAL C 655 -13.47 -19.86 -10.09
CA VAL C 655 -12.90 -20.74 -11.10
C VAL C 655 -13.52 -22.12 -10.92
N ASP C 656 -13.86 -22.75 -12.04
CA ASP C 656 -14.54 -24.03 -12.02
C ASP C 656 -13.52 -25.16 -12.15
N PHE C 657 -13.57 -26.11 -11.23
CA PHE C 657 -12.74 -27.31 -11.31
C PHE C 657 -13.57 -28.52 -11.72
N LYS C 658 -14.75 -28.30 -12.31
CA LYS C 658 -15.66 -29.39 -12.62
C LYS C 658 -15.17 -30.25 -13.77
N ASN C 659 -14.20 -29.77 -14.55
CA ASN C 659 -13.69 -30.53 -15.69
C ASN C 659 -12.29 -31.07 -15.46
N THR C 660 -11.74 -30.91 -14.26
CA THR C 660 -10.38 -31.33 -13.96
C THR C 660 -10.37 -32.68 -13.28
N VAL C 661 -9.24 -33.37 -13.40
CA VAL C 661 -9.00 -34.63 -12.70
C VAL C 661 -8.04 -34.34 -11.56
N LEU C 662 -8.52 -34.45 -10.33
CA LEU C 662 -7.74 -34.12 -9.15
C LEU C 662 -7.12 -35.38 -8.58
N ILE C 663 -5.81 -35.39 -8.42
CA ILE C 663 -5.06 -36.53 -7.91
C ILE C 663 -4.25 -36.09 -6.71
N PHE C 664 -4.27 -36.89 -5.65
CA PHE C 664 -3.54 -36.61 -4.42
C PHE C 664 -2.62 -37.80 -4.16
N THR C 665 -1.31 -37.60 -4.26
CA THR C 665 -0.37 -38.68 -4.02
C THR C 665 0.08 -38.69 -2.56
N SER C 666 0.12 -39.87 -1.97
CA SER C 666 0.43 -40.01 -0.55
C SER C 666 1.37 -41.18 -0.32
N ASN C 667 2.35 -40.96 0.57
CA ASN C 667 3.24 -42.00 1.03
C ASN C 667 3.02 -42.16 2.53
N LEU C 668 2.01 -42.97 2.87
CA LEU C 668 1.57 -43.12 4.24
C LEU C 668 1.33 -44.59 4.55
N GLY C 669 1.43 -44.94 5.84
CA GLY C 669 1.19 -46.31 6.27
C GLY C 669 2.28 -47.29 5.89
N THR C 670 3.49 -46.81 5.66
CA THR C 670 4.59 -47.68 5.26
C THR C 670 5.95 -47.05 5.61
N GLU C 691 -3.03 -57.57 1.80
CA GLU C 691 -4.27 -57.13 2.42
C GLU C 691 -3.98 -56.34 3.70
N ARG C 692 -2.84 -56.63 4.33
CA ARG C 692 -2.45 -55.89 5.52
C ARG C 692 -2.06 -54.46 5.16
N MET C 693 -1.47 -54.26 3.98
CA MET C 693 -1.12 -52.91 3.55
C MET C 693 -2.35 -52.06 3.30
N LYS C 694 -3.42 -52.68 2.77
CA LYS C 694 -4.67 -51.98 2.58
C LYS C 694 -5.23 -51.45 3.89
N GLN C 695 -5.28 -52.32 4.91
CA GLN C 695 -5.79 -51.91 6.22
C GLN C 695 -4.90 -50.85 6.86
N LYS C 696 -3.58 -51.02 6.77
CA LYS C 696 -2.67 -50.06 7.38
C LYS C 696 -2.79 -48.69 6.73
N VAL C 697 -2.83 -48.64 5.40
CA VAL C 697 -2.95 -47.37 4.69
C VAL C 697 -4.30 -46.72 4.96
N ASN C 698 -5.37 -47.51 4.98
CA ASN C 698 -6.69 -46.95 5.26
C ASN C 698 -6.77 -46.40 6.68
N ASP C 699 -6.19 -47.11 7.65
CA ASP C 699 -6.21 -46.61 9.02
C ASP C 699 -5.37 -45.34 9.17
N GLU C 700 -4.21 -45.28 8.51
CA GLU C 700 -3.39 -44.08 8.59
C GLU C 700 -4.07 -42.89 7.92
N LEU C 701 -4.76 -43.13 6.80
CA LEU C 701 -5.48 -42.04 6.15
C LEU C 701 -6.70 -41.61 6.95
N LYS C 702 -7.31 -42.54 7.69
CA LYS C 702 -8.36 -42.16 8.63
C LYS C 702 -7.80 -41.30 9.76
N LYS C 703 -6.60 -41.64 10.23
CA LYS C 703 -6.02 -40.92 11.36
C LYS C 703 -5.55 -39.52 10.98
N HIS C 704 -4.95 -39.37 9.80
CA HIS C 704 -4.35 -38.10 9.40
C HIS C 704 -5.30 -37.19 8.65
N PHE C 705 -6.56 -37.59 8.44
CA PHE C 705 -7.50 -36.80 7.67
C PHE C 705 -8.84 -36.75 8.39
N ARG C 706 -9.59 -35.69 8.10
CA ARG C 706 -10.96 -35.60 8.58
C ARG C 706 -11.89 -36.39 7.67
N PRO C 707 -13.00 -36.91 8.21
CA PRO C 707 -13.91 -37.71 7.39
C PRO C 707 -14.48 -36.98 6.17
N GLU C 708 -14.55 -35.65 6.20
CA GLU C 708 -15.10 -34.90 5.08
C GLU C 708 -14.24 -35.06 3.83
N PHE C 709 -12.92 -34.97 4.00
CA PHE C 709 -12.01 -35.08 2.85
C PHE C 709 -12.05 -36.48 2.26
N LEU C 710 -12.19 -37.51 3.10
CA LEU C 710 -12.24 -38.87 2.59
C LEU C 710 -13.60 -39.19 1.99
N ASN C 711 -14.67 -38.53 2.44
CA ASN C 711 -15.97 -38.69 1.79
C ASN C 711 -15.99 -38.00 0.44
N ARG C 712 -15.33 -36.86 0.32
CA ARG C 712 -15.38 -36.10 -0.94
C ARG C 712 -14.61 -36.80 -2.05
N ILE C 713 -13.66 -37.66 -1.69
CA ILE C 713 -12.79 -38.30 -2.68
C ILE C 713 -13.54 -39.44 -3.36
N ASP C 714 -13.49 -39.47 -4.70
CA ASP C 714 -14.11 -40.54 -5.45
C ASP C 714 -13.44 -41.88 -5.18
N ASP C 715 -12.14 -41.99 -5.45
CA ASP C 715 -11.46 -43.27 -5.37
C ASP C 715 -10.20 -43.16 -4.53
N ILE C 716 -10.08 -44.06 -3.55
CA ILE C 716 -8.89 -44.21 -2.73
C ILE C 716 -8.22 -45.51 -3.17
N ILE C 717 -7.03 -45.40 -3.77
CA ILE C 717 -6.34 -46.55 -4.35
C ILE C 717 -5.02 -46.72 -3.62
N VAL C 718 -4.83 -47.90 -3.04
CA VAL C 718 -3.60 -48.26 -2.34
C VAL C 718 -2.71 -49.00 -3.34
N PHE C 719 -1.59 -48.37 -3.69
CA PHE C 719 -0.65 -48.96 -4.63
C PHE C 719 0.08 -50.13 -3.96
N HIS C 720 0.21 -51.22 -4.69
CA HIS C 720 0.85 -52.41 -4.15
C HIS C 720 2.34 -52.43 -4.50
N GLN C 721 3.09 -53.24 -3.77
CA GLN C 721 4.53 -53.30 -3.95
C GLN C 721 4.89 -53.97 -5.27
N LEU C 722 6.12 -53.71 -5.73
CA LEU C 722 6.57 -54.22 -7.01
C LEU C 722 6.97 -55.69 -6.90
N THR C 723 6.97 -56.37 -8.04
CA THR C 723 7.34 -57.78 -8.14
C THR C 723 8.46 -57.95 -9.17
N ARG C 724 8.94 -59.19 -9.29
CA ARG C 724 10.16 -59.45 -10.06
C ARG C 724 9.92 -59.33 -11.57
N GLU C 725 8.78 -59.85 -12.05
CA GLU C 725 8.50 -59.79 -13.48
C GLU C 725 8.34 -58.36 -13.96
N GLU C 726 7.60 -57.55 -13.19
CA GLU C 726 7.37 -56.17 -13.60
C GLU C 726 8.61 -55.32 -13.35
N ILE C 727 9.51 -55.76 -12.47
CA ILE C 727 10.77 -55.01 -12.35
C ILE C 727 11.73 -55.40 -13.47
N ILE C 728 11.58 -56.61 -14.03
CA ILE C 728 12.30 -56.94 -15.26
C ILE C 728 11.79 -56.08 -16.42
N ARG C 729 10.47 -55.92 -16.51
CA ARG C 729 9.90 -55.01 -17.49
C ARG C 729 10.35 -53.58 -17.25
N MET C 730 10.52 -53.19 -15.98
CA MET C 730 11.07 -51.89 -15.62
C MET C 730 12.47 -51.71 -16.18
N VAL C 731 13.33 -52.71 -15.99
CA VAL C 731 14.70 -52.65 -16.50
C VAL C 731 14.68 -52.51 -18.01
N ASP C 732 13.78 -53.26 -18.66
CA ASP C 732 13.64 -53.15 -20.12
C ASP C 732 13.28 -51.74 -20.52
N LEU C 733 12.36 -51.11 -19.77
CA LEU C 733 11.95 -49.74 -20.10
C LEU C 733 13.07 -48.72 -19.90
N MET C 734 13.85 -48.85 -18.81
CA MET C 734 14.97 -47.93 -18.60
C MET C 734 16.03 -48.08 -19.69
N ILE C 735 16.34 -49.33 -20.06
CA ILE C 735 17.28 -49.54 -21.16
C ILE C 735 16.75 -48.98 -22.46
N SER C 736 15.45 -49.13 -22.72
CA SER C 736 14.87 -48.56 -23.94
C SER C 736 15.00 -47.05 -23.96
N ARG C 737 14.75 -46.39 -22.82
CA ARG C 737 14.83 -44.93 -22.80
C ARG C 737 16.27 -44.45 -22.91
N VAL C 738 17.21 -45.17 -22.30
CA VAL C 738 18.63 -44.82 -22.45
C VAL C 738 19.07 -44.97 -23.89
N ALA C 739 18.62 -46.04 -24.56
CA ALA C 739 18.93 -46.22 -25.98
C ALA C 739 18.30 -45.11 -26.82
N GLY C 740 17.08 -44.69 -26.46
CA GLY C 740 16.44 -43.61 -27.19
C GLY C 740 17.19 -42.30 -27.04
N GLN C 741 17.73 -42.03 -25.85
CA GLN C 741 18.60 -40.88 -25.66
C GLN C 741 19.89 -41.03 -26.46
N LEU C 742 20.39 -42.27 -26.57
CA LEU C 742 21.68 -42.49 -27.21
C LEU C 742 21.60 -42.40 -28.74
N LYS C 743 20.43 -42.67 -29.33
CA LYS C 743 20.33 -42.56 -30.79
C LYS C 743 20.48 -41.12 -31.28
N SER C 744 20.30 -40.14 -30.41
CA SER C 744 20.50 -38.74 -30.78
C SER C 744 21.96 -38.41 -31.03
N LYS C 745 22.89 -39.29 -30.65
CA LYS C 745 24.32 -39.07 -30.81
C LYS C 745 24.92 -40.09 -31.80
N ASP C 746 24.06 -40.65 -32.66
CA ASP C 746 24.45 -41.61 -33.70
C ASP C 746 25.12 -42.85 -33.09
N MET C 747 24.35 -43.55 -32.26
CA MET C 747 24.83 -44.74 -31.60
C MET C 747 23.63 -45.60 -31.23
N ALA C 748 23.83 -46.91 -31.20
CA ALA C 748 22.79 -47.86 -30.81
C ALA C 748 23.29 -48.70 -29.66
N LEU C 749 22.37 -49.10 -28.78
CA LEU C 749 22.69 -49.83 -27.57
C LEU C 749 21.78 -51.05 -27.47
N VAL C 750 22.33 -52.17 -27.02
CA VAL C 750 21.55 -53.39 -26.83
C VAL C 750 22.14 -54.18 -25.67
N LEU C 751 21.28 -54.90 -24.95
CA LEU C 751 21.68 -55.85 -23.92
C LEU C 751 21.14 -57.23 -24.22
N THR C 752 21.91 -58.24 -23.81
CA THR C 752 21.41 -59.61 -23.82
C THR C 752 20.50 -59.82 -22.62
N ASP C 753 19.86 -61.01 -22.59
CA ASP C 753 18.96 -61.33 -21.49
C ASP C 753 19.72 -61.47 -20.17
N ALA C 754 20.98 -61.90 -20.23
CA ALA C 754 21.76 -62.10 -19.02
C ALA C 754 22.02 -60.78 -18.28
N ALA C 755 22.34 -59.72 -19.01
CA ALA C 755 22.59 -58.43 -18.39
C ALA C 755 21.33 -57.87 -17.73
N LYS C 756 20.20 -57.99 -18.42
CA LYS C 756 18.93 -57.53 -17.85
C LYS C 756 18.57 -58.34 -16.61
N ALA C 757 18.78 -59.65 -16.65
CA ALA C 757 18.51 -60.49 -15.49
C ALA C 757 19.40 -60.12 -14.32
N LEU C 758 20.68 -59.82 -14.59
CA LEU C 758 21.59 -59.41 -13.53
C LEU C 758 21.18 -58.07 -12.92
N LEU C 759 20.75 -57.13 -13.77
CA LEU C 759 20.26 -55.85 -13.26
C LEU C 759 19.04 -56.05 -12.37
N ALA C 760 18.12 -56.92 -12.79
CA ALA C 760 16.93 -57.18 -11.98
C ALA C 760 17.29 -57.88 -10.68
N LYS C 761 18.30 -58.76 -10.70
CA LYS C 761 18.71 -59.44 -9.46
C LYS C 761 19.42 -58.48 -8.51
N ARG C 762 20.17 -57.51 -9.04
CA ARG C 762 20.80 -56.49 -8.23
C ARG C 762 19.87 -55.35 -7.88
N GLY C 763 18.63 -55.39 -8.36
CA GLY C 763 17.70 -54.31 -8.12
C GLY C 763 16.34 -54.70 -7.56
N PHE C 764 16.29 -55.62 -6.61
CA PHE C 764 15.01 -55.97 -5.99
C PHE C 764 15.10 -55.99 -4.48
N ASP C 765 14.09 -55.39 -3.84
CA ASP C 765 13.87 -55.19 -2.40
C ASP C 765 12.49 -54.55 -2.25
N PRO C 766 11.91 -54.50 -1.04
CA PRO C 766 10.58 -53.88 -0.91
C PRO C 766 10.53 -52.36 -0.98
N VAL C 767 11.58 -51.69 -1.43
CA VAL C 767 11.60 -50.23 -1.50
C VAL C 767 11.83 -49.75 -2.94
N LEU C 768 11.64 -50.62 -3.92
CA LEU C 768 12.06 -50.38 -5.30
C LEU C 768 11.10 -49.49 -6.07
N GLY C 769 11.32 -49.46 -7.38
CA GLY C 769 10.86 -48.43 -8.29
C GLY C 769 12.00 -47.99 -9.18
N ALA C 770 12.05 -46.67 -9.40
CA ALA C 770 13.27 -46.09 -9.94
C ALA C 770 14.04 -45.31 -8.88
N ARG C 771 13.67 -45.41 -7.62
CA ARG C 771 14.50 -44.71 -6.66
C ARG C 771 15.73 -45.56 -6.44
N PRO C 772 15.63 -46.89 -6.27
CA PRO C 772 16.75 -47.76 -6.65
C PRO C 772 16.50 -48.31 -8.05
N LEU C 773 17.53 -48.96 -8.59
CA LEU C 773 17.55 -49.65 -9.88
C LEU C 773 17.55 -48.67 -11.06
N ARG C 774 17.30 -47.39 -10.79
CA ARG C 774 17.78 -46.37 -11.72
C ARG C 774 19.18 -45.95 -11.32
N ARG C 775 19.49 -45.99 -10.03
CA ARG C 775 20.87 -45.82 -9.60
C ARG C 775 21.73 -47.00 -10.08
N THR C 776 21.14 -48.19 -10.17
CA THR C 776 21.86 -49.33 -10.72
C THR C 776 22.19 -49.12 -12.20
N ILE C 777 21.24 -48.58 -12.97
CA ILE C 777 21.53 -48.20 -14.34
C ILE C 777 22.51 -47.03 -14.38
N GLN C 778 22.37 -46.10 -13.43
CA GLN C 778 23.26 -44.94 -13.39
C GLN C 778 24.68 -45.35 -13.00
N ARG C 779 24.82 -46.42 -12.22
CA ARG C 779 26.14 -46.81 -11.74
C ARG C 779 26.83 -47.76 -12.72
N GLU C 780 26.13 -48.79 -13.16
CA GLU C 780 26.76 -49.90 -13.88
C GLU C 780 26.61 -49.83 -15.39
N ILE C 781 25.73 -48.99 -15.91
CA ILE C 781 25.51 -48.93 -17.36
C ILE C 781 25.80 -47.54 -17.88
N GLU C 782 25.10 -46.54 -17.34
CA GLU C 782 25.23 -45.17 -17.82
C GLU C 782 26.63 -44.61 -17.58
N ASP C 783 27.18 -44.86 -16.40
CA ASP C 783 28.45 -44.24 -16.02
C ASP C 783 29.62 -44.87 -16.78
N GLN C 784 29.63 -46.20 -16.89
CA GLN C 784 30.69 -46.87 -17.63
C GLN C 784 30.64 -46.51 -19.10
N LEU C 785 29.43 -46.39 -19.65
CA LEU C 785 29.28 -45.90 -21.01
C LEU C 785 29.83 -44.49 -21.18
N SER C 786 29.53 -43.59 -20.23
CA SER C 786 30.10 -42.25 -20.29
C SER C 786 31.62 -42.24 -20.22
N GLU C 787 32.19 -43.08 -19.36
CA GLU C 787 33.64 -43.19 -19.25
C GLU C 787 34.25 -43.68 -20.56
N LYS C 788 33.58 -44.63 -21.23
CA LYS C 788 34.13 -45.17 -22.47
C LYS C 788 33.99 -44.19 -23.63
N ILE C 789 32.86 -43.49 -23.74
CA ILE C 789 32.68 -42.53 -24.83
C ILE C 789 33.61 -41.34 -24.65
N LEU C 790 33.84 -40.90 -23.40
CA LEU C 790 34.76 -39.79 -23.21
C LEU C 790 36.21 -40.20 -23.47
N PHE C 791 36.52 -41.49 -23.32
CA PHE C 791 37.85 -41.98 -23.62
C PHE C 791 38.05 -42.27 -25.10
N GLU C 792 37.01 -42.06 -25.91
CA GLU C 792 36.92 -42.26 -27.37
C GLU C 792 36.81 -43.74 -27.74
N GLU C 793 36.85 -44.64 -26.77
CA GLU C 793 36.51 -46.03 -27.02
C GLU C 793 35.01 -46.14 -27.29
N VAL C 794 34.63 -47.18 -28.06
CA VAL C 794 33.28 -47.49 -28.53
C VAL C 794 32.51 -46.23 -28.93
N GLY C 795 33.15 -45.35 -29.69
CA GLY C 795 32.62 -44.05 -30.02
C GLY C 795 31.44 -44.10 -30.98
N PRO C 796 30.99 -42.92 -31.41
CA PRO C 796 29.79 -42.85 -32.27
C PRO C 796 29.97 -43.62 -33.57
N GLY C 797 28.88 -44.25 -34.02
CA GLY C 797 28.87 -45.03 -35.23
C GLY C 797 28.90 -46.53 -35.02
N GLN C 798 29.18 -47.00 -33.81
CA GLN C 798 29.26 -48.43 -33.51
C GLN C 798 28.17 -48.81 -32.51
N VAL C 799 27.45 -49.87 -32.83
CA VAL C 799 26.45 -50.42 -31.91
C VAL C 799 27.16 -51.12 -30.76
N VAL C 800 26.73 -50.84 -29.54
CA VAL C 800 27.32 -51.42 -28.34
C VAL C 800 26.41 -52.53 -27.84
N THR C 801 26.99 -53.68 -27.54
CA THR C 801 26.29 -54.83 -26.98
C THR C 801 26.84 -55.08 -25.59
N VAL C 802 25.97 -54.95 -24.58
CA VAL C 802 26.37 -55.09 -23.19
C VAL C 802 26.20 -56.55 -22.80
N ASP C 803 27.29 -57.20 -22.44
CA ASP C 803 27.29 -58.59 -22.02
C ASP C 803 27.73 -58.69 -20.56
N VAL C 804 27.74 -59.90 -20.04
CA VAL C 804 28.14 -60.16 -18.66
C VAL C 804 29.24 -61.21 -18.65
N ASP C 805 30.16 -61.09 -17.70
CA ASP C 805 31.20 -62.09 -17.48
C ASP C 805 31.24 -62.47 -16.00
N ASN C 806 31.81 -63.66 -15.75
CA ASN C 806 31.92 -64.23 -14.41
C ASN C 806 30.54 -64.38 -13.75
N TRP C 807 29.62 -65.02 -14.47
CA TRP C 807 28.28 -65.25 -13.95
C TRP C 807 27.71 -66.50 -14.58
N ASP C 808 27.01 -67.29 -13.79
CA ASP C 808 26.36 -68.51 -14.25
C ASP C 808 24.90 -68.30 -14.63
N GLY C 809 24.37 -67.08 -14.45
CA GLY C 809 23.00 -66.79 -14.79
C GLY C 809 21.98 -67.14 -13.72
N GLU C 810 22.40 -67.72 -12.60
CA GLU C 810 21.48 -68.10 -11.54
C GLU C 810 21.96 -67.58 -10.19
N GLY C 811 23.27 -67.42 -10.03
CA GLY C 811 23.83 -67.03 -8.77
C GLY C 811 23.61 -65.55 -8.48
N PRO C 812 24.12 -65.10 -7.33
CA PRO C 812 23.97 -63.68 -6.96
C PRO C 812 24.63 -62.72 -7.94
N GLY C 813 25.71 -63.13 -8.59
CA GLY C 813 26.37 -62.27 -9.55
C GLY C 813 27.18 -61.15 -8.96
N GLU C 814 27.64 -61.29 -7.71
CA GLU C 814 28.45 -60.26 -7.10
C GLU C 814 29.82 -60.14 -7.77
N ASP C 815 30.29 -61.23 -8.38
CA ASP C 815 31.54 -61.22 -9.12
C ASP C 815 31.36 -60.92 -10.61
N ALA C 816 30.12 -60.78 -11.06
CA ALA C 816 29.87 -60.55 -12.48
C ALA C 816 30.25 -59.13 -12.88
N VAL C 817 30.71 -58.99 -14.11
CA VAL C 817 31.18 -57.71 -14.64
C VAL C 817 30.46 -57.43 -15.95
N PHE C 818 29.92 -56.21 -16.08
CA PHE C 818 29.33 -55.77 -17.33
C PHE C 818 30.43 -55.41 -18.32
N THR C 819 30.31 -55.91 -19.55
CA THR C 819 31.29 -55.70 -20.60
C THR C 819 30.63 -54.97 -21.77
N PHE C 820 31.28 -53.92 -22.25
CA PHE C 820 30.74 -53.08 -23.31
C PHE C 820 31.54 -53.33 -24.58
N THR C 821 31.10 -54.31 -25.36
CA THR C 821 31.81 -54.69 -26.58
C THR C 821 31.49 -53.73 -27.73
N SER D 168 -35.25 40.58 -15.55
CA SER D 168 -34.76 41.35 -16.69
C SER D 168 -34.47 40.43 -17.87
N LEU D 169 -34.06 41.02 -18.99
CA LEU D 169 -33.75 40.24 -20.19
C LEU D 169 -32.42 39.53 -20.10
N VAL D 170 -31.59 39.84 -19.11
CA VAL D 170 -30.30 39.19 -18.95
C VAL D 170 -30.37 38.02 -17.98
N LEU D 171 -31.04 38.22 -16.84
CA LEU D 171 -31.09 37.19 -15.82
C LEU D 171 -31.86 35.96 -16.28
N ASP D 172 -32.96 36.15 -17.02
CA ASP D 172 -33.73 35.00 -17.48
C ASP D 172 -33.02 34.24 -18.59
N GLN D 173 -32.02 34.85 -19.23
CA GLN D 173 -31.25 34.13 -20.24
C GLN D 173 -30.28 33.13 -19.60
N PHE D 174 -29.68 33.49 -18.47
CA PHE D 174 -28.75 32.63 -17.76
C PHE D 174 -29.36 32.01 -16.52
N GLY D 175 -30.67 32.15 -16.33
CA GLY D 175 -31.29 31.62 -15.13
C GLY D 175 -32.78 31.44 -15.32
N ARG D 176 -33.39 30.77 -14.35
CA ARG D 176 -34.82 30.47 -14.37
C ARG D 176 -35.49 31.14 -13.18
N ASN D 177 -36.56 31.87 -13.46
CA ASN D 177 -37.28 32.62 -12.43
C ASN D 177 -38.16 31.65 -11.65
N LEU D 178 -37.85 31.43 -10.38
CA LEU D 178 -38.66 30.54 -9.56
C LEU D 178 -39.97 31.19 -9.12
N THR D 179 -39.96 32.50 -8.83
CA THR D 179 -41.20 33.15 -8.40
C THR D 179 -42.18 33.29 -9.55
N ALA D 180 -41.69 33.55 -10.76
CA ALA D 180 -42.58 33.55 -11.91
C ALA D 180 -43.09 32.15 -12.23
N ALA D 181 -42.32 31.12 -11.88
CA ALA D 181 -42.85 29.76 -11.96
C ALA D 181 -43.94 29.53 -10.93
N ALA D 182 -43.77 30.06 -9.72
CA ALA D 182 -44.78 29.90 -8.68
C ALA D 182 -45.98 30.80 -8.90
N MET D 183 -45.91 31.76 -9.81
CA MET D 183 -47.11 32.41 -10.32
C MET D 183 -48.10 31.39 -10.84
N GLU D 184 -47.63 30.49 -11.70
CA GLU D 184 -48.46 29.57 -12.45
C GLU D 184 -48.66 28.23 -11.77
N GLY D 185 -48.12 28.05 -10.56
CA GLY D 185 -48.20 26.78 -9.88
C GLY D 185 -47.43 25.67 -10.56
N LYS D 186 -46.29 26.00 -11.18
CA LYS D 186 -45.45 25.00 -11.83
C LYS D 186 -44.53 24.29 -10.86
N LEU D 187 -44.56 24.65 -9.57
CA LEU D 187 -43.74 24.02 -8.56
C LEU D 187 -44.61 23.20 -7.61
N ASP D 188 -44.09 22.06 -7.19
CA ASP D 188 -44.82 21.17 -6.31
C ASP D 188 -45.00 21.83 -4.93
N PRO D 189 -46.15 21.61 -4.28
CA PRO D 189 -46.33 22.12 -2.93
C PRO D 189 -45.32 21.52 -1.97
N VAL D 190 -44.84 22.33 -1.03
CA VAL D 190 -43.84 21.91 -0.06
C VAL D 190 -44.50 21.86 1.31
N ILE D 191 -44.45 20.69 1.94
CA ILE D 191 -45.22 20.41 3.15
C ILE D 191 -44.26 20.04 4.27
N GLY D 192 -44.40 20.71 5.40
CA GLY D 192 -43.68 20.34 6.61
C GLY D 192 -42.27 20.88 6.76
N ARG D 193 -41.88 21.87 5.95
CA ARG D 193 -40.54 22.45 6.00
C ARG D 193 -40.59 23.89 6.50
N GLU D 194 -41.43 24.15 7.52
CA GLU D 194 -41.49 25.50 8.08
C GLU D 194 -40.17 25.87 8.77
N LYS D 195 -39.54 24.91 9.44
CA LYS D 195 -38.35 25.23 10.23
C LYS D 195 -37.16 25.58 9.34
N GLU D 196 -36.89 24.76 8.32
CA GLU D 196 -35.76 25.03 7.44
C GLU D 196 -35.97 26.29 6.62
N ILE D 197 -37.20 26.52 6.16
CA ILE D 197 -37.51 27.75 5.42
C ILE D 197 -37.35 28.97 6.32
N GLU D 198 -37.78 28.86 7.58
CA GLU D 198 -37.59 29.95 8.53
C GLU D 198 -36.11 30.20 8.80
N ARG D 199 -35.32 29.14 8.90
CA ARG D 199 -33.87 29.28 9.07
C ARG D 199 -33.24 29.98 7.87
N VAL D 200 -33.69 29.63 6.65
CA VAL D 200 -33.18 30.30 5.46
C VAL D 200 -33.57 31.77 5.45
N MET D 201 -34.78 32.08 5.92
CA MET D 201 -35.19 33.49 6.04
C MET D 201 -34.33 34.22 7.06
N GLN D 202 -34.00 33.56 8.18
CA GLN D 202 -33.13 34.18 9.17
C GLN D 202 -31.76 34.48 8.62
N VAL D 203 -31.19 33.54 7.86
CA VAL D 203 -29.85 33.76 7.30
C VAL D 203 -29.91 34.84 6.21
N LEU D 204 -30.97 34.85 5.41
CA LEU D 204 -31.08 35.81 4.32
C LEU D 204 -31.30 37.24 4.82
N SER D 205 -31.66 37.41 6.09
CA SER D 205 -31.92 38.73 6.64
C SER D 205 -30.74 39.28 7.44
N ARG D 206 -29.59 38.61 7.43
CA ARG D 206 -28.42 39.11 8.12
C ARG D 206 -27.77 40.24 7.35
N ARG D 207 -26.88 40.97 8.02
CA ARG D 207 -26.24 42.13 7.41
C ARG D 207 -25.08 41.71 6.51
N THR D 208 -24.07 41.06 7.08
CA THR D 208 -22.94 40.55 6.34
C THR D 208 -22.97 39.03 6.34
N LYS D 209 -22.60 38.43 5.21
CA LYS D 209 -22.63 36.99 5.00
C LYS D 209 -24.05 36.44 5.22
N ASN D 210 -24.94 36.84 4.33
CA ASN D 210 -26.34 36.41 4.37
C ASN D 210 -26.61 35.28 3.40
N ASN D 211 -25.65 34.38 3.23
CA ASN D 211 -25.78 33.30 2.25
C ASN D 211 -25.97 31.95 2.93
N PRO D 212 -27.17 31.36 2.88
CA PRO D 212 -27.35 30.02 3.43
C PRO D 212 -27.01 28.93 2.43
N VAL D 213 -26.59 27.79 2.96
CA VAL D 213 -26.35 26.58 2.17
C VAL D 213 -27.19 25.46 2.76
N LEU D 214 -28.02 24.86 1.91
CA LEU D 214 -28.85 23.74 2.33
C LEU D 214 -28.04 22.47 2.17
N ILE D 215 -27.66 21.86 3.29
CA ILE D 215 -26.89 20.62 3.30
C ILE D 215 -27.82 19.48 3.67
N GLY D 216 -27.90 18.48 2.79
CA GLY D 216 -28.78 17.34 3.03
C GLY D 216 -28.44 16.21 2.09
N GLU D 217 -28.87 15.02 2.50
CA GLU D 217 -28.68 13.81 1.70
C GLU D 217 -29.48 13.93 0.41
N PRO D 218 -29.09 13.20 -0.64
CA PRO D 218 -29.83 13.30 -1.91
C PRO D 218 -31.26 12.80 -1.76
N GLY D 219 -32.22 13.71 -1.91
CA GLY D 219 -33.62 13.40 -1.86
C GLY D 219 -34.36 13.95 -0.66
N VAL D 220 -33.66 14.60 0.28
CA VAL D 220 -34.32 15.08 1.48
C VAL D 220 -35.14 16.34 1.20
N GLY D 221 -34.85 17.02 0.09
CA GLY D 221 -35.63 18.18 -0.28
C GLY D 221 -34.88 19.49 -0.25
N LYS D 222 -33.58 19.45 -0.56
CA LYS D 222 -32.77 20.67 -0.53
C LYS D 222 -33.25 21.68 -1.56
N THR D 223 -33.52 21.24 -2.78
CA THR D 223 -34.09 22.10 -3.80
C THR D 223 -35.55 22.43 -3.52
N ALA D 224 -36.27 21.51 -2.87
CA ALA D 224 -37.66 21.73 -2.49
C ALA D 224 -37.83 22.82 -1.44
N VAL D 225 -36.84 23.02 -0.57
CA VAL D 225 -36.91 24.13 0.38
C VAL D 225 -36.94 25.46 -0.34
N VAL D 226 -36.18 25.58 -1.43
CA VAL D 226 -36.17 26.82 -2.20
C VAL D 226 -37.50 27.02 -2.93
N GLU D 227 -38.11 25.93 -3.43
CA GLU D 227 -39.42 26.06 -4.03
C GLU D 227 -40.46 26.49 -3.01
N GLY D 228 -40.37 25.95 -1.79
CA GLY D 228 -41.26 26.39 -0.73
C GLY D 228 -41.04 27.85 -0.35
N LEU D 229 -39.78 28.29 -0.38
CA LEU D 229 -39.48 29.69 -0.11
C LEU D 229 -40.06 30.59 -1.21
N ALA D 230 -39.97 30.16 -2.46
CA ALA D 230 -40.56 30.92 -3.55
C ALA D 230 -42.08 31.00 -3.40
N GLN D 231 -42.70 29.88 -3.03
CA GLN D 231 -44.16 29.89 -2.83
C GLN D 231 -44.55 30.76 -1.65
N ALA D 232 -43.72 30.80 -0.60
CA ALA D 232 -43.98 31.70 0.52
C ALA D 232 -43.81 33.16 0.13
N ILE D 233 -42.85 33.45 -0.74
CA ILE D 233 -42.69 34.79 -1.27
C ILE D 233 -43.92 35.21 -2.05
N VAL D 234 -44.45 34.30 -2.87
CA VAL D 234 -45.67 34.57 -3.61
C VAL D 234 -46.86 34.79 -2.67
N HIS D 235 -47.03 33.89 -1.71
CA HIS D 235 -48.22 33.93 -0.85
C HIS D 235 -48.16 35.04 0.18
N GLY D 236 -46.99 35.60 0.45
CA GLY D 236 -46.87 36.80 1.26
C GLY D 236 -46.60 36.59 2.73
N GLU D 237 -46.33 35.37 3.17
CA GLU D 237 -45.99 35.18 4.58
C GLU D 237 -44.55 35.48 4.91
N VAL D 238 -43.75 35.87 3.92
CA VAL D 238 -42.36 36.27 4.15
C VAL D 238 -42.34 37.59 4.90
N PRO D 239 -41.30 37.86 5.68
CA PRO D 239 -41.22 39.16 6.37
C PRO D 239 -40.94 40.32 5.42
N GLU D 240 -40.81 41.53 5.98
CA GLU D 240 -40.61 42.72 5.15
C GLU D 240 -39.33 42.62 4.33
N THR D 241 -38.32 41.96 4.89
CA THR D 241 -37.02 41.87 4.21
C THR D 241 -37.12 41.09 2.90
N LEU D 242 -38.02 40.10 2.83
CA LEU D 242 -38.12 39.23 1.67
C LEU D 242 -39.40 39.44 0.87
N LYS D 243 -40.08 40.57 1.05
CA LYS D 243 -41.27 40.86 0.25
C LYS D 243 -40.87 41.26 -1.17
N ASP D 244 -41.63 40.73 -2.13
CA ASP D 244 -41.50 41.05 -3.56
C ASP D 244 -40.14 40.68 -4.13
N LYS D 245 -39.38 39.83 -3.44
CA LYS D 245 -38.14 39.32 -4.01
C LYS D 245 -38.43 38.31 -5.11
N GLN D 246 -37.42 38.05 -5.93
CA GLN D 246 -37.53 37.07 -7.00
C GLN D 246 -36.35 36.12 -6.90
N LEU D 247 -36.64 34.82 -6.77
CA LEU D 247 -35.60 33.80 -6.76
C LEU D 247 -35.23 33.46 -8.20
N TYR D 248 -33.96 33.57 -8.53
CA TYR D 248 -33.46 33.19 -9.84
C TYR D 248 -32.48 32.03 -9.68
N THR D 249 -32.87 30.85 -10.15
CA THR D 249 -31.97 29.71 -10.17
C THR D 249 -30.98 29.90 -11.31
N LEU D 250 -29.70 30.07 -10.96
CA LEU D 250 -28.67 30.40 -11.94
C LEU D 250 -28.15 29.12 -12.58
N ASP D 251 -28.20 29.08 -13.91
CA ASP D 251 -27.66 27.96 -14.68
C ASP D 251 -26.20 28.27 -15.01
N LEU D 252 -25.28 27.61 -14.32
CA LEU D 252 -23.86 27.84 -14.56
C LEU D 252 -23.46 27.39 -15.96
N GLY D 253 -24.01 26.27 -16.42
CA GLY D 253 -23.71 25.80 -17.77
C GLY D 253 -24.18 26.78 -18.84
N SER D 254 -25.29 27.48 -18.58
CA SER D 254 -25.75 28.49 -19.52
C SER D 254 -24.81 29.67 -19.57
N LEU D 255 -24.18 30.00 -18.43
CA LEU D 255 -23.16 31.04 -18.42
C LEU D 255 -21.93 30.61 -19.20
N VAL D 256 -21.48 29.36 -19.00
CA VAL D 256 -20.28 28.87 -19.66
C VAL D 256 -20.50 28.70 -21.16
N ALA D 257 -21.68 28.22 -21.56
CA ALA D 257 -21.94 27.94 -22.96
C ALA D 257 -21.98 29.23 -23.77
N GLY D 258 -21.26 29.24 -24.89
CA GLY D 258 -21.12 30.40 -25.74
C GLY D 258 -19.91 31.26 -25.44
N SER D 259 -19.15 30.96 -24.39
CA SER D 259 -18.00 31.77 -23.99
C SER D 259 -16.72 31.25 -24.64
N ARG D 260 -16.67 31.38 -25.98
CA ARG D 260 -15.51 30.89 -26.72
C ARG D 260 -14.27 31.72 -26.43
N TYR D 261 -14.42 33.03 -26.37
CA TYR D 261 -13.27 33.92 -26.28
C TYR D 261 -12.82 34.07 -24.82
N ARG D 262 -11.83 34.95 -24.61
CA ARG D 262 -11.16 35.00 -23.31
C ARG D 262 -12.07 35.55 -22.22
N GLY D 263 -12.72 36.68 -22.48
CA GLY D 263 -13.44 37.35 -21.42
C GLY D 263 -14.94 37.28 -21.51
N ASP D 264 -15.47 36.37 -22.34
CA ASP D 264 -16.92 36.29 -22.52
C ASP D 264 -17.63 35.82 -21.25
N PHE D 265 -17.14 34.75 -20.64
CA PHE D 265 -17.78 34.26 -19.42
C PHE D 265 -17.66 35.25 -18.28
N GLU D 266 -16.50 35.91 -18.17
CA GLU D 266 -16.32 36.93 -17.15
C GLU D 266 -17.27 38.10 -17.36
N GLU D 267 -17.42 38.55 -18.61
CA GLU D 267 -18.34 39.63 -18.90
C GLU D 267 -19.78 39.22 -18.59
N ARG D 268 -20.14 37.98 -18.90
CA ARG D 268 -21.48 37.50 -18.59
C ARG D 268 -21.74 37.50 -17.09
N LEU D 269 -20.78 37.01 -16.31
CA LEU D 269 -20.97 36.95 -14.86
C LEU D 269 -21.02 38.34 -14.26
N LYS D 270 -20.19 39.27 -14.75
CA LYS D 270 -20.24 40.64 -14.24
C LYS D 270 -21.54 41.32 -14.64
N LYS D 271 -22.08 41.04 -15.82
CA LYS D 271 -23.37 41.61 -16.20
C LYS D 271 -24.49 41.06 -15.33
N VAL D 272 -24.44 39.76 -15.00
CA VAL D 272 -25.44 39.18 -14.10
C VAL D 272 -25.36 39.83 -12.72
N LEU D 273 -24.14 39.98 -12.20
CA LEU D 273 -23.98 40.57 -10.88
C LEU D 273 -24.38 42.04 -10.86
N LYS D 274 -24.11 42.76 -11.96
CA LYS D 274 -24.54 44.15 -12.07
C LYS D 274 -26.06 44.26 -12.13
N GLU D 275 -26.72 43.35 -12.86
CA GLU D 275 -28.18 43.37 -12.92
C GLU D 275 -28.77 43.08 -11.55
N ILE D 276 -28.20 42.12 -10.82
CA ILE D 276 -28.67 41.83 -9.47
C ILE D 276 -28.46 43.03 -8.55
N ASN D 277 -27.31 43.70 -8.66
CA ASN D 277 -27.02 44.84 -7.81
C ASN D 277 -27.96 46.01 -8.10
N THR D 278 -28.22 46.28 -9.38
CA THR D 278 -29.04 47.44 -9.74
C THR D 278 -30.51 47.18 -9.46
N ARG D 279 -31.01 45.97 -9.75
CA ARG D 279 -32.41 45.68 -9.48
C ARG D 279 -32.68 45.62 -7.98
N GLY D 280 -31.81 44.93 -7.24
CA GLY D 280 -31.89 44.95 -5.79
C GLY D 280 -33.01 44.10 -5.20
N ASP D 281 -33.72 43.32 -6.02
CA ASP D 281 -34.77 42.47 -5.50
C ASP D 281 -34.61 41.02 -5.99
N ILE D 282 -33.39 40.60 -6.29
CA ILE D 282 -33.11 39.27 -6.81
C ILE D 282 -32.34 38.49 -5.76
N ILE D 283 -32.81 37.28 -5.45
CA ILE D 283 -32.09 36.33 -4.63
C ILE D 283 -31.63 35.21 -5.55
N LEU D 284 -30.33 34.97 -5.57
CA LEU D 284 -29.72 34.09 -6.57
C LEU D 284 -29.52 32.71 -5.96
N PHE D 285 -30.07 31.69 -6.62
CA PHE D 285 -30.03 30.32 -6.13
C PHE D 285 -29.04 29.52 -6.97
N ILE D 286 -28.00 29.02 -6.34
CA ILE D 286 -27.01 28.17 -6.97
C ILE D 286 -27.26 26.74 -6.49
N ASP D 287 -27.95 25.96 -7.32
CA ASP D 287 -28.01 24.53 -7.08
C ASP D 287 -26.69 23.88 -7.47
N GLU D 288 -26.29 22.86 -6.70
CA GLU D 288 -24.97 22.25 -6.79
C GLU D 288 -23.86 23.30 -6.67
N LEU D 289 -23.80 23.89 -5.46
CA LEU D 289 -22.81 24.91 -5.18
C LEU D 289 -21.38 24.39 -5.22
N HIS D 290 -21.19 23.08 -5.08
CA HIS D 290 -19.85 22.49 -5.21
C HIS D 290 -19.28 22.72 -6.60
N THR D 291 -20.14 22.94 -7.59
CA THR D 291 -19.73 23.15 -8.97
C THR D 291 -19.23 24.59 -9.20
N LEU D 292 -19.44 25.48 -8.23
CA LEU D 292 -19.05 26.88 -8.40
C LEU D 292 -17.54 27.01 -8.58
N VAL D 293 -16.75 26.22 -7.85
CA VAL D 293 -15.31 26.23 -8.05
C VAL D 293 -15.00 25.59 -9.40
N GLY D 294 -14.28 26.33 -10.25
CA GLY D 294 -13.99 25.83 -11.58
C GLY D 294 -15.04 26.23 -12.59
N ALA D 295 -14.67 27.07 -13.55
CA ALA D 295 -15.55 27.46 -14.64
C ALA D 295 -14.78 27.44 -15.95
N GLY D 296 -13.93 26.43 -16.11
CA GLY D 296 -13.21 26.21 -17.36
C GLY D 296 -12.10 27.21 -17.58
N ALA D 297 -11.38 27.00 -18.69
CA ALA D 297 -10.34 27.90 -19.18
C ALA D 297 -9.25 28.11 -18.12
N ALA D 298 -8.55 27.01 -17.83
CA ALA D 298 -7.47 27.05 -16.85
C ALA D 298 -6.37 28.03 -17.27
N GLU D 299 -6.04 28.04 -18.56
CA GLU D 299 -5.12 29.03 -19.10
C GLU D 299 -5.84 30.26 -19.65
N GLY D 300 -7.16 30.25 -19.68
CA GLY D 300 -7.93 31.35 -20.22
C GLY D 300 -8.30 32.44 -19.24
N ALA D 301 -8.95 32.07 -18.15
CA ALA D 301 -9.50 33.04 -17.20
C ALA D 301 -9.59 32.38 -15.83
N ILE D 302 -10.20 33.09 -14.88
CA ILE D 302 -10.37 32.59 -13.51
C ILE D 302 -11.76 32.02 -13.34
N ASP D 303 -11.97 31.25 -12.28
CA ASP D 303 -13.26 30.60 -12.06
C ASP D 303 -14.28 31.58 -11.49
N ALA D 304 -15.52 31.12 -11.37
CA ALA D 304 -16.59 31.99 -10.88
C ALA D 304 -16.50 32.23 -9.39
N ALA D 305 -15.87 31.30 -8.65
CA ALA D 305 -15.71 31.48 -7.22
C ALA D 305 -14.85 32.68 -6.90
N SER D 306 -13.77 32.89 -7.65
CA SER D 306 -12.93 34.06 -7.42
C SER D 306 -13.66 35.35 -7.77
N ILE D 307 -14.58 35.29 -8.74
CA ILE D 307 -15.36 36.46 -9.09
C ILE D 307 -16.35 36.79 -7.98
N LEU D 308 -17.00 35.77 -7.41
CA LEU D 308 -18.08 36.00 -6.47
C LEU D 308 -17.62 36.22 -5.04
N LYS D 309 -16.47 35.67 -4.64
CA LYS D 309 -16.07 35.69 -3.24
C LYS D 309 -15.94 37.08 -2.61
N PRO D 310 -15.35 38.10 -3.25
CA PRO D 310 -15.34 39.43 -2.62
C PRO D 310 -16.72 40.01 -2.37
N LYS D 311 -17.70 39.70 -3.22
CA LYS D 311 -19.05 40.20 -3.03
C LYS D 311 -19.79 39.45 -1.94
N LEU D 312 -19.61 38.13 -1.84
CA LEU D 312 -20.30 37.38 -0.79
C LEU D 312 -19.64 37.58 0.57
N ALA D 313 -18.38 37.97 0.60
CA ALA D 313 -17.69 38.16 1.88
C ALA D 313 -18.28 39.33 2.66
N ARG D 314 -18.67 40.40 1.95
CA ARG D 314 -19.18 41.62 2.58
C ARG D 314 -20.69 41.60 2.75
N GLY D 315 -21.36 40.55 2.27
CA GLY D 315 -22.81 40.50 2.35
C GLY D 315 -23.51 41.43 1.38
N GLU D 316 -22.81 41.84 0.33
CA GLU D 316 -23.36 42.76 -0.66
C GLU D 316 -24.34 42.06 -1.60
N LEU D 317 -24.27 40.74 -1.72
CA LEU D 317 -25.12 40.02 -2.66
C LEU D 317 -25.66 38.77 -1.98
N GLN D 318 -26.94 38.49 -2.18
CA GLN D 318 -27.64 37.39 -1.53
C GLN D 318 -27.58 36.15 -2.41
N THR D 319 -27.25 35.01 -1.81
CA THR D 319 -27.12 33.76 -2.54
C THR D 319 -27.56 32.60 -1.65
N ILE D 320 -28.40 31.73 -2.20
CA ILE D 320 -28.78 30.48 -1.54
C ILE D 320 -28.13 29.35 -2.31
N GLY D 321 -27.36 28.51 -1.61
CA GLY D 321 -26.66 27.40 -2.21
C GLY D 321 -27.28 26.07 -1.83
N ALA D 322 -27.18 25.09 -2.73
CA ALA D 322 -27.63 23.73 -2.47
C ALA D 322 -26.46 22.77 -2.64
N THR D 323 -26.22 21.94 -1.63
CA THR D 323 -25.07 21.04 -1.68
C THR D 323 -25.36 19.80 -0.83
N THR D 324 -24.96 18.63 -1.35
CA THR D 324 -25.03 17.36 -0.66
C THR D 324 -23.96 17.31 0.44
N LEU D 325 -24.12 16.37 1.37
CA LEU D 325 -23.08 16.14 2.39
C LEU D 325 -21.74 15.79 1.75
N ASP D 326 -21.74 14.82 0.84
CA ASP D 326 -20.48 14.39 0.22
C ASP D 326 -19.93 15.47 -0.69
N GLU D 327 -20.79 16.20 -1.38
CA GLU D 327 -20.33 17.29 -2.23
C GLU D 327 -19.82 18.46 -1.41
N TYR D 328 -20.34 18.63 -0.19
CA TYR D 328 -19.79 19.63 0.72
C TYR D 328 -18.41 19.22 1.23
N ARG D 329 -18.29 17.95 1.67
CA ARG D 329 -17.04 17.44 2.20
C ARG D 329 -15.93 17.37 1.16
N LYS D 330 -16.28 17.06 -0.10
CA LYS D 330 -15.28 16.79 -1.12
C LYS D 330 -14.85 18.06 -1.86
N TYR D 331 -15.81 18.86 -2.31
CA TYR D 331 -15.52 19.92 -3.27
C TYR D 331 -15.61 21.34 -2.71
N ILE D 332 -16.18 21.52 -1.52
CA ILE D 332 -16.28 22.84 -0.90
C ILE D 332 -15.36 22.99 0.29
N GLU D 333 -15.32 21.99 1.18
CA GLU D 333 -14.52 22.07 2.39
C GLU D 333 -13.02 22.04 2.12
N LYS D 334 -12.58 21.68 0.91
CA LYS D 334 -11.19 21.87 0.53
C LYS D 334 -10.88 23.30 0.12
N ASP D 335 -11.91 24.11 -0.15
CA ASP D 335 -11.76 25.53 -0.48
C ASP D 335 -12.33 26.29 0.71
N ALA D 336 -11.48 26.55 1.71
CA ALA D 336 -11.96 27.13 2.97
C ALA D 336 -12.41 28.57 2.82
N ALA D 337 -12.11 29.21 1.69
CA ALA D 337 -12.58 30.58 1.48
C ALA D 337 -14.09 30.62 1.23
N LEU D 338 -14.60 29.69 0.41
CA LEU D 338 -16.04 29.64 0.18
C LEU D 338 -16.79 29.01 1.33
N GLU D 339 -16.12 28.21 2.16
CA GLU D 339 -16.82 27.55 3.26
C GLU D 339 -17.30 28.56 4.29
N ARG D 340 -16.46 29.54 4.65
CA ARG D 340 -16.88 30.51 5.66
C ARG D 340 -17.88 31.50 5.10
N ARG D 341 -17.82 31.80 3.80
CA ARG D 341 -18.73 32.79 3.22
C ARG D 341 -20.16 32.27 3.09
N PHE D 342 -20.38 30.98 3.31
CA PHE D 342 -21.67 30.35 3.13
C PHE D 342 -22.11 29.74 4.45
N GLN D 343 -23.33 30.08 4.88
CA GLN D 343 -23.86 29.58 6.15
C GLN D 343 -24.49 28.22 5.95
N PRO D 344 -24.06 27.18 6.66
CA PRO D 344 -24.67 25.86 6.49
C PRO D 344 -26.02 25.79 7.15
N VAL D 345 -27.00 25.21 6.44
CA VAL D 345 -28.34 24.96 6.96
C VAL D 345 -28.64 23.48 6.74
N GLN D 346 -28.85 22.75 7.83
CA GLN D 346 -29.02 21.30 7.74
C GLN D 346 -30.47 20.94 7.43
N VAL D 347 -30.66 20.17 6.36
CA VAL D 347 -31.97 19.68 5.96
C VAL D 347 -31.97 18.18 6.23
N GLY D 348 -32.53 17.79 7.37
CA GLY D 348 -32.52 16.40 7.78
C GLY D 348 -33.53 15.56 7.02
N GLU D 349 -33.34 14.25 7.11
CA GLU D 349 -34.27 13.30 6.49
C GLU D 349 -35.60 13.33 7.24
N PRO D 350 -36.72 13.53 6.55
CA PRO D 350 -38.02 13.55 7.24
C PRO D 350 -38.37 12.18 7.82
N THR D 351 -39.13 12.20 8.91
CA THR D 351 -39.57 10.97 9.53
C THR D 351 -40.68 10.32 8.71
N VAL D 352 -41.19 9.19 9.20
CA VAL D 352 -42.25 8.49 8.49
C VAL D 352 -43.54 9.29 8.52
N GLU D 353 -43.85 9.93 9.65
CA GLU D 353 -45.05 10.75 9.74
C GLU D 353 -44.94 11.99 8.88
N HIS D 354 -43.76 12.62 8.85
CA HIS D 354 -43.52 13.73 7.94
C HIS D 354 -43.65 13.30 6.49
N THR D 355 -43.15 12.10 6.17
CA THR D 355 -43.32 11.58 4.81
C THR D 355 -44.79 11.33 4.48
N ILE D 356 -45.56 10.87 5.47
CA ILE D 356 -46.99 10.67 5.25
C ILE D 356 -47.69 11.99 4.98
N GLU D 357 -47.32 13.05 5.73
CA GLU D 357 -47.89 14.37 5.48
C GLU D 357 -47.52 14.90 4.10
N ILE D 358 -46.25 14.70 3.70
CA ILE D 358 -45.80 15.14 2.38
C ILE D 358 -46.54 14.40 1.28
N LEU D 359 -46.72 13.09 1.45
CA LEU D 359 -47.46 12.31 0.47
C LEU D 359 -48.93 12.72 0.41
N LYS D 360 -49.52 13.06 1.55
CA LYS D 360 -50.90 13.55 1.55
C LYS D 360 -51.00 14.90 0.84
N GLY D 361 -49.97 15.74 0.96
CA GLY D 361 -49.96 16.98 0.21
C GLY D 361 -49.81 16.78 -1.29
N LEU D 362 -48.97 15.83 -1.70
CA LEU D 362 -48.64 15.61 -3.10
C LEU D 362 -49.60 14.64 -3.79
N ARG D 363 -50.52 14.02 -3.03
CA ARG D 363 -51.48 13.10 -3.61
C ARG D 363 -52.35 13.78 -4.66
N ASP D 364 -52.73 15.02 -4.43
CA ASP D 364 -53.58 15.73 -5.39
C ASP D 364 -52.88 15.87 -6.73
N ARG D 365 -51.63 16.31 -6.72
CA ARG D 365 -50.87 16.46 -7.96
C ARG D 365 -50.65 15.12 -8.65
N TYR D 366 -50.33 14.08 -7.88
CA TYR D 366 -50.02 12.80 -8.51
C TYR D 366 -51.26 12.12 -9.08
N GLU D 367 -52.39 12.20 -8.38
CA GLU D 367 -53.61 11.62 -8.92
C GLU D 367 -54.21 12.49 -10.02
N ALA D 368 -53.83 13.77 -10.08
CA ALA D 368 -54.23 14.59 -11.21
C ALA D 368 -53.42 14.25 -12.45
N HIS D 369 -52.12 14.01 -12.28
CA HIS D 369 -51.29 13.66 -13.45
C HIS D 369 -51.62 12.26 -13.95
N HIS D 370 -51.69 11.28 -13.05
CA HIS D 370 -51.87 9.89 -13.46
C HIS D 370 -53.32 9.55 -13.74
N ARG D 371 -54.25 10.46 -13.43
CA ARG D 371 -55.69 10.26 -13.64
C ARG D 371 -56.13 8.98 -12.92
N VAL D 372 -55.74 8.85 -11.65
CA VAL D 372 -56.07 7.71 -10.81
C VAL D 372 -56.62 8.22 -9.49
N SER D 373 -56.89 7.30 -8.56
CA SER D 373 -57.28 7.65 -7.20
C SER D 373 -56.37 6.93 -6.23
N ILE D 374 -55.72 7.68 -5.35
CA ILE D 374 -54.77 7.13 -4.39
C ILE D 374 -55.41 7.14 -3.01
N THR D 375 -55.61 5.96 -2.44
CA THR D 375 -56.28 5.83 -1.16
C THR D 375 -55.38 6.34 -0.03
N ASP D 376 -56.02 6.63 1.11
CA ASP D 376 -55.28 7.15 2.27
C ASP D 376 -54.33 6.10 2.83
N ALA D 377 -54.69 4.82 2.74
CA ALA D 377 -53.80 3.76 3.19
C ALA D 377 -52.62 3.57 2.26
N ALA D 378 -52.75 3.96 0.99
CA ALA D 378 -51.65 3.82 0.05
C ALA D 378 -50.45 4.67 0.44
N MET D 379 -50.71 5.90 0.90
CA MET D 379 -49.62 6.78 1.31
C MET D 379 -48.89 6.22 2.54
N VAL D 380 -49.64 5.75 3.53
CA VAL D 380 -49.04 5.19 4.73
C VAL D 380 -48.22 3.96 4.40
N ALA D 381 -48.77 3.07 3.58
CA ALA D 381 -48.05 1.87 3.19
C ALA D 381 -46.79 2.22 2.39
N ALA D 382 -46.88 3.19 1.48
CA ALA D 382 -45.73 3.58 0.68
C ALA D 382 -44.61 4.14 1.55
N ALA D 383 -44.97 5.02 2.49
CA ALA D 383 -43.95 5.60 3.38
C ALA D 383 -43.31 4.53 4.26
N THR D 384 -44.13 3.68 4.88
CA THR D 384 -43.59 2.68 5.80
C THR D 384 -42.71 1.66 5.07
N LEU D 385 -43.18 1.16 3.92
CA LEU D 385 -42.40 0.17 3.20
C LEU D 385 -41.17 0.77 2.53
N ALA D 386 -41.23 2.04 2.11
CA ALA D 386 -40.02 2.67 1.59
C ALA D 386 -39.00 2.86 2.69
N ASP D 387 -39.43 3.22 3.89
CA ASP D 387 -38.49 3.35 5.01
C ASP D 387 -37.93 1.99 5.42
N ARG D 388 -38.74 0.94 5.33
CA ARG D 388 -38.33 -0.37 5.84
C ARG D 388 -37.50 -1.17 4.85
N TYR D 389 -37.96 -1.32 3.61
CA TYR D 389 -37.42 -2.31 2.69
C TYR D 389 -36.46 -1.74 1.65
N ILE D 390 -36.28 -0.42 1.59
CA ILE D 390 -35.32 0.19 0.69
C ILE D 390 -34.30 0.91 1.55
N ASN D 391 -33.07 0.40 1.61
CA ASN D 391 -31.98 1.13 2.24
C ASN D 391 -30.91 1.35 1.18
N ASP D 392 -31.18 2.30 0.28
CA ASP D 392 -30.13 2.95 -0.49
C ASP D 392 -30.46 4.40 -0.80
N ARG D 393 -31.58 4.93 -0.30
CA ARG D 393 -32.05 6.27 -0.63
C ARG D 393 -32.59 6.89 0.65
N PHE D 394 -33.17 8.09 0.53
CA PHE D 394 -33.66 8.83 1.68
C PHE D 394 -35.06 9.36 1.41
N LEU D 395 -35.87 9.38 2.46
CA LEU D 395 -37.22 9.91 2.37
C LEU D 395 -37.18 11.42 2.13
N PRO D 396 -38.24 11.99 1.54
CA PRO D 396 -39.50 11.41 1.07
C PRO D 396 -39.43 11.00 -0.38
N ASP D 397 -38.22 10.79 -0.92
CA ASP D 397 -38.09 10.48 -2.34
C ASP D 397 -38.51 9.07 -2.68
N LYS D 398 -38.16 8.07 -1.88
CA LYS D 398 -38.51 6.70 -2.22
C LYS D 398 -40.01 6.45 -2.11
N ALA D 399 -40.66 7.01 -1.09
CA ALA D 399 -42.10 6.86 -0.97
C ALA D 399 -42.82 7.53 -2.13
N ILE D 400 -42.36 8.72 -2.53
CA ILE D 400 -42.94 9.41 -3.68
C ILE D 400 -42.70 8.61 -4.95
N ASP D 401 -41.54 7.97 -5.09
CA ASP D 401 -41.27 7.13 -6.24
C ASP D 401 -42.22 5.95 -6.29
N LEU D 402 -42.46 5.31 -5.15
CA LEU D 402 -43.40 4.19 -5.09
C LEU D 402 -44.80 4.63 -5.49
N ILE D 403 -45.26 5.78 -4.95
CA ILE D 403 -46.59 6.29 -5.29
C ILE D 403 -46.69 6.58 -6.78
N ASP D 404 -45.68 7.27 -7.32
CA ASP D 404 -45.72 7.68 -8.72
C ASP D 404 -45.67 6.49 -9.65
N GLU D 405 -44.86 5.49 -9.33
CA GLU D 405 -44.72 4.35 -10.24
C GLU D 405 -45.94 3.44 -10.12
N ALA D 406 -46.57 3.37 -8.95
CA ALA D 406 -47.83 2.66 -8.83
C ALA D 406 -48.93 3.33 -9.64
N GLY D 407 -48.99 4.67 -9.59
CA GLY D 407 -49.95 5.38 -10.42
C GLY D 407 -49.71 5.17 -11.90
N ALA D 408 -48.43 5.17 -12.29
CA ALA D 408 -48.08 4.89 -13.69
C ALA D 408 -48.49 3.48 -14.09
N ARG D 409 -48.28 2.50 -13.19
CA ARG D 409 -48.68 1.13 -13.46
C ARG D 409 -50.18 1.04 -13.67
N MET D 410 -50.94 1.71 -12.82
CA MET D 410 -52.39 1.69 -12.93
C MET D 410 -52.85 2.34 -14.23
N ARG D 411 -52.22 3.47 -14.61
CA ARG D 411 -52.61 4.15 -15.84
C ARG D 411 -52.31 3.30 -17.07
N ILE D 412 -51.15 2.63 -17.07
CA ILE D 412 -50.81 1.78 -18.22
C ILE D 412 -51.75 0.58 -18.29
N ARG D 413 -52.09 -0.02 -17.14
CA ARG D 413 -52.95 -1.20 -17.16
C ARG D 413 -54.38 -0.87 -17.57
N ARG D 414 -54.90 0.28 -17.12
CA ARG D 414 -56.30 0.62 -17.41
C ARG D 414 -56.55 0.95 -18.88
N MET D 415 -55.52 1.23 -19.67
CA MET D 415 -55.69 1.29 -21.11
C MET D 415 -54.60 0.52 -21.83
N VAL D 476 -61.67 6.02 -12.33
CA VAL D 476 -62.19 4.87 -11.59
C VAL D 476 -61.04 3.98 -11.15
N ALA D 477 -59.86 4.23 -11.70
CA ALA D 477 -58.67 3.47 -11.29
C ALA D 477 -58.29 3.86 -9.86
N GLU D 478 -57.96 2.85 -9.06
CA GLU D 478 -57.67 3.06 -7.65
C GLU D 478 -56.35 2.41 -7.29
N VAL D 479 -55.50 3.17 -6.58
CA VAL D 479 -54.22 2.67 -6.08
C VAL D 479 -54.41 2.28 -4.62
N ASP D 480 -54.02 1.06 -4.28
CA ASP D 480 -54.17 0.56 -2.91
C ASP D 480 -52.81 0.24 -2.33
N ASP D 481 -52.78 -0.36 -1.14
CA ASP D 481 -51.50 -0.77 -0.56
C ASP D 481 -50.91 -1.98 -1.29
N GLU D 482 -51.77 -2.79 -1.92
CA GLU D 482 -51.27 -3.93 -2.68
C GLU D 482 -50.54 -3.49 -3.94
N GLN D 483 -51.01 -2.42 -4.57
CA GLN D 483 -50.30 -1.84 -5.70
C GLN D 483 -48.90 -1.37 -5.30
N ILE D 484 -48.81 -0.70 -4.15
CA ILE D 484 -47.52 -0.23 -3.64
C ILE D 484 -46.61 -1.41 -3.32
N ALA D 485 -47.17 -2.44 -2.70
CA ALA D 485 -46.38 -3.63 -2.38
C ALA D 485 -45.86 -4.31 -3.64
N GLU D 486 -46.68 -4.35 -4.69
CA GLU D 486 -46.24 -4.94 -5.95
C GLU D 486 -45.15 -4.09 -6.59
N VAL D 487 -45.25 -2.76 -6.47
CA VAL D 487 -44.19 -1.88 -6.94
C VAL D 487 -42.88 -2.15 -6.21
N LEU D 488 -42.96 -2.32 -4.89
CA LEU D 488 -41.77 -2.58 -4.10
C LEU D 488 -41.16 -3.92 -4.45
N GLY D 489 -41.99 -4.93 -4.69
CA GLY D 489 -41.50 -6.23 -5.13
C GLY D 489 -40.85 -6.17 -6.50
N ASN D 490 -41.40 -5.34 -7.39
CA ASN D 490 -40.78 -5.14 -8.70
C ASN D 490 -39.42 -4.45 -8.56
N TRP D 491 -39.32 -3.49 -7.65
CA TRP D 491 -38.08 -2.71 -7.53
C TRP D 491 -36.99 -3.53 -6.84
N THR D 492 -37.21 -3.92 -5.59
CA THR D 492 -36.15 -4.52 -4.79
C THR D 492 -36.15 -6.04 -4.83
N GLY D 493 -37.14 -6.66 -5.47
CA GLY D 493 -37.17 -8.11 -5.56
C GLY D 493 -37.63 -8.82 -4.31
N ILE D 494 -38.01 -8.08 -3.27
CA ILE D 494 -38.45 -8.68 -2.01
C ILE D 494 -39.91 -9.06 -2.14
N PRO D 495 -40.27 -10.34 -2.02
CA PRO D 495 -41.67 -10.77 -2.24
C PRO D 495 -42.60 -10.35 -1.11
N VAL D 496 -42.86 -9.04 -1.03
CA VAL D 496 -43.87 -8.50 -0.13
C VAL D 496 -45.09 -8.11 -0.98
N PHE D 497 -46.07 -9.00 -0.99
CA PHE D 497 -47.31 -8.79 -1.72
C PHE D 497 -48.50 -9.26 -0.90
N LYS D 498 -49.67 -9.35 -1.53
CA LYS D 498 -50.75 -10.12 -0.96
C LYS D 498 -50.59 -11.58 -1.36
N LEU D 499 -50.76 -12.48 -0.40
CA LEU D 499 -50.56 -13.90 -0.67
C LEU D 499 -51.71 -14.44 -1.51
N THR D 500 -51.40 -14.83 -2.74
CA THR D 500 -52.38 -15.46 -3.60
C THR D 500 -52.69 -16.87 -3.09
N GLU D 501 -53.79 -17.43 -3.62
CA GLU D 501 -54.24 -18.74 -3.14
C GLU D 501 -53.22 -19.83 -3.45
N ALA D 502 -52.65 -19.82 -4.66
CA ALA D 502 -51.64 -20.81 -5.01
C ALA D 502 -50.39 -20.66 -4.16
N GLU D 503 -49.94 -19.42 -3.95
CA GLU D 503 -48.77 -19.18 -3.11
C GLU D 503 -49.04 -19.57 -1.66
N THR D 504 -50.24 -19.28 -1.16
CA THR D 504 -50.59 -19.68 0.20
C THR D 504 -50.58 -21.20 0.35
N THR D 505 -51.16 -21.91 -0.61
CA THR D 505 -51.19 -23.37 -0.54
C THR D 505 -49.78 -23.95 -0.64
N ARG D 506 -48.92 -23.33 -1.46
CA ARG D 506 -47.54 -23.80 -1.54
C ARG D 506 -46.78 -23.50 -0.25
N LEU D 507 -47.13 -22.41 0.43
CA LEU D 507 -46.47 -22.08 1.68
C LEU D 507 -46.89 -23.03 2.80
N LEU D 508 -48.16 -23.43 2.84
CA LEU D 508 -48.57 -24.43 3.81
C LEU D 508 -47.97 -25.79 3.52
N ARG D 509 -47.65 -26.08 2.26
CA ARG D 509 -47.12 -27.37 1.85
C ARG D 509 -45.61 -27.35 1.64
N MET D 510 -44.90 -26.38 2.19
CA MET D 510 -43.47 -26.28 1.92
C MET D 510 -42.66 -27.40 2.55
N GLU D 511 -43.16 -28.05 3.61
CA GLU D 511 -42.46 -29.22 4.13
C GLU D 511 -42.47 -30.35 3.11
N GLU D 512 -43.60 -30.54 2.42
CA GLU D 512 -43.66 -31.55 1.37
C GLU D 512 -42.76 -31.19 0.19
N GLU D 513 -42.74 -29.91 -0.19
CA GLU D 513 -41.93 -29.51 -1.34
C GLU D 513 -40.44 -29.59 -1.02
N LEU D 514 -40.07 -29.37 0.25
CA LEU D 514 -38.69 -29.54 0.65
C LEU D 514 -38.32 -31.01 0.79
N HIS D 515 -39.28 -31.84 1.22
CA HIS D 515 -39.04 -33.27 1.32
C HIS D 515 -39.07 -33.94 -0.05
N LYS D 516 -39.51 -33.23 -1.09
CA LYS D 516 -39.38 -33.73 -2.45
C LYS D 516 -37.92 -34.00 -2.80
N ARG D 517 -37.00 -33.19 -2.28
CA ARG D 517 -35.57 -33.38 -2.47
C ARG D 517 -34.86 -33.90 -1.22
N ILE D 518 -35.25 -33.43 -0.04
CA ILE D 518 -34.56 -33.78 1.20
C ILE D 518 -35.31 -34.92 1.85
N ILE D 519 -34.79 -36.14 1.73
CA ILE D 519 -35.42 -37.29 2.36
C ILE D 519 -34.90 -37.41 3.78
N GLY D 520 -35.82 -37.45 4.74
CA GLY D 520 -35.41 -37.40 6.13
C GLY D 520 -35.16 -35.96 6.56
N GLN D 521 -34.48 -35.83 7.71
CA GLN D 521 -34.17 -34.53 8.32
C GLN D 521 -35.45 -33.71 8.54
N GLU D 522 -36.33 -34.25 9.38
CA GLU D 522 -37.65 -33.63 9.56
C GLU D 522 -37.57 -32.34 10.37
N ASP D 523 -36.73 -32.33 11.42
CA ASP D 523 -36.68 -31.16 12.30
C ASP D 523 -36.14 -29.92 11.58
N ALA D 524 -35.10 -30.11 10.77
CA ALA D 524 -34.51 -28.97 10.07
C ALA D 524 -35.47 -28.41 9.04
N VAL D 525 -36.17 -29.29 8.30
CA VAL D 525 -37.17 -28.84 7.34
C VAL D 525 -38.29 -28.11 8.06
N LYS D 526 -38.70 -28.62 9.23
CA LYS D 526 -39.73 -27.96 10.03
C LYS D 526 -39.31 -26.55 10.42
N ALA D 527 -38.08 -26.41 10.95
CA ALA D 527 -37.63 -25.10 11.41
C ALA D 527 -37.49 -24.10 10.27
N VAL D 528 -36.94 -24.56 9.13
CA VAL D 528 -36.85 -23.69 7.96
C VAL D 528 -38.23 -23.28 7.48
N SER D 529 -39.19 -24.20 7.53
CA SER D 529 -40.55 -23.91 7.11
C SER D 529 -41.20 -22.87 8.01
N LYS D 530 -41.02 -23.02 9.32
CA LYS D 530 -41.57 -22.04 10.25
C LYS D 530 -40.95 -20.66 10.02
N ALA D 531 -39.65 -20.62 9.75
CA ALA D 531 -39.00 -19.32 9.51
C ALA D 531 -39.54 -18.65 8.25
N ILE D 532 -39.69 -19.40 7.16
CA ILE D 532 -40.16 -18.80 5.92
C ILE D 532 -41.63 -18.38 6.05
N ARG D 533 -42.44 -19.19 6.73
CA ARG D 533 -43.84 -18.81 6.96
C ARG D 533 -43.93 -17.56 7.83
N ARG D 534 -43.07 -17.46 8.84
CA ARG D 534 -43.03 -16.28 9.69
C ARG D 534 -42.64 -15.04 8.91
N THR D 535 -41.66 -15.19 8.00
CA THR D 535 -41.24 -14.06 7.19
C THR D 535 -42.34 -13.61 6.22
N ARG D 536 -43.01 -14.56 5.57
CA ARG D 536 -44.02 -14.21 4.58
C ARG D 536 -45.37 -13.85 5.18
N ALA D 537 -45.60 -14.14 6.46
CA ALA D 537 -46.85 -13.74 7.09
C ALA D 537 -46.88 -12.25 7.40
N GLY D 538 -45.72 -11.60 7.33
CA GLY D 538 -45.57 -10.24 7.80
C GLY D 538 -45.27 -10.14 9.28
N LEU D 539 -45.29 -11.26 9.99
CA LEU D 539 -45.02 -11.29 11.42
C LEU D 539 -43.54 -11.66 11.62
N LYS D 540 -42.69 -10.66 11.41
CA LYS D 540 -41.24 -10.83 11.54
C LYS D 540 -40.65 -9.59 12.16
N ASP D 541 -39.69 -9.78 13.06
CA ASP D 541 -39.02 -8.65 13.69
C ASP D 541 -38.20 -7.90 12.65
N PRO D 542 -38.45 -6.60 12.43
CA PRO D 542 -37.74 -5.89 11.35
C PRO D 542 -36.24 -5.81 11.54
N LYS D 543 -35.75 -5.72 12.78
CA LYS D 543 -34.31 -5.57 12.99
C LYS D 543 -33.56 -6.87 12.69
N ARG D 544 -34.05 -7.98 13.22
CA ARG D 544 -33.38 -9.27 13.05
C ARG D 544 -33.56 -9.78 11.62
N PRO D 545 -32.67 -10.64 11.15
CA PRO D 545 -32.87 -11.25 9.83
C PRO D 545 -34.03 -12.23 9.84
N SER D 546 -34.37 -12.70 8.64
CA SER D 546 -35.54 -13.58 8.48
C SER D 546 -35.33 -14.89 9.23
N GLY D 547 -34.14 -15.46 9.15
CA GLY D 547 -33.83 -16.66 9.88
C GLY D 547 -32.33 -16.84 10.03
N SER D 548 -31.89 -17.46 11.10
CA SER D 548 -30.48 -17.73 11.33
C SER D 548 -30.34 -19.09 11.98
N PHE D 549 -29.79 -20.04 11.25
CA PHE D 549 -29.70 -21.42 11.68
C PHE D 549 -28.26 -21.86 11.66
N ILE D 550 -27.93 -22.85 12.49
CA ILE D 550 -26.69 -23.59 12.36
C ILE D 550 -27.03 -25.08 12.25
N PHE D 551 -26.63 -25.67 11.13
CA PHE D 551 -26.88 -27.07 10.84
C PHE D 551 -25.65 -27.86 11.24
N ALA D 552 -25.84 -28.88 12.08
CA ALA D 552 -24.72 -29.67 12.55
C ALA D 552 -25.11 -31.15 12.56
N GLY D 553 -24.10 -32.01 12.55
CA GLY D 553 -24.33 -33.43 12.54
C GLY D 553 -23.23 -34.17 11.81
N PRO D 554 -23.57 -35.35 11.27
CA PRO D 554 -22.57 -36.14 10.55
C PRO D 554 -22.28 -35.54 9.18
N SER D 555 -21.31 -36.14 8.50
CA SER D 555 -20.98 -35.71 7.15
C SER D 555 -21.90 -36.37 6.14
N GLY D 556 -22.29 -35.60 5.12
CA GLY D 556 -23.16 -36.14 4.08
C GLY D 556 -24.56 -36.48 4.53
N VAL D 557 -25.23 -35.58 5.23
CA VAL D 557 -26.61 -35.80 5.65
C VAL D 557 -27.53 -34.68 5.19
N GLY D 558 -27.16 -33.97 4.13
CA GLY D 558 -28.03 -32.98 3.53
C GLY D 558 -27.92 -31.57 4.07
N LYS D 559 -26.84 -31.24 4.76
CA LYS D 559 -26.70 -29.91 5.34
C LYS D 559 -26.57 -28.84 4.26
N THR D 560 -25.73 -29.08 3.26
CA THR D 560 -25.67 -28.19 2.11
C THR D 560 -26.87 -28.43 1.19
N GLU D 561 -27.35 -29.68 1.13
CA GLU D 561 -28.48 -30.00 0.27
C GLU D 561 -29.75 -29.31 0.72
N LEU D 562 -29.95 -29.16 2.04
CA LEU D 562 -31.13 -28.46 2.52
C LEU D 562 -31.09 -26.98 2.17
N SER D 563 -29.91 -26.36 2.28
CA SER D 563 -29.78 -24.97 1.89
C SER D 563 -30.01 -24.80 0.39
N LYS D 564 -29.49 -25.73 -0.41
CA LYS D 564 -29.72 -25.69 -1.85
C LYS D 564 -31.19 -25.89 -2.19
N ALA D 565 -31.88 -26.78 -1.46
CA ALA D 565 -33.30 -27.01 -1.72
C ALA D 565 -34.14 -25.81 -1.31
N LEU D 566 -33.77 -25.16 -0.20
CA LEU D 566 -34.46 -23.94 0.20
C LEU D 566 -34.28 -22.83 -0.83
N ALA D 567 -33.06 -22.67 -1.34
CA ALA D 567 -32.82 -21.69 -2.39
C ALA D 567 -33.57 -22.05 -3.66
N ASN D 568 -33.68 -23.35 -3.97
CA ASN D 568 -34.43 -23.78 -5.14
C ASN D 568 -35.92 -23.50 -4.99
N PHE D 569 -36.44 -23.63 -3.77
CA PHE D 569 -37.84 -23.26 -3.54
C PHE D 569 -38.03 -21.76 -3.72
N LEU D 570 -37.18 -20.96 -3.07
CA LEU D 570 -37.43 -19.52 -3.01
C LEU D 570 -37.19 -18.85 -4.35
N PHE D 571 -36.14 -19.23 -5.08
CA PHE D 571 -35.75 -18.52 -6.28
C PHE D 571 -35.83 -19.34 -7.57
N GLY D 572 -36.05 -20.65 -7.48
CA GLY D 572 -36.25 -21.46 -8.67
C GLY D 572 -35.01 -22.09 -9.24
N ASP D 573 -33.82 -21.70 -8.80
CA ASP D 573 -32.60 -22.34 -9.27
C ASP D 573 -31.52 -22.15 -8.21
N ASP D 574 -30.51 -23.02 -8.23
CA ASP D 574 -29.56 -23.14 -7.14
C ASP D 574 -28.42 -22.13 -7.19
N ASP D 575 -28.20 -21.43 -8.31
CA ASP D 575 -27.11 -20.45 -8.33
C ASP D 575 -27.50 -19.18 -7.60
N ALA D 576 -28.79 -18.98 -7.35
CA ALA D 576 -29.22 -17.81 -6.59
C ALA D 576 -28.80 -17.90 -5.13
N LEU D 577 -28.43 -19.09 -4.67
CA LEU D 577 -27.88 -19.25 -3.33
C LEU D 577 -26.51 -18.59 -3.25
N ILE D 578 -26.36 -17.65 -2.32
CA ILE D 578 -25.08 -17.00 -2.09
C ILE D 578 -24.24 -17.93 -1.21
N GLN D 579 -23.32 -18.65 -1.84
CA GLN D 579 -22.50 -19.63 -1.15
C GLN D 579 -21.13 -19.03 -0.86
N ILE D 580 -20.90 -18.69 0.40
CA ILE D 580 -19.60 -18.21 0.87
C ILE D 580 -19.06 -19.26 1.83
N ASP D 581 -17.87 -19.79 1.55
CA ASP D 581 -17.36 -20.97 2.24
C ASP D 581 -16.22 -20.56 3.17
N MET D 582 -16.35 -20.94 4.44
CA MET D 582 -15.38 -20.65 5.48
C MET D 582 -14.13 -21.52 5.43
N GLY D 583 -14.04 -22.43 4.46
CA GLY D 583 -12.82 -23.21 4.33
C GLY D 583 -11.66 -22.40 3.81
N GLU D 584 -11.95 -21.24 3.22
CA GLU D 584 -10.92 -20.36 2.69
C GLU D 584 -10.38 -19.38 3.71
N PHE D 585 -10.91 -19.38 4.93
CA PHE D 585 -10.62 -18.33 5.90
C PHE D 585 -9.84 -18.85 7.11
N HIS D 586 -8.91 -19.78 6.89
CA HIS D 586 -8.04 -20.19 7.98
C HIS D 586 -7.07 -19.09 8.34
N ASP D 587 -6.64 -18.32 7.36
CA ASP D 587 -5.83 -17.14 7.64
C ASP D 587 -6.74 -16.03 8.16
N ARG D 588 -6.37 -15.45 9.30
CA ARG D 588 -7.15 -14.36 9.87
C ARG D 588 -7.13 -13.11 9.00
N PHE D 589 -6.18 -13.03 8.07
CA PHE D 589 -6.06 -11.85 7.22
C PHE D 589 -7.11 -11.83 6.12
N THR D 590 -7.77 -12.95 5.87
CA THR D 590 -8.69 -13.08 4.73
C THR D 590 -10.07 -12.55 5.00
N ALA D 591 -10.37 -12.10 6.23
CA ALA D 591 -11.70 -11.61 6.56
C ALA D 591 -12.09 -10.40 5.73
N SER D 592 -11.11 -9.67 5.20
CA SER D 592 -11.39 -8.54 4.31
C SER D 592 -12.22 -8.98 3.11
N ARG D 593 -12.05 -10.23 2.65
CA ARG D 593 -12.82 -10.72 1.52
C ARG D 593 -14.32 -10.65 1.78
N LEU D 594 -14.72 -10.75 3.06
CA LEU D 594 -16.13 -10.60 3.38
C LEU D 594 -16.60 -9.18 3.19
N PHE D 595 -15.82 -8.19 3.63
CA PHE D 595 -16.33 -6.82 3.67
C PHE D 595 -15.55 -5.86 2.79
N GLY D 596 -14.26 -6.03 2.64
CA GLY D 596 -13.50 -5.21 1.71
C GLY D 596 -12.24 -4.68 2.36
N ALA D 597 -11.50 -3.94 1.58
CA ALA D 597 -10.31 -3.32 2.11
C ALA D 597 -10.61 -1.93 2.66
N PRO D 598 -9.90 -1.50 3.70
CA PRO D 598 -10.10 -0.15 4.20
C PRO D 598 -9.57 0.87 3.20
N PRO D 599 -10.03 2.13 3.27
CA PRO D 599 -9.53 3.15 2.35
C PRO D 599 -8.04 3.38 2.49
N GLY D 600 -7.39 3.63 1.35
CA GLY D 600 -5.96 3.76 1.31
C GLY D 600 -5.20 2.51 0.98
N TYR D 601 -5.87 1.45 0.54
CA TYR D 601 -5.23 0.17 0.25
C TYR D 601 -5.67 -0.34 -1.11
N VAL D 602 -4.95 -1.34 -1.60
CA VAL D 602 -5.24 -1.90 -2.92
C VAL D 602 -6.54 -2.68 -2.87
N GLY D 603 -7.35 -2.55 -3.91
CA GLY D 603 -8.64 -3.20 -3.94
C GLY D 603 -9.72 -2.52 -3.14
N TYR D 604 -9.50 -1.28 -2.72
CA TYR D 604 -10.53 -0.55 -1.98
C TYR D 604 -11.73 -0.23 -2.86
N GLU D 605 -11.48 0.11 -4.14
CA GLU D 605 -12.57 0.54 -5.01
C GLU D 605 -13.51 -0.62 -5.34
N GLU D 606 -12.97 -1.85 -5.36
CA GLU D 606 -13.80 -3.01 -5.70
C GLU D 606 -14.83 -3.30 -4.62
N GLY D 607 -14.44 -3.18 -3.36
CA GLY D 607 -15.32 -3.52 -2.27
C GLY D 607 -15.28 -5.01 -1.94
N GLY D 608 -16.16 -5.39 -1.02
CA GLY D 608 -16.19 -6.76 -0.54
C GLY D 608 -16.90 -7.70 -1.51
N GLN D 609 -16.86 -8.98 -1.15
CA GLN D 609 -17.55 -10.01 -1.91
C GLN D 609 -18.94 -10.31 -1.38
N LEU D 610 -19.08 -10.49 -0.06
CA LEU D 610 -20.38 -10.75 0.53
C LEU D 610 -21.28 -9.52 0.46
N THR D 611 -20.72 -8.34 0.76
CA THR D 611 -21.53 -7.14 0.86
C THR D 611 -22.17 -6.79 -0.48
N GLU D 612 -21.41 -6.84 -1.55
CA GLU D 612 -21.94 -6.47 -2.86
C GLU D 612 -22.98 -7.47 -3.34
N LYS D 613 -22.73 -8.77 -3.11
CA LYS D 613 -23.70 -9.78 -3.53
C LYS D 613 -25.00 -9.65 -2.75
N VAL D 614 -24.93 -9.30 -1.48
CA VAL D 614 -26.16 -9.09 -0.71
C VAL D 614 -26.87 -7.82 -1.16
N ARG D 615 -26.11 -6.76 -1.48
CA ARG D 615 -26.75 -5.53 -1.97
C ARG D 615 -27.44 -5.75 -3.31
N ARG D 616 -26.85 -6.59 -4.18
CA ARG D 616 -27.45 -6.83 -5.49
C ARG D 616 -28.78 -7.57 -5.36
N LYS D 617 -28.84 -8.56 -4.47
CA LYS D 617 -30.07 -9.31 -4.21
C LYS D 617 -30.39 -9.22 -2.72
N PRO D 618 -31.23 -8.27 -2.29
CA PRO D 618 -31.51 -8.14 -0.85
C PRO D 618 -32.17 -9.36 -0.25
N PHE D 619 -32.99 -10.07 -1.00
CA PHE D 619 -33.60 -11.32 -0.56
C PHE D 619 -32.75 -12.47 -1.08
N SER D 620 -32.04 -13.15 -0.18
CA SER D 620 -31.19 -14.26 -0.60
C SER D 620 -30.96 -15.17 0.60
N VAL D 621 -30.53 -16.39 0.30
CA VAL D 621 -30.13 -17.35 1.32
C VAL D 621 -28.61 -17.40 1.33
N VAL D 622 -28.02 -16.95 2.43
CA VAL D 622 -26.56 -16.87 2.55
C VAL D 622 -26.10 -18.06 3.38
N LEU D 623 -25.29 -18.92 2.77
CA LEU D 623 -24.82 -20.15 3.37
C LEU D 623 -23.33 -20.02 3.67
N PHE D 624 -22.97 -20.15 4.95
CA PHE D 624 -21.57 -20.23 5.36
C PHE D 624 -21.23 -21.69 5.60
N ASP D 625 -20.48 -22.28 4.68
CA ASP D 625 -20.10 -23.68 4.75
C ASP D 625 -18.86 -23.88 5.60
N GLU D 626 -18.91 -24.90 6.46
CA GLU D 626 -17.77 -25.36 7.25
C GLU D 626 -17.22 -24.23 8.13
N ILE D 627 -18.07 -23.73 9.02
CA ILE D 627 -17.71 -22.53 9.79
C ILE D 627 -16.70 -22.87 10.88
N GLU D 628 -16.57 -24.16 11.23
CA GLU D 628 -15.60 -24.56 12.25
C GLU D 628 -14.17 -24.30 11.80
N LYS D 629 -13.94 -24.23 10.49
CA LYS D 629 -12.58 -24.21 9.96
C LYS D 629 -11.98 -22.81 10.03
N ALA D 630 -12.81 -21.78 9.85
CA ALA D 630 -12.32 -20.41 9.98
C ALA D 630 -12.09 -20.07 11.45
N HIS D 631 -11.23 -19.09 11.69
CA HIS D 631 -10.96 -18.64 13.04
C HIS D 631 -12.14 -17.87 13.62
N GLN D 632 -12.06 -17.62 14.93
CA GLN D 632 -13.16 -16.95 15.64
C GLN D 632 -13.27 -15.47 15.28
N GLU D 633 -12.28 -14.91 14.59
CA GLU D 633 -12.36 -13.51 14.20
C GLU D 633 -13.46 -13.27 13.17
N ILE D 634 -13.62 -14.19 12.23
CA ILE D 634 -14.59 -14.00 11.14
C ILE D 634 -16.01 -13.96 11.67
N TYR D 635 -16.27 -14.60 12.82
CA TYR D 635 -17.61 -14.55 13.41
C TYR D 635 -17.89 -13.17 14.01
N ASN D 636 -16.85 -12.42 14.35
CA ASN D 636 -17.04 -11.11 14.96
C ASN D 636 -17.58 -10.10 13.94
N SER D 637 -17.32 -10.34 12.65
CA SER D 637 -17.94 -9.52 11.62
C SER D 637 -19.42 -9.87 11.46
N LEU D 638 -19.79 -11.11 11.76
CA LEU D 638 -21.16 -11.57 11.56
C LEU D 638 -22.02 -11.37 12.81
N LEU D 639 -21.40 -11.01 13.94
CA LEU D 639 -22.17 -10.75 15.15
C LEU D 639 -23.19 -9.64 14.94
N GLN D 640 -22.87 -8.66 14.10
CA GLN D 640 -23.82 -7.57 13.87
C GLN D 640 -24.95 -7.98 12.94
N VAL D 641 -24.67 -8.82 11.93
CA VAL D 641 -25.74 -9.20 11.01
C VAL D 641 -26.65 -10.22 11.65
N LEU D 642 -26.15 -10.96 12.65
CA LEU D 642 -26.99 -11.93 13.32
C LEU D 642 -28.02 -11.27 14.24
N GLU D 643 -27.68 -10.10 14.79
CA GLU D 643 -28.54 -9.46 15.77
C GLU D 643 -29.28 -8.23 15.26
N ASP D 644 -28.64 -7.39 14.43
CA ASP D 644 -29.24 -6.15 13.97
C ASP D 644 -29.42 -6.09 12.47
N GLY D 645 -28.86 -7.05 11.72
CA GLY D 645 -29.02 -7.08 10.29
C GLY D 645 -28.39 -5.92 9.55
N ARG D 646 -27.16 -5.58 9.89
CA ARG D 646 -26.44 -4.50 9.22
C ARG D 646 -24.96 -4.86 9.17
N LEU D 647 -24.31 -4.56 8.05
CA LEU D 647 -22.89 -4.84 7.90
C LEU D 647 -22.23 -3.65 7.21
N THR D 648 -21.13 -3.17 7.78
CA THR D 648 -20.42 -2.03 7.25
C THR D 648 -19.20 -2.50 6.47
N ASP D 649 -19.19 -2.20 5.18
CA ASP D 649 -18.06 -2.59 4.34
C ASP D 649 -16.95 -1.54 4.39
N GLY D 650 -15.89 -1.78 3.61
CA GLY D 650 -14.77 -0.85 3.60
C GLY D 650 -15.13 0.49 3.01
N GLN D 651 -16.02 0.50 2.01
CA GLN D 651 -16.41 1.74 1.35
C GLN D 651 -17.21 2.66 2.26
N GLY D 652 -17.75 2.14 3.37
CA GLY D 652 -18.51 2.93 4.31
C GLY D 652 -20.01 2.74 4.22
N ARG D 653 -20.51 2.17 3.13
CA ARG D 653 -21.95 1.93 2.98
C ARG D 653 -22.40 0.82 3.91
N THR D 654 -23.65 0.88 4.35
CA THR D 654 -24.24 -0.14 5.20
C THR D 654 -25.09 -1.08 4.34
N VAL D 655 -24.91 -2.38 4.56
CA VAL D 655 -25.62 -3.43 3.82
C VAL D 655 -26.63 -4.05 4.78
N ASP D 656 -27.88 -4.13 4.34
CA ASP D 656 -28.95 -4.67 5.17
C ASP D 656 -29.07 -6.18 5.01
N PHE D 657 -29.01 -6.89 6.13
CA PHE D 657 -29.17 -8.33 6.19
C PHE D 657 -30.50 -8.68 6.83
N LYS D 658 -31.44 -7.74 6.81
CA LYS D 658 -32.71 -7.92 7.49
C LYS D 658 -33.61 -8.90 6.77
N ASN D 659 -33.40 -9.07 5.46
CA ASN D 659 -34.28 -9.88 4.64
C ASN D 659 -33.65 -11.21 4.22
N THR D 660 -32.44 -11.50 4.64
CA THR D 660 -31.72 -12.69 4.22
C THR D 660 -31.87 -13.81 5.25
N VAL D 661 -31.77 -15.05 4.77
CA VAL D 661 -31.77 -16.23 5.63
C VAL D 661 -30.34 -16.70 5.74
N LEU D 662 -29.78 -16.63 6.94
CA LEU D 662 -28.39 -17.01 7.17
C LEU D 662 -28.34 -18.43 7.69
N ILE D 663 -27.65 -19.31 6.96
CA ILE D 663 -27.52 -20.71 7.34
C ILE D 663 -26.04 -21.01 7.50
N PHE D 664 -25.64 -21.43 8.69
CA PHE D 664 -24.29 -21.90 8.95
C PHE D 664 -24.34 -23.41 8.83
N THR D 665 -23.27 -24.02 8.33
CA THR D 665 -23.15 -25.47 8.35
C THR D 665 -21.81 -25.86 8.94
N SER D 666 -21.85 -26.55 10.08
CA SER D 666 -20.65 -26.98 10.78
C SER D 666 -20.61 -28.50 10.83
N ASN D 667 -19.58 -29.03 11.49
CA ASN D 667 -19.43 -30.47 11.58
C ASN D 667 -18.96 -30.91 12.97
N LEU D 668 -19.30 -30.15 14.01
CA LEU D 668 -18.81 -30.45 15.36
C LEU D 668 -19.46 -31.73 15.88
N GLY D 669 -18.70 -32.47 16.67
CA GLY D 669 -19.20 -33.68 17.29
C GLY D 669 -18.84 -34.95 16.54
N THR D 670 -18.83 -34.89 15.22
CA THR D 670 -18.51 -36.05 14.40
C THR D 670 -17.26 -35.82 13.56
N ASP D 689 -29.97 -43.23 20.65
CA ASP D 689 -28.62 -42.89 20.20
C ASP D 689 -28.57 -41.45 19.71
N TYR D 690 -29.73 -40.93 19.30
CA TYR D 690 -29.78 -39.58 18.74
C TYR D 690 -29.61 -38.51 19.81
N GLU D 691 -30.16 -38.74 21.01
CA GLU D 691 -30.13 -37.72 22.04
C GLU D 691 -28.72 -37.45 22.56
N ARG D 692 -27.90 -38.51 22.70
CA ARG D 692 -26.52 -38.29 23.15
C ARG D 692 -25.70 -37.62 22.06
N MET D 693 -25.99 -37.91 20.78
CA MET D 693 -25.33 -37.21 19.69
C MET D 693 -25.68 -35.73 19.70
N LYS D 694 -26.96 -35.42 19.94
CA LYS D 694 -27.40 -34.03 20.01
C LYS D 694 -26.73 -33.31 21.17
N GLN D 695 -26.63 -33.97 22.33
CA GLN D 695 -25.97 -33.37 23.48
C GLN D 695 -24.48 -33.13 23.21
N LYS D 696 -23.82 -34.11 22.58
CA LYS D 696 -22.40 -33.96 22.26
C LYS D 696 -22.17 -32.83 21.27
N VAL D 697 -23.03 -32.72 20.25
CA VAL D 697 -22.90 -31.65 19.27
C VAL D 697 -23.13 -30.29 19.93
N ASN D 698 -24.13 -30.18 20.79
CA ASN D 698 -24.40 -28.91 21.47
C ASN D 698 -23.24 -28.52 22.39
N ASP D 699 -22.67 -29.50 23.09
CA ASP D 699 -21.51 -29.21 23.94
C ASP D 699 -20.30 -28.79 23.12
N GLU D 700 -20.08 -29.43 21.97
CA GLU D 700 -18.98 -29.05 21.10
C GLU D 700 -19.17 -27.64 20.55
N LEU D 701 -20.42 -27.29 20.20
CA LEU D 701 -20.69 -25.94 19.73
C LEU D 701 -20.50 -24.90 20.83
N LYS D 702 -20.88 -25.24 22.07
CA LYS D 702 -20.66 -24.34 23.19
C LYS D 702 -19.16 -24.16 23.46
N LYS D 703 -18.39 -25.23 23.35
CA LYS D 703 -16.95 -25.15 23.61
C LYS D 703 -16.22 -24.39 22.52
N HIS D 704 -16.58 -24.62 21.25
CA HIS D 704 -15.86 -24.02 20.14
C HIS D 704 -16.22 -22.55 19.96
N PHE D 705 -17.48 -22.19 20.12
CA PHE D 705 -17.96 -20.85 19.84
C PHE D 705 -18.30 -20.11 21.12
N ARG D 706 -18.16 -18.79 21.07
CA ARG D 706 -18.50 -17.97 22.21
C ARG D 706 -20.02 -17.92 22.40
N PRO D 707 -20.49 -17.90 23.65
CA PRO D 707 -21.95 -17.83 23.88
C PRO D 707 -22.59 -16.57 23.32
N GLU D 708 -21.82 -15.48 23.25
CA GLU D 708 -22.32 -14.25 22.65
C GLU D 708 -22.54 -14.37 21.15
N PHE D 709 -21.99 -15.41 20.52
CA PHE D 709 -22.26 -15.70 19.12
C PHE D 709 -23.39 -16.71 18.96
N LEU D 710 -23.51 -17.65 19.91
CA LEU D 710 -24.56 -18.66 19.83
C LEU D 710 -25.90 -18.14 20.35
N ASN D 711 -25.92 -16.97 21.00
CA ASN D 711 -27.18 -16.38 21.41
C ASN D 711 -27.85 -15.59 20.30
N ARG D 712 -27.11 -15.14 19.29
CA ARG D 712 -27.67 -14.30 18.24
C ARG D 712 -28.29 -15.11 17.12
N ILE D 713 -28.16 -16.43 17.14
CA ILE D 713 -28.68 -17.31 16.10
C ILE D 713 -30.05 -17.82 16.53
N ASP D 714 -30.97 -17.95 15.57
CA ASP D 714 -32.31 -18.38 15.91
C ASP D 714 -32.35 -19.85 16.33
N ASP D 715 -31.73 -20.74 15.55
CA ASP D 715 -31.92 -22.15 15.86
C ASP D 715 -30.62 -22.93 15.65
N ILE D 716 -30.38 -23.87 16.56
CA ILE D 716 -29.31 -24.85 16.46
C ILE D 716 -29.97 -26.18 16.12
N ILE D 717 -29.72 -26.69 14.92
CA ILE D 717 -30.36 -27.91 14.45
C ILE D 717 -29.30 -28.99 14.31
N VAL D 718 -29.58 -30.16 14.88
CA VAL D 718 -28.71 -31.32 14.76
C VAL D 718 -29.33 -32.26 13.75
N PHE D 719 -28.55 -32.63 12.72
CA PHE D 719 -29.05 -33.48 11.66
C PHE D 719 -28.94 -34.94 12.05
N HIS D 720 -30.04 -35.68 11.91
CA HIS D 720 -30.07 -37.08 12.28
C HIS D 720 -29.37 -37.92 11.20
N GLN D 721 -28.88 -39.08 11.60
CA GLN D 721 -28.19 -39.98 10.69
C GLN D 721 -29.16 -40.57 9.67
N LEU D 722 -28.59 -41.14 8.60
CA LEU D 722 -29.41 -41.76 7.57
C LEU D 722 -29.53 -43.25 7.80
N THR D 723 -30.76 -43.75 7.81
CA THR D 723 -31.05 -45.17 8.01
C THR D 723 -31.54 -45.78 6.70
N ARG D 724 -32.04 -47.02 6.79
CA ARG D 724 -32.29 -47.82 5.59
C ARG D 724 -33.38 -47.23 4.70
N GLU D 725 -34.44 -46.67 5.28
CA GLU D 725 -35.55 -46.19 4.46
C GLU D 725 -35.17 -44.96 3.66
N GLU D 726 -34.53 -43.97 4.30
CA GLU D 726 -34.12 -42.80 3.56
C GLU D 726 -32.98 -43.09 2.60
N ILE D 727 -32.15 -44.11 2.90
CA ILE D 727 -31.11 -44.45 1.94
C ILE D 727 -31.72 -45.16 0.72
N ILE D 728 -32.78 -45.94 0.91
CA ILE D 728 -33.38 -46.60 -0.25
C ILE D 728 -34.24 -45.61 -1.04
N ARG D 729 -34.70 -44.53 -0.41
CA ARG D 729 -35.32 -43.46 -1.19
C ARG D 729 -34.27 -42.62 -1.92
N MET D 730 -33.09 -42.45 -1.31
CA MET D 730 -32.02 -41.72 -1.98
C MET D 730 -31.48 -42.49 -3.17
N VAL D 731 -31.58 -43.83 -3.13
CA VAL D 731 -31.26 -44.63 -4.30
C VAL D 731 -32.09 -44.16 -5.49
N ASP D 732 -33.39 -43.98 -5.27
CA ASP D 732 -34.28 -43.48 -6.32
C ASP D 732 -33.89 -42.07 -6.74
N LEU D 733 -33.63 -41.20 -5.75
CA LEU D 733 -33.30 -39.81 -6.07
C LEU D 733 -32.02 -39.69 -6.91
N MET D 734 -30.98 -40.43 -6.58
CA MET D 734 -29.72 -40.26 -7.30
C MET D 734 -29.60 -41.18 -8.51
N ILE D 735 -30.54 -42.10 -8.71
CA ILE D 735 -30.61 -42.73 -10.03
C ILE D 735 -31.48 -41.89 -10.96
N SER D 736 -32.34 -41.03 -10.41
CA SER D 736 -33.09 -40.10 -11.26
C SER D 736 -32.16 -39.17 -12.02
N ARG D 737 -31.04 -38.78 -11.42
CA ARG D 737 -30.07 -37.94 -12.11
C ARG D 737 -29.49 -38.64 -13.33
N VAL D 738 -29.11 -39.92 -13.19
CA VAL D 738 -28.56 -40.67 -14.31
C VAL D 738 -29.62 -40.89 -15.38
N ALA D 739 -30.87 -41.13 -14.96
CA ALA D 739 -31.95 -41.27 -15.93
C ALA D 739 -32.16 -40.01 -16.73
N GLY D 740 -32.19 -38.85 -16.06
CA GLY D 740 -32.32 -37.59 -16.77
C GLY D 740 -31.12 -37.28 -17.65
N GLN D 741 -29.94 -37.74 -17.23
CA GLN D 741 -28.75 -37.60 -18.08
C GLN D 741 -28.87 -38.42 -19.34
N LEU D 742 -29.41 -39.63 -19.23
CA LEU D 742 -29.59 -40.47 -20.41
C LEU D 742 -30.72 -39.97 -21.31
N LYS D 743 -31.70 -39.26 -20.76
CA LYS D 743 -32.78 -38.73 -21.59
C LYS D 743 -32.26 -37.76 -22.65
N SER D 744 -31.11 -37.14 -22.43
CA SER D 744 -30.54 -36.23 -23.43
C SER D 744 -29.96 -36.97 -24.62
N LYS D 745 -29.69 -38.26 -24.50
CA LYS D 745 -29.10 -39.06 -25.57
C LYS D 745 -30.10 -40.04 -26.17
N ASP D 746 -31.39 -39.71 -26.12
CA ASP D 746 -32.48 -40.56 -26.62
C ASP D 746 -32.45 -41.95 -25.98
N MET D 747 -32.15 -41.98 -24.68
CA MET D 747 -32.02 -43.23 -23.94
C MET D 747 -32.82 -43.14 -22.66
N ALA D 748 -33.31 -44.27 -22.19
CA ALA D 748 -34.05 -44.37 -20.93
C ALA D 748 -33.41 -45.44 -20.06
N LEU D 749 -33.45 -45.21 -18.75
CA LEU D 749 -32.92 -46.16 -17.78
C LEU D 749 -34.03 -46.53 -16.80
N VAL D 750 -34.20 -47.83 -16.55
CA VAL D 750 -35.12 -48.32 -15.54
C VAL D 750 -34.40 -49.36 -14.70
N LEU D 751 -34.62 -49.32 -13.40
CA LEU D 751 -34.09 -50.31 -12.47
C LEU D 751 -35.21 -51.21 -11.98
N THR D 752 -34.95 -52.50 -11.91
CA THR D 752 -35.86 -53.38 -11.21
C THR D 752 -35.73 -53.14 -9.71
N ASP D 753 -36.71 -53.65 -8.96
CA ASP D 753 -36.70 -53.48 -7.51
C ASP D 753 -35.50 -54.19 -6.88
N ALA D 754 -35.04 -55.28 -7.49
CA ALA D 754 -33.83 -55.93 -7.03
C ALA D 754 -32.62 -55.02 -7.18
N ALA D 755 -32.56 -54.26 -8.27
CA ALA D 755 -31.45 -53.32 -8.46
C ALA D 755 -31.47 -52.24 -7.40
N LYS D 756 -32.64 -51.70 -7.09
CA LYS D 756 -32.76 -50.65 -6.08
C LYS D 756 -32.36 -51.19 -4.71
N ALA D 757 -32.84 -52.39 -4.36
CA ALA D 757 -32.51 -52.97 -3.07
C ALA D 757 -31.02 -53.29 -2.96
N LEU D 758 -30.41 -53.79 -4.04
CA LEU D 758 -28.99 -54.11 -4.02
C LEU D 758 -28.14 -52.86 -3.92
N LEU D 759 -28.52 -51.79 -4.64
CA LEU D 759 -27.78 -50.53 -4.52
C LEU D 759 -27.89 -49.97 -3.11
N ALA D 760 -29.08 -50.06 -2.50
CA ALA D 760 -29.22 -49.62 -1.12
C ALA D 760 -28.45 -50.52 -0.15
N LYS D 761 -28.25 -51.78 -0.50
CA LYS D 761 -27.56 -52.71 0.40
C LYS D 761 -26.08 -52.42 0.48
N ARG D 762 -25.45 -52.05 -0.64
CA ARG D 762 -24.02 -51.80 -0.69
C ARG D 762 -23.67 -50.34 -0.39
N GLY D 763 -24.66 -49.49 -0.13
CA GLY D 763 -24.39 -48.07 0.06
C GLY D 763 -24.79 -47.53 1.40
N PHE D 764 -25.23 -48.40 2.31
CA PHE D 764 -25.67 -47.98 3.63
C PHE D 764 -24.53 -48.17 4.64
N ASP D 765 -24.23 -47.11 5.40
CA ASP D 765 -23.31 -47.15 6.51
C ASP D 765 -23.59 -46.04 7.53
N PRO D 766 -23.77 -46.39 8.81
CA PRO D 766 -24.16 -45.37 9.80
C PRO D 766 -23.02 -44.48 10.26
N VAL D 767 -21.77 -44.95 10.18
CA VAL D 767 -20.64 -44.12 10.59
C VAL D 767 -20.22 -43.16 9.49
N LEU D 768 -20.83 -43.26 8.31
CA LEU D 768 -20.64 -42.28 7.24
C LEU D 768 -22.01 -41.75 6.83
N GLY D 769 -22.08 -41.02 5.73
CA GLY D 769 -23.33 -40.41 5.34
C GLY D 769 -23.96 -40.95 4.07
N ALA D 770 -24.12 -40.06 3.09
CA ALA D 770 -24.87 -40.35 1.87
C ALA D 770 -23.97 -40.51 0.66
N ARG D 771 -22.68 -40.26 0.83
CA ARG D 771 -21.71 -40.29 -0.26
C ARG D 771 -21.28 -41.69 -0.70
N PRO D 772 -21.14 -42.68 0.22
CA PRO D 772 -20.90 -44.05 -0.27
C PRO D 772 -21.99 -44.58 -1.18
N LEU D 773 -23.25 -44.16 -1.00
CA LEU D 773 -24.29 -44.56 -1.95
C LEU D 773 -24.04 -43.99 -3.33
N ARG D 774 -23.58 -42.73 -3.39
CA ARG D 774 -23.22 -42.15 -4.68
C ARG D 774 -22.03 -42.86 -5.30
N ARG D 775 -21.06 -43.27 -4.49
CA ARG D 775 -19.94 -44.04 -5.01
C ARG D 775 -20.40 -45.39 -5.54
N THR D 776 -21.33 -46.05 -4.85
CA THR D 776 -21.85 -47.32 -5.31
C THR D 776 -22.59 -47.17 -6.63
N ILE D 777 -23.37 -46.10 -6.77
CA ILE D 777 -24.06 -45.87 -8.04
C ILE D 777 -23.07 -45.53 -9.14
N GLN D 778 -22.02 -44.78 -8.82
CA GLN D 778 -21.03 -44.41 -9.83
C GLN D 778 -20.23 -45.63 -10.31
N ARG D 779 -19.88 -46.54 -9.39
CA ARG D 779 -19.05 -47.67 -9.76
C ARG D 779 -19.84 -48.87 -10.28
N GLU D 780 -21.08 -49.02 -9.85
CA GLU D 780 -21.86 -50.21 -10.20
C GLU D 780 -22.89 -49.95 -11.30
N ILE D 781 -23.23 -48.70 -11.58
CA ILE D 781 -24.18 -48.36 -12.62
C ILE D 781 -23.53 -47.54 -13.73
N GLU D 782 -22.89 -46.42 -13.38
CA GLU D 782 -22.43 -45.48 -14.40
C GLU D 782 -21.23 -46.01 -15.17
N ASP D 783 -20.33 -46.74 -14.51
CA ASP D 783 -19.10 -47.15 -15.17
C ASP D 783 -19.37 -48.20 -16.26
N GLN D 784 -20.12 -49.25 -15.92
CA GLN D 784 -20.44 -50.26 -16.91
C GLN D 784 -21.38 -49.72 -17.98
N LEU D 785 -22.28 -48.81 -17.60
CA LEU D 785 -23.15 -48.18 -18.60
C LEU D 785 -22.34 -47.34 -19.58
N SER D 786 -21.33 -46.62 -19.08
CA SER D 786 -20.45 -45.86 -19.96
C SER D 786 -19.66 -46.77 -20.89
N GLU D 787 -19.17 -47.89 -20.35
CA GLU D 787 -18.44 -48.84 -21.17
C GLU D 787 -19.32 -49.43 -22.26
N LYS D 788 -20.58 -49.72 -21.94
CA LYS D 788 -21.51 -50.25 -22.93
C LYS D 788 -21.90 -49.19 -23.96
N ILE D 789 -22.01 -47.93 -23.53
CA ILE D 789 -22.36 -46.86 -24.45
C ILE D 789 -21.24 -46.64 -25.46
N LEU D 790 -19.99 -46.60 -25.00
CA LEU D 790 -18.89 -46.35 -25.94
C LEU D 790 -18.62 -47.56 -26.84
N PHE D 791 -18.97 -48.75 -26.39
CA PHE D 791 -18.76 -49.94 -27.20
C PHE D 791 -20.00 -50.21 -28.07
N GLU D 792 -20.97 -49.28 -28.06
CA GLU D 792 -22.20 -49.35 -28.84
C GLU D 792 -23.04 -50.58 -28.52
N GLU D 793 -22.91 -51.11 -27.30
CA GLU D 793 -23.77 -52.20 -26.87
C GLU D 793 -25.22 -51.72 -26.74
N VAL D 794 -25.41 -50.50 -26.25
CA VAL D 794 -26.71 -49.84 -26.23
C VAL D 794 -26.51 -48.39 -26.68
N GLY D 795 -27.43 -47.91 -27.50
CA GLY D 795 -27.34 -46.56 -28.02
C GLY D 795 -28.66 -45.83 -27.99
N PRO D 796 -28.80 -44.78 -28.80
CA PRO D 796 -30.06 -44.04 -28.83
C PRO D 796 -31.20 -44.90 -29.37
N GLY D 797 -32.40 -44.59 -28.87
CA GLY D 797 -33.58 -45.33 -29.28
C GLY D 797 -33.81 -46.63 -28.55
N GLN D 798 -33.04 -46.91 -27.50
CA GLN D 798 -33.18 -48.13 -26.73
C GLN D 798 -33.26 -47.79 -25.25
N VAL D 799 -33.95 -48.66 -24.50
CA VAL D 799 -34.05 -48.52 -23.06
C VAL D 799 -33.14 -49.54 -22.40
N VAL D 800 -32.72 -49.24 -21.17
CA VAL D 800 -31.79 -50.08 -20.43
C VAL D 800 -32.50 -50.52 -19.15
N THR D 801 -32.80 -51.81 -19.06
CA THR D 801 -33.43 -52.39 -17.88
C THR D 801 -32.35 -53.10 -17.05
N VAL D 802 -31.94 -52.47 -15.96
CA VAL D 802 -30.86 -53.00 -15.14
C VAL D 802 -31.45 -53.94 -14.10
N ASP D 803 -30.95 -55.18 -14.06
CA ASP D 803 -31.46 -56.21 -13.17
C ASP D 803 -30.31 -56.80 -12.36
N VAL D 804 -30.67 -57.58 -11.35
CA VAL D 804 -29.70 -58.25 -10.49
C VAL D 804 -29.77 -59.75 -10.78
N ASP D 805 -28.62 -60.35 -11.05
CA ASP D 805 -28.49 -61.77 -11.31
C ASP D 805 -27.68 -62.41 -10.20
N ASN D 806 -28.04 -63.66 -9.89
CA ASN D 806 -27.43 -64.47 -8.83
C ASN D 806 -27.57 -63.75 -7.48
N TRP D 807 -28.82 -63.61 -7.04
CA TRP D 807 -29.14 -63.04 -5.74
C TRP D 807 -30.55 -63.44 -5.36
N ASP D 808 -30.83 -63.41 -4.05
CA ASP D 808 -32.14 -63.75 -3.54
C ASP D 808 -32.89 -62.56 -2.96
N GLY D 809 -32.19 -61.50 -2.58
CA GLY D 809 -32.82 -60.31 -2.01
C GLY D 809 -32.81 -60.24 -0.50
N GLU D 810 -32.45 -61.33 0.18
CA GLU D 810 -32.40 -61.37 1.64
C GLU D 810 -30.99 -61.39 2.19
N GLY D 811 -30.07 -62.10 1.55
CA GLY D 811 -28.70 -62.18 2.00
C GLY D 811 -27.94 -60.90 1.70
N PRO D 812 -26.72 -60.79 2.24
CA PRO D 812 -25.89 -59.61 1.96
C PRO D 812 -25.56 -59.43 0.49
N GLY D 813 -25.39 -60.52 -0.25
CA GLY D 813 -25.16 -60.42 -1.69
C GLY D 813 -23.79 -59.92 -2.07
N GLU D 814 -22.75 -60.72 -1.78
CA GLU D 814 -21.38 -60.37 -2.14
C GLU D 814 -21.03 -60.74 -3.58
N ASP D 815 -21.93 -61.41 -4.30
CA ASP D 815 -21.60 -61.91 -5.62
C ASP D 815 -22.68 -61.63 -6.67
N ALA D 816 -23.65 -60.78 -6.36
CA ALA D 816 -24.68 -60.44 -7.34
C ALA D 816 -24.10 -59.58 -8.46
N VAL D 817 -24.68 -59.71 -9.65
CA VAL D 817 -24.17 -59.05 -10.84
C VAL D 817 -25.25 -58.17 -11.44
N PHE D 818 -24.87 -56.96 -11.84
CA PHE D 818 -25.76 -56.04 -12.52
C PHE D 818 -25.78 -56.34 -14.01
N THR D 819 -26.97 -56.59 -14.55
CA THR D 819 -27.16 -56.95 -15.95
C THR D 819 -27.92 -55.84 -16.67
N PHE D 820 -27.41 -55.46 -17.84
CA PHE D 820 -27.99 -54.40 -18.65
C PHE D 820 -28.56 -54.99 -19.93
N THR D 821 -29.78 -54.61 -20.26
CA THR D 821 -30.44 -55.11 -21.46
C THR D 821 -30.67 -53.98 -22.47
N SER E 168 -6.98 57.47 -11.40
CA SER E 168 -8.04 58.16 -12.13
C SER E 168 -9.19 57.20 -12.41
N LEU E 169 -9.94 57.48 -13.48
CA LEU E 169 -11.06 56.61 -13.83
C LEU E 169 -10.58 55.27 -14.38
N VAL E 170 -9.35 55.23 -14.92
CA VAL E 170 -8.82 53.98 -15.47
C VAL E 170 -8.65 52.94 -14.38
N LEU E 171 -8.12 53.35 -13.22
CA LEU E 171 -8.00 52.44 -12.10
C LEU E 171 -9.30 52.33 -11.30
N ASP E 172 -10.19 53.32 -11.42
CA ASP E 172 -11.52 53.19 -10.82
C ASP E 172 -12.34 52.11 -11.51
N GLN E 173 -12.14 51.93 -12.81
CA GLN E 173 -12.88 50.93 -13.55
C GLN E 173 -12.36 49.51 -13.29
N PHE E 174 -11.06 49.36 -13.07
CA PHE E 174 -10.42 48.06 -12.91
C PHE E 174 -10.19 47.69 -11.45
N GLY E 175 -10.67 48.50 -10.52
CA GLY E 175 -10.46 48.22 -9.12
C GLY E 175 -11.45 48.98 -8.27
N ARG E 176 -11.27 48.85 -6.95
CA ARG E 176 -12.16 49.50 -5.99
C ARG E 176 -11.35 50.33 -5.01
N ASN E 177 -11.74 51.59 -4.85
CA ASN E 177 -11.06 52.48 -3.93
C ASN E 177 -11.51 52.18 -2.50
N LEU E 178 -10.54 52.07 -1.59
CA LEU E 178 -10.85 51.94 -0.17
C LEU E 178 -10.74 53.26 0.58
N THR E 179 -9.88 54.17 0.12
CA THR E 179 -9.80 55.50 0.74
C THR E 179 -11.07 56.29 0.49
N ALA E 180 -11.62 56.22 -0.72
CA ALA E 180 -12.91 56.85 -0.99
C ALA E 180 -14.04 56.14 -0.26
N ALA E 181 -13.92 54.82 -0.10
CA ALA E 181 -14.89 54.08 0.70
C ALA E 181 -14.87 54.54 2.15
N ALA E 182 -13.67 54.83 2.67
CA ALA E 182 -13.58 55.36 4.02
C ALA E 182 -13.99 56.84 4.08
N MET E 183 -13.88 57.56 2.96
CA MET E 183 -14.52 58.87 2.87
C MET E 183 -16.03 58.75 3.08
N GLU E 184 -16.65 57.78 2.42
CA GLU E 184 -18.09 57.62 2.52
C GLU E 184 -18.52 56.80 3.73
N GLY E 185 -17.57 56.25 4.50
CA GLY E 185 -17.92 55.50 5.69
C GLY E 185 -18.52 54.13 5.43
N LYS E 186 -18.38 53.59 4.22
CA LYS E 186 -18.99 52.32 3.87
C LYS E 186 -18.30 51.12 4.52
N LEU E 187 -17.16 51.31 5.15
CA LEU E 187 -16.36 50.21 5.69
C LEU E 187 -16.63 50.05 7.18
N ASP E 188 -16.67 48.80 7.63
CA ASP E 188 -16.86 48.54 9.05
C ASP E 188 -15.62 48.97 9.84
N PRO E 189 -15.80 49.44 11.06
CA PRO E 189 -14.64 49.79 11.89
C PRO E 189 -13.81 48.56 12.23
N VAL E 190 -12.50 48.77 12.35
CA VAL E 190 -11.57 47.70 12.66
C VAL E 190 -10.97 48.01 14.03
N ILE E 191 -11.19 47.12 14.98
CA ILE E 191 -10.92 47.37 16.39
C ILE E 191 -9.85 46.41 16.87
N GLY E 192 -8.84 46.95 17.56
CA GLY E 192 -7.77 46.12 18.12
C GLY E 192 -6.85 45.50 17.09
N ARG E 193 -6.58 46.21 16.00
CA ARG E 193 -5.63 45.75 14.99
C ARG E 193 -4.54 46.77 14.74
N GLU E 194 -4.19 47.58 15.75
CA GLU E 194 -3.17 48.60 15.56
C GLU E 194 -1.79 47.99 15.31
N LYS E 195 -1.50 46.85 15.96
CA LYS E 195 -0.20 46.22 15.78
C LYS E 195 0.00 45.73 14.35
N GLU E 196 -1.03 45.13 13.76
CA GLU E 196 -0.89 44.60 12.41
C GLU E 196 -0.80 45.72 11.38
N ILE E 197 -1.57 46.79 11.57
CA ILE E 197 -1.50 47.94 10.68
C ILE E 197 -0.12 48.60 10.78
N GLU E 198 0.40 48.72 12.01
CA GLU E 198 1.74 49.26 12.19
C GLU E 198 2.80 48.37 11.56
N ARG E 199 2.60 47.05 11.60
CA ARG E 199 3.52 46.14 10.93
C ARG E 199 3.48 46.33 9.42
N VAL E 200 2.29 46.56 8.86
CA VAL E 200 2.18 46.86 7.42
C VAL E 200 2.90 48.17 7.10
N MET E 201 2.77 49.16 7.99
CA MET E 201 3.49 50.42 7.81
C MET E 201 5.00 50.19 7.81
N GLN E 202 5.48 49.34 8.73
CA GLN E 202 6.89 49.00 8.79
C GLN E 202 7.36 48.36 7.50
N VAL E 203 6.62 47.35 7.03
CA VAL E 203 7.07 46.57 5.88
C VAL E 203 7.02 47.40 4.61
N LEU E 204 6.03 48.27 4.48
CA LEU E 204 5.91 49.07 3.25
C LEU E 204 7.00 50.13 3.09
N SER E 205 7.93 50.24 4.03
CA SER E 205 9.02 51.21 3.93
C SER E 205 10.41 50.59 4.05
N ARG E 206 10.52 49.27 4.01
CA ARG E 206 11.81 48.62 4.13
C ARG E 206 12.62 48.75 2.84
N ARG E 207 13.91 48.42 2.94
CA ARG E 207 14.77 48.44 1.77
C ARG E 207 14.46 47.26 0.84
N THR E 208 14.60 46.04 1.35
CA THR E 208 14.21 44.83 0.63
C THR E 208 13.02 44.20 1.33
N LYS E 209 12.27 43.40 0.56
CA LYS E 209 11.01 42.78 1.02
C LYS E 209 10.02 43.84 1.49
N ASN E 210 9.76 44.82 0.63
CA ASN E 210 8.89 45.92 0.97
C ASN E 210 7.43 45.68 0.59
N ASN E 211 7.09 44.48 0.15
CA ASN E 211 5.71 44.16 -0.22
C ASN E 211 5.12 43.22 0.81
N PRO E 212 4.18 43.67 1.65
CA PRO E 212 3.64 42.79 2.69
C PRO E 212 2.56 41.86 2.17
N VAL E 213 2.50 40.67 2.77
CA VAL E 213 1.48 39.68 2.46
C VAL E 213 0.87 39.24 3.78
N LEU E 214 -0.38 39.61 4.01
CA LEU E 214 -1.08 39.23 5.23
C LEU E 214 -1.39 37.74 5.20
N ILE E 215 -0.66 36.97 6.00
CA ILE E 215 -0.84 35.53 6.10
C ILE E 215 -1.76 35.26 7.27
N GLY E 216 -2.90 34.65 6.99
CA GLY E 216 -3.87 34.39 8.05
C GLY E 216 -4.91 33.39 7.61
N GLU E 217 -5.45 32.68 8.60
CA GLU E 217 -6.49 31.70 8.34
C GLU E 217 -7.76 32.39 7.87
N PRO E 218 -8.59 31.71 7.07
CA PRO E 218 -9.80 32.36 6.53
C PRO E 218 -10.78 32.80 7.60
N GLY E 219 -11.01 34.11 7.70
CA GLY E 219 -11.95 34.67 8.66
C GLY E 219 -11.33 35.37 9.84
N VAL E 220 -10.01 35.47 9.92
CA VAL E 220 -9.35 36.10 11.06
C VAL E 220 -9.15 37.60 10.87
N GLY E 221 -9.49 38.16 9.73
CA GLY E 221 -9.38 39.59 9.52
C GLY E 221 -8.22 40.01 8.64
N LYS E 222 -7.93 39.24 7.59
CA LYS E 222 -6.88 39.65 6.66
C LYS E 222 -7.29 40.89 5.87
N THR E 223 -8.49 40.88 5.29
CA THR E 223 -8.96 42.08 4.58
C THR E 223 -9.33 43.18 5.57
N ALA E 224 -9.69 42.80 6.79
CA ALA E 224 -10.01 43.80 7.81
C ALA E 224 -8.81 44.64 8.18
N VAL E 225 -7.60 44.05 8.14
CA VAL E 225 -6.39 44.83 8.41
C VAL E 225 -6.21 45.92 7.36
N VAL E 226 -6.44 45.59 6.09
CA VAL E 226 -6.32 46.58 5.02
C VAL E 226 -7.44 47.63 5.13
N GLU E 227 -8.64 47.21 5.51
CA GLU E 227 -9.72 48.18 5.74
C GLU E 227 -9.36 49.14 6.88
N GLY E 228 -8.79 48.62 7.96
CA GLY E 228 -8.35 49.49 9.03
C GLY E 228 -7.21 50.40 8.61
N LEU E 229 -6.34 49.93 7.73
CA LEU E 229 -5.27 50.77 7.20
C LEU E 229 -5.86 51.92 6.37
N ALA E 230 -6.87 51.64 5.56
CA ALA E 230 -7.52 52.71 4.79
C ALA E 230 -8.23 53.69 5.71
N GLN E 231 -8.83 53.20 6.79
CA GLN E 231 -9.45 54.09 7.77
C GLN E 231 -8.41 54.93 8.49
N ALA E 232 -7.22 54.37 8.73
CA ALA E 232 -6.14 55.16 9.30
C ALA E 232 -5.67 56.23 8.32
N ILE E 233 -5.65 55.90 7.02
CA ILE E 233 -5.26 56.88 6.01
C ILE E 233 -6.26 58.03 5.96
N VAL E 234 -7.55 57.72 6.01
CA VAL E 234 -8.55 58.78 5.99
C VAL E 234 -8.57 59.57 7.29
N HIS E 235 -8.20 58.95 8.42
CA HIS E 235 -8.24 59.63 9.71
C HIS E 235 -6.94 60.35 10.05
N GLY E 236 -5.91 60.22 9.23
CA GLY E 236 -4.69 60.97 9.44
C GLY E 236 -3.76 60.45 10.50
N GLU E 237 -3.97 59.23 10.98
CA GLU E 237 -3.08 58.63 11.98
C GLU E 237 -1.84 58.00 11.36
N VAL E 238 -1.70 58.06 10.05
CA VAL E 238 -0.59 57.44 9.34
C VAL E 238 0.62 58.38 9.39
N PRO E 239 1.84 57.87 9.17
CA PRO E 239 2.98 58.77 8.99
C PRO E 239 2.87 59.58 7.72
N GLU E 240 3.67 60.65 7.64
CA GLU E 240 3.61 61.58 6.51
C GLU E 240 4.03 60.92 5.20
N THR E 241 4.78 59.82 5.26
CA THR E 241 5.15 59.09 4.06
C THR E 241 4.00 58.27 3.47
N LEU E 242 2.89 58.10 4.20
CA LEU E 242 1.68 57.53 3.62
C LEU E 242 0.43 58.39 3.77
N LYS E 243 0.55 59.67 4.11
CA LYS E 243 -0.63 60.52 4.16
C LYS E 243 -1.17 60.78 2.75
N ASP E 244 -2.51 60.80 2.66
CA ASP E 244 -3.24 61.10 1.43
C ASP E 244 -2.85 60.15 0.29
N LYS E 245 -2.66 58.88 0.61
CA LYS E 245 -2.37 57.85 -0.37
C LYS E 245 -3.61 56.98 -0.56
N GLN E 246 -4.13 56.95 -1.77
CA GLN E 246 -5.32 56.18 -2.08
C GLN E 246 -4.98 54.70 -2.15
N LEU E 247 -5.72 53.88 -1.40
CA LEU E 247 -5.52 52.44 -1.41
C LEU E 247 -6.58 51.82 -2.32
N TYR E 248 -6.14 51.15 -3.37
CA TYR E 248 -7.02 50.53 -4.35
C TYR E 248 -6.86 49.03 -4.26
N THR E 249 -7.97 48.31 -4.10
CA THR E 249 -7.94 46.87 -4.23
C THR E 249 -8.18 46.50 -5.69
N LEU E 250 -7.50 45.46 -6.14
CA LEU E 250 -7.45 45.11 -7.56
C LEU E 250 -8.42 43.97 -7.84
N ASP E 251 -9.30 44.18 -8.81
CA ASP E 251 -10.26 43.16 -9.24
C ASP E 251 -9.75 42.58 -10.57
N LEU E 252 -9.19 41.37 -10.50
CA LEU E 252 -8.69 40.72 -11.71
C LEU E 252 -9.80 40.37 -12.67
N GLY E 253 -11.01 40.12 -12.14
CA GLY E 253 -12.14 39.84 -13.01
C GLY E 253 -12.50 41.02 -13.89
N SER E 254 -12.38 42.24 -13.35
CA SER E 254 -12.61 43.43 -14.16
C SER E 254 -11.56 43.57 -15.26
N LEU E 255 -10.32 43.22 -14.95
CA LEU E 255 -9.25 43.26 -15.94
C LEU E 255 -9.51 42.26 -17.06
N VAL E 256 -9.88 41.03 -16.70
CA VAL E 256 -9.97 39.97 -17.69
C VAL E 256 -11.31 39.94 -18.42
N ALA E 257 -12.35 40.59 -17.87
CA ALA E 257 -13.63 40.64 -18.56
C ALA E 257 -13.56 41.62 -19.74
N GLY E 258 -14.01 41.17 -20.90
CA GLY E 258 -14.06 42.01 -22.07
C GLY E 258 -12.77 42.04 -22.85
N SER E 259 -11.72 41.37 -22.34
CA SER E 259 -10.45 41.31 -23.02
C SER E 259 -10.48 40.24 -24.10
N ARG E 260 -11.36 40.41 -25.09
CA ARG E 260 -11.54 39.41 -26.13
C ARG E 260 -10.34 39.33 -27.06
N TYR E 261 -9.75 40.47 -27.40
CA TYR E 261 -8.63 40.47 -28.34
C TYR E 261 -7.36 39.97 -27.65
N ARG E 262 -6.31 39.79 -28.46
CA ARG E 262 -5.11 39.09 -27.97
C ARG E 262 -4.37 39.91 -26.92
N GLY E 263 -4.12 41.19 -27.20
CA GLY E 263 -3.34 42.00 -26.30
C GLY E 263 -4.12 42.90 -25.38
N ASP E 264 -5.43 42.70 -25.25
CA ASP E 264 -6.24 43.60 -24.43
C ASP E 264 -5.88 43.51 -22.96
N PHE E 265 -5.67 42.28 -22.45
CA PHE E 265 -5.31 42.13 -21.04
C PHE E 265 -3.95 42.76 -20.74
N GLU E 266 -2.97 42.54 -21.63
CA GLU E 266 -1.66 43.12 -21.44
C GLU E 266 -1.73 44.64 -21.48
N GLU E 267 -2.52 45.19 -22.41
CA GLU E 267 -2.69 46.63 -22.50
C GLU E 267 -3.35 47.19 -21.24
N ARG E 268 -4.35 46.49 -20.72
CA ARG E 268 -5.04 46.95 -19.51
C ARG E 268 -4.10 46.94 -18.31
N LEU E 269 -3.33 45.86 -18.14
CA LEU E 269 -2.43 45.79 -16.98
C LEU E 269 -1.30 46.82 -17.09
N LYS E 270 -0.76 47.00 -18.31
CA LYS E 270 0.30 48.00 -18.48
C LYS E 270 -0.23 49.41 -18.28
N LYS E 271 -1.46 49.68 -18.73
CA LYS E 271 -2.06 50.99 -18.49
C LYS E 271 -2.30 51.22 -17.00
N VAL E 272 -2.72 50.19 -16.28
CA VAL E 272 -2.93 50.31 -14.84
C VAL E 272 -1.61 50.61 -14.13
N LEU E 273 -0.55 49.89 -14.51
CA LEU E 273 0.76 50.12 -13.89
C LEU E 273 1.29 51.51 -14.22
N LYS E 274 1.10 51.96 -15.47
CA LYS E 274 1.52 53.29 -15.86
C LYS E 274 0.77 54.36 -15.08
N GLU E 275 -0.55 54.17 -14.89
CA GLU E 275 -1.34 55.12 -14.13
C GLU E 275 -0.89 55.15 -12.66
N ILE E 276 -0.57 53.99 -12.11
CA ILE E 276 -0.12 53.91 -10.71
C ILE E 276 1.21 54.64 -10.54
N ASN E 277 2.16 54.38 -11.44
CA ASN E 277 3.45 55.06 -11.34
C ASN E 277 3.39 56.52 -11.77
N THR E 278 2.32 56.94 -12.45
CA THR E 278 2.19 58.34 -12.82
C THR E 278 1.56 59.17 -11.71
N ARG E 279 0.50 58.67 -11.08
CA ARG E 279 -0.10 59.41 -9.97
C ARG E 279 0.83 59.45 -8.77
N GLY E 280 1.53 58.36 -8.49
CA GLY E 280 2.56 58.34 -7.47
C GLY E 280 2.06 58.28 -6.04
N ASP E 281 0.75 58.15 -5.82
CA ASP E 281 0.23 58.06 -4.47
C ASP E 281 -0.83 56.96 -4.33
N ILE E 282 -0.69 55.86 -5.06
CA ILE E 282 -1.66 54.76 -5.03
C ILE E 282 -0.97 53.52 -4.49
N ILE E 283 -1.55 52.94 -3.45
CA ILE E 283 -1.12 51.67 -2.90
C ILE E 283 -2.06 50.60 -3.46
N LEU E 284 -1.52 49.44 -3.79
CA LEU E 284 -2.29 48.34 -4.32
C LEU E 284 -2.54 47.29 -3.24
N PHE E 285 -3.78 46.79 -3.19
CA PHE E 285 -4.13 45.63 -2.39
C PHE E 285 -4.70 44.58 -3.33
N ILE E 286 -3.98 43.48 -3.49
CA ILE E 286 -4.42 42.38 -4.34
C ILE E 286 -4.83 41.26 -3.40
N ASP E 287 -6.11 41.20 -3.06
CA ASP E 287 -6.63 40.11 -2.26
C ASP E 287 -6.61 38.83 -3.08
N GLU E 288 -6.45 37.69 -2.39
CA GLU E 288 -6.22 36.39 -3.00
C GLU E 288 -5.00 36.46 -3.93
N LEU E 289 -3.84 36.68 -3.32
CA LEU E 289 -2.60 36.76 -4.08
C LEU E 289 -2.24 35.43 -4.74
N HIS E 290 -2.76 34.31 -4.23
CA HIS E 290 -2.45 33.01 -4.81
C HIS E 290 -3.01 32.83 -6.21
N THR E 291 -4.15 33.45 -6.52
CA THR E 291 -4.74 33.31 -7.85
C THR E 291 -4.21 34.34 -8.84
N LEU E 292 -3.17 35.08 -8.49
CA LEU E 292 -2.57 36.03 -9.42
C LEU E 292 -1.95 35.33 -10.62
N VAL E 293 -1.45 34.10 -10.46
CA VAL E 293 -0.89 33.35 -11.57
C VAL E 293 -2.02 32.87 -12.47
N GLY E 294 -1.93 33.21 -13.76
CA GLY E 294 -2.99 32.91 -14.68
C GLY E 294 -3.81 34.14 -15.04
N ALA E 295 -3.74 34.56 -16.30
CA ALA E 295 -4.45 35.75 -16.77
C ALA E 295 -5.95 35.54 -16.75
N ILE E 302 1.92 33.76 -21.31
CA ILE E 302 1.72 35.05 -20.64
C ILE E 302 0.57 34.95 -19.64
N ASP E 303 0.77 35.54 -18.46
CA ASP E 303 -0.20 35.49 -17.37
C ASP E 303 -0.37 36.89 -16.79
N ALA E 304 -1.33 37.01 -15.88
CA ALA E 304 -1.49 38.26 -15.14
C ALA E 304 -0.30 38.49 -14.20
N ALA E 305 0.19 37.41 -13.58
CA ALA E 305 1.32 37.56 -12.66
C ALA E 305 2.64 37.74 -13.40
N SER E 306 2.78 37.13 -14.59
CA SER E 306 4.05 37.21 -15.30
C SER E 306 4.34 38.63 -15.77
N ILE E 307 3.31 39.44 -15.98
CA ILE E 307 3.50 40.85 -16.28
C ILE E 307 4.07 41.57 -15.06
N LEU E 308 3.68 41.16 -13.86
CA LEU E 308 4.09 41.88 -12.65
C LEU E 308 5.47 41.46 -12.15
N LYS E 309 6.02 40.35 -12.65
CA LYS E 309 7.37 39.95 -12.23
C LYS E 309 8.46 40.96 -12.58
N PRO E 310 8.57 41.49 -13.82
CA PRO E 310 9.61 42.50 -14.06
C PRO E 310 9.42 43.78 -13.26
N LYS E 311 8.18 44.19 -13.01
CA LYS E 311 7.95 45.41 -12.24
C LYS E 311 8.32 45.23 -10.78
N LEU E 312 7.83 44.14 -10.16
CA LEU E 312 8.09 43.90 -8.74
C LEU E 312 9.57 43.68 -8.48
N ALA E 313 10.30 43.11 -9.45
CA ALA E 313 11.73 42.99 -9.31
C ALA E 313 12.41 44.36 -9.28
N ARG E 314 11.91 45.30 -10.09
CA ARG E 314 12.54 46.60 -10.20
C ARG E 314 12.03 47.62 -9.19
N GLY E 315 11.00 47.26 -8.42
CA GLY E 315 10.56 48.09 -7.31
C GLY E 315 9.63 49.23 -7.65
N GLU E 316 9.19 49.35 -8.90
CA GLU E 316 8.24 50.41 -9.22
C GLU E 316 6.83 50.12 -8.69
N LEU E 317 6.54 48.86 -8.37
CA LEU E 317 5.22 48.46 -7.91
C LEU E 317 5.30 48.00 -6.46
N GLN E 318 4.39 48.52 -5.63
CA GLN E 318 4.29 48.11 -4.24
C GLN E 318 2.88 47.59 -4.00
N THR E 319 2.77 46.33 -3.57
CA THR E 319 1.49 45.68 -3.41
C THR E 319 1.38 45.06 -2.02
N ILE E 320 0.15 44.85 -1.59
CA ILE E 320 -0.17 44.14 -0.35
C ILE E 320 -1.03 42.95 -0.72
N GLY E 321 -0.59 41.76 -0.32
CA GLY E 321 -1.32 40.54 -0.59
C GLY E 321 -2.05 40.04 0.64
N ALA E 322 -2.88 39.02 0.44
CA ALA E 322 -3.59 38.36 1.53
C ALA E 322 -3.76 36.90 1.18
N THR E 323 -3.27 36.01 2.04
CA THR E 323 -3.24 34.59 1.72
C THR E 323 -3.40 33.77 2.99
N THR E 324 -4.00 32.60 2.83
CA THR E 324 -4.08 31.57 3.86
C THR E 324 -2.68 31.01 4.12
N LEU E 325 -2.47 30.48 5.32
CA LEU E 325 -1.18 29.90 5.68
C LEU E 325 -0.79 28.76 4.74
N ASP E 326 -1.75 27.88 4.43
CA ASP E 326 -1.44 26.70 3.62
C ASP E 326 -1.18 27.08 2.17
N GLU E 327 -1.92 28.05 1.63
CA GLU E 327 -1.76 28.44 0.24
C GLU E 327 -0.47 29.21 0.00
N TYR E 328 0.05 29.90 1.01
CA TYR E 328 1.31 30.61 0.85
C TYR E 328 2.47 29.64 0.66
N ARG E 329 2.48 28.54 1.42
CA ARG E 329 3.55 27.56 1.33
C ARG E 329 3.45 26.68 0.10
N LYS E 330 2.45 26.89 -0.76
CA LYS E 330 2.27 26.05 -1.93
C LYS E 330 2.24 26.82 -3.24
N TYR E 331 1.74 28.05 -3.24
CA TYR E 331 1.59 28.83 -4.47
C TYR E 331 2.60 29.96 -4.64
N ILE E 332 2.88 30.72 -3.58
CA ILE E 332 3.60 31.99 -3.75
C ILE E 332 5.11 31.80 -3.61
N GLU E 333 5.56 31.09 -2.58
CA GLU E 333 6.99 31.05 -2.29
C GLU E 333 7.78 30.26 -3.33
N LYS E 334 7.10 29.52 -4.21
CA LYS E 334 7.77 28.75 -5.25
C LYS E 334 8.13 29.63 -6.45
N ASP E 335 8.85 30.71 -6.16
CA ASP E 335 9.35 31.61 -7.18
C ASP E 335 10.54 32.36 -6.61
N ALA E 336 11.44 32.78 -7.50
CA ALA E 336 12.67 33.46 -7.11
C ALA E 336 12.51 34.97 -7.03
N ALA E 337 11.65 35.55 -7.85
CA ALA E 337 11.42 36.98 -7.85
C ALA E 337 10.30 37.41 -6.91
N LEU E 338 9.64 36.46 -6.25
CA LEU E 338 8.56 36.77 -5.31
C LEU E 338 8.92 36.46 -3.87
N GLU E 339 9.57 35.32 -3.61
CA GLU E 339 9.96 34.97 -2.25
C GLU E 339 11.01 35.95 -1.72
N ARG E 340 11.80 36.54 -2.60
CA ARG E 340 12.77 37.57 -2.23
C ARG E 340 12.11 38.95 -2.05
N ARG E 341 10.92 39.16 -2.60
CA ARG E 341 10.30 40.47 -2.57
C ARG E 341 9.00 40.55 -1.77
N PHE E 342 8.56 39.46 -1.15
CA PHE E 342 7.35 39.49 -0.34
C PHE E 342 7.66 39.14 1.12
N GLN E 343 7.07 39.89 2.02
CA GLN E 343 7.28 39.73 3.46
C GLN E 343 6.01 39.21 4.10
N PRO E 344 6.00 37.99 4.64
CA PRO E 344 4.79 37.47 5.29
C PRO E 344 4.54 38.14 6.62
N VAL E 345 3.44 38.89 6.70
CA VAL E 345 2.98 39.52 7.93
C VAL E 345 1.89 38.64 8.48
N GLN E 346 2.15 37.97 9.60
CA GLN E 346 1.18 37.06 10.17
C GLN E 346 0.09 37.84 10.90
N VAL E 347 -1.16 37.52 10.59
CA VAL E 347 -2.31 38.02 11.33
C VAL E 347 -2.94 36.81 12.02
N GLY E 348 -3.04 36.89 13.34
CA GLY E 348 -3.52 35.74 14.11
C GLY E 348 -5.00 35.81 14.39
N GLU E 349 -5.53 34.68 14.84
CA GLU E 349 -6.92 34.64 15.27
C GLU E 349 -7.08 35.48 16.53
N PRO E 350 -8.06 36.38 16.58
CA PRO E 350 -8.21 37.24 17.77
C PRO E 350 -8.51 36.44 19.02
N THR E 351 -7.98 36.92 20.15
CA THR E 351 -8.24 36.33 21.44
C THR E 351 -9.71 36.57 21.81
N VAL E 352 -10.21 35.76 22.76
CA VAL E 352 -11.61 35.80 23.14
C VAL E 352 -11.99 37.18 23.69
N GLU E 353 -11.14 37.75 24.56
CA GLU E 353 -11.40 39.08 25.06
C GLU E 353 -11.26 40.13 23.95
N HIS E 354 -10.29 39.93 23.05
CA HIS E 354 -10.18 40.80 21.89
C HIS E 354 -11.39 40.66 20.98
N THR E 355 -11.94 39.46 20.85
CA THR E 355 -13.18 39.28 20.10
C THR E 355 -14.35 39.98 20.77
N ILE E 356 -14.38 40.00 22.10
CA ILE E 356 -15.41 40.73 22.82
C ILE E 356 -15.31 42.22 22.52
N GLU E 357 -14.09 42.77 22.53
CA GLU E 357 -13.91 44.18 22.18
C GLU E 357 -14.25 44.45 20.72
N ILE E 358 -13.96 43.50 19.82
CA ILE E 358 -14.31 43.65 18.42
C ILE E 358 -15.83 43.72 18.26
N LEU E 359 -16.55 42.83 18.95
CA LEU E 359 -18.01 42.83 18.92
C LEU E 359 -18.57 44.11 19.53
N LYS E 360 -17.94 44.61 20.60
CA LYS E 360 -18.38 45.86 21.19
C LYS E 360 -18.18 47.03 20.24
N GLY E 361 -17.15 46.97 19.41
CA GLY E 361 -16.94 48.00 18.42
C GLY E 361 -17.88 47.92 17.23
N LEU E 362 -18.48 46.76 16.99
CA LEU E 362 -19.42 46.56 15.90
C LEU E 362 -20.87 46.59 16.37
N ARG E 363 -21.12 46.97 17.63
CA ARG E 363 -22.46 46.95 18.18
C ARG E 363 -23.38 47.94 17.45
N ASP E 364 -22.85 49.12 17.13
CA ASP E 364 -23.69 50.19 16.61
C ASP E 364 -24.28 49.82 15.24
N ARG E 365 -23.48 49.22 14.37
CA ARG E 365 -23.97 48.93 13.02
C ARG E 365 -25.01 47.81 13.03
N TYR E 366 -24.79 46.77 13.82
CA TYR E 366 -25.78 45.69 13.89
C TYR E 366 -27.04 46.14 14.60
N GLU E 367 -26.90 46.96 15.65
CA GLU E 367 -28.07 47.52 16.32
C GLU E 367 -28.88 48.40 15.38
N ALA E 368 -28.19 49.16 14.51
CA ALA E 368 -28.90 50.02 13.58
C ALA E 368 -29.55 49.21 12.46
N HIS E 369 -28.85 48.20 11.94
CA HIS E 369 -29.38 47.45 10.81
C HIS E 369 -30.55 46.56 11.23
N HIS E 370 -30.40 45.82 12.33
CA HIS E 370 -31.47 44.95 12.76
C HIS E 370 -32.53 45.67 13.58
N ARG E 371 -32.31 46.93 13.93
CA ARG E 371 -33.21 47.73 14.75
C ARG E 371 -33.50 47.04 16.08
N VAL E 372 -32.47 46.42 16.64
CA VAL E 372 -32.55 45.78 17.96
C VAL E 372 -31.51 46.40 18.86
N SER E 373 -31.45 45.95 20.11
CA SER E 373 -30.42 46.38 21.05
C SER E 373 -29.77 45.15 21.67
N ILE E 374 -28.45 45.12 21.65
CA ILE E 374 -27.66 43.96 22.06
C ILE E 374 -27.01 44.28 23.40
N THR E 375 -27.25 43.43 24.39
CA THR E 375 -26.64 43.60 25.70
C THR E 375 -25.18 43.17 25.66
N ASP E 376 -24.40 43.70 26.60
CA ASP E 376 -23.00 43.33 26.70
C ASP E 376 -22.85 41.87 27.09
N ALA E 377 -23.76 41.37 27.91
CA ALA E 377 -23.73 39.94 28.27
C ALA E 377 -23.97 39.06 27.06
N ALA E 378 -24.75 39.54 26.09
CA ALA E 378 -24.98 38.77 24.87
C ALA E 378 -23.70 38.57 24.09
N MET E 379 -22.89 39.62 23.94
CA MET E 379 -21.62 39.48 23.22
C MET E 379 -20.58 38.72 24.03
N VAL E 380 -20.56 38.91 25.35
CA VAL E 380 -19.65 38.18 26.21
C VAL E 380 -19.92 36.68 26.11
N ALA E 381 -21.20 36.28 26.16
CA ALA E 381 -21.55 34.89 25.97
C ALA E 381 -21.35 34.42 24.54
N ALA E 382 -21.52 35.33 23.57
CA ALA E 382 -21.37 34.96 22.17
C ALA E 382 -19.96 34.54 21.83
N ALA E 383 -18.97 35.29 22.34
CA ALA E 383 -17.57 34.93 22.09
C ALA E 383 -17.23 33.57 22.68
N THR E 384 -17.69 33.31 23.90
CA THR E 384 -17.40 32.02 24.55
C THR E 384 -18.10 30.87 23.84
N LEU E 385 -19.36 31.06 23.45
CA LEU E 385 -20.05 30.01 22.70
C LEU E 385 -19.38 29.76 21.35
N ALA E 386 -18.93 30.82 20.69
CA ALA E 386 -18.28 30.67 19.39
C ALA E 386 -16.97 29.91 19.50
N ASP E 387 -16.11 30.28 20.46
CA ASP E 387 -14.83 29.58 20.51
C ASP E 387 -14.92 28.23 21.22
N ARG E 388 -16.03 27.95 21.89
CA ARG E 388 -16.14 26.65 22.56
C ARG E 388 -16.84 25.61 21.69
N TYR E 389 -17.94 25.98 21.05
CA TYR E 389 -18.79 24.99 20.39
C TYR E 389 -18.60 24.91 18.89
N ILE E 390 -17.99 25.91 18.26
CA ILE E 390 -17.70 25.88 16.83
C ILE E 390 -16.18 25.78 16.65
N ASN E 391 -15.74 24.82 15.85
CA ASN E 391 -14.32 24.61 15.63
C ASN E 391 -13.85 24.83 14.19
N ASP E 392 -14.73 24.66 13.21
CA ASP E 392 -14.34 24.76 11.82
C ASP E 392 -14.27 26.20 11.32
N ARG E 393 -14.63 27.17 12.16
CA ARG E 393 -14.52 28.59 11.83
C ARG E 393 -13.65 29.27 12.88
N PHE E 394 -13.14 30.43 12.52
CA PHE E 394 -12.23 31.19 13.36
C PHE E 394 -12.87 32.49 13.81
N LEU E 395 -12.48 32.93 15.02
CA LEU E 395 -12.92 34.22 15.53
C LEU E 395 -12.31 35.33 14.68
N PRO E 396 -12.97 36.50 14.59
CA PRO E 396 -14.25 36.88 15.18
C PRO E 396 -15.42 36.55 14.26
N ASP E 397 -15.17 35.80 13.20
CA ASP E 397 -16.22 35.50 12.23
C ASP E 397 -17.34 34.66 12.84
N LYS E 398 -16.99 33.67 13.66
CA LYS E 398 -18.00 32.79 14.21
C LYS E 398 -18.73 33.38 15.42
N ALA E 399 -18.31 34.56 15.90
CA ALA E 399 -19.10 35.30 16.88
C ALA E 399 -19.91 36.40 16.24
N ILE E 400 -19.34 37.04 15.22
CA ILE E 400 -20.08 38.01 14.41
C ILE E 400 -21.27 37.33 13.73
N ASP E 401 -21.09 36.09 13.28
CA ASP E 401 -22.19 35.35 12.68
C ASP E 401 -23.31 35.11 13.69
N LEU E 402 -22.96 34.75 14.93
CA LEU E 402 -23.96 34.54 15.96
C LEU E 402 -24.73 35.82 16.25
N ILE E 403 -24.00 36.94 16.39
CA ILE E 403 -24.65 38.22 16.69
C ILE E 403 -25.57 38.65 15.56
N ASP E 404 -25.09 38.55 14.31
CA ASP E 404 -25.90 38.95 13.17
C ASP E 404 -27.12 38.05 13.01
N GLU E 405 -26.95 36.74 13.23
CA GLU E 405 -28.07 35.82 13.10
C GLU E 405 -29.13 36.07 14.17
N ALA E 406 -28.71 36.33 15.40
CA ALA E 406 -29.67 36.62 16.46
C ALA E 406 -30.41 37.93 16.19
N GLY E 407 -29.69 38.95 15.72
CA GLY E 407 -30.34 40.20 15.37
C GLY E 407 -31.33 40.04 14.24
N ALA E 408 -30.96 39.28 13.20
CA ALA E 408 -31.88 39.03 12.09
C ALA E 408 -33.09 38.25 12.56
N ARG E 409 -32.90 37.25 13.42
CA ARG E 409 -34.01 36.46 13.93
C ARG E 409 -34.97 37.33 14.73
N MET E 410 -34.43 38.21 15.58
CA MET E 410 -35.29 39.10 16.35
C MET E 410 -36.05 40.06 15.44
N ARG E 411 -35.39 40.60 14.41
CA ARG E 411 -36.07 41.50 13.49
C ARG E 411 -37.18 40.79 12.71
N ILE E 412 -36.94 39.54 12.32
CA ILE E 412 -37.98 38.80 11.61
C ILE E 412 -39.13 38.43 12.55
N ARG E 413 -38.80 38.06 13.79
CA ARG E 413 -39.83 37.60 14.72
C ARG E 413 -40.74 38.74 15.16
N ARG E 414 -40.17 39.91 15.50
CA ARG E 414 -41.01 40.97 16.05
C ARG E 414 -41.87 41.61 14.98
N MET E 415 -41.44 41.54 13.72
CA MET E 415 -42.16 42.19 12.63
C MET E 415 -43.06 41.21 11.90
N VAL E 476 -38.37 47.32 22.54
CA VAL E 476 -36.94 47.44 22.71
C VAL E 476 -36.20 46.44 21.83
N ALA E 477 -36.79 45.24 21.69
CA ALA E 477 -36.20 44.13 20.95
C ALA E 477 -34.80 43.79 21.48
N GLU E 478 -34.74 43.47 22.76
CA GLU E 478 -33.47 43.21 23.44
C GLU E 478 -32.94 41.84 23.02
N VAL E 479 -31.67 41.78 22.64
CA VAL E 479 -31.00 40.53 22.32
C VAL E 479 -30.09 40.20 23.49
N ASP E 480 -30.50 39.22 24.29
CA ASP E 480 -29.70 38.77 25.43
C ASP E 480 -28.88 37.56 25.00
N ASP E 481 -28.26 36.90 25.99
CA ASP E 481 -27.49 35.70 25.68
C ASP E 481 -28.36 34.53 25.27
N GLU E 482 -29.67 34.58 25.58
CA GLU E 482 -30.56 33.48 25.23
C GLU E 482 -30.69 33.33 23.72
N GLN E 483 -30.81 34.45 22.99
CA GLN E 483 -30.92 34.38 21.54
C GLN E 483 -29.63 33.83 20.93
N ILE E 484 -28.48 34.23 21.47
CA ILE E 484 -27.20 33.68 21.02
C ILE E 484 -27.13 32.19 21.24
N ALA E 485 -27.55 31.74 22.43
CA ALA E 485 -27.51 30.31 22.74
C ALA E 485 -28.44 29.52 21.84
N GLU E 486 -29.63 30.07 21.57
CA GLU E 486 -30.58 29.36 20.70
C GLU E 486 -30.08 29.32 19.26
N VAL E 487 -29.45 30.40 18.78
CA VAL E 487 -28.91 30.39 17.43
C VAL E 487 -27.75 29.41 17.32
N LEU E 488 -26.92 29.32 18.36
CA LEU E 488 -25.86 28.32 18.37
C LEU E 488 -26.43 26.90 18.37
N GLY E 489 -27.50 26.67 19.14
CA GLY E 489 -28.13 25.37 19.14
C GLY E 489 -28.73 25.00 17.80
N ASN E 490 -29.34 25.96 17.11
CA ASN E 490 -29.87 25.70 15.78
C ASN E 490 -28.75 25.51 14.76
N TRP E 491 -27.58 26.11 14.99
CA TRP E 491 -26.48 26.00 14.04
C TRP E 491 -25.77 24.67 14.20
N THR E 492 -25.15 24.43 15.35
CA THR E 492 -24.31 23.26 15.51
C THR E 492 -25.04 22.04 16.02
N GLY E 493 -26.30 22.17 16.42
CA GLY E 493 -27.06 21.05 16.93
C GLY E 493 -26.81 20.71 18.39
N ILE E 494 -25.82 21.33 19.02
CA ILE E 494 -25.56 21.11 20.44
C ILE E 494 -26.58 21.92 21.22
N PRO E 495 -27.39 21.29 22.08
CA PRO E 495 -28.46 22.02 22.75
C PRO E 495 -27.96 22.83 23.94
N VAL E 496 -27.89 24.15 23.78
CA VAL E 496 -27.52 25.07 24.85
C VAL E 496 -28.72 25.98 25.05
N PHE E 497 -29.64 25.57 25.92
CA PHE E 497 -30.83 26.33 26.26
C PHE E 497 -30.83 26.56 27.76
N LYS E 498 -31.94 27.06 28.29
CA LYS E 498 -32.13 27.20 29.72
C LYS E 498 -33.00 26.12 30.33
N LEU E 499 -33.25 25.02 29.59
CA LEU E 499 -34.02 23.87 30.09
C LEU E 499 -35.43 24.30 30.50
N THR E 500 -36.22 24.64 29.48
CA THR E 500 -37.62 25.03 29.66
C THR E 500 -38.41 23.96 30.41
N GLU E 501 -39.58 24.35 30.92
CA GLU E 501 -40.27 23.56 31.94
C GLU E 501 -40.67 22.18 31.42
N ALA E 502 -41.13 22.09 30.17
CA ALA E 502 -41.47 20.79 29.60
C ALA E 502 -40.23 19.90 29.48
N GLU E 503 -39.15 20.46 28.95
CA GLU E 503 -37.91 19.70 28.81
C GLU E 503 -37.31 19.37 30.17
N THR E 504 -37.42 20.29 31.14
CA THR E 504 -36.90 20.02 32.48
C THR E 504 -37.69 18.91 33.16
N THR E 505 -39.01 18.90 32.99
CA THR E 505 -39.82 17.82 33.56
C THR E 505 -39.53 16.49 32.88
N ARG E 506 -39.29 16.51 31.57
CA ARG E 506 -38.92 15.27 30.89
C ARG E 506 -37.55 14.77 31.36
N LEU E 507 -36.60 15.68 31.54
CA LEU E 507 -35.21 15.29 31.76
C LEU E 507 -34.92 15.02 33.23
N LEU E 508 -35.73 15.54 34.14
CA LEU E 508 -35.58 15.18 35.55
C LEU E 508 -36.10 13.77 35.81
N ARG E 509 -37.12 13.35 35.07
CA ARG E 509 -37.68 12.01 35.18
C ARG E 509 -37.18 11.09 34.07
N MET E 510 -35.97 11.31 33.57
CA MET E 510 -35.50 10.55 32.43
C MET E 510 -35.17 9.10 32.80
N GLU E 511 -35.01 8.81 34.09
CA GLU E 511 -34.83 7.42 34.50
C GLU E 511 -36.08 6.60 34.19
N GLU E 512 -37.26 7.18 34.38
CA GLU E 512 -38.49 6.48 34.04
C GLU E 512 -38.63 6.30 32.52
N GLU E 513 -38.23 7.30 31.75
CA GLU E 513 -38.27 7.17 30.30
C GLU E 513 -37.32 6.09 29.81
N LEU E 514 -36.14 5.98 30.44
CA LEU E 514 -35.22 4.91 30.08
C LEU E 514 -35.74 3.55 30.53
N HIS E 515 -36.36 3.49 31.72
CA HIS E 515 -36.96 2.24 32.20
C HIS E 515 -38.22 1.86 31.43
N LYS E 516 -38.75 2.74 30.59
CA LYS E 516 -39.85 2.35 29.71
C LYS E 516 -39.40 1.33 28.68
N ARG E 517 -38.11 1.31 28.34
CA ARG E 517 -37.56 0.34 27.40
C ARG E 517 -36.50 -0.56 28.01
N ILE E 518 -35.91 -0.17 29.14
CA ILE E 518 -34.83 -0.93 29.76
C ILE E 518 -35.35 -1.52 31.07
N ILE E 519 -35.45 -2.85 31.12
CA ILE E 519 -35.91 -3.52 32.32
C ILE E 519 -34.71 -3.87 33.19
N GLY E 520 -34.76 -3.46 34.46
CA GLY E 520 -33.64 -3.70 35.34
C GLY E 520 -32.48 -2.79 35.01
N GLN E 521 -31.30 -3.21 35.46
CA GLN E 521 -30.05 -2.46 35.30
C GLN E 521 -30.19 -1.05 35.87
N GLU E 522 -30.43 -0.99 37.18
CA GLU E 522 -30.69 0.30 37.82
C GLU E 522 -29.45 1.18 37.82
N ASP E 523 -28.27 0.58 38.05
CA ASP E 523 -27.04 1.36 38.12
C ASP E 523 -26.70 2.01 36.78
N ALA E 524 -26.87 1.27 35.68
CA ALA E 524 -26.53 1.80 34.36
C ALA E 524 -27.45 2.94 33.97
N VAL E 525 -28.76 2.76 34.17
CA VAL E 525 -29.72 3.82 33.88
C VAL E 525 -29.45 5.04 34.76
N LYS E 526 -29.14 4.80 36.04
CA LYS E 526 -28.86 5.90 36.96
C LYS E 526 -27.65 6.70 36.49
N ALA E 527 -26.55 6.02 36.14
CA ALA E 527 -25.33 6.72 35.77
C ALA E 527 -25.49 7.45 34.44
N VAL E 528 -26.15 6.82 33.46
CA VAL E 528 -26.36 7.49 32.17
C VAL E 528 -27.24 8.72 32.35
N SER E 529 -28.31 8.59 33.13
CA SER E 529 -29.20 9.72 33.37
C SER E 529 -28.48 10.85 34.10
N LYS E 530 -27.66 10.50 35.09
CA LYS E 530 -26.92 11.53 35.83
C LYS E 530 -25.92 12.24 34.93
N ALA E 531 -25.26 11.51 34.04
CA ALA E 531 -24.32 12.15 33.12
C ALA E 531 -25.04 13.10 32.17
N ILE E 532 -26.19 12.68 31.64
CA ILE E 532 -26.94 13.54 30.73
C ILE E 532 -27.42 14.79 31.44
N ARG E 533 -27.94 14.64 32.67
CA ARG E 533 -28.40 15.79 33.43
C ARG E 533 -27.25 16.73 33.77
N ARG E 534 -26.09 16.18 34.09
CA ARG E 534 -24.91 17.00 34.36
C ARG E 534 -24.49 17.78 33.12
N THR E 535 -24.51 17.14 31.95
CA THR E 535 -24.16 17.83 30.72
C THR E 535 -25.14 18.96 30.43
N ARG E 536 -26.44 18.71 30.61
CA ARG E 536 -27.43 19.74 30.32
C ARG E 536 -27.50 20.83 31.39
N ALA E 537 -27.00 20.58 32.59
CA ALA E 537 -27.03 21.58 33.65
C ALA E 537 -25.83 22.53 33.60
N GLY E 538 -24.98 22.40 32.60
CA GLY E 538 -23.84 23.31 32.44
C GLY E 538 -22.78 23.17 33.51
N LEU E 539 -22.48 21.95 33.95
CA LEU E 539 -21.47 21.72 34.97
C LEU E 539 -20.46 20.68 34.50
N LYS E 540 -20.21 20.61 33.20
CA LYS E 540 -19.28 19.64 32.64
C LYS E 540 -17.94 20.31 32.33
N ASP E 541 -16.88 19.50 32.37
CA ASP E 541 -15.55 19.99 32.06
C ASP E 541 -15.40 20.15 30.55
N PRO E 542 -15.11 21.36 30.05
CA PRO E 542 -14.90 21.55 28.61
C PRO E 542 -13.50 21.16 28.13
N LYS E 543 -13.04 20.00 28.60
CA LYS E 543 -11.78 19.41 28.15
C LYS E 543 -11.99 17.92 27.95
N ARG E 544 -13.14 17.44 28.39
CA ARG E 544 -13.54 16.04 28.34
C ARG E 544 -14.87 15.89 27.62
N PRO E 545 -15.16 14.71 27.07
CA PRO E 545 -16.48 14.46 26.50
C PRO E 545 -17.57 14.54 27.57
N SER E 546 -18.81 14.50 27.10
CA SER E 546 -19.95 14.63 28.00
C SER E 546 -20.00 13.47 29.00
N GLY E 547 -19.71 12.26 28.54
CA GLY E 547 -19.59 11.13 29.43
C GLY E 547 -19.00 9.91 28.74
N SER E 548 -17.98 9.32 29.35
CA SER E 548 -17.33 8.12 28.83
C SER E 548 -17.65 6.96 29.75
N PHE E 549 -18.42 6.01 29.24
CA PHE E 549 -18.86 4.86 30.02
C PHE E 549 -18.36 3.58 29.38
N ILE E 550 -18.10 2.58 30.20
CA ILE E 550 -17.91 1.22 29.71
C ILE E 550 -18.95 0.33 30.39
N PHE E 551 -19.63 -0.48 29.58
CA PHE E 551 -20.72 -1.34 30.00
C PHE E 551 -20.22 -2.77 29.96
N ALA E 552 -19.92 -3.36 31.11
CA ALA E 552 -19.39 -4.70 31.18
C ALA E 552 -20.42 -5.64 31.79
N GLY E 553 -20.49 -6.86 31.26
CA GLY E 553 -21.40 -7.85 31.79
C GLY E 553 -21.65 -8.99 30.82
N PRO E 554 -22.66 -9.81 31.12
CA PRO E 554 -23.01 -10.91 30.22
C PRO E 554 -23.61 -10.44 28.92
N SER E 555 -23.87 -11.38 28.00
CA SER E 555 -24.44 -11.07 26.70
C SER E 555 -25.94 -11.30 26.74
N GLY E 556 -26.71 -10.29 26.39
CA GLY E 556 -28.15 -10.35 26.45
C GLY E 556 -28.78 -9.71 27.67
N VAL E 557 -28.17 -8.66 28.22
CA VAL E 557 -28.68 -8.01 29.42
C VAL E 557 -29.07 -6.56 29.16
N GLY E 558 -28.85 -6.07 27.95
CA GLY E 558 -29.28 -4.74 27.58
C GLY E 558 -28.19 -3.69 27.50
N LYS E 559 -26.95 -4.08 27.18
CA LYS E 559 -25.89 -3.09 27.06
C LYS E 559 -26.02 -2.28 25.79
N THR E 560 -26.30 -2.93 24.66
CA THR E 560 -26.62 -2.23 23.42
C THR E 560 -28.02 -1.67 23.44
N GLU E 561 -28.94 -2.31 24.17
CA GLU E 561 -30.30 -1.80 24.31
C GLU E 561 -30.37 -0.51 25.11
N LEU E 562 -29.54 -0.36 26.15
CA LEU E 562 -29.52 0.90 26.90
C LEU E 562 -29.01 2.04 26.04
N SER E 563 -27.99 1.78 25.22
CA SER E 563 -27.49 2.81 24.32
C SER E 563 -28.56 3.23 23.32
N LYS E 564 -29.30 2.27 22.77
CA LYS E 564 -30.37 2.59 21.86
C LYS E 564 -31.50 3.35 22.55
N ALA E 565 -31.83 2.98 23.78
CA ALA E 565 -32.85 3.72 24.53
C ALA E 565 -32.39 5.14 24.83
N LEU E 566 -31.12 5.33 25.16
CA LEU E 566 -30.59 6.67 25.41
C LEU E 566 -30.59 7.51 24.14
N ALA E 567 -30.22 6.92 23.01
CA ALA E 567 -30.27 7.65 21.75
C ALA E 567 -31.70 7.98 21.35
N ASN E 568 -32.64 7.10 21.69
CA ASN E 568 -34.05 7.38 21.44
C ASN E 568 -34.57 8.48 22.36
N PHE E 569 -34.04 8.55 23.59
CA PHE E 569 -34.45 9.61 24.50
C PHE E 569 -33.92 10.95 24.04
N LEU E 570 -32.63 11.01 23.71
CA LEU E 570 -32.00 12.29 23.39
C LEU E 570 -32.42 12.81 22.03
N PHE E 571 -32.55 11.92 21.05
CA PHE E 571 -32.76 12.33 19.67
C PHE E 571 -34.15 12.01 19.14
N GLY E 572 -34.81 10.99 19.67
CA GLY E 572 -36.10 10.59 19.17
C GLY E 572 -36.09 9.47 18.16
N ASP E 573 -34.91 8.94 17.84
CA ASP E 573 -34.80 7.87 16.85
C ASP E 573 -33.57 7.03 17.16
N ASP E 574 -33.65 5.74 16.85
CA ASP E 574 -32.53 4.85 17.03
C ASP E 574 -31.54 4.91 15.88
N ASP E 575 -31.88 5.59 14.79
CA ASP E 575 -30.96 5.75 13.67
C ASP E 575 -29.94 6.85 13.93
N ALA E 576 -30.15 7.69 14.94
CA ALA E 576 -29.19 8.73 15.28
C ALA E 576 -28.02 8.20 16.08
N LEU E 577 -28.10 6.97 16.59
CA LEU E 577 -26.97 6.37 17.30
C LEU E 577 -25.85 6.04 16.32
N ILE E 578 -24.64 6.46 16.65
CA ILE E 578 -23.46 6.14 15.85
C ILE E 578 -22.89 4.85 16.43
N GLN E 579 -23.20 3.73 15.79
CA GLN E 579 -22.84 2.41 16.29
C GLN E 579 -21.59 1.94 15.57
N ILE E 580 -20.47 1.95 16.26
CA ILE E 580 -19.20 1.47 15.72
C ILE E 580 -19.00 0.05 16.23
N ASP E 581 -18.85 -0.88 15.30
CA ASP E 581 -18.66 -2.30 15.62
C ASP E 581 -17.17 -2.61 15.68
N MET E 582 -16.63 -2.60 16.90
CA MET E 582 -15.20 -2.79 17.07
C MET E 582 -14.76 -4.23 16.83
N GLY E 583 -15.70 -5.16 16.67
CA GLY E 583 -15.34 -6.55 16.42
C GLY E 583 -14.68 -6.80 15.08
N GLU E 584 -14.97 -5.98 14.07
CA GLU E 584 -14.30 -6.12 12.79
C GLU E 584 -12.87 -5.57 12.85
N PHE E 585 -12.61 -4.61 13.72
CA PHE E 585 -11.32 -3.94 13.76
C PHE E 585 -10.34 -4.80 14.56
N HIS E 586 -9.88 -5.88 13.93
CA HIS E 586 -8.95 -6.80 14.57
C HIS E 586 -7.49 -6.54 14.21
N ASP E 587 -7.23 -5.77 13.17
CA ASP E 587 -5.87 -5.39 12.79
C ASP E 587 -5.75 -3.89 12.65
N ARG E 588 -4.52 -3.40 12.75
CA ARG E 588 -4.25 -1.97 12.69
C ARG E 588 -4.55 -1.38 11.32
N PHE E 589 -4.67 -2.22 10.29
CA PHE E 589 -4.80 -1.76 8.92
C PHE E 589 -6.20 -1.23 8.64
N THR E 590 -7.22 -1.83 9.26
CA THR E 590 -8.59 -1.40 9.01
C THR E 590 -8.97 -0.15 9.80
N ALA E 591 -8.17 0.21 10.80
CA ALA E 591 -8.46 1.40 11.61
C ALA E 591 -8.51 2.67 10.77
N SER E 592 -7.86 2.67 9.61
CA SER E 592 -7.91 3.82 8.72
C SER E 592 -9.30 4.12 8.21
N ARG E 593 -10.24 3.17 8.29
CA ARG E 593 -11.60 3.50 7.89
C ARG E 593 -12.37 4.23 8.99
N LEU E 594 -11.89 4.20 10.23
CA LEU E 594 -12.50 5.02 11.27
C LEU E 594 -12.14 6.48 11.09
N PHE E 595 -10.93 6.75 10.59
CA PHE E 595 -10.38 8.10 10.58
C PHE E 595 -10.23 8.67 9.18
N GLY E 596 -9.92 7.86 8.19
CA GLY E 596 -9.68 8.35 6.85
C GLY E 596 -8.28 7.99 6.38
N ALA E 597 -8.14 7.84 5.06
CA ALA E 597 -6.86 7.49 4.50
C ALA E 597 -5.94 8.72 4.46
N PRO E 598 -4.63 8.52 4.53
CA PRO E 598 -3.68 9.64 4.35
C PRO E 598 -3.84 10.27 2.97
N PRO E 599 -3.36 11.50 2.80
CA PRO E 599 -3.47 12.15 1.48
C PRO E 599 -2.69 11.41 0.41
N GLY E 600 -3.22 11.43 -0.81
CA GLY E 600 -2.63 10.73 -1.92
C GLY E 600 -3.01 9.27 -2.04
N TYR E 601 -3.99 8.81 -1.27
CA TYR E 601 -4.42 7.42 -1.28
C TYR E 601 -5.88 7.34 -1.73
N VAL E 602 -6.33 6.12 -2.04
CA VAL E 602 -7.71 5.92 -2.43
C VAL E 602 -8.61 6.06 -1.21
N GLY E 603 -9.78 6.68 -1.40
CA GLY E 603 -10.69 6.93 -0.30
C GLY E 603 -10.32 8.09 0.58
N TYR E 604 -9.30 8.87 0.20
CA TYR E 604 -8.91 10.04 0.98
C TYR E 604 -9.99 11.10 0.99
N GLU E 605 -10.71 11.27 -0.11
CA GLU E 605 -11.77 12.28 -0.16
C GLU E 605 -12.98 11.85 0.65
N GLU E 606 -13.25 10.55 0.73
CA GLU E 606 -14.44 10.08 1.43
C GLU E 606 -14.32 10.24 2.94
N GLY E 607 -13.12 10.09 3.48
CA GLY E 607 -12.89 10.28 4.90
C GLY E 607 -13.32 9.08 5.73
N GLY E 608 -13.07 9.20 7.04
CA GLY E 608 -13.41 8.12 7.95
C GLY E 608 -14.90 8.05 8.23
N GLN E 609 -15.32 6.87 8.71
CA GLN E 609 -16.73 6.67 9.02
C GLN E 609 -17.09 7.12 10.43
N LEU E 610 -16.11 7.45 11.26
CA LEU E 610 -16.37 7.95 12.60
C LEU E 610 -16.11 9.45 12.73
N THR E 611 -15.01 9.93 12.15
CA THR E 611 -14.68 11.36 12.28
C THR E 611 -15.66 12.22 11.50
N GLU E 612 -16.15 11.73 10.36
CA GLU E 612 -17.12 12.51 9.59
C GLU E 612 -18.44 12.67 10.33
N LYS E 613 -18.92 11.59 10.96
CA LYS E 613 -20.21 11.64 11.64
C LYS E 613 -20.15 12.57 12.85
N VAL E 614 -19.10 12.47 13.65
CA VAL E 614 -18.95 13.34 14.82
C VAL E 614 -18.68 14.77 14.39
N ARG E 615 -17.92 14.96 13.30
CA ARG E 615 -17.63 16.30 12.81
C ARG E 615 -18.90 16.99 12.32
N ARG E 616 -19.75 16.27 11.58
CA ARG E 616 -21.00 16.85 11.12
C ARG E 616 -22.07 16.94 12.21
N LYS E 617 -22.06 16.02 13.17
CA LYS E 617 -23.05 15.99 14.25
C LYS E 617 -22.31 15.98 15.57
N PRO E 618 -21.92 17.17 16.07
CA PRO E 618 -21.09 17.23 17.27
C PRO E 618 -21.76 16.66 18.52
N PHE E 619 -23.07 16.74 18.63
CA PHE E 619 -23.82 16.12 19.72
C PHE E 619 -24.32 14.76 19.23
N SER E 620 -23.73 13.70 19.74
CA SER E 620 -24.11 12.35 19.35
C SER E 620 -23.79 11.38 20.48
N VAL E 621 -24.36 10.19 20.38
CA VAL E 621 -23.99 9.07 21.25
C VAL E 621 -23.19 8.11 20.39
N VAL E 622 -21.91 7.95 20.71
CA VAL E 622 -21.01 7.12 19.93
C VAL E 622 -20.79 5.82 20.68
N LEU E 623 -21.20 4.72 20.06
CA LEU E 623 -21.23 3.40 20.70
C LEU E 623 -20.19 2.51 20.04
N PHE E 624 -19.25 2.00 20.83
CA PHE E 624 -18.25 1.07 20.36
C PHE E 624 -18.62 -0.33 20.87
N ASP E 625 -19.20 -1.14 19.99
CA ASP E 625 -19.62 -2.49 20.33
C ASP E 625 -18.45 -3.46 20.27
N GLU E 626 -18.41 -4.38 21.23
CA GLU E 626 -17.46 -5.49 21.26
C GLU E 626 -16.01 -4.97 21.30
N ILE E 627 -15.69 -4.24 22.37
CA ILE E 627 -14.38 -3.60 22.44
C ILE E 627 -13.29 -4.62 22.71
N GLU E 628 -13.64 -5.77 23.30
CA GLU E 628 -12.64 -6.81 23.55
C GLU E 628 -12.13 -7.44 22.27
N LYS E 629 -12.88 -7.32 21.18
CA LYS E 629 -12.50 -7.87 19.88
C LYS E 629 -11.83 -6.84 19.00
N ALA E 630 -11.11 -5.89 19.60
CA ALA E 630 -10.47 -4.81 18.87
C ALA E 630 -8.96 -4.88 19.07
N HIS E 631 -8.22 -4.52 18.03
CA HIS E 631 -6.78 -4.50 18.11
C HIS E 631 -6.31 -3.29 18.93
N GLN E 632 -5.15 -3.42 19.54
CA GLN E 632 -4.71 -2.43 20.53
C GLN E 632 -4.28 -1.10 19.93
N GLU E 633 -4.09 -1.02 18.60
CA GLU E 633 -3.63 0.24 18.01
C GLU E 633 -4.75 1.26 17.92
N ILE E 634 -6.00 0.82 17.82
CA ILE E 634 -7.13 1.74 17.86
C ILE E 634 -7.25 2.37 19.25
N TYR E 635 -6.90 1.60 20.29
CA TYR E 635 -6.96 2.10 21.66
C TYR E 635 -6.02 3.28 21.86
N ASN E 636 -4.84 3.24 21.25
CA ASN E 636 -3.89 4.34 21.39
C ASN E 636 -4.45 5.62 20.79
N SER E 637 -5.14 5.53 19.66
CA SER E 637 -5.75 6.72 19.07
C SER E 637 -6.94 7.19 19.91
N LEU E 638 -7.67 6.27 20.52
CA LEU E 638 -8.78 6.67 21.39
C LEU E 638 -8.30 7.20 22.73
N LEU E 639 -7.03 6.99 23.08
CA LEU E 639 -6.51 7.66 24.27
C LEU E 639 -6.53 9.18 24.10
N GLN E 640 -6.29 9.66 22.89
CA GLN E 640 -6.34 11.11 22.66
C GLN E 640 -7.73 11.67 22.94
N VAL E 641 -8.78 10.96 22.52
CA VAL E 641 -10.13 11.46 22.75
C VAL E 641 -10.52 11.30 24.23
N LEU E 642 -10.01 10.25 24.90
CA LEU E 642 -10.31 10.11 26.32
C LEU E 642 -9.61 11.17 27.17
N GLU E 643 -8.37 11.53 26.85
CA GLU E 643 -7.73 12.65 27.55
C GLU E 643 -8.31 14.00 27.15
N ASP E 644 -8.10 14.42 25.90
CA ASP E 644 -8.30 15.82 25.54
C ASP E 644 -9.62 16.09 24.82
N GLY E 645 -10.39 15.06 24.49
CA GLY E 645 -11.65 15.30 23.83
C GLY E 645 -11.56 15.69 22.37
N ARG E 646 -10.37 15.61 21.77
CA ARG E 646 -10.19 15.92 20.37
C ARG E 646 -9.58 14.72 19.66
N LEU E 647 -9.86 14.60 18.36
CA LEU E 647 -9.30 13.53 17.56
C LEU E 647 -8.70 14.11 16.29
N THR E 648 -7.65 13.46 15.79
CA THR E 648 -7.01 13.86 14.55
C THR E 648 -7.17 12.75 13.53
N ASP E 649 -7.77 13.08 12.39
CA ASP E 649 -8.00 12.09 11.35
C ASP E 649 -6.83 12.05 10.37
N GLY E 650 -6.96 11.25 9.32
CA GLY E 650 -5.93 11.20 8.29
C GLY E 650 -5.87 12.45 7.44
N GLN E 651 -6.96 13.21 7.38
CA GLN E 651 -7.00 14.49 6.71
C GLN E 651 -6.16 15.55 7.42
N GLY E 652 -5.89 15.37 8.71
CA GLY E 652 -5.18 16.34 9.51
C GLY E 652 -6.07 17.32 10.24
N ARG E 653 -7.39 17.27 10.02
CA ARG E 653 -8.30 18.16 10.72
C ARG E 653 -8.49 17.71 12.16
N THR E 654 -8.96 18.64 12.99
CA THR E 654 -9.27 18.32 14.38
C THR E 654 -10.78 18.19 14.54
N VAL E 655 -11.20 17.05 15.10
CA VAL E 655 -12.60 16.72 15.31
C VAL E 655 -12.89 16.80 16.80
N ASP E 656 -13.93 17.56 17.16
CA ASP E 656 -14.26 17.80 18.57
C ASP E 656 -15.18 16.69 19.07
N PHE E 657 -14.78 16.05 20.15
CA PHE E 657 -15.59 15.04 20.83
C PHE E 657 -16.06 15.50 22.20
N LYS E 658 -15.93 16.80 22.50
CA LYS E 658 -16.25 17.31 23.83
C LYS E 658 -17.75 17.32 24.09
N ASN E 659 -18.58 17.06 23.08
CA ASN E 659 -20.03 17.05 23.23
C ASN E 659 -20.65 15.73 22.82
N THR E 660 -19.91 14.64 22.93
CA THR E 660 -20.42 13.31 22.62
C THR E 660 -20.44 12.45 23.88
N VAL E 661 -21.35 11.48 23.91
CA VAL E 661 -21.39 10.48 24.95
C VAL E 661 -20.79 9.20 24.38
N LEU E 662 -19.60 8.83 24.87
CA LEU E 662 -18.90 7.66 24.39
C LEU E 662 -19.27 6.47 25.27
N ILE E 663 -19.74 5.40 24.64
CA ILE E 663 -20.16 4.19 25.36
C ILE E 663 -19.42 3.02 24.73
N PHE E 664 -18.55 2.37 25.51
CA PHE E 664 -17.84 1.19 25.07
C PHE E 664 -18.48 -0.04 25.71
N THR E 665 -18.89 -1.01 24.91
CA THR E 665 -19.47 -2.24 25.44
C THR E 665 -18.40 -3.32 25.54
N SER E 666 -18.43 -4.06 26.65
CA SER E 666 -17.45 -5.10 26.93
C SER E 666 -18.16 -6.35 27.41
N ASN E 667 -17.56 -7.50 27.13
CA ASN E 667 -18.14 -8.79 27.49
C ASN E 667 -17.17 -9.70 28.23
N LEU E 668 -16.08 -9.18 28.77
CA LEU E 668 -15.14 -10.03 29.48
C LEU E 668 -15.70 -10.42 30.85
N GLY E 669 -15.08 -11.43 31.46
CA GLY E 669 -15.45 -11.86 32.77
C GLY E 669 -16.69 -12.73 32.83
N THR E 670 -17.31 -13.01 31.70
CA THR E 670 -18.52 -13.83 31.67
C THR E 670 -18.37 -14.96 30.66
N TYR E 690 -23.29 -11.58 42.70
CA TYR E 690 -23.17 -10.42 41.81
C TYR E 690 -21.82 -9.75 41.99
N GLU E 691 -21.41 -9.57 43.25
CA GLU E 691 -20.14 -8.91 43.53
C GLU E 691 -18.96 -9.79 43.13
N ARG E 692 -19.13 -11.11 43.11
CA ARG E 692 -18.08 -11.98 42.59
C ARG E 692 -17.86 -11.72 41.11
N MET E 693 -18.95 -11.63 40.34
CA MET E 693 -18.85 -11.27 38.93
C MET E 693 -18.27 -9.88 38.75
N LYS E 694 -18.60 -8.96 39.65
CA LYS E 694 -18.04 -7.61 39.60
C LYS E 694 -16.53 -7.63 39.76
N GLN E 695 -16.03 -8.36 40.76
CA GLN E 695 -14.59 -8.44 40.98
C GLN E 695 -13.89 -9.15 39.81
N LYS E 696 -14.49 -10.24 39.31
CA LYS E 696 -13.88 -10.96 38.19
C LYS E 696 -13.82 -10.09 36.94
N VAL E 697 -14.88 -9.35 36.63
CA VAL E 697 -14.86 -8.53 35.43
C VAL E 697 -13.93 -7.33 35.60
N ASN E 698 -13.81 -6.78 36.82
CA ASN E 698 -12.84 -5.71 37.03
C ASN E 698 -11.41 -6.20 36.84
N ASP E 699 -11.10 -7.39 37.39
CA ASP E 699 -9.76 -7.95 37.22
C ASP E 699 -9.49 -8.29 35.76
N GLU E 700 -10.50 -8.81 35.05
CA GLU E 700 -10.31 -9.17 33.65
C GLU E 700 -10.14 -7.92 32.78
N LEU E 701 -10.86 -6.84 33.10
CA LEU E 701 -10.69 -5.58 32.39
C LEU E 701 -9.31 -5.00 32.65
N LYS E 702 -8.82 -5.09 33.89
CA LYS E 702 -7.49 -4.57 34.20
C LYS E 702 -6.39 -5.41 33.55
N LYS E 703 -6.62 -6.73 33.43
CA LYS E 703 -5.63 -7.58 32.79
C LYS E 703 -5.60 -7.39 31.28
N HIS E 704 -6.78 -7.39 30.65
CA HIS E 704 -6.84 -7.34 29.18
C HIS E 704 -6.61 -5.95 28.61
N PHE E 705 -7.02 -4.90 29.31
CA PHE E 705 -6.85 -3.53 28.83
C PHE E 705 -5.80 -2.81 29.65
N ARG E 706 -5.17 -1.82 29.02
CA ARG E 706 -4.21 -0.99 29.71
C ARG E 706 -4.93 -0.14 30.76
N PRO E 707 -4.43 -0.11 32.00
CA PRO E 707 -5.14 0.64 33.06
C PRO E 707 -5.23 2.14 32.79
N GLU E 708 -4.31 2.69 31.99
CA GLU E 708 -4.37 4.11 31.65
C GLU E 708 -5.63 4.43 30.85
N PHE E 709 -6.12 3.46 30.07
CA PHE E 709 -7.45 3.57 29.48
C PHE E 709 -8.54 3.60 30.54
N LEU E 710 -8.46 2.71 31.52
CA LEU E 710 -9.53 2.55 32.49
C LEU E 710 -9.67 3.76 33.40
N ASN E 711 -8.54 4.37 33.79
CA ASN E 711 -8.60 5.48 34.73
C ASN E 711 -9.25 6.73 34.17
N ARG E 712 -9.43 6.82 32.85
CA ARG E 712 -10.09 7.99 32.26
C ARG E 712 -11.55 7.74 31.92
N ILE E 713 -12.02 6.51 32.02
CA ILE E 713 -13.44 6.20 31.84
C ILE E 713 -14.18 6.70 33.06
N ASP E 714 -15.29 7.43 32.84
CA ASP E 714 -16.04 8.00 33.96
C ASP E 714 -16.62 6.90 34.84
N ASP E 715 -17.35 5.96 34.24
CA ASP E 715 -17.95 4.88 35.01
C ASP E 715 -17.74 3.54 34.30
N ILE E 716 -17.34 2.54 35.09
CA ILE E 716 -17.32 1.14 34.69
C ILE E 716 -18.54 0.49 35.30
N ILE E 717 -19.56 0.25 34.48
CA ILE E 717 -20.86 -0.20 34.97
C ILE E 717 -20.99 -1.69 34.68
N VAL E 718 -21.12 -2.47 35.74
CA VAL E 718 -21.33 -3.90 35.63
C VAL E 718 -22.83 -4.17 35.55
N PHE E 719 -23.25 -4.97 34.59
CA PHE E 719 -24.67 -5.17 34.32
C PHE E 719 -25.20 -6.38 35.09
N HIS E 720 -26.44 -6.24 35.55
CA HIS E 720 -27.09 -7.30 36.31
C HIS E 720 -27.43 -8.49 35.41
N GLN E 721 -27.72 -9.61 36.05
CA GLN E 721 -28.29 -10.77 35.38
C GLN E 721 -29.79 -10.79 35.70
N LEU E 722 -30.60 -10.92 34.66
CA LEU E 722 -32.04 -10.69 34.80
C LEU E 722 -32.70 -11.79 35.62
N THR E 723 -33.62 -11.39 36.50
CA THR E 723 -34.35 -12.30 37.36
C THR E 723 -35.75 -12.54 36.79
N ARG E 724 -36.56 -13.31 37.52
CA ARG E 724 -37.84 -13.78 37.00
C ARG E 724 -38.81 -12.63 36.73
N GLU E 725 -38.84 -11.64 37.63
CA GLU E 725 -39.72 -10.50 37.44
C GLU E 725 -39.32 -9.70 36.20
N GLU E 726 -38.01 -9.56 35.98
CA GLU E 726 -37.54 -8.90 34.77
C GLU E 726 -37.92 -9.69 33.53
N ILE E 727 -37.89 -11.03 33.62
CA ILE E 727 -38.32 -11.85 32.49
C ILE E 727 -39.81 -11.65 32.20
N ILE E 728 -40.64 -11.55 33.25
CA ILE E 728 -42.07 -11.30 33.04
C ILE E 728 -42.28 -9.93 32.38
N ARG E 729 -41.54 -8.93 32.85
CA ARG E 729 -41.67 -7.60 32.26
C ARG E 729 -41.25 -7.61 30.79
N MET E 730 -40.16 -8.31 30.46
CA MET E 730 -39.77 -8.38 29.05
C MET E 730 -40.73 -9.25 28.24
N VAL E 731 -41.44 -10.19 28.88
CA VAL E 731 -42.53 -10.86 28.19
C VAL E 731 -43.56 -9.84 27.74
N ASP E 732 -43.83 -8.85 28.58
CA ASP E 732 -44.85 -7.83 28.24
C ASP E 732 -44.29 -6.94 27.13
N LEU E 733 -43.03 -6.56 27.22
CA LEU E 733 -42.44 -5.64 26.22
C LEU E 733 -42.40 -6.33 24.87
N MET E 734 -42.09 -7.62 24.82
CA MET E 734 -41.93 -8.29 23.51
C MET E 734 -43.30 -8.65 22.95
N ILE E 735 -44.25 -8.99 23.81
CA ILE E 735 -45.59 -9.14 23.28
C ILE E 735 -46.09 -7.82 22.70
N SER E 736 -45.65 -6.69 23.26
CA SER E 736 -46.02 -5.39 22.70
C SER E 736 -45.55 -5.26 21.25
N ARG E 737 -44.37 -5.78 20.93
CA ARG E 737 -43.84 -5.70 19.57
C ARG E 737 -44.70 -6.48 18.59
N VAL E 738 -45.00 -7.74 18.91
CA VAL E 738 -45.80 -8.55 17.99
C VAL E 738 -47.23 -8.04 17.91
N ALA E 739 -47.75 -7.48 19.01
CA ALA E 739 -49.08 -6.87 18.96
C ALA E 739 -49.09 -5.64 18.06
N GLY E 740 -48.04 -4.83 18.12
CA GLY E 740 -47.96 -3.68 17.23
C GLY E 740 -47.82 -4.07 15.78
N GLN E 741 -47.07 -5.15 15.51
CA GLN E 741 -46.94 -5.63 14.15
C GLN E 741 -48.22 -6.31 13.65
N LEU E 742 -49.03 -6.82 14.57
CA LEU E 742 -50.24 -7.56 14.22
C LEU E 742 -51.47 -6.67 14.12
N LYS E 743 -51.49 -5.54 14.80
CA LYS E 743 -52.67 -4.67 14.78
C LYS E 743 -52.85 -3.94 13.45
N SER E 744 -51.88 -4.01 12.54
CA SER E 744 -52.06 -3.46 11.21
C SER E 744 -53.03 -4.29 10.36
N LYS E 745 -53.36 -5.51 10.78
CA LYS E 745 -54.36 -6.34 10.11
C LYS E 745 -55.69 -6.33 10.87
N ASP E 746 -55.93 -5.27 11.64
CA ASP E 746 -57.20 -5.08 12.38
C ASP E 746 -57.48 -6.23 13.34
N MET E 747 -56.44 -6.73 14.00
CA MET E 747 -56.60 -7.77 15.01
C MET E 747 -55.44 -7.67 15.98
N ALA E 748 -55.74 -7.78 17.28
CA ALA E 748 -54.78 -7.55 18.33
C ALA E 748 -54.58 -8.79 19.18
N LEU E 749 -53.36 -8.93 19.70
CA LEU E 749 -52.97 -10.08 20.52
C LEU E 749 -53.03 -9.68 21.99
N VAL E 750 -53.79 -10.43 22.79
CA VAL E 750 -53.84 -10.24 24.23
C VAL E 750 -53.50 -11.57 24.90
N LEU E 751 -52.76 -11.49 26.00
CA LEU E 751 -52.35 -12.67 26.74
C LEU E 751 -52.99 -12.66 28.12
N THR E 752 -53.30 -13.85 28.62
CA THR E 752 -53.72 -13.98 30.00
C THR E 752 -52.51 -14.04 30.92
N ASP E 753 -52.77 -14.09 32.23
CA ASP E 753 -51.68 -14.19 33.19
C ASP E 753 -50.95 -15.52 33.07
N ALA E 754 -51.70 -16.59 32.78
CA ALA E 754 -51.08 -17.91 32.61
C ALA E 754 -50.14 -17.92 31.41
N ALA E 755 -50.51 -17.25 30.32
CA ALA E 755 -49.66 -17.23 29.13
C ALA E 755 -48.34 -16.53 29.42
N LYS E 756 -48.40 -15.36 30.07
CA LYS E 756 -47.19 -14.64 30.40
C LYS E 756 -46.34 -15.41 31.40
N ALA E 757 -46.98 -16.05 32.38
CA ALA E 757 -46.25 -16.84 33.36
C ALA E 757 -45.53 -18.02 32.70
N LEU E 758 -46.21 -18.71 31.78
CA LEU E 758 -45.58 -19.84 31.10
C LEU E 758 -44.48 -19.39 30.16
N LEU E 759 -44.66 -18.26 29.48
CA LEU E 759 -43.61 -17.73 28.61
C LEU E 759 -42.38 -17.34 29.42
N ALA E 760 -42.59 -16.76 30.60
CA ALA E 760 -41.46 -16.45 31.48
C ALA E 760 -40.79 -17.72 31.98
N LYS E 761 -41.57 -18.74 32.33
CA LYS E 761 -41.01 -19.97 32.88
C LYS E 761 -40.21 -20.73 31.83
N ARG E 762 -40.70 -20.79 30.59
CA ARG E 762 -40.03 -21.52 29.53
C ARG E 762 -39.02 -20.67 28.77
N GLY E 763 -38.92 -19.38 29.09
CA GLY E 763 -37.97 -18.51 28.41
C GLY E 763 -36.97 -17.87 29.34
N PHE E 764 -36.58 -18.59 30.39
CA PHE E 764 -35.64 -18.08 31.39
C PHE E 764 -34.43 -18.98 31.46
N ASP E 765 -33.24 -18.37 31.46
CA ASP E 765 -32.01 -19.08 31.79
C ASP E 765 -31.13 -18.13 32.59
N PRO E 766 -30.79 -18.47 33.84
CA PRO E 766 -30.11 -17.49 34.69
C PRO E 766 -28.68 -17.21 34.28
N VAL E 767 -27.90 -18.25 33.98
CA VAL E 767 -26.50 -18.05 33.58
C VAL E 767 -26.44 -17.39 32.21
N LEU E 768 -27.35 -17.75 31.31
CA LEU E 768 -27.32 -17.23 29.96
C LEU E 768 -28.08 -15.91 29.93
N GLY E 769 -28.17 -15.29 28.76
CA GLY E 769 -28.77 -13.98 28.59
C GLY E 769 -30.29 -14.01 28.64
N ALA E 770 -30.90 -13.02 28.00
CA ALA E 770 -32.34 -12.85 28.00
C ALA E 770 -32.96 -12.94 26.61
N ARG E 771 -32.15 -13.21 25.59
CA ARG E 771 -32.60 -13.58 24.25
C ARG E 771 -33.25 -14.97 24.16
N PRO E 772 -32.93 -15.93 25.04
CA PRO E 772 -33.78 -17.14 25.13
C PRO E 772 -35.26 -16.85 25.27
N LEU E 773 -35.65 -15.79 25.98
CA LEU E 773 -37.06 -15.42 26.02
C LEU E 773 -37.58 -15.01 24.64
N ARG E 774 -36.78 -14.27 23.88
CA ARG E 774 -37.18 -13.87 22.54
C ARG E 774 -37.38 -15.08 21.63
N ARG E 775 -36.44 -16.03 21.69
CA ARG E 775 -36.59 -17.19 20.82
C ARG E 775 -37.72 -18.10 21.30
N THR E 776 -37.95 -18.18 22.61
CA THR E 776 -39.08 -18.94 23.13
C THR E 776 -40.40 -18.36 22.64
N ILE E 777 -40.51 -17.03 22.66
CA ILE E 777 -41.72 -16.38 22.15
C ILE E 777 -41.88 -16.64 20.67
N GLN E 778 -40.81 -16.55 19.88
CA GLN E 778 -40.99 -16.69 18.45
C GLN E 778 -41.23 -18.14 18.03
N ARG E 779 -40.78 -19.13 18.80
CA ARG E 779 -41.02 -20.51 18.38
C ARG E 779 -42.18 -21.17 19.10
N GLU E 780 -42.78 -20.51 20.10
CA GLU E 780 -43.94 -21.09 20.76
C GLU E 780 -45.26 -20.46 20.37
N ILE E 781 -45.34 -19.14 20.27
CA ILE E 781 -46.60 -18.46 19.95
C ILE E 781 -46.54 -17.74 18.61
N GLU E 782 -45.40 -17.16 18.24
CA GLU E 782 -45.35 -16.38 17.01
C GLU E 782 -45.35 -17.23 15.75
N ASP E 783 -44.66 -18.37 15.76
CA ASP E 783 -44.66 -19.22 14.57
C ASP E 783 -46.00 -19.94 14.38
N GLN E 784 -46.61 -20.38 15.49
CA GLN E 784 -47.94 -20.97 15.41
C GLN E 784 -48.97 -19.95 14.93
N LEU E 785 -48.89 -18.73 15.45
CA LEU E 785 -49.80 -17.68 15.00
C LEU E 785 -49.56 -17.32 13.54
N SER E 786 -48.30 -17.34 13.11
CA SER E 786 -47.99 -17.07 11.71
C SER E 786 -48.55 -18.16 10.79
N GLU E 787 -48.47 -19.42 11.23
CA GLU E 787 -49.10 -20.49 10.48
C GLU E 787 -50.61 -20.33 10.46
N LYS E 788 -51.17 -19.85 11.56
CA LYS E 788 -52.63 -19.78 11.68
C LYS E 788 -53.22 -18.65 10.84
N ILE E 789 -52.58 -17.47 10.83
CA ILE E 789 -53.21 -16.30 10.24
C ILE E 789 -53.27 -16.41 8.72
N LEU E 790 -52.23 -16.96 8.10
CA LEU E 790 -52.16 -16.98 6.64
C LEU E 790 -52.89 -18.17 6.05
N PHE E 791 -53.37 -19.09 6.89
CA PHE E 791 -54.19 -20.20 6.43
C PHE E 791 -55.67 -19.88 6.70
N GLU E 792 -55.96 -18.63 7.07
CA GLU E 792 -57.32 -18.10 7.22
C GLU E 792 -58.10 -18.86 8.29
N GLU E 793 -57.57 -18.83 9.50
CA GLU E 793 -58.32 -19.22 10.70
C GLU E 793 -58.72 -18.02 11.53
N VAL E 794 -57.90 -16.98 11.53
CA VAL E 794 -58.23 -15.71 12.15
C VAL E 794 -57.71 -14.59 11.25
N GLY E 795 -58.44 -13.49 11.23
CA GLY E 795 -58.08 -12.35 10.41
C GLY E 795 -58.61 -11.07 10.99
N PRO E 796 -58.92 -10.10 10.13
CA PRO E 796 -59.47 -8.82 10.61
C PRO E 796 -60.82 -9.01 11.29
N GLY E 797 -61.03 -8.22 12.35
CA GLY E 797 -62.31 -8.20 13.03
C GLY E 797 -62.42 -9.05 14.26
N GLN E 798 -61.36 -9.77 14.64
CA GLN E 798 -61.42 -10.61 15.84
C GLN E 798 -60.05 -10.63 16.50
N VAL E 799 -60.02 -10.39 17.82
CA VAL E 799 -58.77 -10.46 18.56
C VAL E 799 -58.38 -11.91 18.79
N VAL E 800 -57.10 -12.13 19.04
CA VAL E 800 -56.57 -13.46 19.33
C VAL E 800 -56.16 -13.51 20.79
N THR E 801 -56.61 -14.54 21.50
CA THR E 801 -56.29 -14.74 22.90
C THR E 801 -55.47 -16.01 23.04
N VAL E 802 -54.43 -15.97 23.87
CA VAL E 802 -53.53 -17.09 24.07
C VAL E 802 -53.79 -17.66 25.46
N ASP E 803 -54.14 -18.94 25.53
CA ASP E 803 -54.47 -19.57 26.79
C ASP E 803 -53.59 -20.80 27.00
N VAL E 804 -53.14 -21.00 28.23
CA VAL E 804 -52.33 -22.15 28.58
C VAL E 804 -53.24 -23.29 29.02
N ASP E 805 -53.08 -24.44 28.39
CA ASP E 805 -53.87 -25.63 28.72
C ASP E 805 -52.96 -26.69 29.33
N ASN E 806 -53.52 -27.42 30.28
CA ASN E 806 -52.84 -28.51 31.01
C ASN E 806 -51.61 -27.95 31.76
N TRP E 807 -51.89 -27.03 32.68
CA TRP E 807 -50.84 -26.48 33.53
C TRP E 807 -51.50 -25.95 34.80
N ASP E 808 -51.19 -26.59 35.93
CA ASP E 808 -51.77 -26.21 37.21
C ASP E 808 -51.10 -24.99 37.82
N GLY E 809 -49.99 -24.51 37.26
CA GLY E 809 -49.28 -23.40 37.84
C GLY E 809 -48.43 -23.75 39.03
N GLU E 810 -47.97 -24.99 39.12
CA GLU E 810 -47.18 -25.45 40.24
C GLU E 810 -45.82 -26.02 39.84
N GLY E 811 -45.69 -26.60 38.66
CA GLY E 811 -44.45 -27.20 38.23
C GLY E 811 -43.94 -26.64 36.92
N PRO E 812 -43.01 -27.36 36.29
CA PRO E 812 -42.47 -26.91 35.00
C PRO E 812 -43.52 -26.83 33.90
N GLY E 813 -44.53 -27.68 33.94
CA GLY E 813 -45.61 -27.65 32.96
C GLY E 813 -45.18 -27.98 31.54
N GLU E 814 -44.41 -29.06 31.38
CA GLU E 814 -43.98 -29.47 30.04
C GLU E 814 -45.13 -29.98 29.20
N ASP E 815 -46.26 -30.33 29.81
CA ASP E 815 -47.45 -30.77 29.09
C ASP E 815 -48.36 -29.63 28.68
N ALA E 816 -48.04 -28.41 29.08
CA ALA E 816 -48.88 -27.26 28.75
C ALA E 816 -48.79 -26.93 27.26
N VAL E 817 -49.90 -26.45 26.72
CA VAL E 817 -49.98 -26.10 25.30
C VAL E 817 -50.67 -24.75 25.16
N PHE E 818 -50.21 -23.94 24.22
CA PHE E 818 -50.82 -22.66 23.94
C PHE E 818 -51.99 -22.85 22.96
N THR E 819 -53.16 -22.34 23.32
CA THR E 819 -54.34 -22.40 22.49
C THR E 819 -54.71 -20.99 22.05
N PHE E 820 -54.92 -20.81 20.76
CA PHE E 820 -55.23 -19.51 20.16
C PHE E 820 -56.67 -19.54 19.69
N THR E 821 -57.44 -18.52 20.05
CA THR E 821 -58.83 -18.45 19.63
C THR E 821 -59.31 -17.00 19.52
N VAL F 170 22.12 41.19 -26.03
CA VAL F 170 20.76 40.71 -25.82
C VAL F 170 20.62 40.09 -24.44
N LEU F 171 21.76 39.83 -23.79
CA LEU F 171 21.74 39.20 -22.48
C LEU F 171 21.17 40.13 -21.41
N ASP F 172 21.46 41.43 -21.51
CA ASP F 172 20.93 42.37 -20.54
C ASP F 172 19.42 42.54 -20.70
N GLN F 173 18.89 42.32 -21.89
CA GLN F 173 17.43 42.40 -22.08
C GLN F 173 16.71 41.18 -21.54
N PHE F 174 17.44 40.09 -21.27
CA PHE F 174 16.84 38.86 -20.77
C PHE F 174 17.47 38.37 -19.47
N GLY F 175 18.34 39.17 -18.86
CA GLY F 175 18.98 38.77 -17.61
C GLY F 175 19.64 39.97 -16.98
N ARG F 176 20.19 39.75 -15.79
CA ARG F 176 20.86 40.80 -15.04
C ARG F 176 22.31 40.44 -14.82
N ASN F 177 23.21 41.32 -15.23
CA ASN F 177 24.64 41.08 -15.09
C ASN F 177 25.10 41.44 -13.68
N LEU F 178 25.80 40.50 -13.05
CA LEU F 178 26.38 40.74 -11.72
C LEU F 178 27.79 41.30 -11.79
N THR F 179 28.60 40.83 -12.73
CA THR F 179 29.96 41.32 -12.87
C THR F 179 29.99 42.80 -13.28
N ALA F 180 29.12 43.18 -14.21
CA ALA F 180 29.01 44.59 -14.57
C ALA F 180 28.40 45.44 -13.46
N ALA F 181 27.57 44.84 -12.62
CA ALA F 181 26.96 45.59 -11.52
C ALA F 181 27.96 45.90 -10.41
N ALA F 182 29.09 45.21 -10.37
CA ALA F 182 30.07 45.43 -9.31
C ALA F 182 30.86 46.73 -9.51
N MET F 183 31.09 47.15 -10.75
CA MET F 183 31.72 48.45 -10.98
C MET F 183 30.82 49.58 -10.49
N GLU F 184 29.52 49.43 -10.66
CA GLU F 184 28.56 50.36 -10.07
C GLU F 184 28.47 50.24 -8.56
N GLY F 185 28.93 49.13 -7.99
CA GLY F 185 28.90 48.95 -6.56
C GLY F 185 27.53 48.79 -5.96
N LYS F 186 26.52 48.46 -6.78
CA LYS F 186 25.17 48.27 -6.27
C LYS F 186 25.07 47.03 -5.40
N LEU F 187 25.92 46.04 -5.64
CA LEU F 187 25.79 44.75 -4.98
C LEU F 187 26.28 44.86 -3.53
N ASP F 188 25.53 44.23 -2.62
CA ASP F 188 25.88 44.27 -1.22
C ASP F 188 27.14 43.46 -0.95
N PRO F 189 27.98 43.93 -0.02
CA PRO F 189 29.19 43.17 0.32
C PRO F 189 28.86 41.87 1.04
N VAL F 190 29.75 40.89 0.87
CA VAL F 190 29.61 39.58 1.50
C VAL F 190 30.67 39.47 2.59
N ILE F 191 30.34 38.73 3.66
CA ILE F 191 31.22 38.58 4.80
C ILE F 191 31.26 37.11 5.22
N GLY F 192 32.47 36.56 5.31
CA GLY F 192 32.68 35.26 5.90
C GLY F 192 32.33 34.08 5.03
N ARG F 193 32.15 34.28 3.73
CA ARG F 193 31.84 33.19 2.80
C ARG F 193 33.08 32.73 2.03
N GLU F 194 34.27 32.80 2.64
CA GLU F 194 35.50 32.49 1.91
C GLU F 194 35.57 31.03 1.52
N LYS F 195 35.20 30.12 2.44
CA LYS F 195 35.34 28.69 2.16
C LYS F 195 34.35 28.23 1.09
N GLU F 196 33.14 28.77 1.11
CA GLU F 196 32.17 28.36 0.10
C GLU F 196 32.50 28.96 -1.26
N ILE F 197 33.03 30.19 -1.28
CA ILE F 197 33.43 30.79 -2.54
C ILE F 197 34.64 30.06 -3.14
N GLU F 198 35.58 29.63 -2.29
CA GLU F 198 36.71 28.88 -2.83
C GLU F 198 36.30 27.48 -3.27
N ARG F 199 35.29 26.89 -2.60
CA ARG F 199 34.73 25.63 -3.10
C ARG F 199 34.04 25.83 -4.45
N VAL F 200 33.38 26.97 -4.63
CA VAL F 200 32.74 27.25 -5.90
C VAL F 200 33.79 27.43 -7.00
N MET F 201 34.92 28.08 -6.68
CA MET F 201 35.98 28.17 -7.68
C MET F 201 36.62 26.81 -7.95
N GLN F 202 36.74 25.95 -6.93
CA GLN F 202 37.12 24.56 -7.15
C GLN F 202 36.23 23.89 -8.17
N VAL F 203 34.92 23.95 -7.97
CA VAL F 203 34.03 23.23 -8.89
C VAL F 203 34.05 23.86 -10.28
N LEU F 204 34.04 25.19 -10.35
CA LEU F 204 34.04 25.86 -11.64
C LEU F 204 35.35 25.68 -12.40
N SER F 205 36.45 25.36 -11.71
CA SER F 205 37.74 25.17 -12.36
C SER F 205 38.04 23.71 -12.65
N ARG F 206 37.01 22.89 -12.88
CA ARG F 206 37.22 21.49 -13.22
C ARG F 206 36.86 21.22 -14.68
N ARG F 207 36.94 19.95 -15.06
CA ARG F 207 36.56 19.49 -16.39
C ARG F 207 35.34 18.59 -16.39
N THR F 208 35.17 17.75 -15.37
CA THR F 208 33.97 16.96 -15.18
C THR F 208 33.31 17.39 -13.87
N LYS F 209 31.97 17.41 -13.87
CA LYS F 209 31.18 17.92 -12.75
C LYS F 209 31.58 19.37 -12.43
N ASN F 210 31.75 20.17 -13.47
CA ASN F 210 32.27 21.51 -13.32
C ASN F 210 31.20 22.56 -13.02
N ASN F 211 29.94 22.16 -12.90
CA ASN F 211 28.87 23.09 -12.60
C ASN F 211 28.43 22.93 -11.15
N PRO F 212 28.67 23.91 -10.28
CA PRO F 212 28.27 23.76 -8.88
C PRO F 212 26.79 24.05 -8.68
N VAL F 213 26.18 23.32 -7.75
CA VAL F 213 24.84 23.64 -7.26
C VAL F 213 24.95 23.91 -5.76
N LEU F 214 24.46 25.08 -5.37
CA LEU F 214 24.52 25.52 -3.98
C LEU F 214 23.32 24.96 -3.22
N ILE F 215 23.59 24.21 -2.16
CA ILE F 215 22.56 23.56 -1.37
C ILE F 215 22.50 24.21 0.01
N GLY F 216 21.32 24.65 0.39
CA GLY F 216 21.10 25.21 1.71
C GLY F 216 19.65 25.57 1.87
N GLU F 217 19.29 25.88 3.12
CA GLU F 217 17.94 26.31 3.41
C GLU F 217 17.70 27.68 2.77
N PRO F 218 16.45 28.04 2.48
CA PRO F 218 16.19 29.40 1.98
C PRO F 218 16.50 30.45 3.03
N GLY F 219 16.97 31.60 2.57
CA GLY F 219 17.41 32.65 3.47
C GLY F 219 18.65 32.30 4.27
N VAL F 220 19.65 31.73 3.60
CA VAL F 220 20.88 31.32 4.28
C VAL F 220 22.07 32.01 3.62
N GLY F 221 21.92 32.38 2.35
CA GLY F 221 22.98 33.09 1.68
C GLY F 221 23.45 32.44 0.39
N LYS F 222 22.58 31.64 -0.23
CA LYS F 222 22.95 30.95 -1.46
C LYS F 222 23.28 31.94 -2.58
N THR F 223 22.47 32.98 -2.74
CA THR F 223 22.82 33.99 -3.73
C THR F 223 23.95 34.89 -3.26
N ALA F 224 24.18 34.96 -1.95
CA ALA F 224 25.27 35.79 -1.43
C ALA F 224 26.62 35.23 -1.84
N VAL F 225 26.72 33.90 -1.96
CA VAL F 225 27.96 33.28 -2.42
C VAL F 225 28.25 33.67 -3.87
N VAL F 226 27.21 33.71 -4.71
CA VAL F 226 27.39 34.12 -6.09
C VAL F 226 27.76 35.60 -6.18
N GLU F 227 27.13 36.43 -5.33
CA GLU F 227 27.48 37.84 -5.32
C GLU F 227 28.93 38.05 -4.90
N GLY F 228 29.38 37.31 -3.88
CA GLY F 228 30.77 37.39 -3.47
C GLY F 228 31.72 36.88 -4.52
N LEU F 229 31.32 35.86 -5.28
CA LEU F 229 32.12 35.39 -6.39
C LEU F 229 32.26 36.46 -7.45
N ALA F 230 31.17 37.18 -7.75
CA ALA F 230 31.25 38.28 -8.72
C ALA F 230 32.16 39.40 -8.22
N GLN F 231 32.06 39.73 -6.93
CA GLN F 231 32.92 40.76 -6.34
C GLN F 231 34.38 40.34 -6.40
N ALA F 232 34.67 39.07 -6.13
CA ALA F 232 36.04 38.58 -6.20
C ALA F 232 36.54 38.54 -7.65
N ILE F 233 35.66 38.23 -8.59
CA ILE F 233 36.03 38.25 -10.01
C ILE F 233 36.44 39.66 -10.42
N VAL F 234 35.65 40.66 -10.02
CA VAL F 234 35.98 42.04 -10.38
C VAL F 234 37.24 42.50 -9.65
N HIS F 235 37.39 42.12 -8.37
CA HIS F 235 38.57 42.52 -7.61
C HIS F 235 39.84 41.83 -8.12
N GLY F 236 39.70 40.66 -8.74
CA GLY F 236 40.85 39.98 -9.30
C GLY F 236 41.49 38.97 -8.37
N GLU F 237 40.67 38.08 -7.80
CA GLU F 237 41.16 37.01 -6.94
C GLU F 237 40.64 35.67 -7.44
N VAL F 238 40.76 35.43 -8.74
CA VAL F 238 40.26 34.21 -9.37
C VAL F 238 41.34 33.60 -10.26
N PRO F 239 41.28 32.28 -10.52
CA PRO F 239 42.19 31.68 -11.52
C PRO F 239 42.00 32.24 -12.92
N GLU F 240 42.87 31.82 -13.84
CA GLU F 240 42.81 32.34 -15.21
C GLU F 240 41.54 31.92 -15.94
N THR F 241 40.97 30.77 -15.58
CA THR F 241 39.73 30.34 -16.21
C THR F 241 38.58 31.27 -15.87
N LEU F 242 38.53 31.79 -14.64
CA LEU F 242 37.44 32.65 -14.21
C LEU F 242 37.78 34.13 -14.37
N LYS F 243 38.92 34.46 -14.94
CA LYS F 243 39.25 35.85 -15.21
C LYS F 243 38.37 36.39 -16.32
N ASP F 244 37.84 37.61 -16.11
CA ASP F 244 36.93 38.28 -17.05
C ASP F 244 35.72 37.42 -17.38
N LYS F 245 35.18 36.76 -16.37
CA LYS F 245 33.96 35.96 -16.51
C LYS F 245 32.80 36.78 -15.98
N GLN F 246 31.76 36.93 -16.79
CA GLN F 246 30.60 37.74 -16.43
C GLN F 246 29.47 36.83 -15.95
N LEU F 247 29.06 37.02 -14.71
CA LEU F 247 27.94 36.29 -14.14
C LEU F 247 26.63 36.96 -14.53
N TYR F 248 25.70 36.15 -15.05
CA TYR F 248 24.42 36.65 -15.52
C TYR F 248 23.32 35.86 -14.82
N THR F 249 22.57 36.52 -13.95
CA THR F 249 21.37 35.91 -13.38
C THR F 249 20.29 35.87 -14.45
N LEU F 250 19.77 34.68 -14.72
CA LEU F 250 18.80 34.47 -15.78
C LEU F 250 17.39 34.54 -15.17
N ASP F 251 16.63 35.54 -15.58
CA ASP F 251 15.26 35.74 -15.12
C ASP F 251 14.29 35.34 -16.22
N LEU F 252 13.32 34.49 -15.88
CA LEU F 252 12.37 33.99 -16.87
C LEU F 252 11.29 34.99 -17.22
N GLY F 253 11.18 36.10 -16.48
CA GLY F 253 10.14 37.08 -16.77
C GLY F 253 10.34 37.77 -18.10
N SER F 254 11.58 38.12 -18.43
CA SER F 254 11.86 38.76 -19.71
C SER F 254 11.68 37.79 -20.86
N LEU F 255 12.02 36.51 -20.65
CA LEU F 255 11.85 35.50 -21.67
C LEU F 255 10.38 35.18 -21.90
N GLY F 263 6.29 29.11 -29.02
CA GLY F 263 6.99 29.41 -30.25
C GLY F 263 8.04 30.49 -30.11
N ASP F 264 7.61 31.65 -29.60
CA ASP F 264 8.55 32.74 -29.40
C ASP F 264 9.49 32.46 -28.22
N PHE F 265 8.98 31.78 -27.19
CA PHE F 265 9.79 31.49 -26.01
C PHE F 265 10.99 30.61 -26.34
N GLU F 266 10.76 29.52 -27.07
CA GLU F 266 11.85 28.60 -27.38
C GLU F 266 12.89 29.24 -28.29
N GLU F 267 12.45 30.06 -29.24
CA GLU F 267 13.41 30.67 -30.16
C GLU F 267 14.20 31.78 -29.48
N ARG F 268 13.56 32.55 -28.58
CA ARG F 268 14.32 33.59 -27.88
C ARG F 268 15.29 32.97 -26.88
N LEU F 269 14.91 31.86 -26.24
CA LEU F 269 15.82 31.16 -25.34
C LEU F 269 16.99 30.55 -26.12
N LYS F 270 16.72 29.97 -27.29
CA LYS F 270 17.79 29.45 -28.12
C LYS F 270 18.71 30.57 -28.59
N LYS F 271 18.14 31.73 -28.92
CA LYS F 271 18.95 32.86 -29.36
C LYS F 271 19.87 33.37 -28.26
N VAL F 272 19.35 33.50 -27.03
CA VAL F 272 20.21 34.00 -25.94
C VAL F 272 21.26 32.95 -25.57
N LEU F 273 20.91 31.67 -25.61
CA LEU F 273 21.93 30.63 -25.37
C LEU F 273 22.99 30.63 -26.46
N LYS F 274 22.59 30.85 -27.72
CA LYS F 274 23.54 30.93 -28.81
C LYS F 274 24.46 32.13 -28.65
N GLU F 275 23.92 33.26 -28.18
CA GLU F 275 24.76 34.43 -27.92
C GLU F 275 25.75 34.16 -26.79
N ILE F 276 25.30 33.44 -25.75
CA ILE F 276 26.20 33.06 -24.65
C ILE F 276 27.33 32.19 -25.18
N ASN F 277 27.01 31.20 -26.02
CA ASN F 277 28.03 30.31 -26.56
C ASN F 277 28.96 31.04 -27.51
N THR F 278 28.44 32.00 -28.27
CA THR F 278 29.28 32.79 -29.15
C THR F 278 30.24 33.67 -28.38
N ARG F 279 29.77 34.26 -27.27
CA ARG F 279 30.68 35.04 -26.43
C ARG F 279 31.71 34.15 -25.76
N GLY F 280 31.27 33.05 -25.15
CA GLY F 280 32.17 32.08 -24.54
C GLY F 280 32.69 32.46 -23.17
N ASP F 281 32.31 33.62 -22.64
CA ASP F 281 32.81 34.09 -21.35
C ASP F 281 31.65 34.59 -20.50
N ILE F 282 30.56 33.83 -20.46
CA ILE F 282 29.38 34.16 -19.67
C ILE F 282 29.04 32.95 -18.81
N ILE F 283 28.96 33.17 -17.50
CA ILE F 283 28.56 32.13 -16.55
C ILE F 283 27.16 32.46 -16.05
N LEU F 284 26.24 31.53 -16.22
CA LEU F 284 24.84 31.76 -15.89
C LEU F 284 24.57 31.38 -14.44
N PHE F 285 23.90 32.27 -13.72
CA PHE F 285 23.30 31.96 -12.42
C PHE F 285 21.82 31.73 -12.66
N ILE F 286 21.39 30.49 -12.45
CA ILE F 286 19.98 30.12 -12.55
C ILE F 286 19.55 29.72 -11.14
N ASP F 287 19.05 30.69 -10.38
CA ASP F 287 18.50 30.39 -9.08
C ASP F 287 17.21 29.58 -9.21
N GLU F 288 16.97 28.75 -8.20
CA GLU F 288 15.82 27.83 -8.18
C GLU F 288 15.82 26.92 -9.42
N LEU F 289 16.82 26.04 -9.44
CA LEU F 289 17.05 25.16 -10.58
C LEU F 289 15.90 24.17 -10.79
N HIS F 290 14.98 24.06 -9.82
CA HIS F 290 13.79 23.24 -10.00
C HIS F 290 12.90 23.76 -11.12
N THR F 291 13.05 25.03 -11.52
CA THR F 291 12.29 25.55 -12.64
C THR F 291 12.64 24.83 -13.93
N LEU F 292 13.88 24.35 -14.07
CA LEU F 292 14.25 23.57 -15.24
C LEU F 292 13.66 22.17 -15.18
N VAL F 293 14.05 21.40 -14.18
CA VAL F 293 13.61 20.01 -14.06
C VAL F 293 12.14 19.92 -13.68
N ASP F 303 9.18 25.34 -18.29
CA ASP F 303 9.23 24.28 -19.29
C ASP F 303 10.45 24.44 -20.20
N ALA F 304 11.57 24.85 -19.62
CA ALA F 304 12.79 25.04 -20.40
C ALA F 304 13.68 23.81 -20.42
N ALA F 305 13.24 22.71 -19.79
CA ALA F 305 14.05 21.49 -19.74
C ALA F 305 14.29 20.92 -21.14
N SER F 306 13.40 21.20 -22.08
CA SER F 306 13.57 20.73 -23.45
C SER F 306 14.66 21.49 -24.19
N ILE F 307 15.20 22.57 -23.62
CA ILE F 307 16.19 23.41 -24.29
C ILE F 307 17.54 23.35 -23.58
N LEU F 308 17.55 23.64 -22.27
CA LEU F 308 18.83 23.79 -21.57
C LEU F 308 19.50 22.45 -21.29
N LYS F 309 18.72 21.38 -21.12
CA LYS F 309 19.30 20.08 -20.79
C LYS F 309 20.25 19.53 -21.86
N PRO F 310 19.93 19.55 -23.16
CA PRO F 310 20.96 19.12 -24.12
C PRO F 310 22.09 20.10 -24.27
N LYS F 311 21.82 21.40 -24.13
CA LYS F 311 22.86 22.42 -24.29
C LYS F 311 23.95 22.26 -23.23
N LEU F 312 23.55 22.11 -21.97
CA LEU F 312 24.50 21.79 -20.91
C LEU F 312 25.13 20.42 -21.12
N ALA F 313 24.48 19.53 -21.87
CA ALA F 313 25.10 18.26 -22.24
C ALA F 313 26.26 18.48 -23.19
N ARG F 314 26.18 19.53 -24.03
CA ARG F 314 27.26 19.80 -24.96
C ARG F 314 28.45 20.49 -24.30
N GLY F 315 28.31 20.93 -23.06
CA GLY F 315 29.41 21.54 -22.33
C GLY F 315 29.67 22.99 -22.66
N GLU F 316 28.87 23.60 -23.53
CA GLU F 316 29.08 24.99 -23.93
C GLU F 316 28.41 25.98 -22.99
N LEU F 317 27.67 25.50 -21.99
CA LEU F 317 27.08 26.35 -20.97
C LEU F 317 27.67 25.98 -19.62
N GLN F 318 28.20 26.97 -18.90
CA GLN F 318 28.72 26.76 -17.56
C GLN F 318 27.83 27.52 -16.59
N THR F 319 27.22 26.79 -15.66
CA THR F 319 26.11 27.31 -14.86
C THR F 319 26.34 27.04 -13.39
N ILE F 320 25.90 27.97 -12.55
CA ILE F 320 25.84 27.79 -11.10
C ILE F 320 24.38 27.72 -10.70
N GLY F 321 23.97 26.61 -10.09
CA GLY F 321 22.61 26.43 -9.65
C GLY F 321 22.48 26.71 -8.15
N ALA F 322 21.23 26.86 -7.71
CA ALA F 322 20.95 27.12 -6.31
C ALA F 322 19.63 26.49 -5.94
N THR F 323 19.68 25.44 -5.11
CA THR F 323 18.47 24.76 -4.66
C THR F 323 18.58 24.47 -3.17
N THR F 324 17.54 23.87 -2.62
CA THR F 324 17.57 23.42 -1.24
C THR F 324 17.87 21.92 -1.17
N LEU F 325 18.06 21.43 0.06
CA LEU F 325 18.52 20.05 0.24
C LEU F 325 17.43 19.04 -0.12
N ASP F 326 16.20 19.30 0.31
CA ASP F 326 15.11 18.38 0.00
C ASP F 326 14.82 18.33 -1.49
N GLU F 327 14.86 19.48 -2.17
CA GLU F 327 14.68 19.49 -3.61
C GLU F 327 15.83 18.78 -4.31
N TYR F 328 17.06 19.00 -3.86
CA TYR F 328 18.21 18.34 -4.49
C TYR F 328 18.13 16.83 -4.34
N ARG F 329 17.70 16.36 -3.16
CA ARG F 329 17.47 14.93 -2.98
C ARG F 329 16.20 14.45 -3.66
N LYS F 330 15.34 15.36 -4.10
CA LYS F 330 14.06 15.01 -4.73
C LYS F 330 14.13 14.96 -6.25
N TYR F 331 14.67 16.00 -6.89
CA TYR F 331 14.66 16.09 -8.35
C TYR F 331 16.00 15.72 -8.97
N ILE F 332 17.07 16.40 -8.56
CA ILE F 332 18.36 16.24 -9.22
C ILE F 332 18.96 14.87 -8.92
N GLU F 333 18.85 14.41 -7.67
CA GLU F 333 19.52 13.18 -7.25
C GLU F 333 18.92 11.96 -7.93
N LYS F 334 17.63 11.99 -8.22
CA LYS F 334 17.00 10.89 -8.95
C LYS F 334 17.01 11.07 -10.45
N ASP F 335 17.53 12.20 -10.95
CA ASP F 335 17.70 12.43 -12.39
C ASP F 335 19.12 12.05 -12.74
N ALA F 336 19.28 10.86 -13.33
CA ALA F 336 20.60 10.30 -13.60
C ALA F 336 21.39 11.06 -14.66
N ALA F 337 20.75 11.95 -15.42
CA ALA F 337 21.44 12.66 -16.48
C ALA F 337 22.20 13.88 -16.00
N LEU F 338 22.12 14.22 -14.70
CA LEU F 338 22.72 15.46 -14.21
C LEU F 338 23.87 15.28 -13.22
N GLU F 339 24.02 14.10 -12.59
CA GLU F 339 25.17 13.91 -11.72
C GLU F 339 26.49 13.89 -12.48
N ARG F 340 26.45 13.67 -13.80
CA ARG F 340 27.64 13.77 -14.62
C ARG F 340 28.01 15.20 -14.95
N ARG F 341 27.12 16.17 -14.66
CA ARG F 341 27.36 17.56 -15.01
C ARG F 341 27.11 18.55 -13.88
N PHE F 342 26.52 18.15 -12.76
CA PHE F 342 26.29 19.03 -11.63
C PHE F 342 26.91 18.43 -10.38
N GLN F 343 27.63 19.24 -9.62
CA GLN F 343 28.28 18.81 -8.39
C GLN F 343 27.75 19.61 -7.22
N PRO F 344 27.39 18.96 -6.10
CA PRO F 344 26.84 19.69 -4.95
C PRO F 344 27.90 20.33 -4.08
N VAL F 345 27.64 21.58 -3.68
CA VAL F 345 28.39 22.25 -2.64
C VAL F 345 27.40 22.87 -1.65
N GLN F 346 27.68 22.69 -0.36
CA GLN F 346 26.71 22.99 0.69
C GLN F 346 26.91 24.40 1.21
N VAL F 347 25.81 25.09 1.47
CA VAL F 347 25.81 26.40 2.12
C VAL F 347 25.06 26.22 3.43
N GLY F 348 25.80 26.02 4.52
CA GLY F 348 25.21 25.75 5.81
C GLY F 348 24.75 27.01 6.51
N GLU F 349 24.06 26.79 7.63
CA GLU F 349 23.55 27.90 8.42
C GLU F 349 24.71 28.70 9.02
N PRO F 350 24.72 30.02 8.86
CA PRO F 350 25.75 30.83 9.53
C PRO F 350 25.57 30.81 11.03
N THR F 351 26.70 30.94 11.74
CA THR F 351 26.66 30.97 13.19
C THR F 351 26.21 32.34 13.68
N VAL F 352 26.00 32.43 15.00
CA VAL F 352 25.53 33.67 15.60
C VAL F 352 26.55 34.78 15.44
N GLU F 353 27.82 34.48 15.71
CA GLU F 353 28.87 35.50 15.56
C GLU F 353 29.07 35.87 14.10
N HIS F 354 28.92 34.90 13.19
CA HIS F 354 28.98 35.20 11.77
C HIS F 354 27.82 36.10 11.35
N THR F 355 26.63 35.86 11.90
CA THR F 355 25.49 36.73 11.63
C THR F 355 25.74 38.14 12.16
N ILE F 356 26.36 38.25 13.33
CA ILE F 356 26.70 39.56 13.89
C ILE F 356 27.68 40.28 12.98
N GLU F 357 28.67 39.56 12.47
CA GLU F 357 29.64 40.16 11.56
C GLU F 357 28.98 40.59 10.25
N ILE F 358 28.03 39.80 9.75
CA ILE F 358 27.29 40.15 8.54
C ILE F 358 26.50 41.43 8.76
N LEU F 359 25.84 41.53 9.91
CA LEU F 359 25.07 42.74 10.23
C LEU F 359 26.00 43.95 10.37
N LYS F 360 27.17 43.77 10.97
CA LYS F 360 28.13 44.86 11.05
C LYS F 360 28.60 45.29 9.67
N GLY F 361 28.75 44.33 8.75
CA GLY F 361 29.12 44.69 7.39
C GLY F 361 28.04 45.47 6.66
N LEU F 362 26.77 45.06 6.83
CA LEU F 362 25.67 45.72 6.15
C LEU F 362 25.13 46.94 6.90
N ARG F 363 25.75 47.26 8.04
CA ARG F 363 25.43 48.47 8.78
C ARG F 363 25.49 49.71 7.91
N ASP F 364 26.52 49.84 7.09
CA ASP F 364 26.66 51.04 6.26
C ASP F 364 25.49 51.17 5.28
N ARG F 365 25.11 50.07 4.64
CA ARG F 365 24.00 50.10 3.69
C ARG F 365 22.69 50.46 4.37
N TYR F 366 22.42 49.88 5.54
CA TYR F 366 21.15 50.15 6.18
C TYR F 366 21.10 51.54 6.83
N GLU F 367 22.24 51.99 7.36
CA GLU F 367 22.33 53.36 7.88
C GLU F 367 22.17 54.37 6.76
N ALA F 368 22.66 54.05 5.56
CA ALA F 368 22.46 54.93 4.43
C ALA F 368 21.01 54.95 3.98
N HIS F 369 20.37 53.78 3.91
CA HIS F 369 19.00 53.74 3.38
C HIS F 369 17.99 54.34 4.34
N HIS F 370 18.04 53.97 5.62
CA HIS F 370 17.03 54.45 6.55
C HIS F 370 17.39 55.78 7.20
N ARG F 371 18.62 56.26 7.01
CA ARG F 371 19.14 57.46 7.66
C ARG F 371 18.96 57.37 9.18
N VAL F 372 19.31 56.20 9.71
CA VAL F 372 19.23 55.90 11.13
C VAL F 372 20.58 55.35 11.55
N SER F 373 20.87 55.40 12.85
CA SER F 373 22.12 54.90 13.38
C SER F 373 21.86 53.68 14.26
N ILE F 374 22.62 52.61 14.02
CA ILE F 374 22.42 51.34 14.69
C ILE F 374 23.70 50.97 15.42
N THR F 375 23.58 50.58 16.69
CA THR F 375 24.72 50.24 17.53
C THR F 375 24.99 48.74 17.50
N ASP F 376 26.20 48.38 17.94
CA ASP F 376 26.65 47.00 17.88
C ASP F 376 25.82 46.09 18.79
N ALA F 377 25.46 46.60 19.97
CA ALA F 377 24.65 45.81 20.89
C ALA F 377 23.28 45.52 20.30
N ALA F 378 22.75 46.45 19.49
CA ALA F 378 21.49 46.21 18.81
C ALA F 378 21.60 45.03 17.84
N MET F 379 22.70 44.95 17.08
CA MET F 379 22.86 43.84 16.15
C MET F 379 23.10 42.53 16.88
N VAL F 380 23.87 42.55 17.97
CA VAL F 380 24.07 41.33 18.75
C VAL F 380 22.74 40.82 19.30
N ALA F 381 21.94 41.73 19.86
CA ALA F 381 20.63 41.36 20.36
C ALA F 381 19.71 40.87 19.25
N ALA F 382 19.74 41.53 18.08
CA ALA F 382 18.88 41.13 16.98
C ALA F 382 19.22 39.74 16.50
N ALA F 383 20.52 39.44 16.36
CA ALA F 383 20.94 38.11 15.94
C ALA F 383 20.53 37.05 16.97
N THR F 384 20.76 37.35 18.26
CA THR F 384 20.44 36.37 19.31
C THR F 384 18.94 36.09 19.37
N LEU F 385 18.12 37.14 19.31
CA LEU F 385 16.69 36.95 19.43
C LEU F 385 16.08 36.37 18.16
N ALA F 386 16.65 36.66 16.99
CA ALA F 386 16.23 35.99 15.78
C ALA F 386 16.56 34.51 15.85
N ASP F 387 17.70 34.16 16.45
CA ASP F 387 18.01 32.76 16.66
C ASP F 387 17.05 32.11 17.66
N ARG F 388 16.61 32.87 18.67
CA ARG F 388 15.97 32.26 19.83
C ARG F 388 14.44 32.21 19.70
N TYR F 389 13.78 33.33 19.40
CA TYR F 389 12.32 33.40 19.33
C TYR F 389 11.74 33.18 17.93
N ILE F 390 12.56 32.94 16.90
CA ILE F 390 12.02 32.80 15.56
C ILE F 390 12.45 31.45 15.00
N ASN F 391 11.52 30.76 14.35
CA ASN F 391 11.73 29.43 13.80
C ASN F 391 11.50 29.34 12.30
N ASP F 392 10.51 30.06 11.76
CA ASP F 392 10.07 29.85 10.39
C ASP F 392 11.10 30.30 9.35
N ARG F 393 12.05 31.15 9.73
CA ARG F 393 13.11 31.58 8.83
C ARG F 393 14.47 31.10 9.35
N PHE F 394 15.51 31.48 8.62
CA PHE F 394 16.87 31.04 8.91
C PHE F 394 17.82 32.22 8.80
N LEU F 395 18.93 32.14 9.54
CA LEU F 395 19.93 33.19 9.52
C LEU F 395 20.68 33.16 8.17
N PRO F 396 21.18 34.32 7.71
CA PRO F 396 21.13 35.66 8.28
C PRO F 396 19.97 36.48 7.77
N ASP F 397 19.04 35.91 7.01
CA ASP F 397 17.83 36.64 6.62
C ASP F 397 16.96 36.92 7.82
N LYS F 398 16.94 36.00 8.79
CA LYS F 398 16.04 36.07 9.93
C LYS F 398 16.38 37.24 10.86
N ALA F 399 17.65 37.62 10.95
CA ALA F 399 18.06 38.76 11.75
C ALA F 399 18.16 40.06 10.97
N ILE F 400 18.51 39.98 9.68
CA ILE F 400 18.53 41.19 8.86
C ILE F 400 17.12 41.72 8.68
N ASP F 401 16.12 40.82 8.70
CA ASP F 401 14.73 41.25 8.68
C ASP F 401 14.39 42.04 9.93
N LEU F 402 14.86 41.59 11.10
CA LEU F 402 14.62 42.32 12.33
C LEU F 402 15.32 43.68 12.32
N ILE F 403 16.54 43.74 11.77
CA ILE F 403 17.27 45.01 11.70
C ILE F 403 16.53 45.99 10.80
N ASP F 404 16.08 45.53 9.63
CA ASP F 404 15.34 46.39 8.71
C ASP F 404 14.01 46.81 9.32
N GLU F 405 13.37 45.92 10.06
CA GLU F 405 12.08 46.22 10.68
C GLU F 405 12.25 47.27 11.78
N ALA F 406 13.33 47.16 12.56
CA ALA F 406 13.60 48.15 13.60
C ALA F 406 13.93 49.51 12.99
N GLY F 407 14.68 49.53 11.89
CA GLY F 407 14.91 50.78 11.20
C GLY F 407 13.63 51.41 10.66
N ALA F 408 12.74 50.57 10.11
CA ALA F 408 11.46 51.06 9.63
C ALA F 408 10.62 51.61 10.78
N ARG F 409 10.59 50.92 11.92
CA ARG F 409 9.82 51.40 13.07
C ARG F 409 10.38 52.72 13.59
N MET F 410 11.71 52.84 13.64
CA MET F 410 12.30 54.09 14.10
C MET F 410 11.96 55.24 13.17
N ARG F 411 11.96 54.98 11.85
CA ARG F 411 11.58 56.02 10.91
C ARG F 411 10.10 56.37 11.02
N ILE F 412 9.24 55.38 11.32
CA ILE F 412 7.82 55.66 11.48
C ILE F 412 7.56 56.47 12.74
N ARG F 413 8.15 56.08 13.86
CA ARG F 413 7.89 56.77 15.12
C ARG F 413 8.56 58.13 15.17
N ARG F 414 9.68 58.29 14.46
CA ARG F 414 10.35 59.58 14.38
C ARG F 414 9.67 60.54 13.42
N MET F 415 9.07 60.03 12.35
CA MET F 415 8.41 60.87 11.36
C MET F 415 6.90 60.61 11.37
N GLY F 471 9.35 72.87 14.64
CA GLY F 471 9.53 72.65 13.21
C GLY F 471 10.57 71.59 12.90
N ASP F 472 11.72 72.04 12.38
CA ASP F 472 12.80 71.13 12.06
C ASP F 472 13.44 70.56 13.32
N LEU F 473 13.82 69.29 13.24
CA LEU F 473 14.41 68.59 14.36
C LEU F 473 15.71 67.92 13.91
N ASP F 474 16.64 67.76 14.85
CA ASP F 474 17.91 67.14 14.56
C ASP F 474 17.75 65.64 14.31
N VAL F 475 18.73 65.07 13.62
CA VAL F 475 18.72 63.63 13.35
C VAL F 475 19.41 62.93 14.51
N VAL F 476 18.65 62.65 15.57
CA VAL F 476 19.18 61.92 16.72
C VAL F 476 18.36 60.64 16.88
N ALA F 477 18.84 59.56 16.29
CA ALA F 477 18.15 58.28 16.34
C ALA F 477 19.16 57.19 16.67
N GLU F 478 18.73 56.20 17.45
CA GLU F 478 19.62 55.13 17.86
C GLU F 478 18.87 53.83 18.08
N VAL F 479 18.91 52.94 17.09
CA VAL F 479 18.30 51.62 17.23
C VAL F 479 19.09 50.84 18.25
N ASP F 480 18.43 50.35 19.30
CA ASP F 480 19.12 49.68 20.39
C ASP F 480 18.30 48.44 20.74
N ASP F 481 18.59 47.78 21.87
CA ASP F 481 17.89 46.55 22.22
C ASP F 481 16.40 46.77 22.43
N GLU F 482 16.00 47.98 22.85
CA GLU F 482 14.59 48.25 23.09
C GLU F 482 13.78 48.17 21.80
N GLN F 483 14.29 48.77 20.72
CA GLN F 483 13.57 48.75 19.44
C GLN F 483 13.48 47.34 18.89
N ILE F 484 14.56 46.56 19.00
CA ILE F 484 14.54 45.17 18.53
C ILE F 484 13.55 44.35 19.33
N ALA F 485 13.52 44.55 20.66
CA ALA F 485 12.58 43.83 21.50
C ALA F 485 11.13 44.19 21.15
N GLU F 486 10.86 45.47 20.92
CA GLU F 486 9.50 45.87 20.54
C GLU F 486 9.11 45.31 19.18
N VAL F 487 10.05 45.29 18.24
CA VAL F 487 9.77 44.74 16.91
C VAL F 487 9.46 43.25 17.00
N LEU F 488 10.25 42.51 17.77
CA LEU F 488 9.97 41.08 17.92
C LEU F 488 8.69 40.83 18.71
N GLY F 489 8.35 41.73 19.63
CA GLY F 489 7.05 41.63 20.30
C GLY F 489 5.89 41.82 19.36
N ASN F 490 6.01 42.79 18.45
CA ASN F 490 4.98 42.97 17.43
C ASN F 490 4.96 41.80 16.45
N TRP F 491 6.09 41.14 16.26
CA TRP F 491 6.18 40.00 15.35
C TRP F 491 5.53 38.75 15.91
N THR F 492 6.05 38.24 17.03
CA THR F 492 5.68 36.93 17.55
C THR F 492 4.59 37.00 18.61
N GLY F 493 4.09 38.20 18.91
CA GLY F 493 3.01 38.33 19.88
C GLY F 493 3.40 37.96 21.29
N ILE F 494 4.57 38.42 21.74
CA ILE F 494 5.02 38.23 23.11
C ILE F 494 4.84 39.55 23.85
N PRO F 495 4.28 39.56 25.05
CA PRO F 495 4.06 40.83 25.75
C PRO F 495 5.35 41.55 26.09
N VAL F 496 5.26 42.89 26.13
CA VAL F 496 6.42 43.76 26.16
C VAL F 496 7.17 43.72 27.48
N PHE F 497 6.55 43.22 28.55
CA PHE F 497 7.21 43.21 29.87
C PHE F 497 8.01 41.92 30.00
N LYS F 498 9.29 42.08 30.29
CA LYS F 498 10.27 41.03 30.55
C LYS F 498 10.41 40.03 29.40
N LEU F 499 10.13 40.41 28.16
CA LEU F 499 10.29 39.46 27.06
C LEU F 499 11.76 39.15 26.81
N THR F 500 12.62 40.17 26.91
CA THR F 500 14.08 40.01 26.80
C THR F 500 14.77 40.82 27.90
N GLU F 501 15.09 40.14 28.98
CA GLU F 501 15.83 40.66 30.11
C GLU F 501 16.69 39.54 30.66
N ALA F 502 17.13 39.68 31.91
CA ALA F 502 18.06 38.73 32.51
C ALA F 502 17.45 37.34 32.63
N GLU F 503 17.93 36.44 31.77
CA GLU F 503 17.51 35.04 31.85
C GLU F 503 17.98 34.39 33.14
N THR F 504 19.05 34.92 33.73
CA THR F 504 19.46 34.48 35.06
C THR F 504 18.37 34.72 36.10
N THR F 505 17.84 35.94 36.13
CA THR F 505 16.72 36.23 37.05
C THR F 505 15.49 35.44 36.68
N ARG F 506 15.25 35.24 35.37
CA ARG F 506 14.12 34.43 34.93
C ARG F 506 14.21 33.00 35.46
N LEU F 507 15.40 32.41 35.44
CA LEU F 507 15.58 31.08 36.00
C LEU F 507 15.53 31.11 37.53
N LEU F 508 15.93 32.23 38.14
CA LEU F 508 15.97 32.31 39.60
C LEU F 508 14.62 32.58 40.26
N ARG F 509 13.61 33.07 39.54
CA ARG F 509 12.28 33.16 40.17
C ARG F 509 11.39 31.97 39.78
N MET F 510 12.04 30.80 39.71
CA MET F 510 11.41 29.54 39.32
C MET F 510 10.31 29.13 40.30
N GLU F 511 10.57 29.33 41.61
CA GLU F 511 9.84 28.60 42.64
C GLU F 511 8.40 29.08 42.78
N GLU F 512 8.17 30.40 42.81
CA GLU F 512 6.81 30.87 43.06
C GLU F 512 5.95 30.73 41.81
N GLU F 513 6.57 30.76 40.62
CA GLU F 513 5.79 30.56 39.41
C GLU F 513 5.43 29.09 39.24
N LEU F 514 6.20 28.18 39.83
CA LEU F 514 5.68 26.82 39.99
C LEU F 514 4.61 26.74 41.08
N HIS F 515 4.80 27.47 42.18
CA HIS F 515 3.91 27.33 43.35
C HIS F 515 2.50 27.80 43.07
N LYS F 516 2.28 28.69 42.11
CA LYS F 516 0.91 29.04 41.76
C LYS F 516 0.21 27.89 41.04
N ARG F 517 0.97 26.96 40.47
CA ARG F 517 0.39 25.85 39.71
C ARG F 517 0.69 24.50 40.34
N ILE F 518 1.94 24.26 40.76
CA ILE F 518 2.27 22.97 41.35
C ILE F 518 1.73 22.92 42.78
N ILE F 519 1.48 21.70 43.26
CA ILE F 519 0.98 21.45 44.60
C ILE F 519 1.94 20.55 45.33
N GLY F 520 2.46 21.03 46.47
CA GLY F 520 3.42 20.26 47.23
C GLY F 520 4.70 20.09 46.45
N GLN F 521 5.42 19.01 46.76
CA GLN F 521 6.65 18.61 46.07
C GLN F 521 7.68 19.74 46.08
N GLU F 522 7.80 20.42 47.23
CA GLU F 522 8.71 21.55 47.34
C GLU F 522 10.15 21.11 47.17
N ASP F 523 10.51 19.94 47.70
CA ASP F 523 11.85 19.38 47.47
C ASP F 523 12.06 19.08 45.99
N ALA F 524 11.06 18.50 45.33
CA ALA F 524 11.17 18.23 43.90
C ALA F 524 11.25 19.53 43.10
N VAL F 525 10.50 20.55 43.53
CA VAL F 525 10.52 21.84 42.84
C VAL F 525 11.90 22.48 42.94
N LYS F 526 12.48 22.50 44.14
CA LYS F 526 13.79 23.12 44.28
C LYS F 526 14.88 22.28 43.60
N ALA F 527 14.70 20.95 43.56
CA ALA F 527 15.67 20.10 42.88
C ALA F 527 15.66 20.34 41.38
N VAL F 528 14.47 20.35 40.77
CA VAL F 528 14.40 20.60 39.33
C VAL F 528 14.81 22.04 39.01
N SER F 529 14.54 22.98 39.93
CA SER F 529 14.97 24.36 39.72
C SER F 529 16.49 24.46 39.70
N LYS F 530 17.15 23.92 40.72
CA LYS F 530 18.61 24.00 40.77
C LYS F 530 19.26 23.22 39.65
N ALA F 531 18.62 22.13 39.20
CA ALA F 531 19.17 21.37 38.08
C ALA F 531 19.08 22.16 36.78
N ILE F 532 17.93 22.78 36.51
CA ILE F 532 17.80 23.54 35.27
C ILE F 532 18.61 24.82 35.33
N ARG F 533 18.92 25.30 36.53
CA ARG F 533 19.82 26.44 36.67
C ARG F 533 21.27 26.04 36.39
N ARG F 534 21.70 24.90 36.93
CA ARG F 534 23.09 24.50 36.78
C ARG F 534 23.38 23.86 35.43
N THR F 535 22.34 23.45 34.69
CA THR F 535 22.59 22.79 33.41
C THR F 535 22.40 23.72 32.22
N ARG F 536 21.39 24.59 32.25
CA ARG F 536 21.09 25.46 31.13
C ARG F 536 22.05 26.65 31.03
N ALA F 537 22.81 26.95 32.09
CA ALA F 537 23.64 28.14 32.15
C ALA F 537 24.92 28.02 31.32
N GLY F 538 25.04 27.03 30.45
CA GLY F 538 26.22 26.86 29.63
C GLY F 538 27.39 26.18 30.31
N LEU F 539 27.24 25.80 31.58
CA LEU F 539 28.30 25.12 32.31
C LEU F 539 28.47 23.68 31.89
N LYS F 540 27.41 23.04 31.42
CA LYS F 540 27.46 21.71 30.83
C LYS F 540 28.11 21.80 29.45
N ASP F 541 28.49 20.65 28.90
CA ASP F 541 29.10 20.57 27.58
C ASP F 541 28.16 21.15 26.53
N PRO F 542 28.59 22.16 25.75
CA PRO F 542 27.68 22.85 24.84
C PRO F 542 27.14 22.00 23.70
N LYS F 543 27.77 20.87 23.42
CA LYS F 543 27.34 19.96 22.36
C LYS F 543 26.42 18.87 22.90
N ARG F 544 25.65 19.18 23.92
CA ARG F 544 24.78 18.24 24.61
C ARG F 544 23.42 18.92 24.81
N PRO F 545 22.36 18.13 25.04
CA PRO F 545 21.07 18.74 25.37
C PRO F 545 21.13 19.53 26.67
N SER F 546 20.23 20.53 26.76
CA SER F 546 20.27 21.48 27.86
C SER F 546 20.02 20.84 29.22
N GLY F 547 19.31 19.72 29.26
CA GLY F 547 19.09 19.04 30.52
C GLY F 547 18.44 17.70 30.29
N SER F 548 18.69 16.78 31.22
CA SER F 548 18.13 15.44 31.20
C SER F 548 17.68 15.08 32.61
N PHE F 549 16.38 14.90 32.79
CA PHE F 549 15.75 14.72 34.09
C PHE F 549 15.08 13.35 34.17
N ILE F 550 15.14 12.75 35.35
CA ILE F 550 14.37 11.54 35.66
C ILE F 550 13.31 11.92 36.67
N PHE F 551 12.05 11.65 36.36
CA PHE F 551 10.94 11.94 37.27
C PHE F 551 10.44 10.61 37.84
N ALA F 552 10.82 10.34 39.09
CA ALA F 552 10.40 9.12 39.74
C ALA F 552 9.19 9.37 40.63
N GLY F 553 8.16 8.54 40.47
CA GLY F 553 6.94 8.69 41.23
C GLY F 553 5.76 8.05 40.51
N PRO F 554 4.62 7.95 41.20
CA PRO F 554 3.44 7.32 40.58
C PRO F 554 2.91 8.17 39.42
N SER F 555 2.20 7.51 38.51
CA SER F 555 1.76 8.17 37.29
C SER F 555 0.66 9.18 37.57
N GLY F 556 0.84 10.40 37.05
CA GLY F 556 -0.19 11.42 37.13
C GLY F 556 -0.38 12.04 38.50
N VAL F 557 0.59 11.92 39.40
CA VAL F 557 0.47 12.50 40.74
C VAL F 557 1.20 13.83 40.87
N GLY F 558 1.75 14.35 39.77
CA GLY F 558 2.39 15.65 39.82
C GLY F 558 3.57 15.81 38.89
N LYS F 559 4.11 14.70 38.36
CA LYS F 559 5.27 14.79 37.48
C LYS F 559 4.90 15.42 36.14
N THR F 560 3.82 14.95 35.53
CA THR F 560 3.43 15.44 34.21
C THR F 560 2.96 16.90 34.28
N GLU F 561 2.20 17.25 35.31
CA GLU F 561 1.76 18.64 35.44
C GLU F 561 2.94 19.57 35.72
N LEU F 562 3.97 19.06 36.39
CA LEU F 562 5.20 19.84 36.55
C LEU F 562 5.90 19.99 35.20
N SER F 563 5.83 18.97 34.33
CA SER F 563 6.40 19.12 33.00
C SER F 563 5.66 20.19 32.20
N LYS F 564 4.33 20.23 32.29
CA LYS F 564 3.59 21.31 31.64
C LYS F 564 3.92 22.67 32.24
N ALA F 565 4.15 22.72 33.56
CA ALA F 565 4.54 23.98 34.18
C ALA F 565 5.90 24.46 33.66
N LEU F 566 6.85 23.54 33.52
CA LEU F 566 8.17 23.89 32.98
C LEU F 566 8.05 24.36 31.53
N ALA F 567 7.19 23.70 30.74
CA ALA F 567 6.95 24.13 29.37
C ALA F 567 6.32 25.51 29.32
N ASN F 568 5.38 25.79 30.22
CA ASN F 568 4.72 27.09 30.27
C ASN F 568 5.64 28.20 30.74
N PHE F 569 6.65 27.89 31.56
CA PHE F 569 7.61 28.92 31.91
C PHE F 569 8.67 29.11 30.81
N LEU F 570 9.46 28.07 30.54
CA LEU F 570 10.63 28.25 29.68
C LEU F 570 10.24 28.57 28.25
N PHE F 571 9.23 27.88 27.73
CA PHE F 571 8.85 27.96 26.32
C PHE F 571 7.46 28.55 26.12
N GLY F 572 6.67 28.73 27.18
CA GLY F 572 5.50 29.58 27.15
C GLY F 572 4.20 28.90 26.76
N ASP F 573 4.24 27.66 26.28
CA ASP F 573 3.04 27.00 25.78
C ASP F 573 2.96 25.57 26.26
N ASP F 574 1.75 25.14 26.61
CA ASP F 574 1.50 23.73 26.89
C ASP F 574 1.65 22.89 25.64
N ASP F 575 1.21 23.41 24.48
CA ASP F 575 1.34 22.68 23.22
C ASP F 575 2.79 22.61 22.76
N ALA F 576 3.67 23.45 23.30
CA ALA F 576 5.09 23.32 23.00
C ALA F 576 5.66 22.02 23.54
N LEU F 577 5.06 21.49 24.61
CA LEU F 577 5.42 20.18 25.14
C LEU F 577 4.96 19.11 24.16
N ILE F 578 5.90 18.52 23.44
CA ILE F 578 5.58 17.39 22.56
C ILE F 578 5.37 16.15 23.42
N GLN F 579 4.21 15.51 23.25
CA GLN F 579 3.82 14.39 24.09
C GLN F 579 4.18 13.10 23.37
N ILE F 580 5.19 12.39 23.88
CA ILE F 580 5.60 11.10 23.34
C ILE F 580 5.55 10.10 24.49
N ASP F 581 4.74 9.06 24.33
CA ASP F 581 4.56 8.04 25.35
C ASP F 581 5.11 6.73 24.82
N MET F 582 5.97 6.08 25.61
CA MET F 582 6.56 4.82 25.16
C MET F 582 5.58 3.67 25.22
N GLY F 583 4.43 3.86 25.88
CA GLY F 583 3.39 2.84 25.85
C GLY F 583 2.81 2.65 24.46
N GLU F 584 2.71 3.74 23.68
CA GLU F 584 2.22 3.63 22.32
C GLU F 584 3.27 3.03 21.38
N PHE F 585 4.54 3.11 21.75
CA PHE F 585 5.64 2.66 20.91
C PHE F 585 6.23 1.40 21.56
N HIS F 586 5.66 0.25 21.24
CA HIS F 586 6.05 -1.01 21.85
C HIS F 586 6.59 -2.02 20.85
N ASP F 587 6.56 -1.69 19.55
CA ASP F 587 7.06 -2.60 18.53
C ASP F 587 8.09 -1.87 17.67
N ARG F 588 8.84 -2.66 16.89
CA ARG F 588 9.91 -2.12 16.07
C ARG F 588 9.37 -1.19 14.99
N PHE F 589 8.22 -1.51 14.41
CA PHE F 589 7.64 -0.69 13.35
C PHE F 589 7.31 0.70 13.86
N THR F 590 6.75 0.79 15.07
CA THR F 590 6.50 2.09 15.68
C THR F 590 7.78 2.72 16.22
N ALA F 591 8.76 1.89 16.63
CA ALA F 591 10.00 2.44 17.17
C ALA F 591 10.83 3.13 16.10
N SER F 592 10.77 2.63 14.86
CA SER F 592 11.51 3.25 13.76
C SER F 592 10.98 4.63 13.40
N ARG F 593 9.72 4.93 13.76
CA ARG F 593 9.13 6.22 13.50
C ARG F 593 9.83 7.35 14.27
N LEU F 594 10.39 7.06 15.43
CA LEU F 594 11.12 8.06 16.22
C LEU F 594 12.38 8.53 15.47
N GLN F 609 6.54 10.55 14.37
CA GLN F 609 5.72 11.67 14.78
C GLN F 609 6.45 12.52 15.81
N LEU F 610 7.73 12.25 16.00
CA LEU F 610 8.58 13.02 16.91
C LEU F 610 9.48 14.00 16.19
N THR F 611 9.95 13.64 14.98
CA THR F 611 10.91 14.49 14.29
C THR F 611 10.27 15.79 13.81
N GLU F 612 9.09 15.71 13.19
CA GLU F 612 8.46 16.92 12.68
C GLU F 612 7.92 17.78 13.81
N LYS F 613 7.57 17.16 14.95
CA LYS F 613 7.09 17.95 16.08
C LYS F 613 8.22 18.72 16.75
N VAL F 614 9.39 18.10 16.90
CA VAL F 614 10.52 18.81 17.49
C VAL F 614 11.12 19.79 16.47
N ARG F 615 10.94 19.52 15.18
CA ARG F 615 11.36 20.48 14.17
C ARG F 615 10.39 21.66 14.08
N ARG F 616 9.13 21.45 14.48
CA ARG F 616 8.16 22.54 14.51
C ARG F 616 8.57 23.61 15.51
N LYS F 617 9.15 23.20 16.64
CA LYS F 617 9.71 24.14 17.61
C LYS F 617 10.96 23.51 18.19
N PRO F 618 12.15 23.96 17.78
CA PRO F 618 13.38 23.44 18.40
C PRO F 618 13.52 23.83 19.85
N PHE F 619 12.94 24.95 20.26
CA PHE F 619 12.99 25.41 21.65
C PHE F 619 11.78 24.83 22.40
N SER F 620 11.75 23.50 22.46
CA SER F 620 10.60 22.80 23.02
C SER F 620 11.08 21.63 23.86
N VAL F 621 10.27 21.29 24.86
CA VAL F 621 10.61 20.23 25.81
C VAL F 621 10.19 18.88 25.24
N VAL F 622 11.02 17.87 25.47
CA VAL F 622 10.75 16.51 25.02
C VAL F 622 10.51 15.64 26.25
N LEU F 623 9.36 14.97 26.27
CA LEU F 623 8.97 14.08 27.35
C LEU F 623 8.89 12.65 26.83
N PHE F 624 9.44 11.72 27.60
CA PHE F 624 9.33 10.30 27.28
C PHE F 624 8.68 9.61 28.48
N ASP F 625 7.43 9.19 28.30
CA ASP F 625 6.64 8.65 29.40
C ASP F 625 6.75 7.13 29.40
N GLU F 626 6.93 6.56 30.59
CA GLU F 626 7.01 5.11 30.82
C GLU F 626 8.13 4.49 29.98
N ILE F 627 9.37 4.89 30.30
CA ILE F 627 10.53 4.41 29.57
C ILE F 627 10.89 2.96 29.88
N GLU F 628 10.16 2.32 30.79
CA GLU F 628 10.46 0.94 31.15
C GLU F 628 10.16 -0.03 30.00
N LYS F 629 9.07 0.21 29.26
CA LYS F 629 8.62 -0.69 28.22
C LYS F 629 9.01 -0.23 26.82
N ALA F 630 9.98 0.68 26.70
CA ALA F 630 10.43 1.13 25.40
C ALA F 630 11.26 0.04 24.72
N HIS F 631 11.30 0.09 23.39
CA HIS F 631 12.03 -0.90 22.62
C HIS F 631 13.53 -0.67 22.74
N GLN F 632 14.31 -1.69 22.33
CA GLN F 632 15.75 -1.58 22.40
C GLN F 632 16.29 -0.60 21.35
N GLU F 633 15.64 -0.53 20.20
CA GLU F 633 16.00 0.48 19.20
C GLU F 633 15.78 1.89 19.76
N ILE F 634 14.72 2.06 20.55
CA ILE F 634 14.49 3.33 21.24
C ILE F 634 15.63 3.60 22.21
N TYR F 635 16.09 2.57 22.93
CA TYR F 635 17.22 2.73 23.84
C TYR F 635 18.48 3.17 23.12
N ASN F 636 18.77 2.55 21.96
CA ASN F 636 19.96 2.90 21.20
C ASN F 636 19.87 4.32 20.64
N SER F 637 18.68 4.70 20.15
CA SER F 637 18.50 6.05 19.64
C SER F 637 18.64 7.08 20.76
N LEU F 638 18.11 6.76 21.95
CA LEU F 638 18.28 7.64 23.10
C LEU F 638 19.74 7.78 23.48
N LEU F 639 20.49 6.67 23.46
CA LEU F 639 21.93 6.74 23.73
C LEU F 639 22.64 7.63 22.72
N GLN F 640 22.32 7.48 21.44
CA GLN F 640 22.94 8.31 20.41
C GLN F 640 22.62 9.77 20.62
N VAL F 641 21.35 10.09 20.88
CA VAL F 641 20.93 11.48 21.05
C VAL F 641 21.58 12.11 22.26
N LEU F 642 21.63 11.38 23.38
CA LEU F 642 22.26 11.93 24.58
C LEU F 642 23.77 12.06 24.41
N GLU F 643 24.41 11.15 23.66
CA GLU F 643 25.85 11.19 23.53
C GLU F 643 26.30 12.31 22.60
N ASP F 644 25.90 12.26 21.32
CA ASP F 644 26.44 13.24 20.39
C ASP F 644 25.71 14.58 20.46
N GLY F 645 24.58 14.63 21.16
CA GLY F 645 23.78 15.84 21.23
C GLY F 645 22.94 16.12 20.00
N ARG F 646 22.91 15.21 19.04
CA ARG F 646 22.22 15.34 17.77
C ARG F 646 21.19 14.23 17.62
N LEU F 647 20.27 14.40 16.68
CA LEU F 647 19.37 13.33 16.26
C LEU F 647 19.53 13.15 14.76
N THR F 648 19.76 11.91 14.33
CA THR F 648 19.90 11.59 12.91
C THR F 648 18.67 10.78 12.52
N ASP F 649 17.67 11.49 11.99
CA ASP F 649 16.41 10.86 11.63
C ASP F 649 16.54 10.06 10.35
N GLY F 650 15.47 9.35 10.00
CA GLY F 650 15.44 8.63 8.74
C GLY F 650 15.37 9.54 7.54
N GLN F 651 14.88 10.78 7.74
CA GLN F 651 14.89 11.77 6.66
C GLN F 651 16.31 12.15 6.28
N GLY F 652 17.19 12.31 7.26
CA GLY F 652 18.59 12.59 7.00
C GLY F 652 19.03 13.99 7.29
N ARG F 653 18.47 14.60 8.35
CA ARG F 653 18.86 15.94 8.79
C ARG F 653 19.34 15.87 10.22
N THR F 654 20.28 16.75 10.57
CA THR F 654 20.80 16.83 11.92
C THR F 654 19.85 17.67 12.77
N VAL F 655 19.05 17.00 13.60
CA VAL F 655 18.07 17.73 14.41
C VAL F 655 18.79 18.39 15.58
N ASP F 656 18.67 19.71 15.67
CA ASP F 656 19.37 20.49 16.68
C ASP F 656 18.75 20.23 18.05
N PHE F 657 19.57 19.71 18.97
CA PHE F 657 19.12 19.37 20.32
C PHE F 657 19.83 20.14 21.43
N LYS F 658 20.50 21.24 21.12
CA LYS F 658 20.98 22.12 22.18
C LYS F 658 19.84 22.66 23.03
N ASN F 659 18.74 23.06 22.39
CA ASN F 659 17.68 23.80 23.05
C ASN F 659 16.52 22.92 23.49
N THR F 660 16.57 21.61 23.25
CA THR F 660 15.57 20.70 23.77
C THR F 660 16.02 20.14 25.11
N VAL F 661 15.08 20.05 26.05
CA VAL F 661 15.36 19.50 27.37
C VAL F 661 14.52 18.24 27.54
N LEU F 662 15.17 17.17 28.02
CA LEU F 662 14.58 15.84 28.07
C LEU F 662 14.12 15.53 29.49
N ILE F 663 12.90 15.03 29.61
CA ILE F 663 12.40 14.51 30.88
C ILE F 663 11.85 13.11 30.66
N PHE F 664 12.33 12.15 31.44
CA PHE F 664 11.90 10.76 31.40
C PHE F 664 10.94 10.54 32.57
N THR F 665 9.66 10.39 32.25
CA THR F 665 8.61 10.21 33.23
C THR F 665 8.31 8.72 33.37
N SER F 666 8.47 8.19 34.58
CA SER F 666 8.27 6.76 34.82
C SER F 666 7.75 6.55 36.22
N ASN F 667 7.13 5.39 36.43
CA ASN F 667 6.59 5.00 37.73
C ASN F 667 7.49 4.01 38.46
N LEU F 668 8.80 4.10 38.26
CA LEU F 668 9.73 3.21 38.93
C LEU F 668 9.82 3.53 40.41
N GLY F 669 9.88 2.48 41.23
CA GLY F 669 10.00 2.61 42.66
C GLY F 669 8.71 2.92 43.39
N THR F 670 7.59 3.02 42.69
CA THR F 670 6.32 3.34 43.32
C THR F 670 5.21 2.43 42.82
N GLU F 687 12.06 11.42 55.95
CA GLU F 687 13.08 11.49 54.91
C GLU F 687 13.87 10.18 54.83
N ASN F 688 13.96 9.48 55.97
CA ASN F 688 14.63 8.19 56.00
C ASN F 688 13.89 7.16 55.14
N ASP F 689 12.56 7.17 55.21
CA ASP F 689 11.76 6.34 54.32
C ASP F 689 11.98 6.74 52.87
N TYR F 690 12.03 8.04 52.59
CA TYR F 690 12.33 8.49 51.24
C TYR F 690 13.79 8.25 50.87
N GLU F 691 14.69 8.21 51.87
CA GLU F 691 16.07 7.81 51.59
C GLU F 691 16.14 6.36 51.12
N ARG F 692 15.42 5.47 51.80
CA ARG F 692 15.35 4.08 51.36
C ARG F 692 14.63 3.97 50.00
N MET F 693 13.63 4.83 49.78
CA MET F 693 12.96 4.89 48.48
C MET F 693 13.96 5.20 47.37
N LYS F 694 14.76 6.26 47.54
CA LYS F 694 15.75 6.63 46.54
C LYS F 694 16.83 5.56 46.40
N GLN F 695 17.19 4.91 47.51
CA GLN F 695 18.17 3.83 47.47
C GLN F 695 17.69 2.68 46.59
N LYS F 696 16.45 2.23 46.80
CA LYS F 696 15.95 1.13 45.98
C LYS F 696 15.61 1.58 44.56
N VAL F 697 15.31 2.86 44.35
CA VAL F 697 15.12 3.35 42.99
C VAL F 697 16.42 3.29 42.20
N ASN F 698 17.53 3.76 42.80
CA ASN F 698 18.79 3.68 42.07
C ASN F 698 19.27 2.23 41.97
N ASP F 699 18.90 1.39 42.94
CA ASP F 699 19.23 -0.04 42.82
C ASP F 699 18.50 -0.68 41.65
N GLU F 700 17.20 -0.41 41.52
CA GLU F 700 16.44 -0.97 40.41
C GLU F 700 16.84 -0.36 39.08
N LEU F 701 17.36 0.86 39.09
CA LEU F 701 17.96 1.41 37.88
C LEU F 701 19.33 0.83 37.61
N LYS F 702 19.97 0.23 38.62
CA LYS F 702 21.19 -0.52 38.38
C LYS F 702 20.92 -1.93 37.85
N LYS F 703 19.79 -2.54 38.22
CA LYS F 703 19.49 -3.90 37.79
C LYS F 703 18.44 -3.97 36.69
N HIS F 704 17.26 -3.35 36.86
CA HIS F 704 16.27 -3.38 35.78
C HIS F 704 16.72 -2.51 34.61
N PHE F 705 17.33 -1.37 34.90
CA PHE F 705 18.00 -0.55 33.91
C PHE F 705 19.50 -0.81 33.96
N ARG F 706 20.25 0.00 33.23
CA ARG F 706 21.68 -0.24 33.15
C ARG F 706 22.47 1.04 33.41
N PRO F 707 23.66 0.92 34.02
CA PRO F 707 24.30 2.12 34.60
C PRO F 707 24.70 3.20 33.61
N GLU F 708 24.95 2.87 32.33
CA GLU F 708 25.47 3.88 31.41
C GLU F 708 24.38 4.88 31.00
N PHE F 709 23.14 4.39 30.84
CA PHE F 709 22.03 5.28 30.54
C PHE F 709 21.88 6.36 31.61
N LEU F 710 21.90 5.96 32.88
CA LEU F 710 21.89 6.94 33.96
C LEU F 710 23.19 7.74 34.03
N ASN F 711 24.32 7.15 33.62
CA ASN F 711 25.58 7.87 33.60
C ASN F 711 25.50 9.06 32.66
N ARG F 712 24.70 8.94 31.61
CA ARG F 712 24.40 10.09 30.75
C ARG F 712 22.99 10.66 31.05
N ILE F 713 22.65 10.80 32.32
CA ILE F 713 21.50 11.58 32.77
C ILE F 713 21.99 12.69 33.68
N ASP F 714 21.52 13.91 33.46
CA ASP F 714 21.95 15.03 34.28
C ASP F 714 21.46 14.90 35.72
N ASP F 715 20.18 14.60 35.92
CA ASP F 715 19.71 14.48 37.30
C ASP F 715 18.51 13.55 37.41
N ILE F 716 18.30 13.04 38.62
CA ILE F 716 17.16 12.21 38.99
C ILE F 716 16.50 12.85 40.21
N ILE F 717 15.17 12.98 40.17
CA ILE F 717 14.42 13.46 41.32
C ILE F 717 13.26 12.49 41.56
N VAL F 718 13.09 12.06 42.81
CA VAL F 718 12.03 11.15 43.22
C VAL F 718 10.97 11.95 43.94
N PHE F 719 9.72 11.79 43.52
CA PHE F 719 8.62 12.56 44.07
C PHE F 719 8.17 11.97 45.41
N HIS F 720 7.43 12.77 46.16
CA HIS F 720 6.97 12.40 47.49
C HIS F 720 5.46 12.19 47.50
N GLN F 721 5.00 11.36 48.43
CA GLN F 721 3.56 11.19 48.62
C GLN F 721 2.97 12.46 49.22
N LEU F 722 1.86 12.91 48.67
CA LEU F 722 1.28 14.18 49.08
C LEU F 722 0.50 14.02 50.38
N THR F 723 0.65 14.99 51.27
CA THR F 723 0.10 14.93 52.62
C THR F 723 -1.29 15.57 52.68
N ARG F 724 -1.77 15.81 53.91
CA ARG F 724 -3.14 16.25 54.13
C ARG F 724 -3.39 17.64 53.54
N GLU F 725 -2.54 18.61 53.88
CA GLU F 725 -2.78 19.95 53.36
C GLU F 725 -2.50 20.01 51.86
N GLU F 726 -1.63 19.14 51.37
CA GLU F 726 -1.40 19.05 49.92
C GLU F 726 -2.64 18.54 49.20
N ILE F 727 -3.30 17.51 49.75
CA ILE F 727 -4.48 16.97 49.07
C ILE F 727 -5.65 17.94 49.21
N ILE F 728 -5.71 18.69 50.32
CA ILE F 728 -6.73 19.74 50.43
C ILE F 728 -6.48 20.86 49.43
N ARG F 729 -5.22 21.25 49.21
CA ARG F 729 -4.94 22.26 48.20
C ARG F 729 -5.10 21.72 46.78
N MET F 730 -5.11 20.40 46.59
CA MET F 730 -5.56 19.85 45.32
C MET F 730 -7.08 19.97 45.18
N VAL F 731 -7.79 19.62 46.25
CA VAL F 731 -9.26 19.57 46.21
C VAL F 731 -9.83 20.95 45.94
N ASP F 732 -9.33 21.97 46.64
CA ASP F 732 -9.94 23.29 46.50
C ASP F 732 -9.68 23.88 45.12
N LEU F 733 -8.47 23.69 44.57
CA LEU F 733 -8.21 24.22 43.24
C LEU F 733 -9.04 23.50 42.19
N MET F 734 -9.24 22.18 42.32
CA MET F 734 -9.90 21.51 41.22
C MET F 734 -11.42 21.64 41.36
N ILE F 735 -11.91 21.90 42.57
CA ILE F 735 -13.32 22.22 42.73
C ILE F 735 -13.55 23.69 42.36
N SER F 736 -12.48 24.49 42.28
CA SER F 736 -12.61 25.86 41.79
C SER F 736 -13.02 25.90 40.32
N ARG F 737 -12.81 24.82 39.58
CA ARG F 737 -13.28 24.77 38.19
C ARG F 737 -14.79 24.87 38.13
N VAL F 738 -15.49 24.02 38.88
CA VAL F 738 -16.94 24.12 38.91
C VAL F 738 -17.37 25.33 39.72
N ALA F 739 -16.51 25.87 40.61
CA ALA F 739 -16.84 27.13 41.25
C ALA F 739 -16.93 28.26 40.24
N GLY F 740 -15.98 28.31 39.30
CA GLY F 740 -16.06 29.28 38.22
C GLY F 740 -17.24 29.02 37.28
N GLN F 741 -17.48 27.76 36.96
CA GLN F 741 -18.64 27.40 36.14
C GLN F 741 -19.94 27.78 36.83
N LEU F 742 -19.93 27.84 38.16
CA LEU F 742 -21.12 28.17 38.92
C LEU F 742 -21.25 29.68 39.09
N LYS F 743 -20.12 30.38 39.21
CA LYS F 743 -20.11 31.84 39.18
C LYS F 743 -20.61 32.36 37.83
N SER F 744 -20.41 31.59 36.77
CA SER F 744 -20.96 31.94 35.47
C SER F 744 -22.48 31.93 35.45
N LYS F 745 -23.12 31.28 36.43
CA LYS F 745 -24.58 31.21 36.51
C LYS F 745 -25.13 32.04 37.68
N ASP F 746 -24.41 33.09 38.08
CA ASP F 746 -24.79 33.97 39.18
C ASP F 746 -25.01 33.17 40.47
N MET F 747 -24.09 32.24 40.74
CA MET F 747 -24.13 31.41 41.93
C MET F 747 -22.74 31.42 42.56
N ALA F 748 -22.66 30.93 43.79
CA ALA F 748 -21.36 30.81 44.46
C ALA F 748 -21.31 29.51 45.23
N LEU F 749 -20.11 28.96 45.36
CA LEU F 749 -19.88 27.67 46.01
C LEU F 749 -18.91 27.84 47.17
N VAL F 750 -19.26 27.26 48.32
CA VAL F 750 -18.44 27.29 49.52
C VAL F 750 -18.24 25.86 50.01
N LEU F 751 -17.01 25.50 50.32
CA LEU F 751 -16.65 24.19 50.84
C LEU F 751 -16.08 24.33 52.24
N THR F 752 -16.63 23.57 53.18
CA THR F 752 -16.17 23.59 54.56
C THR F 752 -14.98 22.64 54.75
N ASP F 753 -14.33 22.78 55.90
CA ASP F 753 -13.14 21.98 56.17
C ASP F 753 -13.47 20.51 56.41
N ALA F 754 -14.63 20.25 57.02
CA ALA F 754 -15.04 18.86 57.26
C ALA F 754 -15.30 18.13 55.96
N ALA F 755 -16.03 18.78 55.03
CA ALA F 755 -16.26 18.19 53.72
C ALA F 755 -14.95 18.03 52.96
N LYS F 756 -14.03 18.98 53.12
CA LYS F 756 -12.71 18.88 52.48
C LYS F 756 -11.97 17.65 52.96
N ALA F 757 -11.89 17.47 54.28
CA ALA F 757 -11.17 16.33 54.84
C ALA F 757 -11.84 15.01 54.48
N LEU F 758 -13.17 14.96 54.52
CA LEU F 758 -13.86 13.72 54.19
C LEU F 758 -13.74 13.39 52.71
N LEU F 759 -13.75 14.40 51.84
CA LEU F 759 -13.58 14.15 50.42
C LEU F 759 -12.15 13.71 50.11
N ALA F 760 -11.18 14.25 50.84
CA ALA F 760 -9.81 13.77 50.72
C ALA F 760 -9.70 12.32 51.19
N LYS F 761 -10.40 11.97 52.27
CA LYS F 761 -10.36 10.61 52.77
C LYS F 761 -11.02 9.64 51.79
N ARG F 762 -12.13 10.05 51.18
CA ARG F 762 -12.78 9.21 50.17
C ARG F 762 -11.88 9.04 48.94
N GLY F 763 -11.20 10.11 48.54
CA GLY F 763 -10.28 10.07 47.42
C GLY F 763 -8.86 9.66 47.77
N PHE F 764 -8.61 9.25 49.02
CA PHE F 764 -7.28 8.86 49.46
C PHE F 764 -6.92 7.51 48.86
N ASP F 765 -6.03 7.52 47.87
CA ASP F 765 -5.52 6.29 47.28
C ASP F 765 -4.09 6.55 46.85
N PRO F 766 -3.12 6.33 47.74
CA PRO F 766 -1.71 6.55 47.38
C PRO F 766 -1.21 5.63 46.28
N VAL F 767 -1.84 4.47 46.09
CA VAL F 767 -1.43 3.57 45.02
C VAL F 767 -1.79 4.17 43.66
N LEU F 768 -3.01 4.68 43.53
CA LEU F 768 -3.47 5.28 42.29
C LEU F 768 -3.31 6.79 42.24
N GLY F 769 -2.90 7.42 43.34
CA GLY F 769 -2.74 8.86 43.34
C GLY F 769 -4.06 9.59 43.52
N ALA F 770 -4.09 10.82 43.02
CA ALA F 770 -5.27 11.69 43.12
C ALA F 770 -6.22 11.54 41.95
N ARG F 771 -5.98 10.58 41.05
CA ARG F 771 -6.91 10.36 39.95
C ARG F 771 -8.30 9.91 40.38
N PRO F 772 -8.48 8.97 41.34
CA PRO F 772 -9.84 8.68 41.80
C PRO F 772 -10.52 9.84 42.51
N LEU F 773 -9.76 10.84 42.97
CA LEU F 773 -10.37 12.03 43.54
C LEU F 773 -11.18 12.78 42.49
N ARG F 774 -10.78 12.69 41.22
CA ARG F 774 -11.60 13.25 40.14
C ARG F 774 -12.96 12.58 40.09
N ARG F 775 -13.00 11.26 40.22
CA ARG F 775 -14.28 10.55 40.19
C ARG F 775 -15.12 10.88 41.40
N THR F 776 -14.49 10.99 42.58
CA THR F 776 -15.25 11.35 43.79
C THR F 776 -15.82 12.76 43.68
N ILE F 777 -15.03 13.71 43.16
CA ILE F 777 -15.52 15.06 42.92
C ILE F 777 -16.68 15.04 41.94
N GLN F 778 -16.51 14.35 40.81
CA GLN F 778 -17.50 14.35 39.75
C GLN F 778 -18.80 13.70 40.19
N ARG F 779 -18.73 12.72 41.09
CA ARG F 779 -19.92 12.01 41.53
C ARG F 779 -20.61 12.74 42.66
N GLU F 780 -19.87 13.10 43.72
CA GLU F 780 -20.48 13.65 44.91
C GLU F 780 -20.95 15.09 44.72
N ILE F 781 -20.16 15.90 44.01
CA ILE F 781 -20.41 17.35 44.01
C ILE F 781 -21.12 17.80 42.75
N GLU F 782 -20.49 17.63 41.58
CA GLU F 782 -21.05 18.18 40.34
C GLU F 782 -22.38 17.52 39.99
N ASP F 783 -22.48 16.21 40.21
CA ASP F 783 -23.68 15.49 39.77
C ASP F 783 -24.87 15.84 40.64
N GLN F 784 -24.69 15.82 41.96
CA GLN F 784 -25.79 16.17 42.86
C GLN F 784 -26.17 17.63 42.71
N LEU F 785 -25.20 18.52 42.50
CA LEU F 785 -25.50 19.92 42.27
C LEU F 785 -26.23 20.12 40.95
N SER F 786 -25.89 19.33 39.93
CA SER F 786 -26.56 19.43 38.64
C SER F 786 -28.00 18.95 38.73
N GLU F 787 -28.25 17.92 39.53
CA GLU F 787 -29.63 17.52 39.78
C GLU F 787 -30.35 18.57 40.62
N LYS F 788 -29.63 19.22 41.54
CA LYS F 788 -30.26 20.11 42.51
C LYS F 788 -30.66 21.43 41.88
N ILE F 789 -29.83 21.94 40.95
CA ILE F 789 -30.16 23.18 40.24
C ILE F 789 -31.37 22.97 39.35
N LEU F 790 -31.50 21.78 38.76
CA LEU F 790 -32.70 21.46 37.99
C LEU F 790 -33.91 21.26 38.91
N PHE F 791 -33.67 20.81 40.14
CA PHE F 791 -34.75 20.75 41.13
C PHE F 791 -35.22 22.15 41.52
N GLU F 792 -34.35 23.15 41.34
CA GLU F 792 -34.69 24.58 41.51
C GLU F 792 -35.12 24.90 42.94
N GLU F 793 -34.25 24.59 43.88
CA GLU F 793 -34.41 25.01 45.27
C GLU F 793 -33.19 25.73 45.82
N VAL F 794 -31.99 25.35 45.39
CA VAL F 794 -30.76 26.05 45.75
C VAL F 794 -30.23 26.60 44.42
N GLY F 795 -31.15 27.04 43.57
CA GLY F 795 -30.82 27.56 42.26
C GLY F 795 -30.23 28.96 42.33
N PRO F 796 -30.53 29.77 41.30
CA PRO F 796 -29.88 31.07 41.17
C PRO F 796 -30.26 32.03 42.31
N GLY F 797 -29.34 32.94 42.61
CA GLY F 797 -29.59 33.96 43.60
C GLY F 797 -29.22 33.59 45.02
N GLN F 798 -28.49 32.51 45.24
CA GLN F 798 -28.12 32.10 46.58
C GLN F 798 -26.82 31.32 46.55
N VAL F 799 -25.91 31.65 47.46
CA VAL F 799 -24.69 30.87 47.63
C VAL F 799 -25.05 29.50 48.19
N VAL F 800 -24.38 28.46 47.68
CA VAL F 800 -24.53 27.11 48.19
C VAL F 800 -23.26 26.75 48.97
N THR F 801 -23.44 26.24 50.17
CA THR F 801 -22.34 25.87 51.06
C THR F 801 -22.51 24.38 51.37
N VAL F 802 -21.58 23.57 50.86
CA VAL F 802 -21.65 22.14 51.09
C VAL F 802 -21.23 21.84 52.53
N ASP F 803 -21.76 20.75 53.07
CA ASP F 803 -21.44 20.35 54.43
C ASP F 803 -21.59 18.85 54.55
N VAL F 804 -21.20 18.32 55.71
CA VAL F 804 -21.26 16.89 55.99
C VAL F 804 -21.99 16.70 57.31
N ASP F 805 -23.00 15.83 57.32
CA ASP F 805 -23.69 15.49 58.55
C ASP F 805 -23.56 14.00 58.84
N ASN F 806 -23.82 13.67 60.11
CA ASN F 806 -23.64 12.32 60.67
C ASN F 806 -22.20 11.86 60.50
N TRP F 807 -21.27 12.65 61.06
CA TRP F 807 -19.86 12.35 60.98
C TRP F 807 -19.15 13.05 62.13
N ASP F 808 -18.18 12.36 62.73
CA ASP F 808 -17.45 12.91 63.85
C ASP F 808 -16.14 13.58 63.44
N GLY F 809 -15.56 13.18 62.32
CA GLY F 809 -14.30 13.76 61.88
C GLY F 809 -13.21 12.73 61.74
N GLU F 810 -13.53 11.47 62.05
CA GLU F 810 -12.54 10.39 62.01
C GLU F 810 -13.02 9.17 61.23
N GLY F 811 -14.32 8.92 61.14
CA GLY F 811 -14.84 7.73 60.51
C GLY F 811 -14.57 7.68 59.02
N PRO F 812 -14.64 6.47 58.45
CA PRO F 812 -14.41 6.32 56.99
C PRO F 812 -15.33 7.16 56.13
N GLY F 813 -16.56 7.41 56.57
CA GLY F 813 -17.52 8.19 55.81
C GLY F 813 -18.70 7.41 55.28
N GLU F 814 -18.84 6.14 55.66
CA GLU F 814 -20.00 5.36 55.21
C GLU F 814 -21.30 5.87 55.82
N ASP F 815 -21.24 6.38 57.05
CA ASP F 815 -22.41 6.91 57.72
C ASP F 815 -22.62 8.40 57.50
N ALA F 816 -21.71 9.05 56.77
CA ALA F 816 -21.74 10.50 56.59
C ALA F 816 -22.42 10.87 55.27
N VAL F 817 -23.18 11.95 55.29
CA VAL F 817 -23.94 12.37 54.12
C VAL F 817 -23.59 13.82 53.78
N PHE F 818 -23.38 14.08 52.50
CA PHE F 818 -23.24 15.43 51.99
C PHE F 818 -24.59 16.16 52.06
N THR F 819 -24.53 17.43 52.45
CA THR F 819 -25.71 18.26 52.59
C THR F 819 -25.48 19.58 51.87
N PHE F 820 -26.52 20.08 51.22
CA PHE F 820 -26.48 21.31 50.44
C PHE F 820 -27.44 22.32 51.05
N THR F 821 -26.98 23.55 51.23
CA THR F 821 -27.81 24.61 51.80
C THR F 821 -28.07 25.71 50.78
N UNK G 1 -8.64 39.58 -35.44
CA UNK G 1 -7.61 39.11 -34.52
C UNK G 1 -8.16 38.98 -33.10
N UNK G 2 -8.91 37.91 -32.85
CA UNK G 2 -9.52 37.66 -31.56
C UNK G 2 -8.96 36.37 -30.96
N UNK G 3 -8.60 36.45 -29.68
CA UNK G 3 -8.07 35.28 -28.98
C UNK G 3 -9.22 34.36 -28.57
N UNK G 4 -8.86 33.15 -28.17
CA UNK G 4 -9.82 32.13 -27.76
C UNK G 4 -9.40 31.53 -26.43
N UNK G 5 -10.39 31.07 -25.67
CA UNK G 5 -10.14 30.45 -24.37
C UNK G 5 -9.61 29.04 -24.60
N UNK G 6 -8.44 28.74 -24.06
CA UNK G 6 -7.79 27.45 -24.27
C UNK G 6 -8.59 26.30 -23.68
N UNK G 7 -8.74 26.31 -22.35
CA UNK G 7 -9.42 25.26 -21.60
C UNK G 7 -8.87 23.87 -21.92
N UNK G 8 -7.53 23.74 -21.92
CA UNK G 8 -6.90 22.50 -22.34
C UNK G 8 -7.16 21.38 -21.33
N UNK G 9 -6.89 20.16 -21.75
CA UNK G 9 -7.13 18.97 -20.94
C UNK G 9 -5.86 18.60 -20.19
N UNK G 10 -6.00 18.34 -18.90
CA UNK G 10 -4.88 17.97 -18.04
C UNK G 10 -5.02 16.51 -17.63
N UNK G 11 -3.89 15.81 -17.63
CA UNK G 11 -3.88 14.42 -17.22
C UNK G 11 -4.16 14.29 -15.73
N UNK G 12 -4.82 13.21 -15.35
CA UNK G 12 -5.21 12.95 -13.97
C UNK G 12 -4.24 11.95 -13.36
N UNK G 13 -3.65 12.32 -12.23
CA UNK G 13 -2.73 11.45 -11.51
C UNK G 13 -3.55 10.56 -10.57
N UNK G 14 -3.51 9.25 -10.81
CA UNK G 14 -4.28 8.31 -10.01
C UNK G 14 -3.72 8.24 -8.59
N UNK G 15 -4.63 8.04 -7.63
CA UNK G 15 -4.22 7.91 -6.24
C UNK G 15 -3.41 6.65 -6.03
N UNK G 16 -2.31 6.78 -5.29
CA UNK G 16 -1.38 5.68 -5.08
C UNK G 16 -1.86 4.85 -3.90
N UNK G 17 -2.60 3.79 -4.19
CA UNK G 17 -3.07 2.90 -3.14
C UNK G 17 -1.90 2.11 -2.56
N UNK G 18 -1.93 1.90 -1.25
CA UNK G 18 -0.86 1.16 -0.59
C UNK G 18 -1.07 -0.33 -0.79
N UNK G 19 -0.20 -1.14 -0.18
CA UNK G 19 -0.31 -2.59 -0.27
C UNK G 19 0.24 -3.16 1.04
N UNK G 20 -0.66 -3.49 1.96
CA UNK G 20 -0.26 -3.93 3.28
C UNK G 20 0.35 -5.33 3.22
N UNK G 21 1.04 -5.69 4.30
CA UNK G 21 1.69 -6.98 4.42
C UNK G 21 1.32 -7.61 5.77
N UNK G 22 1.48 -8.93 5.84
CA UNK G 22 1.11 -9.69 7.02
C UNK G 22 2.34 -9.94 7.89
N UNK G 23 2.16 -10.78 8.90
CA UNK G 23 3.24 -11.13 9.82
C UNK G 23 3.64 -12.59 9.67
PB ADP H . 28.56 6.02 -15.27
O1B ADP H . 29.74 5.08 -15.35
O2B ADP H . 28.33 6.59 -13.89
O3B ADP H . 27.32 5.53 -15.97
PA ADP H . 30.03 7.13 -17.39
O1A ADP H . 29.65 5.84 -18.06
O2A ADP H . 30.02 8.42 -18.17
O3A ADP H . 29.03 7.30 -16.14
O5' ADP H . 31.50 6.97 -16.75
C5' ADP H . 31.86 7.61 -15.53
C4' ADP H . 33.26 8.17 -15.73
O4' ADP H . 34.21 7.12 -15.80
C3' ADP H . 33.35 8.94 -17.04
O3' ADP H . 33.70 10.30 -16.78
C2' ADP H . 34.46 8.28 -17.83
O2' ADP H . 35.37 9.27 -18.32
C1' ADP H . 35.16 7.37 -16.84
N9 ADP H . 35.58 6.11 -17.48
C8 ADP H . 35.04 4.89 -17.25
N7 ADP H . 35.66 3.94 -18.00
C5 ADP H . 36.61 4.55 -18.72
C6 ADP H . 37.63 4.14 -19.70
N6 ADP H . 37.75 2.84 -20.08
N1 ADP H . 38.44 5.09 -20.22
C2 ADP H . 38.33 6.38 -19.85
N3 ADP H . 37.42 6.83 -18.96
C4 ADP H . 36.56 5.98 -18.37
PB ADP I . 5.15 -10.08 -28.38
O1B ADP I . 4.18 -11.19 -28.09
O2B ADP I . 5.95 -9.65 -27.18
O3B ADP I . 4.59 -8.96 -29.21
PA ADP I . 5.85 -11.29 -30.81
O1A ADP I . 4.69 -12.22 -30.66
O2A ADP I . 5.73 -10.08 -31.72
O3A ADP I . 6.25 -10.75 -29.35
O5' ADP I . 7.14 -12.13 -31.28
C5' ADP I . 7.39 -12.29 -32.69
C4' ADP I . 8.73 -12.96 -32.94
O4' ADP I . 8.56 -14.38 -33.01
C3' ADP I . 9.28 -12.51 -34.28
O3' ADP I . 10.66 -12.15 -34.14
C2' ADP I . 9.18 -13.71 -35.19
O2' ADP I . 10.38 -13.83 -35.95
C1' ADP I . 9.02 -14.90 -34.26
N9 ADP I . 8.00 -15.86 -34.78
C8 ADP I . 6.99 -16.35 -34.04
N7 ADP I . 6.22 -17.21 -34.76
C5 ADP I . 6.76 -17.29 -35.99
C6 ADP I . 6.44 -18.03 -37.23
N6 ADP I . 5.38 -18.86 -37.28
N1 ADP I . 7.24 -17.83 -38.29
C2 ADP I . 8.30 -17.00 -38.24
N3 ADP I . 8.65 -16.31 -37.14
C4 ADP I . 7.94 -16.40 -36.00
PB ADP J . 33.01 -30.26 8.46
O1B ADP J . 32.93 -31.52 7.63
O2B ADP J . 32.91 -30.50 9.95
O3B ADP J . 32.16 -29.13 7.96
PA ADP J . 35.10 -29.55 6.76
O1A ADP J . 35.38 -30.89 6.15
O2A ADP J . 34.20 -28.57 6.07
O3A ADP J . 34.53 -29.77 8.25
O5' ADP J . 36.51 -28.80 6.99
C5' ADP J . 37.10 -28.14 5.87
C4' ADP J . 38.33 -27.35 6.27
O4' ADP J . 39.41 -28.22 6.59
C3' ADP J . 38.76 -26.46 5.11
O3' ADP J . 38.72 -25.09 5.50
C2' ADP J . 40.18 -26.87 4.79
O2' ADP J . 41.06 -25.77 5.02
C1' ADP J . 40.53 -28.01 5.73
N9 ADP J . 40.67 -29.26 4.94
C8 ADP J . 39.99 -30.39 5.18
N7 ADP J . 40.32 -31.36 4.30
C5 ADP J . 41.24 -30.85 3.47
C6 ADP J . 42.00 -31.36 2.31
N6 ADP J . 41.83 -32.63 1.88
N1 ADP J . 42.87 -30.52 1.70
C2 ADP J . 43.05 -29.25 2.14
N3 ADP J . 42.38 -28.73 3.19
C4 ADP J . 41.48 -29.47 3.88
PB ADP K . -23.82 -4.97 -23.05
O1B ADP K . -22.39 -4.57 -23.31
O2B ADP K . -24.00 -5.83 -21.83
O3B ADP K . -24.80 -3.84 -23.19
PA ADP K . -25.67 -6.51 -24.48
O1A ADP K . -26.04 -7.29 -23.24
O2A ADP K . -26.56 -5.40 -24.94
O3A ADP K . -24.18 -5.93 -24.28
O5' ADP K . -25.54 -7.56 -25.68
C5' ADP K . -26.53 -8.58 -25.80
C4' ADP K . -26.27 -9.48 -27.00
O4' ADP K . -27.07 -10.65 -26.83
C3' ADP K . -26.70 -8.82 -28.30
O3' ADP K . -25.74 -9.11 -29.32
C2' ADP K . -28.01 -9.47 -28.68
O2' ADP K . -27.97 -9.85 -30.05
C1' ADP K . -28.11 -10.71 -27.80
N9 ADP K . -29.41 -10.72 -27.08
C8 ADP K . -29.57 -10.50 -25.77
N7 ADP K . -30.86 -10.59 -25.40
C5 ADP K . -31.57 -10.89 -26.50
C6 ADP K . -32.99 -11.12 -26.82
N6 ADP K . -33.94 -11.05 -25.86
N1 ADP K . -33.31 -11.40 -28.11
C2 ADP K . -32.37 -11.47 -29.07
N3 ADP K . -31.06 -11.26 -28.85
C4 ADP K . -30.61 -10.97 -27.61
PB ADP L . 6.97 -41.61 -5.14
O1B ADP L . 6.18 -42.87 -4.87
O2B ADP L . 6.12 -40.47 -5.64
O3B ADP L . 7.95 -41.24 -4.05
PA ADP L . 7.22 -42.08 -7.87
O1A ADP L . 6.04 -43.01 -7.77
O2A ADP L . 7.01 -40.67 -8.36
O3A ADP L . 7.87 -42.00 -6.40
O5' ADP L . 8.34 -42.74 -8.80
C5' ADP L . 8.51 -42.24 -10.12
C4' ADP L . 9.73 -42.85 -10.80
O4' ADP L . 9.68 -44.27 -10.69
C3' ADP L . 9.76 -42.50 -12.28
O3' ADP L . 10.99 -41.89 -12.63
C2' ADP L . 9.61 -43.82 -13.03
O2' ADP L . 10.70 -43.97 -13.93
C1' ADP L . 9.67 -44.90 -11.98
N9 ADP L . 8.53 -45.85 -11.95
C8 ADP L . 8.09 -46.38 -10.81
N7 ADP L . 7.06 -47.23 -11.01
C5 ADP L . 6.83 -47.25 -12.33
C6 ADP L . 5.87 -47.96 -13.20
N6 ADP L . 4.97 -48.79 -12.66
N1 ADP L . 5.95 -47.72 -14.52
C2 ADP L . 6.87 -46.88 -15.04
N3 ADP L . 7.77 -46.21 -14.31
C4 ADP L . 7.81 -46.35 -12.96
PB ADP M . -31.32 16.88 -4.86
O1B ADP M . -30.34 15.91 -4.25
O2B ADP M . -31.42 18.17 -4.10
O3B ADP M . -31.20 17.03 -6.35
PA ADP M . -33.92 17.01 -3.89
O1A ADP M . -33.54 17.10 -2.44
O2A ADP M . -34.22 18.26 -4.68
O3A ADP M . -32.75 16.19 -4.62
O5' ADP M . -35.21 16.06 -4.03
C5' ADP M . -36.43 16.43 -3.43
C4' ADP M . -37.59 15.62 -4.00
O4' ADP M . -38.41 15.15 -2.95
C3' ADP M . -38.45 16.48 -4.91
O3' ADP M . -38.67 15.81 -6.16
C2' ADP M . -39.77 16.63 -4.21
O2' ADP M . -40.83 16.25 -5.10
C1' ADP M . -39.73 15.69 -3.02
N9 ADP M . -39.98 16.44 -1.77
C8 ADP M . -39.08 16.61 -0.79
N7 ADP M . -39.60 17.33 0.24
C5 ADP M . -40.87 17.62 -0.08
C6 ADP M . -41.98 18.36 0.56
N6 ADP M . -41.82 18.93 1.77
N1 ADP M . -43.14 18.44 -0.13
C2 ADP M . -43.30 17.88 -1.34
N3 ADP M . -42.33 17.20 -1.98
C4 ADP M . -41.12 17.04 -1.41
PB ADP N . -21.63 -32.06 4.34
O1B ADP N . -20.45 -32.11 3.38
O2B ADP N . -22.26 -30.69 4.46
O3B ADP N . -21.39 -32.76 5.65
PA ADP N . -23.67 -32.32 2.45
O1A ADP N . -22.83 -31.32 1.68
O2A ADP N . -24.98 -31.90 3.04
O3A ADP N . -22.76 -32.94 3.62
O5' ADP N . -23.95 -33.56 1.47
C5' ADP N . -24.54 -33.31 0.20
C4' ADP N . -24.67 -34.59 -0.61
O4' ADP N . -25.30 -35.61 0.15
C3' ADP N . -25.54 -34.34 -1.84
O3' ADP N . -24.84 -34.76 -3.01
C2' ADP N . -26.77 -35.19 -1.65
O2' ADP N . -27.01 -35.96 -2.83
C1' ADP N . -26.47 -36.13 -0.49
N9 ADP N . -27.56 -36.12 0.52
C8 ADP N . -27.33 -36.12 1.85
N7 ADP N . -28.48 -36.14 2.56
C5 ADP N . -29.49 -36.17 1.69
C6 ADP N . -30.95 -36.19 1.79
N6 ADP N . -31.56 -36.19 3.00
N1 ADP N . -31.66 -36.20 0.64
C2 ADP N . -31.06 -36.20 -0.56
N3 ADP N . -29.73 -36.18 -0.73
C4 ADP N . -28.88 -36.17 0.34
PB ADP O . -10.73 37.18 3.81
O1B ADP O . -9.99 36.27 4.75
O2B ADP O . -11.98 36.57 3.23
O3B ADP O . -9.86 37.90 2.80
PA ADP O . -11.83 37.94 6.21
O1A ADP O . -10.68 37.95 7.18
O2A ADP O . -12.58 36.65 6.05
O3A ADP O . -11.24 38.36 4.78
O5' ADP O . -12.87 39.12 6.63
C5' ADP O . -12.94 39.48 8.01
C4' ADP O . -14.37 39.70 8.49
O4' ADP O . -14.39 39.61 9.92
C3' ADP O . -14.92 41.06 8.12
O3' ADP O . -16.21 40.91 7.53
C2' ADP O . -15.06 41.83 9.41
O2' ADP O . -16.39 42.31 9.55
C1' ADP O . -14.75 40.85 10.52
N9 ADP O . -13.60 41.33 11.31
C8 ADP O . -12.40 40.74 11.36
N7 ADP O . -11.55 41.40 12.17
C5 ADP O . -12.22 42.45 12.68
C6 ADP O . -11.90 43.56 13.60
N6 ADP O . -10.68 43.68 14.16
N1 ADP O . -12.88 44.46 13.86
C2 ADP O . -14.10 44.35 13.30
N3 ADP O . -14.46 43.36 12.46
C4 ADP O . -13.57 42.40 12.11
PB ADP P . -25.00 -7.91 23.90
O1B ADP P . -24.40 -9.24 23.52
O2B ADP P . -24.86 -6.84 22.85
O3B ADP P . -24.67 -7.47 25.31
PA ADP P . -27.65 -7.11 24.46
O1A ADP P . -27.73 -7.16 25.97
O2A ADP P . -27.34 -5.82 23.76
O3A ADP P . -26.59 -8.21 23.96
O5' ADP P . -29.03 -7.65 23.86
C5' ADP P . -30.03 -6.70 23.48
C4' ADP P . -31.29 -7.39 22.99
O4' ADP P . -31.88 -8.14 24.06
C3' ADP P . -32.31 -6.35 22.55
O3' ADP P . -32.75 -6.63 21.22
C2' ADP P . -33.48 -6.48 23.51
O2' ADP P . -34.67 -6.77 22.79
C1' ADP P . -33.14 -7.62 24.46
N9 ADP P . -32.94 -7.13 25.84
C8 ADP P . -31.92 -7.52 26.60
N7 ADP P . -31.96 -6.93 27.83
C5 ADP P . -33.04 -6.14 27.86
C6 ADP P . -33.67 -5.25 28.85
N6 ADP P . -33.11 -5.09 30.08
N1 ADP P . -34.79 -4.61 28.50
C2 ADP P . -35.35 -4.77 27.28
N3 ADP P . -34.83 -5.57 26.34
C4 ADP P . -33.70 -6.27 26.55
PB ADP Q . 18.08 33.13 -1.84
O1B ADP Q . 18.33 31.87 -1.04
O2B ADP Q . 18.61 33.10 -3.25
O3B ADP Q . 16.66 33.64 -1.72
PA ADP Q . 18.91 34.39 0.50
O1A ADP Q . 19.70 33.27 1.12
O2A ADP Q . 17.46 34.58 0.87
O3A ADP Q . 18.97 34.24 -1.10
O5' ADP Q . 19.67 35.78 0.79
C5' ADP Q . 19.47 36.39 2.06
C4' ADP Q . 20.21 37.72 2.16
O4' ADP Q . 21.22 37.64 3.17
C3' ADP Q . 20.89 38.12 0.87
O3' ADP Q . 20.24 39.25 0.30
C2' ADP Q . 22.31 38.49 1.24
O2' ADP Q . 22.58 39.85 0.87
C1' ADP Q . 22.39 38.34 2.75
N9 ADP Q . 23.59 37.57 3.11
C8 ADP Q . 23.66 36.24 3.27
N7 ADP Q . 24.91 35.85 3.60
C5 ADP Q . 25.68 36.96 3.65
C6 ADP Q . 27.10 37.26 3.93
N6 ADP Q . 27.98 36.28 4.24
N1 ADP Q . 27.49 38.55 3.87
C2 ADP Q . 26.62 39.53 3.57
N3 ADP Q . 25.32 39.33 3.29
C4 ADP Q . 24.80 38.09 3.32
#